data_5EU9
#
_entry.id   5EU9
#
_cell.length_a   119.251
_cell.length_b   110.310
_cell.length_c   136.930
_cell.angle_alpha   90.000
_cell.angle_beta   90.000
_cell.angle_gamma   90.000
#
_symmetry.space_group_name_H-M   'P 1 21 1'
#
loop_
_entity.id
_entity.type
_entity.pdbx_description
1 polymer Gamma-enolase
2 non-polymer 'MAGNESIUM ION'
3 non-polymer '((3S,5S)-1,5-dihydroxy-3-methyl-2-oxopyrrolidin-3-yl)phosphonic acid'
4 non-polymer 'TRIETHYLENE GLYCOL'
5 water water
#
_entity_poly.entity_id   1
_entity_poly.type   'polypeptide(L)'
_entity_poly.pdbx_seq_one_letter_code
;MSIEKIWAREILDSRGNPTVEVDLYTAKGLFRAAVPSGASTGIYEALELRDGDKQRYLGKGVLKAVDHINSTIAPALISS
GLSVVEQEKLDNLMLELDGTENKSKFGANAILGVSLAVCKAGAAERELPLYRHIAQLAGNSDLILPVPAFNVINGGSHAG
NKLAMQEFMILPVGAESFRDAMRLGAEVYHTLKGVIKDKYGKDATNVGDEGGFAPNILENSEALELVKEAIDKAGYTEKI
VIGMDVAASEFYRDGKYDLDFKSPTDPSRYITGDQLGALYQDFVRDYPVVSIEDPFDQDDWAAWSKFTANVGIQIVGDDL
TVTNPKRIERAVEEKACNCLLLKVNQIGSVTEAIQACKLAQENGWGVMVSHRSGETEDTFIADLVVGLCTGQIKTGAPCR
SERLAKYNQLMRIEEELGDEARFAGHNFRNPSVLHHHHHH
;
_entity_poly.pdbx_strand_id   A,B,C,D,E,F,G,H
#
loop_
_chem_comp.id
_chem_comp.type
_chem_comp.name
_chem_comp.formula
5TX non-polymer '((3S,5S)-1,5-dihydroxy-3-methyl-2-oxopyrrolidin-3-yl)phosphonic acid' 'C5 H10 N O6 P'
MG non-polymer 'MAGNESIUM ION' 'Mg 2'
PGE non-polymer 'TRIETHYLENE GLYCOL' 'C6 H14 O4'
#
# COMPACT_ATOMS: atom_id res chain seq x y z
N SER A 2 33.80 -47.18 4.85
CA SER A 2 32.82 -48.02 5.54
C SER A 2 31.63 -47.19 6.06
N ILE A 3 31.90 -46.21 6.93
CA ILE A 3 30.83 -45.32 7.40
C ILE A 3 30.43 -44.36 6.28
N GLU A 4 29.16 -44.38 5.90
CA GLU A 4 28.66 -43.54 4.82
C GLU A 4 28.07 -42.20 5.30
N LYS A 5 27.44 -42.21 6.47
CA LYS A 5 26.78 -41.04 7.02
C LYS A 5 26.50 -41.24 8.51
N ILE A 6 26.61 -40.16 9.28
CA ILE A 6 26.23 -40.18 10.69
C ILE A 6 25.28 -39.00 10.93
N TRP A 7 24.14 -39.25 11.56
CA TRP A 7 23.21 -38.17 11.85
C TRP A 7 22.66 -38.30 13.27
N ALA A 8 22.90 -37.28 14.09
CA ALA A 8 22.45 -37.28 15.46
C ALA A 8 21.25 -36.35 15.63
N ARG A 9 20.44 -36.63 16.65
CA ARG A 9 19.30 -35.79 17.00
C ARG A 9 19.06 -35.82 18.50
N GLU A 10 18.28 -34.84 18.95
CA GLU A 10 17.82 -34.76 20.32
C GLU A 10 16.50 -35.54 20.46
N ILE A 11 16.48 -36.55 21.31
CA ILE A 11 15.22 -37.21 21.64
C ILE A 11 14.95 -36.99 23.14
N LEU A 12 13.82 -37.49 23.64
CA LEU A 12 13.52 -37.38 25.07
C LEU A 12 13.73 -38.71 25.78
N ASP A 13 14.42 -38.69 26.91
CA ASP A 13 14.63 -39.91 27.65
C ASP A 13 13.39 -40.20 28.52
N SER A 14 13.48 -41.22 29.37
CA SER A 14 12.33 -41.73 30.07
C SER A 14 11.83 -40.78 31.18
N ARG A 15 12.63 -39.80 31.56
CA ARG A 15 12.18 -38.82 32.54
C ARG A 15 11.69 -37.55 31.86
N GLY A 16 11.65 -37.56 30.53
CA GLY A 16 11.25 -36.38 29.79
C GLY A 16 12.35 -35.35 29.57
N ASN A 17 13.62 -35.77 29.66
CA ASN A 17 14.75 -34.84 29.43
C ASN A 17 15.45 -35.15 28.12
N PRO A 18 16.02 -34.12 27.47
CA PRO A 18 16.70 -34.36 26.19
C PRO A 18 17.88 -35.30 26.32
N THR A 19 18.09 -36.14 25.31
CA THR A 19 19.34 -36.88 25.24
C THR A 19 19.70 -37.15 23.80
N VAL A 20 20.89 -37.70 23.60
CA VAL A 20 21.48 -37.90 22.28
C VAL A 20 21.04 -39.21 21.64
N GLU A 21 20.65 -39.15 20.38
CA GLU A 21 20.40 -40.34 19.58
C GLU A 21 21.21 -40.27 18.30
N VAL A 22 21.84 -41.38 17.91
CA VAL A 22 22.66 -41.36 16.70
C VAL A 22 22.23 -42.39 15.66
N ASP A 23 22.03 -41.91 14.43
CA ASP A 23 21.82 -42.75 13.25
C ASP A 23 23.12 -42.89 12.46
N LEU A 24 23.66 -44.09 12.37
CA LEU A 24 24.88 -44.31 11.59
C LEU A 24 24.55 -45.18 10.37
N TYR A 25 24.99 -44.74 9.19
CA TYR A 25 24.70 -45.46 7.96
C TYR A 25 25.93 -46.13 7.35
N THR A 26 25.76 -47.38 6.92
CA THR A 26 26.74 -48.05 6.09
C THR A 26 26.02 -48.63 4.88
N ALA A 27 26.72 -49.49 4.13
CA ALA A 27 26.13 -50.15 2.97
C ALA A 27 25.03 -51.14 3.38
N LYS A 28 25.08 -51.59 4.63
CA LYS A 28 24.10 -52.57 5.12
C LYS A 28 22.93 -51.88 5.80
N GLY A 29 22.94 -50.56 5.82
CA GLY A 29 21.77 -49.82 6.28
C GLY A 29 22.00 -48.87 7.43
N LEU A 30 20.93 -48.69 8.22
CA LEU A 30 20.84 -47.74 9.31
C LEU A 30 21.00 -48.41 10.66
N PHE A 31 21.86 -47.84 11.49
CA PHE A 31 22.13 -48.37 12.81
C PHE A 31 21.97 -47.24 13.85
N ARG A 32 21.05 -47.45 14.79
CA ARG A 32 20.61 -46.41 15.70
C ARG A 32 20.89 -46.76 17.14
N ALA A 33 21.41 -45.79 17.89
CA ALA A 33 21.61 -45.96 19.32
C ALA A 33 21.30 -44.65 20.04
N ALA A 34 21.02 -44.74 21.33
CA ALA A 34 20.71 -43.59 22.16
C ALA A 34 21.47 -43.66 23.49
N VAL A 35 21.71 -42.50 24.09
CA VAL A 35 22.55 -42.40 25.29
C VAL A 35 21.70 -42.18 26.55
N PRO A 36 21.96 -42.97 27.62
CA PRO A 36 21.24 -42.75 28.87
C PRO A 36 21.87 -41.65 29.73
N SER A 37 21.24 -41.34 30.86
CA SER A 37 21.65 -40.20 31.69
C SER A 37 21.35 -40.45 33.16
N GLY A 38 22.36 -40.31 34.02
CA GLY A 38 22.22 -40.62 35.43
C GLY A 38 21.49 -39.59 36.28
N ALA A 39 20.90 -40.05 37.38
CA ALA A 39 20.24 -39.16 38.34
C ALA A 39 21.19 -38.84 39.49
N SER A 40 21.85 -39.87 40.01
CA SER A 40 22.83 -39.67 41.09
C SER A 40 24.21 -40.03 40.56
N THR A 41 24.79 -39.08 39.84
CA THR A 41 26.03 -39.32 39.14
C THR A 41 27.23 -39.14 40.05
N GLY A 42 28.25 -39.97 39.85
CA GLY A 42 29.50 -39.80 40.58
C GLY A 42 30.23 -38.57 40.10
N ILE A 43 30.96 -37.91 41.00
CA ILE A 43 31.72 -36.74 40.62
C ILE A 43 32.85 -37.09 39.65
N TYR A 44 33.25 -38.35 39.60
CA TYR A 44 34.32 -38.75 38.70
C TYR A 44 33.84 -39.30 37.34
N GLU A 45 32.54 -39.19 37.06
CA GLU A 45 32.02 -39.64 35.77
C GLU A 45 32.52 -38.74 34.63
N ALA A 46 32.71 -39.31 33.45
CA ALA A 46 33.00 -38.52 32.27
C ALA A 46 31.88 -37.50 32.07
N LEU A 47 32.23 -36.37 31.46
CA LEU A 47 31.31 -35.23 31.40
C LEU A 47 30.08 -35.42 30.50
N GLU A 48 28.90 -35.22 31.06
CA GLU A 48 27.70 -35.14 30.25
C GLU A 48 27.51 -33.70 29.79
N LEU A 49 27.62 -33.46 28.48
CA LEU A 49 27.53 -32.09 27.98
C LEU A 49 26.07 -31.63 27.77
N ARG A 50 25.67 -30.60 28.50
CA ARG A 50 24.34 -30.00 28.40
C ARG A 50 24.44 -28.57 27.89
N ASP A 51 23.39 -28.07 27.25
CA ASP A 51 23.42 -26.74 26.64
C ASP A 51 23.42 -25.61 27.68
N GLY A 52 22.68 -25.79 28.78
CA GLY A 52 22.61 -24.79 29.82
C GLY A 52 21.86 -23.54 29.41
N ASP A 53 21.06 -23.66 28.35
CA ASP A 53 20.15 -22.59 27.95
C ASP A 53 18.87 -22.72 28.78
N LYS A 54 18.72 -21.86 29.79
CA LYS A 54 17.65 -22.01 30.76
C LYS A 54 16.26 -21.70 30.21
N GLN A 55 16.21 -21.15 29.01
CA GLN A 55 14.93 -20.94 28.34
C GLN A 55 14.47 -22.21 27.63
N ARG A 56 15.36 -23.19 27.52
CA ARG A 56 15.07 -24.38 26.75
C ARG A 56 15.28 -25.65 27.58
N TYR A 57 14.18 -26.36 27.86
CA TYR A 57 14.23 -27.59 28.66
C TYR A 57 14.93 -27.35 29.99
N LEU A 58 14.76 -26.16 30.55
CA LEU A 58 15.44 -25.79 31.80
C LEU A 58 16.95 -26.02 31.74
N GLY A 59 17.56 -25.73 30.59
CA GLY A 59 18.99 -25.90 30.44
C GLY A 59 19.51 -27.31 30.23
N LYS A 60 18.61 -28.25 29.96
CA LYS A 60 19.00 -29.65 29.78
C LYS A 60 19.11 -30.09 28.32
N GLY A 61 19.07 -29.14 27.38
CA GLY A 61 19.20 -29.48 25.97
C GLY A 61 20.55 -30.12 25.65
N VAL A 62 20.62 -30.90 24.58
CA VAL A 62 21.89 -31.51 24.16
C VAL A 62 22.19 -31.13 22.68
N LEU A 63 21.79 -29.93 22.27
CA LEU A 63 22.03 -29.46 20.90
C LEU A 63 23.51 -29.34 20.57
N LYS A 64 24.32 -28.98 21.58
CA LYS A 64 25.78 -28.85 21.39
C LYS A 64 26.45 -30.20 21.16
N ALA A 65 26.12 -31.18 22.00
CA ALA A 65 26.58 -32.55 21.78
C ALA A 65 26.20 -33.07 20.39
N VAL A 66 24.93 -32.84 20.02
CA VAL A 66 24.38 -33.27 18.72
C VAL A 66 25.16 -32.58 17.58
N ASP A 67 25.44 -31.30 17.72
CA ASP A 67 26.20 -30.59 16.69
C ASP A 67 27.66 -31.07 16.59
N HIS A 68 28.30 -31.35 17.73
CA HIS A 68 29.64 -31.94 17.72
C HIS A 68 29.70 -33.23 16.89
N ILE A 69 28.66 -34.05 17.00
CA ILE A 69 28.59 -35.29 16.25
C ILE A 69 28.39 -35.02 14.76
N ASN A 70 27.36 -34.24 14.44
CA ASN A 70 26.97 -34.02 13.06
C ASN A 70 28.00 -33.21 12.26
N SER A 71 28.67 -32.28 12.94
CA SER A 71 29.57 -31.35 12.23
C SER A 71 31.05 -31.70 12.34
N THR A 72 31.44 -32.45 13.37
CA THR A 72 32.88 -32.62 13.60
C THR A 72 33.25 -34.10 13.69
N ILE A 73 32.53 -34.86 14.51
CA ILE A 73 32.86 -36.28 14.64
C ILE A 73 32.55 -37.05 13.36
N ALA A 74 31.40 -36.79 12.75
CA ALA A 74 30.96 -37.53 11.58
C ALA A 74 31.95 -37.48 10.39
N PRO A 75 32.39 -36.27 9.96
CA PRO A 75 33.37 -36.26 8.85
C PRO A 75 34.69 -36.94 9.20
N ALA A 76 35.10 -36.81 10.46
CA ALA A 76 36.31 -37.47 10.94
C ALA A 76 36.26 -38.98 10.80
N LEU A 77 35.14 -39.58 11.17
CA LEU A 77 35.01 -41.04 11.12
C LEU A 77 34.80 -41.52 9.69
N ILE A 78 34.05 -40.74 8.92
CA ILE A 78 33.87 -41.02 7.51
C ILE A 78 35.22 -40.97 6.76
N SER A 79 36.09 -40.03 7.14
CA SER A 79 37.42 -39.92 6.50
C SER A 79 38.42 -40.97 6.96
N SER A 80 38.12 -41.64 8.07
CA SER A 80 39.12 -42.47 8.75
C SER A 80 39.65 -43.62 7.90
N GLY A 81 38.89 -44.03 6.89
CA GLY A 81 39.20 -45.24 6.17
C GLY A 81 39.23 -46.46 7.06
N LEU A 82 38.42 -46.48 8.12
CA LEU A 82 38.34 -47.65 9.00
C LEU A 82 36.99 -48.33 8.80
N SER A 83 36.97 -49.65 8.92
CA SER A 83 35.73 -50.41 8.90
C SER A 83 34.99 -50.31 10.23
N VAL A 84 33.65 -50.36 10.20
CA VAL A 84 32.89 -50.29 11.45
C VAL A 84 33.19 -51.46 12.39
N VAL A 85 33.82 -52.54 11.90
CA VAL A 85 34.21 -53.62 12.80
C VAL A 85 35.39 -53.26 13.70
N GLU A 86 36.14 -52.23 13.33
N GLU A 86 36.13 -52.22 13.33
CA GLU A 86 37.31 -51.84 14.12
CA GLU A 86 37.31 -51.80 14.08
C GLU A 86 36.93 -50.87 15.23
C GLU A 86 36.93 -50.87 15.23
N GLN A 87 36.19 -51.40 16.21
CA GLN A 87 35.67 -50.59 17.31
C GLN A 87 36.75 -49.83 18.09
N GLU A 88 37.83 -50.52 18.42
CA GLU A 88 38.88 -49.92 19.24
C GLU A 88 39.59 -48.77 18.50
N LYS A 89 39.86 -48.95 17.21
CA LYS A 89 40.51 -47.89 16.45
C LYS A 89 39.58 -46.70 16.26
N LEU A 90 38.31 -46.98 16.03
CA LEU A 90 37.34 -45.90 15.87
C LEU A 90 37.13 -45.14 17.18
N ASP A 91 36.99 -45.85 18.31
CA ASP A 91 36.85 -45.20 19.61
C ASP A 91 38.09 -44.36 19.93
N ASN A 92 39.26 -44.92 19.67
CA ASN A 92 40.52 -44.22 19.93
C ASN A 92 40.66 -42.96 19.11
N LEU A 93 40.18 -43.00 17.87
CA LEU A 93 40.12 -41.82 17.03
C LEU A 93 39.29 -40.73 17.68
N MET A 94 38.11 -41.09 18.17
CA MET A 94 37.25 -40.13 18.84
C MET A 94 37.88 -39.59 20.13
N LEU A 95 38.55 -40.46 20.88
CA LEU A 95 39.19 -40.03 22.13
C LEU A 95 40.30 -39.03 21.87
N GLU A 96 41.06 -39.23 20.81
CA GLU A 96 42.14 -38.32 20.47
C GLU A 96 41.59 -37.01 19.97
N LEU A 97 40.54 -37.09 19.16
CA LEU A 97 39.93 -35.88 18.59
C LEU A 97 39.33 -35.00 19.67
N ASP A 98 38.79 -35.62 20.71
CA ASP A 98 38.30 -34.86 21.86
C ASP A 98 39.48 -34.37 22.69
N GLY A 99 40.41 -35.28 22.95
CA GLY A 99 41.70 -34.93 23.51
C GLY A 99 41.75 -34.55 24.97
N THR A 100 40.65 -34.71 25.68
CA THR A 100 40.61 -34.40 27.11
C THR A 100 40.39 -35.67 27.93
N GLU A 101 40.83 -35.64 29.18
CA GLU A 101 40.74 -36.82 30.04
C GLU A 101 39.29 -37.22 30.30
N ASN A 102 38.42 -36.25 30.57
CA ASN A 102 37.03 -36.47 30.94
CA ASN A 102 37.04 -36.60 30.90
C ASN A 102 36.04 -36.24 29.80
N LYS A 103 36.54 -36.19 28.56
CA LYS A 103 35.69 -36.02 27.39
C LYS A 103 34.88 -34.72 27.45
N SER A 104 35.51 -33.66 27.96
CA SER A 104 34.80 -32.41 28.21
C SER A 104 34.75 -31.48 27.01
N LYS A 105 35.33 -31.87 25.88
CA LYS A 105 35.21 -31.02 24.69
C LYS A 105 33.94 -31.36 23.92
N PHE A 106 33.77 -32.64 23.59
CA PHE A 106 32.59 -33.08 22.86
C PHE A 106 31.43 -33.45 23.78
N GLY A 107 31.76 -33.86 25.01
CA GLY A 107 30.79 -34.50 25.88
C GLY A 107 30.93 -36.00 25.77
N ALA A 108 30.91 -36.70 26.89
CA ALA A 108 30.82 -38.16 26.90
C ALA A 108 29.58 -38.66 26.14
N ASN A 109 28.50 -37.88 26.20
CA ASN A 109 27.26 -38.30 25.58
C ASN A 109 27.35 -38.21 24.05
N ALA A 110 28.15 -37.28 23.54
CA ALA A 110 28.38 -37.24 22.10
C ALA A 110 29.18 -38.44 21.63
N ILE A 111 30.29 -38.69 22.30
CA ILE A 111 31.16 -39.77 21.89
C ILE A 111 30.50 -41.15 22.05
N LEU A 112 29.82 -41.38 23.16
CA LEU A 112 29.18 -42.68 23.41
C LEU A 112 28.14 -42.99 22.35
N GLY A 113 27.34 -41.99 21.98
CA GLY A 113 26.28 -42.20 21.00
C GLY A 113 26.82 -42.79 19.72
N VAL A 114 27.95 -42.26 19.28
CA VAL A 114 28.59 -42.73 18.05
C VAL A 114 29.24 -44.09 18.25
N SER A 115 29.91 -44.26 19.39
CA SER A 115 30.50 -45.55 19.77
C SER A 115 29.50 -46.70 19.74
N LEU A 116 28.32 -46.48 20.32
CA LEU A 116 27.27 -47.50 20.35
C LEU A 116 26.73 -47.80 18.95
N ALA A 117 26.53 -46.76 18.12
CA ALA A 117 26.05 -46.96 16.75
C ALA A 117 27.08 -47.69 15.86
N VAL A 118 28.35 -47.35 16.04
CA VAL A 118 29.46 -48.05 15.39
C VAL A 118 29.43 -49.53 15.72
N CYS A 119 29.24 -49.83 17.00
CA CYS A 119 29.23 -51.21 17.46
C CYS A 119 28.08 -52.01 16.81
N LYS A 120 26.89 -51.42 16.75
CA LYS A 120 25.75 -52.09 16.10
C LYS A 120 25.99 -52.26 14.61
N ALA A 121 26.65 -51.29 13.97
CA ALA A 121 26.92 -51.38 12.55
C ALA A 121 28.00 -52.42 12.27
N GLY A 122 28.98 -52.50 13.18
CA GLY A 122 30.04 -53.48 13.11
C GLY A 122 29.57 -54.91 13.27
N ALA A 123 28.56 -55.11 14.12
CA ALA A 123 27.95 -56.41 14.27
C ALA A 123 27.33 -56.88 12.95
N ALA A 124 26.60 -55.99 12.28
CA ALA A 124 25.98 -56.34 11.00
C ALA A 124 27.02 -56.60 9.90
N GLU A 125 28.09 -55.82 9.91
CA GLU A 125 29.20 -56.00 8.98
C GLU A 125 29.81 -57.40 9.15
N ARG A 126 29.94 -57.85 10.39
CA ARG A 126 30.44 -59.19 10.68
C ARG A 126 29.37 -60.28 10.46
N GLU A 127 28.16 -59.88 10.11
CA GLU A 127 27.02 -60.80 10.00
C GLU A 127 26.77 -61.54 11.32
N LEU A 128 26.82 -60.81 12.43
CA LEU A 128 26.57 -61.41 13.73
C LEU A 128 25.51 -60.64 14.49
N PRO A 129 24.78 -61.34 15.38
CA PRO A 129 23.95 -60.56 16.29
C PRO A 129 24.84 -59.73 17.22
N LEU A 130 24.32 -58.61 17.70
CA LEU A 130 25.10 -57.68 18.52
C LEU A 130 25.84 -58.37 19.68
N TYR A 131 25.15 -59.20 20.44
CA TYR A 131 25.79 -59.85 21.60
C TYR A 131 26.98 -60.72 21.17
N ARG A 132 26.91 -61.32 19.98
CA ARG A 132 28.04 -62.11 19.47
C ARG A 132 29.25 -61.24 19.07
N HIS A 133 28.97 -60.09 18.46
CA HIS A 133 30.02 -59.15 18.07
C HIS A 133 30.75 -58.61 19.30
N ILE A 134 29.97 -58.34 20.35
CA ILE A 134 30.49 -57.83 21.61
C ILE A 134 31.36 -58.90 22.29
N ALA A 135 30.87 -60.13 22.30
CA ALA A 135 31.66 -61.23 22.84
C ALA A 135 33.04 -61.30 22.16
N GLN A 136 33.07 -61.18 20.84
CA GLN A 136 34.31 -61.27 20.09
C GLN A 136 35.22 -60.06 20.36
N LEU A 137 34.64 -58.87 20.44
CA LEU A 137 35.41 -57.68 20.82
C LEU A 137 36.06 -57.87 22.19
N ALA A 138 35.44 -58.67 23.04
CA ALA A 138 35.97 -58.87 24.40
C ALA A 138 36.80 -60.15 24.55
N GLY A 139 36.85 -60.98 23.52
CA GLY A 139 37.57 -62.23 23.59
C GLY A 139 36.80 -63.35 24.28
N ASN A 140 35.47 -63.31 24.18
CA ASN A 140 34.61 -64.33 24.78
C ASN A 140 34.01 -65.25 23.73
N SER A 141 33.56 -66.44 24.13
CA SER A 141 32.93 -67.35 23.17
C SER A 141 31.77 -68.14 23.75
N ASP A 142 31.64 -68.19 25.06
CA ASP A 142 30.55 -68.94 25.70
C ASP A 142 29.54 -68.02 26.38
N LEU A 143 28.47 -67.67 25.68
CA LEU A 143 27.53 -66.65 26.14
C LEU A 143 26.74 -67.06 27.37
N ILE A 144 26.32 -66.07 28.15
CA ILE A 144 25.61 -66.27 29.40
C ILE A 144 24.41 -65.35 29.56
N LEU A 145 23.25 -65.92 29.88
CA LEU A 145 22.09 -65.11 30.26
C LEU A 145 22.21 -64.71 31.73
N PRO A 146 22.09 -63.41 32.01
CA PRO A 146 22.33 -62.91 33.38
C PRO A 146 21.15 -63.12 34.32
N VAL A 147 21.42 -63.09 35.61
CA VAL A 147 20.37 -62.92 36.62
C VAL A 147 19.97 -61.45 36.62
N PRO A 148 18.67 -61.15 36.41
CA PRO A 148 18.21 -59.77 36.48
C PRO A 148 18.05 -59.29 37.92
N ALA A 149 18.38 -58.05 38.19
CA ALA A 149 18.18 -57.48 39.51
C ALA A 149 17.18 -56.35 39.40
N PHE A 150 15.95 -56.61 39.84
CA PHE A 150 14.84 -55.68 39.73
C PHE A 150 14.72 -54.79 40.95
N ASN A 151 14.78 -53.47 40.80
CA ASN A 151 14.49 -52.59 41.94
C ASN A 151 12.98 -52.51 42.13
N VAL A 152 12.51 -52.74 43.36
CA VAL A 152 11.08 -52.79 43.62
C VAL A 152 10.69 -51.79 44.71
N ILE A 153 11.65 -51.40 45.53
CA ILE A 153 11.47 -50.32 46.49
C ILE A 153 12.55 -49.26 46.29
N ASN A 154 12.12 -48.00 46.26
CA ASN A 154 13.06 -46.93 46.01
C ASN A 154 13.07 -45.81 47.03
N GLY A 155 14.27 -45.32 47.31
CA GLY A 155 14.48 -44.14 48.12
C GLY A 155 15.56 -43.26 47.51
N GLY A 156 16.32 -42.59 48.37
CA GLY A 156 17.44 -41.79 47.91
C GLY A 156 17.04 -40.41 47.41
N SER A 157 17.99 -39.75 46.77
CA SER A 157 17.86 -38.32 46.52
C SER A 157 16.82 -37.92 45.46
N HIS A 158 16.43 -38.83 44.58
N HIS A 158 16.37 -38.85 44.63
CA HIS A 158 15.42 -38.50 43.57
CA HIS A 158 15.41 -38.50 43.60
C HIS A 158 14.08 -39.23 43.81
C HIS A 158 14.06 -39.17 43.83
N ALA A 159 13.89 -39.73 45.02
CA ALA A 159 12.61 -40.27 45.44
C ALA A 159 12.01 -39.34 46.50
N GLY A 160 10.68 -39.25 46.53
CA GLY A 160 10.01 -38.27 47.37
C GLY A 160 9.86 -38.61 48.83
N ASN A 161 10.04 -39.88 49.19
CA ASN A 161 9.90 -40.31 50.57
C ASN A 161 11.10 -39.91 51.43
N LYS A 162 11.17 -40.41 52.66
CA LYS A 162 12.26 -40.07 53.55
C LYS A 162 13.33 -41.15 53.54
N LEU A 163 12.99 -42.31 52.98
CA LEU A 163 13.89 -43.45 52.86
C LEU A 163 15.23 -43.06 52.22
N ALA A 164 16.33 -43.22 52.95
CA ALA A 164 17.60 -42.63 52.54
C ALA A 164 18.40 -43.46 51.54
N MET A 165 18.36 -44.78 51.69
CA MET A 165 19.05 -45.66 50.76
C MET A 165 18.28 -45.78 49.46
N GLN A 166 19.00 -46.00 48.36
CA GLN A 166 18.43 -45.69 47.06
C GLN A 166 17.56 -46.81 46.46
N GLU A 167 18.07 -48.03 46.47
CA GLU A 167 17.38 -49.12 45.76
C GLU A 167 17.41 -50.40 46.55
N PHE A 168 16.27 -51.09 46.55
CA PHE A 168 16.14 -52.42 47.12
C PHE A 168 15.69 -53.35 46.01
N MET A 169 16.55 -54.30 45.66
CA MET A 169 16.37 -55.12 44.48
C MET A 169 16.16 -56.59 44.80
N ILE A 170 15.47 -57.29 43.91
CA ILE A 170 15.31 -58.73 43.99
C ILE A 170 15.99 -59.40 42.80
N LEU A 171 16.68 -60.52 43.10
CA LEU A 171 17.42 -61.31 42.13
C LEU A 171 16.94 -62.77 42.15
N PRO A 172 16.27 -63.22 41.09
CA PRO A 172 15.79 -64.62 41.06
C PRO A 172 16.90 -65.59 40.68
N VAL A 173 17.88 -65.71 41.57
CA VAL A 173 19.00 -66.62 41.36
C VAL A 173 18.52 -68.06 41.17
N GLY A 174 17.35 -68.36 41.71
CA GLY A 174 16.81 -69.71 41.69
C GLY A 174 15.93 -70.04 40.51
N ALA A 175 15.77 -69.10 39.58
CA ALA A 175 14.88 -69.36 38.45
C ALA A 175 15.51 -70.36 37.49
N GLU A 176 14.70 -70.96 36.62
CA GLU A 176 15.15 -72.02 35.70
C GLU A 176 15.84 -71.49 34.43
N SER A 177 15.46 -70.28 34.05
CA SER A 177 15.85 -69.68 32.78
C SER A 177 15.70 -68.18 32.91
N PHE A 178 16.13 -67.43 31.89
CA PHE A 178 15.91 -66.00 32.00
C PHE A 178 14.41 -65.68 31.90
N ARG A 179 13.69 -66.36 31.00
CA ARG A 179 12.25 -66.15 30.86
C ARG A 179 11.54 -66.46 32.20
N ASP A 180 12.01 -67.50 32.89
CA ASP A 180 11.44 -67.87 34.18
C ASP A 180 11.73 -66.79 35.21
N ALA A 181 12.95 -66.25 35.18
CA ALA A 181 13.35 -65.16 36.08
C ALA A 181 12.44 -63.95 35.93
N MET A 182 11.99 -63.69 34.70
CA MET A 182 11.09 -62.56 34.45
C MET A 182 9.73 -62.79 35.12
N ARG A 183 9.27 -64.02 35.05
CA ARG A 183 8.00 -64.37 35.67
C ARG A 183 8.09 -64.21 37.19
N LEU A 184 9.18 -64.70 37.77
CA LEU A 184 9.39 -64.57 39.20
C LEU A 184 9.46 -63.11 39.64
N GLY A 185 10.23 -62.30 38.92
CA GLY A 185 10.32 -60.88 39.19
C GLY A 185 8.98 -60.16 39.09
N ALA A 186 8.26 -60.39 38.00
CA ALA A 186 6.96 -59.75 37.80
C ALA A 186 5.94 -60.18 38.88
N GLU A 187 5.95 -61.46 39.23
CA GLU A 187 4.94 -61.92 40.19
C GLU A 187 5.20 -61.34 41.58
N VAL A 188 6.46 -61.27 41.99
CA VAL A 188 6.78 -60.66 43.27
C VAL A 188 6.50 -59.16 43.28
N TYR A 189 6.74 -58.49 42.14
CA TYR A 189 6.49 -57.06 42.01
C TYR A 189 4.99 -56.77 42.16
N HIS A 190 4.15 -57.52 41.45
CA HIS A 190 2.71 -57.35 41.57
C HIS A 190 2.23 -57.73 42.97
N THR A 191 2.86 -58.72 43.59
CA THR A 191 2.53 -59.08 44.97
C THR A 191 2.82 -57.93 45.91
N LEU A 192 3.98 -57.30 45.70
CA LEU A 192 4.44 -56.21 46.53
C LEU A 192 3.50 -55.02 46.42
N LYS A 193 2.95 -54.80 45.22
CA LYS A 193 2.00 -53.72 45.02
C LYS A 193 0.79 -53.86 45.97
N GLY A 194 0.29 -55.08 46.08
CA GLY A 194 -0.83 -55.37 46.97
C GLY A 194 -0.46 -55.16 48.42
N VAL A 195 0.74 -55.59 48.79
CA VAL A 195 1.22 -55.45 50.16
C VAL A 195 1.30 -53.98 50.58
N ILE A 196 1.92 -53.17 49.72
CA ILE A 196 2.09 -51.75 49.99
C ILE A 196 0.73 -51.07 50.04
N LYS A 197 -0.15 -51.44 49.10
CA LYS A 197 -1.48 -50.86 49.01
C LYS A 197 -2.31 -51.06 50.29
N ASP A 198 -2.38 -52.29 50.77
CA ASP A 198 -3.10 -52.62 52.02
C ASP A 198 -2.51 -51.87 53.22
N LYS A 199 -1.19 -51.87 53.33
CA LYS A 199 -0.53 -51.29 54.49
C LYS A 199 -0.54 -49.76 54.45
N TYR A 200 -0.03 -49.18 53.38
CA TYR A 200 0.23 -47.74 53.37
C TYR A 200 -0.86 -46.94 52.69
N GLY A 201 -1.72 -47.59 51.93
CA GLY A 201 -2.82 -46.90 51.29
C GLY A 201 -2.86 -46.94 49.78
N LYS A 202 -4.04 -46.68 49.23
CA LYS A 202 -4.30 -46.77 47.80
C LYS A 202 -3.44 -45.82 46.99
N ASP A 203 -2.95 -44.76 47.63
CA ASP A 203 -2.11 -43.78 46.96
C ASP A 203 -0.62 -44.04 47.15
N ALA A 204 -0.24 -45.22 47.61
CA ALA A 204 1.16 -45.46 47.91
C ALA A 204 1.85 -46.28 46.82
N THR A 205 1.17 -46.53 45.72
CA THR A 205 1.68 -47.47 44.71
C THR A 205 1.98 -46.85 43.32
N ASN A 206 2.11 -45.53 43.25
CA ASN A 206 2.69 -44.93 42.05
C ASN A 206 4.19 -45.22 42.04
N VAL A 207 4.87 -45.02 40.91
CA VAL A 207 6.22 -45.52 40.80
C VAL A 207 7.24 -44.40 40.64
N GLY A 208 8.49 -44.68 40.99
CA GLY A 208 9.60 -43.76 40.79
C GLY A 208 10.19 -43.86 39.40
N ASP A 209 11.32 -43.21 39.18
CA ASP A 209 11.94 -43.07 37.85
C ASP A 209 12.27 -44.42 37.19
N GLU A 210 12.60 -45.43 37.98
CA GLU A 210 12.95 -46.72 37.38
C GLU A 210 11.89 -47.78 37.63
N GLY A 211 10.69 -47.35 38.01
CA GLY A 211 9.55 -48.24 38.10
C GLY A 211 9.32 -48.85 39.46
N GLY A 212 10.20 -48.59 40.43
CA GLY A 212 10.01 -49.10 41.78
C GLY A 212 8.99 -48.30 42.58
N PHE A 213 8.38 -48.92 43.59
CA PHE A 213 7.52 -48.21 44.54
C PHE A 213 8.31 -47.35 45.52
N ALA A 214 7.72 -46.22 45.90
CA ALA A 214 8.33 -45.33 46.88
C ALA A 214 7.38 -45.04 48.04
N PRO A 215 7.08 -46.06 48.86
CA PRO A 215 6.20 -45.81 50.00
C PRO A 215 6.84 -44.83 50.96
N ASN A 216 6.04 -44.06 51.69
CA ASN A 216 6.61 -43.06 52.58
C ASN A 216 7.04 -43.65 53.91
N ILE A 217 8.25 -44.20 53.90
CA ILE A 217 8.86 -44.79 55.08
C ILE A 217 10.24 -44.19 55.31
N LEU A 218 10.75 -44.34 56.52
CA LEU A 218 12.08 -43.81 56.85
C LEU A 218 13.08 -44.95 57.05
N GLU A 219 12.62 -46.02 57.68
CA GLU A 219 13.45 -47.15 58.07
C GLU A 219 13.89 -48.00 56.89
N ASN A 220 15.20 -48.09 56.66
CA ASN A 220 15.71 -48.95 55.60
C ASN A 220 15.41 -50.42 55.86
N SER A 221 15.42 -50.84 57.13
CA SER A 221 15.07 -52.21 57.48
C SER A 221 13.63 -52.50 57.12
N GLU A 222 12.81 -51.47 57.14
CA GLU A 222 11.39 -51.61 56.80
C GLU A 222 11.21 -51.90 55.32
N ALA A 223 12.03 -51.27 54.48
CA ALA A 223 12.03 -51.58 53.04
C ALA A 223 12.35 -53.05 52.83
N LEU A 224 13.41 -53.52 53.48
CA LEU A 224 13.82 -54.91 53.35
C LEU A 224 12.73 -55.86 53.83
N GLU A 225 12.06 -55.49 54.91
CA GLU A 225 10.99 -56.33 55.45
C GLU A 225 9.83 -56.47 54.45
N LEU A 226 9.47 -55.36 53.79
CA LEU A 226 8.45 -55.38 52.73
C LEU A 226 8.86 -56.29 51.57
N VAL A 227 10.11 -56.17 51.13
CA VAL A 227 10.60 -57.00 50.04
C VAL A 227 10.58 -58.48 50.42
N LYS A 228 11.06 -58.77 51.62
CA LYS A 228 11.07 -60.15 52.08
C LYS A 228 9.65 -60.68 52.19
N GLU A 229 8.72 -59.82 52.59
CA GLU A 229 7.31 -60.21 52.69
C GLU A 229 6.71 -60.54 51.32
N ALA A 230 7.05 -59.75 50.32
CA ALA A 230 6.51 -59.95 48.97
C ALA A 230 7.03 -61.24 48.36
N ILE A 231 8.32 -61.52 48.58
CA ILE A 231 8.94 -62.73 48.07
C ILE A 231 8.24 -63.97 48.63
N ASP A 232 8.02 -63.95 49.95
CA ASP A 232 7.45 -65.09 50.65
C ASP A 232 6.00 -65.30 50.23
N LYS A 233 5.22 -64.21 50.20
CA LYS A 233 3.82 -64.29 49.77
C LYS A 233 3.65 -64.71 48.31
N ALA A 234 4.63 -64.41 47.45
CA ALA A 234 4.58 -64.87 46.07
C ALA A 234 4.94 -66.33 45.97
N GLY A 235 5.57 -66.87 47.02
CA GLY A 235 5.95 -68.28 47.06
C GLY A 235 7.36 -68.60 46.60
N TYR A 236 8.28 -67.64 46.68
CA TYR A 236 9.62 -67.85 46.12
C TYR A 236 10.77 -67.59 47.08
N THR A 237 10.56 -67.87 48.36
CA THR A 237 11.59 -67.63 49.37
C THR A 237 12.90 -68.32 49.06
N GLU A 238 12.80 -69.52 48.50
CA GLU A 238 14.00 -70.29 48.19
C GLU A 238 14.73 -69.84 46.92
N LYS A 239 14.07 -69.03 46.10
CA LYS A 239 14.54 -68.81 44.76
C LYS A 239 14.97 -67.37 44.49
N ILE A 240 14.64 -66.46 45.40
CA ILE A 240 14.94 -65.05 45.21
C ILE A 240 15.71 -64.45 46.39
N VAL A 241 16.75 -63.67 46.07
CA VAL A 241 17.53 -62.97 47.08
C VAL A 241 17.49 -61.48 46.82
N ILE A 242 18.20 -60.73 47.65
CA ILE A 242 18.06 -59.30 47.68
C ILE A 242 19.38 -58.58 47.45
N GLY A 243 19.32 -57.49 46.69
CA GLY A 243 20.45 -56.60 46.50
C GLY A 243 20.08 -55.18 46.92
N MET A 244 21.10 -54.37 47.21
CA MET A 244 20.88 -53.00 47.62
C MET A 244 21.83 -52.06 46.87
N ASP A 245 21.32 -50.89 46.50
CA ASP A 245 22.17 -49.80 46.08
C ASP A 245 21.98 -48.71 47.13
N VAL A 246 23.00 -48.54 47.96
CA VAL A 246 22.88 -47.57 49.04
C VAL A 246 23.05 -46.15 48.49
N ALA A 247 23.98 -46.00 47.55
CA ALA A 247 24.35 -44.69 46.98
C ALA A 247 24.73 -43.70 48.09
N ALA A 248 25.64 -44.14 48.95
CA ALA A 248 25.94 -43.42 50.19
C ALA A 248 26.57 -42.05 49.96
N SER A 249 27.09 -41.83 48.74
CA SER A 249 27.62 -40.51 48.37
C SER A 249 26.55 -39.44 48.47
N GLU A 250 25.30 -39.83 48.27
CA GLU A 250 24.21 -38.86 48.27
C GLU A 250 23.92 -38.32 49.68
N PHE A 251 24.31 -39.06 50.71
CA PHE A 251 24.07 -38.58 52.07
C PHE A 251 25.31 -38.56 52.96
N TYR A 252 26.46 -38.39 52.33
CA TYR A 252 27.73 -38.17 53.03
C TYR A 252 27.81 -36.71 53.49
N ARG A 253 28.01 -36.50 54.79
CA ARG A 253 27.98 -35.16 55.37
C ARG A 253 29.07 -34.96 56.41
N ASP A 254 30.07 -34.13 56.09
CA ASP A 254 31.11 -33.77 57.05
C ASP A 254 31.80 -35.00 57.64
N GLY A 255 32.27 -35.89 56.77
CA GLY A 255 32.92 -37.11 57.21
C GLY A 255 31.99 -38.14 57.84
N LYS A 256 30.70 -37.84 57.87
CA LYS A 256 29.71 -38.75 58.45
C LYS A 256 28.51 -38.94 57.51
N TYR A 257 27.58 -39.81 57.90
CA TYR A 257 26.47 -40.20 57.03
C TYR A 257 25.11 -39.89 57.65
N ASP A 258 24.20 -39.35 56.85
CA ASP A 258 22.89 -38.86 57.32
C ASP A 258 21.75 -39.68 56.72
N LEU A 259 21.21 -40.61 57.50
CA LEU A 259 20.14 -41.48 57.02
C LEU A 259 18.76 -40.83 57.11
N ASP A 260 18.73 -39.53 57.39
CA ASP A 260 17.47 -38.79 57.33
C ASP A 260 17.74 -37.48 56.60
N PHE A 261 18.47 -37.58 55.49
CA PHE A 261 18.97 -36.37 54.83
C PHE A 261 17.90 -35.61 54.06
N LYS A 262 16.72 -36.20 53.88
CA LYS A 262 15.63 -35.49 53.18
C LYS A 262 14.69 -34.82 54.19
N SER A 263 15.04 -34.88 55.47
CA SER A 263 14.39 -34.09 56.51
C SER A 263 15.31 -32.91 56.85
N PRO A 264 14.75 -31.82 57.42
CA PRO A 264 15.54 -30.62 57.76
C PRO A 264 16.82 -30.93 58.55
N THR A 265 17.89 -30.24 58.18
CA THR A 265 19.24 -30.62 58.60
C THR A 265 19.51 -30.50 60.10
N ASP A 266 19.84 -31.63 60.71
CA ASP A 266 20.24 -31.68 62.12
C ASP A 266 21.41 -32.66 62.29
N PRO A 267 22.63 -32.13 62.45
CA PRO A 267 23.85 -32.94 62.52
C PRO A 267 23.94 -33.91 63.71
N SER A 268 23.00 -33.85 64.66
CA SER A 268 22.97 -34.83 65.74
C SER A 268 22.56 -36.20 65.21
N ARG A 269 21.95 -36.18 64.02
CA ARG A 269 21.46 -37.37 63.33
C ARG A 269 22.57 -38.23 62.74
N TYR A 270 23.64 -37.56 62.30
CA TYR A 270 24.69 -38.19 61.50
C TYR A 270 25.34 -39.36 62.22
N ILE A 271 25.67 -40.41 61.47
CA ILE A 271 26.41 -41.51 62.05
C ILE A 271 27.74 -41.66 61.34
N THR A 272 28.67 -42.36 61.97
CA THR A 272 29.95 -42.64 61.35
C THR A 272 29.82 -43.80 60.39
N GLY A 273 30.80 -43.94 59.50
CA GLY A 273 30.84 -45.07 58.59
C GLY A 273 30.85 -46.39 59.34
N ASP A 274 31.44 -46.39 60.54
CA ASP A 274 31.51 -47.59 61.35
C ASP A 274 30.14 -48.01 61.86
N GLN A 275 29.32 -47.04 62.24
CA GLN A 275 27.92 -47.32 62.59
C GLN A 275 27.16 -47.84 61.39
N LEU A 276 27.34 -47.16 60.25
CA LEU A 276 26.71 -47.57 59.00
C LEU A 276 27.12 -49.00 58.63
N GLY A 277 28.41 -49.28 58.68
CA GLY A 277 28.89 -50.64 58.48
C GLY A 277 28.19 -51.65 59.37
N ALA A 278 27.99 -51.29 60.64
CA ALA A 278 27.31 -52.18 61.59
C ALA A 278 25.86 -52.42 61.18
N LEU A 279 25.23 -51.39 60.64
CA LEU A 279 23.88 -51.51 60.12
C LEU A 279 23.83 -52.54 58.97
N TYR A 280 24.77 -52.42 58.03
CA TYR A 280 24.83 -53.36 56.91
C TYR A 280 24.97 -54.80 57.38
N GLN A 281 25.83 -55.01 58.38
CA GLN A 281 26.05 -56.34 58.94
C GLN A 281 24.76 -56.91 59.53
N ASP A 282 23.97 -56.05 60.18
CA ASP A 282 22.64 -56.43 60.64
C ASP A 282 21.74 -56.87 59.48
N PHE A 283 21.81 -56.13 58.37
CA PHE A 283 20.98 -56.46 57.20
C PHE A 283 21.37 -57.79 56.61
N VAL A 284 22.68 -58.06 56.51
CA VAL A 284 23.18 -59.31 55.94
C VAL A 284 22.80 -60.50 56.82
N ARG A 285 22.76 -60.27 58.13
CA ARG A 285 22.36 -61.31 59.08
C ARG A 285 20.87 -61.63 59.00
N ASP A 286 20.04 -60.59 58.95
CA ASP A 286 18.59 -60.76 59.11
C ASP A 286 17.80 -61.00 57.81
N TYR A 287 18.38 -60.64 56.67
CA TYR A 287 17.72 -60.79 55.36
C TYR A 287 18.63 -61.47 54.35
N PRO A 288 18.06 -62.00 53.26
CA PRO A 288 18.93 -62.61 52.23
C PRO A 288 19.58 -61.57 51.29
N VAL A 289 20.26 -60.59 51.89
CA VAL A 289 21.03 -59.59 51.17
C VAL A 289 22.37 -60.17 50.75
N VAL A 290 22.57 -60.32 49.43
CA VAL A 290 23.77 -60.95 48.89
C VAL A 290 24.67 -59.93 48.15
N SER A 291 24.18 -58.71 47.98
CA SER A 291 24.92 -57.69 47.25
C SER A 291 24.58 -56.28 47.74
N ILE A 292 25.61 -55.49 47.98
CA ILE A 292 25.43 -54.11 48.41
C ILE A 292 26.32 -53.18 47.59
N GLU A 293 25.69 -52.18 46.99
CA GLU A 293 26.37 -51.29 46.07
C GLU A 293 26.55 -49.93 46.74
N ASP A 294 27.70 -49.30 46.48
CA ASP A 294 28.05 -47.99 47.06
C ASP A 294 27.68 -47.83 48.55
N PRO A 295 28.17 -48.76 49.42
CA PRO A 295 27.86 -48.65 50.85
C PRO A 295 28.52 -47.43 51.52
N PHE A 296 29.55 -46.87 50.89
CA PHE A 296 30.23 -45.70 51.45
C PHE A 296 30.49 -44.67 50.38
N ASP A 297 30.88 -43.48 50.81
CA ASP A 297 31.14 -42.38 49.90
C ASP A 297 32.20 -42.73 48.86
N GLN A 298 32.13 -42.05 47.72
CA GLN A 298 32.99 -42.35 46.57
C GLN A 298 34.46 -42.08 46.84
N ASP A 299 34.76 -41.30 47.88
CA ASP A 299 36.15 -40.98 48.26
C ASP A 299 36.56 -41.67 49.55
N ASP A 300 35.63 -42.39 50.18
CA ASP A 300 35.86 -42.99 51.50
C ASP A 300 36.54 -44.37 51.38
N TRP A 301 37.71 -44.38 50.78
CA TRP A 301 38.39 -45.63 50.42
C TRP A 301 38.69 -46.56 51.60
N ALA A 302 39.04 -46.00 52.74
CA ALA A 302 39.35 -46.80 53.93
C ALA A 302 38.15 -47.64 54.37
N ALA A 303 36.97 -47.01 54.37
CA ALA A 303 35.76 -47.66 54.84
C ALA A 303 35.36 -48.84 53.93
N TRP A 304 35.51 -48.64 52.62
CA TRP A 304 35.28 -49.68 51.63
C TRP A 304 36.16 -50.91 51.87
N SER A 305 37.46 -50.67 52.00
CA SER A 305 38.42 -51.77 52.15
C SER A 305 38.15 -52.57 53.43
N LYS A 306 37.88 -51.87 54.53
CA LYS A 306 37.57 -52.55 55.80
C LYS A 306 36.28 -53.36 55.73
N PHE A 307 35.23 -52.78 55.15
CA PHE A 307 33.93 -53.47 55.14
C PHE A 307 34.01 -54.69 54.24
N THR A 308 34.61 -54.52 53.06
CA THR A 308 34.77 -55.63 52.11
C THR A 308 35.57 -56.77 52.71
N ALA A 309 36.63 -56.44 53.46
CA ALA A 309 37.46 -57.45 54.11
C ALA A 309 36.72 -58.21 55.21
N ASN A 310 35.61 -57.67 55.69
CA ASN A 310 34.87 -58.29 56.79
C ASN A 310 33.51 -58.87 56.43
N VAL A 311 33.16 -58.93 55.14
CA VAL A 311 31.95 -59.63 54.68
C VAL A 311 32.25 -60.68 53.62
N GLY A 312 31.28 -61.56 53.39
CA GLY A 312 31.43 -62.59 52.39
C GLY A 312 30.47 -62.40 51.22
N ILE A 313 29.82 -61.26 51.17
CA ILE A 313 28.87 -60.98 50.09
C ILE A 313 29.52 -60.16 48.99
N GLN A 314 28.75 -59.93 47.93
CA GLN A 314 29.20 -59.07 46.84
C GLN A 314 29.13 -57.60 47.25
N ILE A 315 30.21 -56.87 46.98
CA ILE A 315 30.30 -55.43 47.24
C ILE A 315 30.58 -54.69 45.93
N VAL A 316 29.64 -53.83 45.52
CA VAL A 316 29.67 -53.24 44.19
C VAL A 316 30.10 -51.76 44.13
N GLY A 317 31.13 -51.49 43.32
CA GLY A 317 31.53 -50.14 43.06
C GLY A 317 30.72 -49.54 41.93
N ASP A 318 30.11 -48.38 42.18
CA ASP A 318 29.38 -47.64 41.16
C ASP A 318 29.98 -46.25 41.04
N ASP A 319 29.61 -45.36 41.96
CA ASP A 319 30.23 -44.04 41.98
C ASP A 319 31.71 -44.13 42.43
N LEU A 320 32.06 -45.19 43.15
CA LEU A 320 33.45 -45.38 43.54
C LEU A 320 34.36 -45.57 42.33
N THR A 321 33.93 -46.43 41.40
CA THR A 321 34.76 -46.87 40.28
C THR A 321 34.47 -46.16 38.95
N VAL A 322 33.26 -45.65 38.81
CA VAL A 322 32.72 -45.04 37.58
C VAL A 322 33.22 -45.67 36.25
N THR A 323 33.16 -47.00 36.16
CA THR A 323 33.50 -47.74 34.94
C THR A 323 34.85 -47.22 34.36
N ASN A 324 35.77 -46.87 35.25
CA ASN A 324 36.99 -46.17 34.87
C ASN A 324 38.23 -46.99 35.25
N PRO A 325 38.94 -47.54 34.25
CA PRO A 325 40.10 -48.41 34.49
C PRO A 325 41.11 -47.85 35.50
N LYS A 326 41.35 -46.54 35.51
CA LYS A 326 42.27 -45.96 36.49
C LYS A 326 41.75 -46.12 37.93
N ARG A 327 40.47 -45.85 38.16
CA ARG A 327 39.88 -45.97 39.50
C ARG A 327 39.73 -47.44 39.89
N ILE A 328 39.44 -48.27 38.89
CA ILE A 328 39.32 -49.71 39.10
C ILE A 328 40.67 -50.32 39.53
N GLU A 329 41.76 -49.86 38.92
CA GLU A 329 43.07 -50.41 39.29
C GLU A 329 43.36 -50.11 40.76
N ARG A 330 43.07 -48.89 41.19
CA ARG A 330 43.23 -48.54 42.60
C ARG A 330 42.35 -49.40 43.51
N ALA A 331 41.08 -49.53 43.15
CA ALA A 331 40.13 -50.33 43.93
C ALA A 331 40.57 -51.79 44.03
N VAL A 332 41.24 -52.27 43.00
CA VAL A 332 41.72 -53.66 42.98
C VAL A 332 42.89 -53.76 43.95
N GLU A 333 43.79 -52.79 43.87
CA GLU A 333 44.98 -52.81 44.70
C GLU A 333 44.63 -52.65 46.17
N GLU A 334 43.61 -51.84 46.48
CA GLU A 334 43.23 -51.64 47.87
C GLU A 334 42.15 -52.60 48.31
N LYS A 335 41.78 -53.51 47.42
CA LYS A 335 40.68 -54.43 47.67
C LYS A 335 39.43 -53.71 48.19
N ALA A 336 39.07 -52.60 47.55
CA ALA A 336 37.99 -51.75 48.06
C ALA A 336 36.61 -52.36 47.83
N CYS A 337 36.48 -53.21 46.80
CA CYS A 337 35.22 -53.89 46.49
C CYS A 337 35.53 -55.18 45.73
N ASN A 338 34.49 -55.91 45.34
CA ASN A 338 34.70 -57.14 44.58
C ASN A 338 33.75 -57.29 43.37
N CYS A 339 33.14 -56.19 42.96
CA CYS A 339 32.26 -56.20 41.81
C CYS A 339 32.21 -54.81 41.20
N LEU A 340 32.22 -54.78 39.87
CA LEU A 340 32.15 -53.53 39.13
C LEU A 340 30.74 -53.30 38.57
N LEU A 341 30.16 -52.14 38.81
CA LEU A 341 28.93 -51.78 38.10
C LEU A 341 29.35 -51.18 36.76
N LEU A 342 28.89 -51.79 35.69
CA LEU A 342 29.33 -51.36 34.36
C LEU A 342 28.31 -50.42 33.72
N LYS A 343 28.67 -49.15 33.62
CA LYS A 343 27.85 -48.16 32.93
C LYS A 343 28.65 -47.50 31.80
N VAL A 344 28.29 -47.77 30.56
CA VAL A 344 29.06 -47.28 29.45
C VAL A 344 29.18 -45.74 29.41
N ASN A 345 28.17 -45.02 29.91
CA ASN A 345 28.23 -43.55 29.85
C ASN A 345 28.91 -42.90 31.05
N GLN A 346 29.37 -43.71 32.01
CA GLN A 346 30.27 -43.20 33.05
C GLN A 346 31.68 -42.96 32.50
N ILE A 347 32.08 -43.75 31.49
CA ILE A 347 33.42 -43.64 30.91
C ILE A 347 33.35 -43.12 29.48
N GLY A 348 32.27 -43.44 28.76
CA GLY A 348 31.99 -42.75 27.52
C GLY A 348 32.35 -43.42 26.21
N SER A 349 32.78 -44.68 26.24
CA SER A 349 32.95 -45.41 24.98
C SER A 349 32.82 -46.90 25.22
N VAL A 350 32.42 -47.62 24.19
CA VAL A 350 32.26 -49.07 24.29
C VAL A 350 33.60 -49.75 24.59
N THR A 351 34.66 -49.31 23.90
CA THR A 351 35.98 -49.90 24.06
C THR A 351 36.49 -49.79 25.49
N GLU A 352 36.37 -48.60 26.09
CA GLU A 352 36.81 -48.43 27.48
C GLU A 352 35.96 -49.23 28.47
N ALA A 353 34.65 -49.31 28.23
CA ALA A 353 33.78 -50.08 29.11
C ALA A 353 34.16 -51.56 29.07
N ILE A 354 34.46 -52.06 27.88
CA ILE A 354 34.90 -53.45 27.74
C ILE A 354 36.26 -53.66 28.45
N GLN A 355 37.16 -52.70 28.28
CA GLN A 355 38.43 -52.72 29.01
C GLN A 355 38.20 -52.74 30.52
N ALA A 356 37.25 -51.94 30.99
CA ALA A 356 36.96 -51.89 32.42
C ALA A 356 36.39 -53.21 32.91
N CYS A 357 35.50 -53.81 32.12
CA CYS A 357 34.94 -55.12 32.45
C CYS A 357 36.05 -56.18 32.55
N LYS A 358 36.94 -56.21 31.58
CA LYS A 358 37.98 -57.24 31.53
C LYS A 358 38.99 -57.08 32.66
N LEU A 359 39.29 -55.86 33.05
CA LEU A 359 40.19 -55.60 34.17
C LEU A 359 39.59 -56.10 35.48
N ALA A 360 38.29 -55.87 35.67
CA ALA A 360 37.58 -56.40 36.82
C ALA A 360 37.63 -57.93 36.84
N GLN A 361 37.27 -58.53 35.71
CA GLN A 361 37.18 -59.97 35.61
C GLN A 361 38.52 -60.68 35.77
N GLU A 362 39.57 -60.07 35.23
CA GLU A 362 40.90 -60.65 35.36
C GLU A 362 41.36 -60.62 36.81
N ASN A 363 40.78 -59.75 37.62
CA ASN A 363 41.16 -59.72 39.03
C ASN A 363 40.13 -60.41 39.91
N GLY A 364 39.32 -61.26 39.29
CA GLY A 364 38.38 -62.08 40.03
C GLY A 364 37.13 -61.36 40.53
N TRP A 365 36.88 -60.15 40.03
CA TRP A 365 35.65 -59.43 40.41
C TRP A 365 34.44 -59.96 39.65
N GLY A 366 33.27 -59.68 40.19
CA GLY A 366 32.05 -59.81 39.41
C GLY A 366 31.86 -58.54 38.60
N VAL A 367 30.95 -58.58 37.63
CA VAL A 367 30.58 -57.37 36.91
C VAL A 367 29.06 -57.35 36.74
N MET A 368 28.44 -56.24 37.07
CA MET A 368 27.00 -56.08 36.87
C MET A 368 26.72 -54.92 35.91
N VAL A 369 26.14 -55.24 34.75
CA VAL A 369 25.76 -54.24 33.77
C VAL A 369 24.54 -53.46 34.28
N SER A 370 24.53 -52.15 34.09
CA SER A 370 23.48 -51.32 34.67
C SER A 370 22.90 -50.29 33.74
N HIS A 371 21.61 -50.01 33.91
CA HIS A 371 20.95 -48.85 33.35
C HIS A 371 21.38 -47.56 34.05
N ARG A 372 20.88 -46.42 33.58
CA ARG A 372 20.86 -45.18 34.36
C ARG A 372 19.41 -44.85 34.66
N SER A 373 19.18 -43.85 35.52
CA SER A 373 17.81 -43.46 35.84
C SER A 373 17.11 -42.90 34.60
N GLY A 374 17.81 -42.10 33.80
CA GLY A 374 17.25 -41.60 32.56
C GLY A 374 17.59 -42.59 31.47
N GLU A 375 16.62 -43.41 31.05
CA GLU A 375 16.88 -44.39 29.98
C GLU A 375 16.10 -44.08 28.73
N THR A 376 16.28 -44.92 27.72
CA THR A 376 15.55 -44.80 26.47
C THR A 376 15.02 -46.14 26.03
N GLU A 377 14.42 -46.15 24.85
CA GLU A 377 13.92 -47.37 24.25
C GLU A 377 15.07 -48.26 23.72
N ASP A 378 16.30 -47.73 23.73
CA ASP A 378 17.51 -48.46 23.35
C ASP A 378 17.70 -49.76 24.18
N THR A 379 18.12 -50.84 23.55
CA THR A 379 18.32 -52.08 24.28
C THR A 379 19.76 -52.59 24.21
N PHE A 380 20.70 -51.72 23.87
CA PHE A 380 22.11 -52.10 23.78
C PHE A 380 22.62 -52.91 24.97
N ILE A 381 22.27 -52.50 26.19
CA ILE A 381 22.92 -53.11 27.35
C ILE A 381 22.47 -54.57 27.55
N ALA A 382 21.33 -54.94 26.97
CA ALA A 382 20.90 -56.33 26.96
C ALA A 382 21.88 -57.20 26.18
N ASP A 383 22.24 -56.79 24.98
CA ASP A 383 23.27 -57.54 24.24
C ASP A 383 24.63 -57.45 24.92
N LEU A 384 24.92 -56.29 25.51
CA LEU A 384 26.21 -56.08 26.16
C LEU A 384 26.42 -57.08 27.30
N VAL A 385 25.42 -57.24 28.17
CA VAL A 385 25.60 -58.12 29.32
C VAL A 385 25.78 -59.59 28.86
N VAL A 386 25.10 -59.97 27.78
CA VAL A 386 25.22 -61.33 27.27
C VAL A 386 26.61 -61.56 26.63
N GLY A 387 27.05 -60.63 25.80
CA GLY A 387 28.35 -60.71 25.14
C GLY A 387 29.54 -60.63 26.08
N LEU A 388 29.42 -59.87 27.16
CA LEU A 388 30.48 -59.78 28.16
C LEU A 388 30.41 -60.92 29.18
N CYS A 389 29.35 -61.71 29.09
CA CYS A 389 29.14 -62.87 29.97
C CYS A 389 29.25 -62.54 31.45
N THR A 390 28.73 -61.40 31.90
CA THR A 390 28.97 -61.01 33.28
C THR A 390 28.06 -61.74 34.29
N GLY A 391 26.88 -62.19 33.83
CA GLY A 391 26.01 -62.95 34.71
C GLY A 391 25.00 -62.16 35.53
N GLN A 392 25.10 -60.83 35.51
CA GLN A 392 24.16 -59.98 36.24
C GLN A 392 23.86 -58.67 35.54
N ILE A 393 22.61 -58.28 35.53
CA ILE A 393 22.23 -56.98 35.01
C ILE A 393 21.16 -56.38 35.92
N LYS A 394 21.24 -55.08 36.16
CA LYS A 394 20.10 -54.38 36.75
C LYS A 394 19.65 -53.27 35.80
N THR A 395 18.41 -53.37 35.35
CA THR A 395 17.93 -52.39 34.38
C THR A 395 16.45 -52.11 34.63
N GLY A 396 16.06 -52.12 35.90
CA GLY A 396 14.80 -51.54 36.34
C GLY A 396 13.84 -52.50 37.03
N ALA A 397 12.76 -51.97 37.58
CA ALA A 397 11.60 -52.79 37.97
C ALA A 397 11.03 -53.40 36.71
N PRO A 398 10.22 -54.48 36.84
CA PRO A 398 9.53 -54.96 35.63
C PRO A 398 8.32 -54.07 35.34
N CYS A 399 8.60 -52.77 35.16
CA CYS A 399 7.58 -51.75 34.98
C CYS A 399 8.27 -50.57 34.27
N ARG A 400 7.54 -49.95 33.33
CA ARG A 400 8.04 -48.89 32.42
C ARG A 400 8.90 -49.52 31.30
N SER A 401 8.60 -49.20 30.06
CA SER A 401 9.20 -49.96 28.95
C SER A 401 10.65 -49.59 28.62
N GLU A 402 11.21 -48.53 29.21
CA GLU A 402 12.65 -48.31 29.04
C GLU A 402 13.41 -49.37 29.85
N ARG A 403 12.69 -50.00 30.79
CA ARG A 403 13.22 -51.15 31.53
C ARG A 403 12.85 -52.46 30.83
N LEU A 404 11.56 -52.66 30.57
CA LEU A 404 11.09 -53.89 29.91
C LEU A 404 11.71 -54.13 28.52
N ALA A 405 12.00 -53.06 27.79
CA ALA A 405 12.64 -53.23 26.48
C ALA A 405 13.94 -54.03 26.63
N LYS A 406 14.68 -53.79 27.70
CA LYS A 406 15.90 -54.57 27.96
C LYS A 406 15.57 -56.01 28.35
N TYR A 407 14.61 -56.18 29.27
CA TYR A 407 14.27 -57.50 29.75
C TYR A 407 13.62 -58.33 28.63
N ASN A 408 12.82 -57.68 27.80
CA ASN A 408 12.17 -58.38 26.68
C ASN A 408 13.24 -58.84 25.69
N GLN A 409 14.21 -57.97 25.43
CA GLN A 409 15.29 -58.29 24.51
C GLN A 409 16.14 -59.46 25.01
N LEU A 410 16.35 -59.53 26.32
CA LEU A 410 17.09 -60.67 26.89
C LEU A 410 16.29 -61.97 26.73
N MET A 411 14.97 -61.88 26.78
CA MET A 411 14.12 -63.05 26.52
C MET A 411 14.25 -63.51 25.07
N ARG A 412 14.30 -62.56 24.13
CA ARG A 412 14.53 -62.88 22.73
C ARG A 412 15.90 -63.54 22.48
N ILE A 413 16.92 -63.02 23.15
CA ILE A 413 18.28 -63.56 22.98
C ILE A 413 18.32 -64.99 23.51
N GLU A 414 17.74 -65.21 24.69
CA GLU A 414 17.67 -66.56 25.24
C GLU A 414 17.02 -67.51 24.24
N GLU A 415 15.87 -67.08 23.71
CA GLU A 415 15.16 -67.86 22.70
C GLU A 415 16.04 -68.13 21.48
N GLU A 416 16.75 -67.12 21.01
CA GLU A 416 17.58 -67.27 19.82
C GLU A 416 18.77 -68.22 20.04
N LEU A 417 19.34 -68.19 21.23
CA LEU A 417 20.49 -69.06 21.51
C LEU A 417 20.01 -70.49 21.71
N GLY A 418 18.73 -70.64 22.01
CA GLY A 418 18.11 -71.94 22.07
C GLY A 418 18.70 -72.86 23.11
N ASP A 419 19.27 -73.97 22.66
CA ASP A 419 19.77 -74.98 23.59
C ASP A 419 21.16 -74.65 24.10
N GLU A 420 21.79 -73.66 23.47
CA GLU A 420 23.08 -73.17 23.92
C GLU A 420 22.91 -72.09 25.01
N ALA A 421 21.66 -71.81 25.39
CA ALA A 421 21.40 -70.80 26.40
C ALA A 421 21.74 -71.31 27.80
N ARG A 422 22.67 -70.63 28.47
CA ARG A 422 22.96 -70.91 29.88
C ARG A 422 22.63 -69.70 30.78
N PHE A 423 21.78 -69.93 31.77
CA PHE A 423 21.36 -68.92 32.74
C PHE A 423 22.34 -68.94 33.93
N ALA A 424 22.81 -67.77 34.37
CA ALA A 424 23.86 -67.70 35.39
C ALA A 424 23.42 -68.28 36.73
N GLY A 425 22.15 -68.07 37.08
CA GLY A 425 21.59 -68.62 38.31
C GLY A 425 22.41 -68.28 39.54
N HIS A 426 22.77 -69.30 40.30
CA HIS A 426 23.56 -69.11 41.52
C HIS A 426 25.03 -68.81 41.26
N ASN A 427 25.44 -68.83 39.99
CA ASN A 427 26.81 -68.41 39.65
C ASN A 427 26.88 -67.02 39.05
N PHE A 428 25.96 -66.15 39.47
CA PHE A 428 25.92 -64.80 38.91
C PHE A 428 27.22 -64.04 39.17
N ARG A 429 27.90 -64.32 40.29
CA ARG A 429 29.15 -63.66 40.58
C ARG A 429 30.29 -64.18 39.67
N ASN A 430 30.27 -65.47 39.35
CA ASN A 430 31.33 -66.10 38.54
C ASN A 430 30.84 -67.04 37.43
N PRO A 431 30.18 -66.49 36.40
CA PRO A 431 29.49 -67.38 35.44
C PRO A 431 30.40 -68.18 34.49
N SER A 432 31.71 -67.93 34.52
CA SER A 432 32.62 -68.62 33.60
C SER A 432 32.71 -70.12 33.88
N VAL A 433 32.35 -70.52 35.10
CA VAL A 433 32.37 -71.94 35.47
C VAL A 433 31.32 -72.75 34.72
N LEU A 434 30.38 -72.06 34.07
CA LEU A 434 29.31 -72.73 33.32
C LEU A 434 29.70 -72.91 31.85
N SER B 2 4.54 -65.73 0.12
CA SER B 2 5.27 -64.50 0.39
C SER B 2 5.74 -64.44 1.84
N ILE B 3 4.91 -64.91 2.76
CA ILE B 3 5.30 -64.99 4.16
C ILE B 3 6.06 -66.29 4.40
N GLU B 4 7.29 -66.17 4.91
CA GLU B 4 8.12 -67.35 5.11
C GLU B 4 7.92 -67.96 6.49
N LYS B 5 7.71 -67.11 7.49
CA LYS B 5 7.60 -67.59 8.86
C LYS B 5 6.87 -66.56 9.72
N ILE B 6 6.08 -67.04 10.67
CA ILE B 6 5.42 -66.18 11.64
C ILE B 6 5.58 -66.81 13.02
N TRP B 7 6.26 -66.14 13.92
CA TRP B 7 6.48 -66.70 15.25
C TRP B 7 6.08 -65.73 16.34
N ALA B 8 5.22 -66.17 17.25
CA ALA B 8 4.73 -65.29 18.30
C ALA B 8 5.33 -65.69 19.64
N ARG B 9 5.48 -64.70 20.52
CA ARG B 9 6.01 -64.92 21.86
C ARG B 9 5.29 -64.03 22.88
N GLU B 10 5.49 -64.36 24.15
CA GLU B 10 4.99 -63.60 25.28
C GLU B 10 6.05 -62.59 25.77
N ILE B 11 5.78 -61.28 25.68
CA ILE B 11 6.66 -60.26 26.29
C ILE B 11 5.92 -59.53 27.41
N LEU B 12 6.61 -58.64 28.12
CA LEU B 12 5.94 -57.88 29.18
C LEU B 12 5.65 -56.46 28.73
N ASP B 13 4.42 -56.00 29.00
CA ASP B 13 4.03 -54.63 28.67
C ASP B 13 4.49 -53.69 29.76
N SER B 14 4.09 -52.42 29.68
CA SER B 14 4.68 -51.40 30.53
C SER B 14 4.22 -51.44 31.98
N ARG B 15 3.18 -52.23 32.27
CA ARG B 15 2.75 -52.41 33.67
C ARG B 15 3.30 -53.72 34.23
N GLY B 16 4.07 -54.43 33.40
CA GLY B 16 4.65 -55.70 33.78
C GLY B 16 3.70 -56.87 33.57
N ASN B 17 2.72 -56.72 32.68
CA ASN B 17 1.80 -57.82 32.36
C ASN B 17 2.12 -58.39 31.00
N PRO B 18 1.91 -59.71 30.83
CA PRO B 18 2.21 -60.38 29.56
C PRO B 18 1.41 -59.78 28.41
N THR B 19 2.02 -59.75 27.23
CA THR B 19 1.25 -59.44 26.04
C THR B 19 1.87 -60.11 24.85
N VAL B 20 1.21 -59.99 23.71
CA VAL B 20 1.60 -60.69 22.50
C VAL B 20 2.60 -59.92 21.65
N GLU B 21 3.66 -60.58 21.24
CA GLU B 21 4.59 -60.03 20.25
C GLU B 21 4.68 -60.99 19.08
N VAL B 22 4.68 -60.45 17.85
CA VAL B 22 4.80 -61.27 16.66
C VAL B 22 6.02 -60.90 15.80
N ASP B 23 6.78 -61.92 15.42
CA ASP B 23 7.86 -61.81 14.44
C ASP B 23 7.39 -62.36 13.10
N LEU B 24 7.45 -61.56 12.05
CA LEU B 24 7.09 -62.07 10.73
C LEU B 24 8.28 -61.96 9.78
N TYR B 25 8.65 -63.09 9.16
CA TYR B 25 9.78 -63.10 8.22
C TYR B 25 9.30 -63.16 6.76
N THR B 26 9.76 -62.22 5.96
CA THR B 26 9.66 -62.35 4.52
C THR B 26 11.06 -62.43 3.95
N ALA B 27 11.14 -62.33 2.63
CA ALA B 27 12.41 -62.28 1.93
C ALA B 27 13.17 -61.00 2.27
N LYS B 28 12.46 -59.96 2.69
CA LYS B 28 13.12 -58.70 2.99
C LYS B 28 13.58 -58.60 4.45
N GLY B 29 13.27 -59.62 5.24
CA GLY B 29 13.75 -59.65 6.61
C GLY B 29 12.71 -59.90 7.67
N LEU B 30 12.99 -59.42 8.88
CA LEU B 30 12.13 -59.64 10.04
C LEU B 30 11.35 -58.38 10.41
N PHE B 31 10.06 -58.55 10.68
CA PHE B 31 9.16 -57.44 11.01
C PHE B 31 8.41 -57.76 12.29
N ARG B 32 8.59 -56.89 13.28
CA ARG B 32 8.14 -57.20 14.63
C ARG B 32 7.09 -56.22 15.10
N ALA B 33 6.06 -56.72 15.76
CA ALA B 33 5.06 -55.84 16.35
C ALA B 33 4.53 -56.45 17.65
N ALA B 34 4.03 -55.60 18.53
CA ALA B 34 3.46 -56.04 19.79
C ALA B 34 2.13 -55.35 20.06
N VAL B 35 1.34 -55.96 20.94
CA VAL B 35 -0.06 -55.59 21.17
C VAL B 35 -0.24 -54.84 22.50
N PRO B 36 -0.95 -53.70 22.47
CA PRO B 36 -1.21 -53.00 23.75
C PRO B 36 -2.39 -53.61 24.54
N SER B 37 -2.65 -53.13 25.75
CA SER B 37 -3.76 -53.64 26.54
C SER B 37 -4.35 -52.54 27.42
N GLY B 38 -5.67 -52.37 27.35
CA GLY B 38 -6.37 -51.35 28.11
C GLY B 38 -6.58 -51.61 29.59
N ALA B 39 -6.74 -50.53 30.34
CA ALA B 39 -7.00 -50.62 31.78
C ALA B 39 -8.49 -50.35 32.09
N SER B 40 -9.10 -49.42 31.36
CA SER B 40 -10.54 -49.17 31.51
C SER B 40 -11.20 -49.43 30.17
N THR B 41 -11.43 -50.71 29.88
CA THR B 41 -11.90 -51.14 28.58
C THR B 41 -13.41 -51.04 28.44
N GLY B 42 -13.88 -50.63 27.27
CA GLY B 42 -15.30 -50.54 27.02
C GLY B 42 -15.87 -51.94 26.89
N ILE B 43 -17.12 -52.14 27.33
CA ILE B 43 -17.77 -53.46 27.24
C ILE B 43 -17.96 -53.93 25.81
N TYR B 44 -17.90 -53.02 24.84
CA TYR B 44 -18.07 -53.45 23.45
C TYR B 44 -16.75 -53.68 22.67
N GLU B 45 -15.60 -53.63 23.35
CA GLU B 45 -14.31 -53.91 22.70
C GLU B 45 -14.19 -55.38 22.28
N ALA B 46 -13.43 -55.63 21.21
CA ALA B 46 -13.11 -56.99 20.80
C ALA B 46 -12.38 -57.69 21.94
N LEU B 47 -12.45 -59.01 21.99
CA LEU B 47 -11.98 -59.72 23.17
C LEU B 47 -10.47 -59.83 23.26
N GLU B 48 -9.95 -59.44 24.41
CA GLU B 48 -8.56 -59.67 24.74
C GLU B 48 -8.46 -61.02 25.43
N LEU B 49 -7.81 -61.98 24.79
CA LEU B 49 -7.76 -63.34 25.33
C LEU B 49 -6.62 -63.54 26.34
N ARG B 50 -6.99 -63.79 27.59
CA ARG B 50 -6.04 -64.11 28.66
C ARG B 50 -6.15 -65.60 29.04
N ASP B 51 -5.10 -66.15 29.62
CA ASP B 51 -5.07 -67.57 29.97
C ASP B 51 -5.94 -67.90 31.18
N GLY B 52 -5.96 -67.02 32.17
CA GLY B 52 -6.75 -67.24 33.37
C GLY B 52 -6.13 -68.22 34.36
N ASP B 53 -4.88 -68.64 34.13
CA ASP B 53 -4.21 -69.50 35.09
C ASP B 53 -3.75 -68.64 36.27
N LYS B 54 -4.46 -68.77 37.38
CA LYS B 54 -4.27 -67.91 38.55
C LYS B 54 -2.90 -68.04 39.20
N GLN B 55 -2.22 -69.14 38.93
CA GLN B 55 -0.90 -69.37 39.51
C GLN B 55 0.20 -68.68 38.70
N ARG B 56 -0.12 -68.33 37.46
CA ARG B 56 0.89 -67.82 36.55
C ARG B 56 0.56 -66.40 36.08
N TYR B 57 1.40 -65.45 36.48
CA TYR B 57 1.19 -64.04 36.17
C TYR B 57 -0.19 -63.57 36.64
N LEU B 58 -0.65 -64.13 37.76
CA LEU B 58 -1.92 -63.72 38.35
C LEU B 58 -3.08 -63.79 37.36
N GLY B 59 -3.04 -64.77 36.47
CA GLY B 59 -4.09 -65.00 35.50
C GLY B 59 -3.92 -64.31 34.17
N LYS B 60 -2.88 -63.50 34.01
CA LYS B 60 -2.81 -62.61 32.85
C LYS B 60 -1.86 -63.07 31.75
N GLY B 61 -1.45 -64.34 31.80
CA GLY B 61 -0.67 -64.95 30.73
C GLY B 61 -1.38 -64.87 29.38
N VAL B 62 -0.61 -64.89 28.29
CA VAL B 62 -1.22 -64.87 26.96
C VAL B 62 -0.71 -66.03 26.10
N LEU B 63 -0.34 -67.14 26.76
CA LEU B 63 0.14 -68.33 26.04
C LEU B 63 -0.91 -68.91 25.07
N LYS B 64 -2.18 -68.79 25.41
CA LYS B 64 -3.24 -69.30 24.53
C LYS B 64 -3.32 -68.49 23.25
N ALA B 65 -3.29 -67.16 23.37
CA ALA B 65 -3.28 -66.30 22.19
C ALA B 65 -2.02 -66.54 21.36
N VAL B 66 -0.88 -66.71 22.03
CA VAL B 66 0.38 -67.00 21.32
C VAL B 66 0.27 -68.34 20.56
N ASP B 67 -0.32 -69.35 21.18
CA ASP B 67 -0.47 -70.64 20.52
C ASP B 67 -1.41 -70.58 19.30
N HIS B 68 -2.47 -69.77 19.38
CA HIS B 68 -3.36 -69.59 18.25
C HIS B 68 -2.65 -69.05 17.03
N ILE B 69 -1.69 -68.15 17.28
CA ILE B 69 -0.90 -67.62 16.21
C ILE B 69 0.03 -68.70 15.65
N ASN B 70 0.79 -69.33 16.54
CA ASN B 70 1.86 -70.22 16.11
C ASN B 70 1.32 -71.52 15.47
N SER B 71 0.25 -72.07 16.05
CA SER B 71 -0.36 -73.33 15.59
C SER B 71 -1.40 -73.22 14.47
N THR B 72 -2.12 -72.10 14.40
CA THR B 72 -3.31 -72.02 13.55
C THR B 72 -3.23 -70.89 12.55
N ILE B 73 -3.06 -69.66 13.04
CA ILE B 73 -3.04 -68.51 12.14
C ILE B 73 -1.82 -68.55 11.22
N ALA B 74 -0.64 -68.84 11.76
CA ALA B 74 0.57 -68.81 10.94
C ALA B 74 0.55 -69.79 9.74
N PRO B 75 0.29 -71.09 9.97
CA PRO B 75 0.36 -71.94 8.77
C PRO B 75 -0.72 -71.61 7.72
N ALA B 76 -1.90 -71.20 8.16
CA ALA B 76 -2.96 -70.80 7.25
C ALA B 76 -2.54 -69.64 6.35
N LEU B 77 -1.98 -68.57 6.94
CA LEU B 77 -1.63 -67.41 6.13
C LEU B 77 -0.43 -67.70 5.22
N ILE B 78 0.47 -68.54 5.70
CA ILE B 78 1.62 -68.90 4.88
C ILE B 78 1.17 -69.72 3.67
N SER B 79 0.32 -70.71 3.94
CA SER B 79 -0.16 -71.61 2.89
C SER B 79 -1.05 -70.89 1.88
N SER B 80 -1.60 -69.74 2.27
CA SER B 80 -2.44 -68.95 1.37
C SER B 80 -1.61 -68.37 0.24
N GLY B 81 -0.34 -68.12 0.50
CA GLY B 81 0.55 -67.56 -0.51
C GLY B 81 0.34 -66.08 -0.75
N LEU B 82 -0.61 -65.49 -0.02
CA LEU B 82 -0.90 -64.05 -0.15
C LEU B 82 0.32 -63.15 0.13
N SER B 83 0.49 -62.12 -0.68
CA SER B 83 1.55 -61.15 -0.47
C SER B 83 1.22 -60.25 0.72
N VAL B 84 2.25 -59.86 1.47
CA VAL B 84 2.07 -59.01 2.65
C VAL B 84 1.54 -57.62 2.30
N VAL B 85 1.55 -57.26 1.02
CA VAL B 85 0.99 -55.98 0.62
C VAL B 85 -0.52 -56.04 0.65
N GLU B 86 -1.07 -57.25 0.68
CA GLU B 86 -2.52 -57.43 0.66
C GLU B 86 -3.11 -57.42 2.07
N GLN B 87 -3.03 -56.27 2.73
CA GLN B 87 -3.50 -56.13 4.11
C GLN B 87 -4.93 -56.63 4.29
N GLU B 88 -5.81 -56.18 3.40
CA GLU B 88 -7.23 -56.49 3.56
C GLU B 88 -7.49 -58.00 3.43
N LYS B 89 -6.95 -58.61 2.39
CA LYS B 89 -7.13 -60.03 2.16
C LYS B 89 -6.58 -60.88 3.31
N LEU B 90 -5.43 -60.49 3.84
CA LEU B 90 -4.82 -61.23 4.93
C LEU B 90 -5.62 -61.02 6.21
N ASP B 91 -6.02 -59.78 6.48
CA ASP B 91 -6.86 -59.50 7.63
C ASP B 91 -8.18 -60.27 7.55
N ASN B 92 -8.78 -60.27 6.36
CA ASN B 92 -10.09 -60.90 6.19
C ASN B 92 -9.98 -62.41 6.38
N LEU B 93 -8.89 -62.98 5.91
CA LEU B 93 -8.63 -64.40 6.08
C LEU B 93 -8.59 -64.76 7.57
N MET B 94 -7.98 -63.90 8.39
CA MET B 94 -7.91 -64.15 9.83
C MET B 94 -9.28 -64.00 10.51
N LEU B 95 -10.08 -63.06 10.03
CA LEU B 95 -11.42 -62.89 10.56
C LEU B 95 -12.26 -64.13 10.26
N GLU B 96 -12.14 -64.65 9.04
CA GLU B 96 -12.86 -65.85 8.61
C GLU B 96 -12.50 -67.06 9.45
N LEU B 97 -11.20 -67.26 9.67
CA LEU B 97 -10.68 -68.35 10.51
C LEU B 97 -11.21 -68.28 11.94
N ASP B 98 -11.21 -67.09 12.52
CA ASP B 98 -11.74 -66.90 13.87
C ASP B 98 -13.26 -67.12 13.88
N GLY B 99 -13.94 -66.61 12.87
CA GLY B 99 -15.36 -66.86 12.67
C GLY B 99 -16.33 -66.23 13.66
N THR B 100 -15.83 -65.44 14.61
CA THR B 100 -16.72 -64.81 15.59
C THR B 100 -16.74 -63.29 15.47
N GLU B 101 -17.83 -62.70 15.95
CA GLU B 101 -18.05 -61.27 15.83
C GLU B 101 -16.99 -60.46 16.58
N ASN B 102 -16.72 -60.82 17.83
CA ASN B 102 -15.80 -60.06 18.66
C ASN B 102 -14.43 -60.70 18.81
N LYS B 103 -14.04 -61.50 17.82
CA LYS B 103 -12.75 -62.21 17.80
C LYS B 103 -12.49 -62.99 19.07
N SER B 104 -13.52 -63.67 19.58
CA SER B 104 -13.40 -64.40 20.85
C SER B 104 -12.84 -65.82 20.74
N LYS B 105 -12.63 -66.32 19.52
CA LYS B 105 -11.96 -67.62 19.39
C LYS B 105 -10.44 -67.50 19.59
N PHE B 106 -9.78 -66.70 18.74
CA PHE B 106 -8.33 -66.56 18.84
C PHE B 106 -7.93 -65.44 19.80
N GLY B 107 -8.82 -64.46 19.97
CA GLY B 107 -8.53 -63.29 20.76
C GLY B 107 -8.15 -62.16 19.82
N ALA B 108 -8.64 -60.95 20.12
CA ALA B 108 -8.27 -59.79 19.31
C ALA B 108 -6.77 -59.53 19.40
N ASN B 109 -6.15 -59.90 20.52
CA ASN B 109 -4.70 -59.71 20.64
C ASN B 109 -3.91 -60.66 19.74
N ALA B 110 -4.39 -61.88 19.53
CA ALA B 110 -3.72 -62.78 18.60
C ALA B 110 -3.77 -62.21 17.19
N ILE B 111 -4.98 -61.86 16.76
CA ILE B 111 -5.20 -61.40 15.40
C ILE B 111 -4.49 -60.06 15.10
N LEU B 112 -4.55 -59.12 16.03
CA LEU B 112 -3.90 -57.83 15.83
C LEU B 112 -2.38 -57.96 15.74
N GLY B 113 -1.81 -58.86 16.55
CA GLY B 113 -0.37 -59.07 16.54
C GLY B 113 0.14 -59.38 15.14
N VAL B 114 -0.54 -60.28 14.45
CA VAL B 114 -0.19 -60.62 13.09
C VAL B 114 -0.51 -59.47 12.13
N SER B 115 -1.65 -58.82 12.33
CA SER B 115 -2.12 -57.76 11.44
C SER B 115 -1.11 -56.61 11.39
N LEU B 116 -0.56 -56.28 12.55
CA LEU B 116 0.44 -55.22 12.64
C LEU B 116 1.75 -55.60 11.92
N ALA B 117 2.20 -56.83 12.15
CA ALA B 117 3.46 -57.29 11.59
C ALA B 117 3.38 -57.39 10.06
N VAL B 118 2.24 -57.85 9.58
CA VAL B 118 1.96 -57.90 8.15
C VAL B 118 2.08 -56.51 7.53
N CYS B 119 1.49 -55.52 8.20
CA CYS B 119 1.52 -54.15 7.70
C CYS B 119 2.97 -53.64 7.56
N LYS B 120 3.82 -53.90 8.56
CA LYS B 120 5.22 -53.48 8.51
C LYS B 120 5.95 -54.19 7.36
N ALA B 121 5.71 -55.49 7.21
CA ALA B 121 6.31 -56.29 6.13
C ALA B 121 5.85 -55.80 4.76
N GLY B 122 4.58 -55.39 4.69
CA GLY B 122 4.01 -54.85 3.46
C GLY B 122 4.65 -53.54 3.03
N ALA B 123 4.91 -52.67 4.00
CA ALA B 123 5.65 -51.44 3.71
C ALA B 123 7.00 -51.75 3.08
N ALA B 124 7.74 -52.70 3.65
CA ALA B 124 9.05 -53.06 3.12
C ALA B 124 8.93 -53.60 1.70
N GLU B 125 7.90 -54.39 1.44
CA GLU B 125 7.67 -54.98 0.13
C GLU B 125 7.42 -53.87 -0.89
N ARG B 126 6.64 -52.88 -0.49
CA ARG B 126 6.38 -51.69 -1.30
C ARG B 126 7.58 -50.73 -1.33
N GLU B 127 8.60 -51.01 -0.52
CA GLU B 127 9.76 -50.13 -0.34
C GLU B 127 9.33 -48.71 0.08
N LEU B 128 8.40 -48.66 1.03
CA LEU B 128 7.91 -47.41 1.58
C LEU B 128 8.13 -47.37 3.09
N PRO B 129 8.35 -46.17 3.64
CA PRO B 129 8.23 -46.05 5.10
C PRO B 129 6.81 -46.43 5.54
N LEU B 130 6.68 -46.99 6.74
CA LEU B 130 5.39 -47.50 7.21
C LEU B 130 4.27 -46.48 7.12
N TYR B 131 4.54 -45.22 7.45
CA TYR B 131 3.48 -44.22 7.39
C TYR B 131 3.01 -43.98 5.97
N ARG B 132 3.88 -44.20 4.98
CA ARG B 132 3.48 -44.00 3.59
C ARG B 132 2.64 -45.18 3.11
N HIS B 133 3.03 -46.40 3.50
CA HIS B 133 2.25 -47.59 3.18
C HIS B 133 0.84 -47.48 3.78
N ILE B 134 0.76 -47.05 5.04
CA ILE B 134 -0.54 -46.83 5.69
C ILE B 134 -1.37 -45.80 4.94
N ALA B 135 -0.71 -44.72 4.50
CA ALA B 135 -1.37 -43.69 3.69
C ALA B 135 -1.96 -44.27 2.40
N GLN B 136 -1.21 -45.13 1.71
CA GLN B 136 -1.75 -45.76 0.50
C GLN B 136 -2.91 -46.69 0.80
N LEU B 137 -2.81 -47.46 1.89
CA LEU B 137 -3.87 -48.36 2.29
C LEU B 137 -5.17 -47.59 2.57
N ALA B 138 -5.02 -46.39 3.12
CA ALA B 138 -6.16 -45.58 3.52
C ALA B 138 -6.63 -44.66 2.40
N GLY B 139 -5.89 -44.65 1.30
CA GLY B 139 -6.21 -43.80 0.18
C GLY B 139 -5.91 -42.34 0.43
N ASN B 140 -4.86 -42.07 1.20
CA ASN B 140 -4.40 -40.70 1.44
C ASN B 140 -3.19 -40.34 0.58
N SER B 141 -3.02 -39.05 0.31
CA SER B 141 -1.88 -38.56 -0.44
C SER B 141 -1.12 -37.53 0.37
N ASP B 142 -1.83 -36.92 1.32
CA ASP B 142 -1.24 -35.92 2.20
C ASP B 142 -0.75 -36.62 3.46
N LEU B 143 0.03 -35.91 4.25
CA LEU B 143 0.52 -36.41 5.53
C LEU B 143 0.57 -35.22 6.46
N ILE B 144 0.32 -35.45 7.74
CA ILE B 144 0.36 -34.37 8.68
C ILE B 144 0.87 -34.87 10.02
N LEU B 145 1.67 -34.03 10.68
CA LEU B 145 2.12 -34.31 12.02
C LEU B 145 1.01 -33.89 12.99
N PRO B 146 0.70 -34.75 13.96
CA PRO B 146 -0.43 -34.50 14.88
C PRO B 146 -0.08 -33.56 16.02
N VAL B 147 -1.09 -32.92 16.61
CA VAL B 147 -0.90 -32.28 17.90
C VAL B 147 -0.90 -33.38 18.97
N PRO B 148 0.18 -33.48 19.78
CA PRO B 148 0.18 -34.46 20.87
C PRO B 148 -0.72 -34.03 22.03
N ALA B 149 -1.42 -34.98 22.65
CA ALA B 149 -2.18 -34.69 23.86
C ALA B 149 -1.55 -35.47 25.02
N PHE B 150 -0.97 -34.74 25.98
CA PHE B 150 -0.23 -35.33 27.10
C PHE B 150 -1.06 -35.44 28.40
N ASN B 151 -1.28 -36.65 28.89
CA ASN B 151 -1.99 -36.90 30.14
C ASN B 151 -1.11 -36.57 31.36
N VAL B 152 -1.28 -35.39 31.96
CA VAL B 152 -0.40 -34.94 33.05
C VAL B 152 -0.98 -35.04 34.47
N ILE B 153 -2.31 -35.00 34.61
CA ILE B 153 -2.97 -35.24 35.89
C ILE B 153 -3.99 -36.37 35.73
N ASN B 154 -3.97 -37.35 36.63
CA ASN B 154 -4.83 -38.52 36.54
C ASN B 154 -5.73 -38.70 37.74
N GLY B 155 -6.94 -39.17 37.47
CA GLY B 155 -7.80 -39.73 38.49
C GLY B 155 -8.41 -41.00 37.92
N GLY B 156 -9.67 -41.26 38.27
CA GLY B 156 -10.35 -42.43 37.76
C GLY B 156 -9.98 -43.74 38.43
N SER B 157 -10.42 -44.83 37.82
CA SER B 157 -10.47 -46.12 38.50
C SER B 157 -9.09 -46.75 38.75
N HIS B 158 -8.04 -46.23 38.11
CA HIS B 158 -6.71 -46.78 38.31
C HIS B 158 -5.74 -45.77 38.92
N ALA B 159 -6.27 -44.78 39.64
CA ALA B 159 -5.44 -43.85 40.40
C ALA B 159 -5.83 -43.87 41.87
N GLY B 160 -4.85 -43.68 42.74
CA GLY B 160 -5.04 -43.84 44.17
C GLY B 160 -5.58 -42.62 44.89
N ASN B 161 -6.06 -41.64 44.13
CA ASN B 161 -6.69 -40.48 44.73
C ASN B 161 -8.20 -40.63 44.68
N LYS B 162 -8.94 -39.62 45.12
CA LYS B 162 -10.40 -39.68 45.08
C LYS B 162 -10.96 -39.09 43.78
N LEU B 163 -10.10 -38.34 43.08
CA LEU B 163 -10.44 -37.70 41.81
C LEU B 163 -11.12 -38.67 40.82
N ALA B 164 -12.32 -38.33 40.38
CA ALA B 164 -13.15 -39.25 39.58
C ALA B 164 -12.79 -39.30 38.10
N MET B 165 -12.57 -38.13 37.50
CA MET B 165 -12.34 -38.08 36.06
C MET B 165 -10.91 -38.55 35.77
N GLN B 166 -10.75 -39.26 34.67
CA GLN B 166 -9.57 -40.10 34.46
C GLN B 166 -8.30 -39.37 34.04
N GLU B 167 -8.42 -38.48 33.06
CA GLU B 167 -7.26 -37.85 32.44
C GLU B 167 -7.49 -36.37 32.19
N PHE B 168 -6.48 -35.58 32.54
CA PHE B 168 -6.43 -34.17 32.22
C PHE B 168 -5.17 -33.94 31.35
N MET B 169 -5.37 -33.43 30.14
CA MET B 169 -4.33 -33.41 29.11
C MET B 169 -3.95 -32.01 28.66
N ILE B 170 -2.71 -31.85 28.21
CA ILE B 170 -2.32 -30.59 27.59
C ILE B 170 -2.02 -30.82 26.13
N LEU B 171 -2.47 -29.89 25.30
CA LEU B 171 -2.32 -29.97 23.86
C LEU B 171 -1.66 -28.69 23.37
N PRO B 172 -0.38 -28.78 22.94
CA PRO B 172 0.32 -27.58 22.41
C PRO B 172 -0.12 -27.24 21.00
N VAL B 173 -1.36 -26.78 20.85
CA VAL B 173 -1.88 -26.41 19.55
C VAL B 173 -1.11 -25.25 18.93
N GLY B 174 -0.51 -24.41 19.76
CA GLY B 174 0.18 -23.23 19.28
C GLY B 174 1.67 -23.43 19.00
N ALA B 175 2.13 -24.69 19.04
CA ALA B 175 3.55 -24.99 18.76
C ALA B 175 3.90 -24.75 17.29
N GLU B 176 5.19 -24.57 16.99
CA GLU B 176 5.60 -24.25 15.62
C GLU B 176 5.78 -25.50 14.76
N SER B 177 5.93 -26.64 15.43
CA SER B 177 6.24 -27.90 14.76
C SER B 177 5.98 -29.01 15.75
N PHE B 178 6.11 -30.26 15.30
CA PHE B 178 5.92 -31.34 16.26
C PHE B 178 7.05 -31.35 17.28
N ARG B 179 8.27 -31.18 16.81
CA ARG B 179 9.44 -31.20 17.70
C ARG B 179 9.33 -30.07 18.75
N ASP B 180 8.74 -28.96 18.35
CA ASP B 180 8.47 -27.84 19.25
C ASP B 180 7.37 -28.20 20.25
N ALA B 181 6.36 -28.94 19.78
CA ALA B 181 5.27 -29.39 20.64
C ALA B 181 5.81 -30.26 21.78
N MET B 182 6.83 -31.07 21.50
CA MET B 182 7.45 -31.91 22.53
C MET B 182 8.15 -31.08 23.60
N ARG B 183 8.90 -30.05 23.18
CA ARG B 183 9.48 -29.13 24.13
C ARG B 183 8.42 -28.44 25.01
N LEU B 184 7.36 -27.93 24.39
CA LEU B 184 6.27 -27.29 25.13
C LEU B 184 5.65 -28.23 26.16
N GLY B 185 5.36 -29.46 25.75
CA GLY B 185 4.80 -30.45 26.66
C GLY B 185 5.71 -30.83 27.82
N ALA B 186 6.96 -31.16 27.50
CA ALA B 186 7.94 -31.51 28.54
C ALA B 186 8.16 -30.38 29.56
N GLU B 187 8.27 -29.16 29.07
CA GLU B 187 8.50 -28.03 29.98
C GLU B 187 7.31 -27.80 30.92
N VAL B 188 6.10 -27.91 30.39
CA VAL B 188 4.93 -27.79 31.25
C VAL B 188 4.84 -28.95 32.23
N TYR B 189 5.24 -30.14 31.76
CA TYR B 189 5.24 -31.33 32.60
C TYR B 189 6.21 -31.16 33.78
N HIS B 190 7.43 -30.72 33.49
CA HIS B 190 8.40 -30.50 34.55
C HIS B 190 7.94 -29.36 35.48
N THR B 191 7.36 -28.31 34.92
CA THR B 191 6.82 -27.20 35.74
C THR B 191 5.71 -27.68 36.68
N LEU B 192 4.78 -28.45 36.13
CA LEU B 192 3.72 -29.07 36.93
C LEU B 192 4.27 -29.88 38.09
N LYS B 193 5.33 -30.65 37.86
CA LYS B 193 5.93 -31.45 38.93
C LYS B 193 6.33 -30.56 40.12
N GLY B 194 6.90 -29.40 39.81
CA GLY B 194 7.23 -28.42 40.83
C GLY B 194 6.01 -27.82 41.52
N VAL B 195 4.95 -27.57 40.77
CA VAL B 195 3.74 -26.99 41.34
C VAL B 195 3.13 -27.96 42.35
N ILE B 196 3.05 -29.23 41.97
CA ILE B 196 2.52 -30.28 42.85
C ILE B 196 3.37 -30.50 44.11
N LYS B 197 4.69 -30.57 43.93
CA LYS B 197 5.61 -30.72 45.05
C LYS B 197 5.44 -29.59 46.08
N ASP B 198 5.26 -28.37 45.61
CA ASP B 198 5.08 -27.22 46.48
C ASP B 198 3.74 -27.20 47.20
N LYS B 199 2.68 -27.66 46.53
CA LYS B 199 1.34 -27.56 47.10
C LYS B 199 0.90 -28.83 47.85
N TYR B 200 1.43 -29.99 47.45
CA TYR B 200 1.01 -31.24 48.07
C TYR B 200 2.13 -32.02 48.76
N GLY B 201 3.36 -31.55 48.65
CA GLY B 201 4.48 -32.22 49.29
C GLY B 201 5.38 -32.92 48.29
N LYS B 202 6.64 -33.15 48.66
CA LYS B 202 7.61 -33.73 47.75
C LYS B 202 7.36 -35.21 47.53
N ASP B 203 6.44 -35.81 48.29
CA ASP B 203 6.11 -37.21 48.12
C ASP B 203 4.86 -37.44 47.26
N ALA B 204 4.39 -36.37 46.62
CA ALA B 204 3.16 -36.44 45.83
C ALA B 204 3.41 -36.50 44.32
N THR B 205 4.65 -36.77 43.92
CA THR B 205 5.04 -36.62 42.52
C THR B 205 5.52 -37.92 41.86
N ASN B 206 5.22 -39.06 42.45
CA ASN B 206 5.41 -40.35 41.78
C ASN B 206 4.39 -40.45 40.64
N VAL B 207 4.71 -41.21 39.60
CA VAL B 207 3.86 -41.19 38.41
C VAL B 207 2.94 -42.42 38.26
N GLY B 208 1.85 -42.24 37.53
CA GLY B 208 0.94 -43.33 37.24
C GLY B 208 1.36 -44.14 36.01
N ASP B 209 0.48 -45.03 35.59
CA ASP B 209 0.71 -45.94 34.46
C ASP B 209 1.10 -45.26 33.16
N GLU B 210 0.59 -44.05 32.92
CA GLU B 210 0.92 -43.32 31.70
C GLU B 210 1.86 -42.13 31.94
N GLY B 211 2.47 -42.04 33.11
CA GLY B 211 3.48 -41.02 33.36
C GLY B 211 2.99 -39.71 33.96
N GLY B 212 1.69 -39.60 34.20
CA GLY B 212 1.12 -38.43 34.83
C GLY B 212 1.09 -38.50 36.34
N PHE B 213 0.82 -37.36 36.99
CA PHE B 213 0.78 -37.29 38.45
C PHE B 213 -0.63 -37.52 39.00
N ALA B 214 -0.71 -38.08 40.20
CA ALA B 214 -2.00 -38.31 40.86
C ALA B 214 -2.03 -37.65 42.24
N PRO B 215 -2.13 -36.32 42.28
CA PRO B 215 -2.20 -35.67 43.59
C PRO B 215 -3.50 -36.02 44.33
N ASN B 216 -3.48 -36.02 45.66
CA ASN B 216 -4.66 -36.43 46.41
C ASN B 216 -5.70 -35.32 46.48
N ILE B 217 -6.50 -35.22 45.43
CA ILE B 217 -7.56 -34.23 45.35
C ILE B 217 -8.87 -34.90 44.96
N LEU B 218 -9.99 -34.25 45.26
CA LEU B 218 -11.31 -34.78 44.94
C LEU B 218 -11.97 -33.98 43.83
N GLU B 219 -11.90 -32.65 43.93
CA GLU B 219 -12.59 -31.80 42.98
C GLU B 219 -11.90 -31.79 41.62
N ASN B 220 -12.67 -32.00 40.57
CA ASN B 220 -12.11 -32.04 39.24
C ASN B 220 -11.70 -30.64 38.76
N SER B 221 -12.37 -29.62 39.27
CA SER B 221 -11.99 -28.25 38.94
C SER B 221 -10.57 -27.92 39.46
N GLU B 222 -10.17 -28.55 40.56
CA GLU B 222 -8.84 -28.31 41.14
C GLU B 222 -7.74 -28.90 40.25
N ALA B 223 -8.02 -30.05 39.65
CA ALA B 223 -7.15 -30.64 38.65
C ALA B 223 -6.97 -29.66 37.49
N LEU B 224 -8.06 -29.06 37.04
CA LEU B 224 -7.98 -28.10 35.95
C LEU B 224 -7.19 -26.86 36.40
N GLU B 225 -7.30 -26.51 37.68
CA GLU B 225 -6.55 -25.39 38.26
C GLU B 225 -5.04 -25.64 38.22
N LEU B 226 -4.65 -26.81 38.69
CA LEU B 226 -3.25 -27.22 38.62
C LEU B 226 -2.68 -27.16 37.21
N VAL B 227 -3.43 -27.66 36.23
CA VAL B 227 -2.92 -27.72 34.86
C VAL B 227 -2.76 -26.32 34.29
N LYS B 228 -3.76 -25.48 34.51
CA LYS B 228 -3.73 -24.08 34.07
C LYS B 228 -2.55 -23.35 34.69
N GLU B 229 -2.34 -23.56 35.98
CA GLU B 229 -1.27 -22.90 36.69
C GLU B 229 0.09 -23.29 36.11
N ALA B 230 0.27 -24.58 35.82
CA ALA B 230 1.53 -25.07 35.22
C ALA B 230 1.76 -24.49 33.82
N ILE B 231 0.71 -24.45 32.99
CA ILE B 231 0.79 -23.84 31.67
C ILE B 231 1.22 -22.38 31.76
N ASP B 232 0.58 -21.65 32.68
CA ASP B 232 0.87 -20.22 32.84
C ASP B 232 2.28 -20.02 33.43
N LYS B 233 2.66 -20.79 34.45
CA LYS B 233 4.01 -20.73 35.01
C LYS B 233 5.10 -20.99 33.96
N ALA B 234 4.91 -22.01 33.13
CA ALA B 234 5.85 -22.32 32.06
C ALA B 234 5.86 -21.24 30.97
N GLY B 235 4.88 -20.34 31.00
CA GLY B 235 4.81 -19.23 30.05
C GLY B 235 4.17 -19.52 28.71
N TYR B 236 3.30 -20.53 28.63
CA TYR B 236 2.71 -20.88 27.34
C TYR B 236 1.19 -20.75 27.26
N THR B 237 0.62 -19.84 28.05
CA THR B 237 -0.84 -19.65 28.09
C THR B 237 -1.46 -19.53 26.71
N GLU B 238 -0.81 -18.82 25.79
CA GLU B 238 -1.47 -18.65 24.51
C GLU B 238 -1.25 -19.80 23.51
N LYS B 239 -0.56 -20.86 23.94
CA LYS B 239 -0.16 -21.89 22.99
C LYS B 239 -0.54 -23.31 23.38
N ILE B 240 -1.02 -23.49 24.60
CA ILE B 240 -1.35 -24.81 25.13
C ILE B 240 -2.77 -24.81 25.68
N VAL B 241 -3.58 -25.77 25.25
CA VAL B 241 -4.95 -25.89 25.75
C VAL B 241 -5.18 -27.26 26.40
N ILE B 242 -6.36 -27.46 26.96
CA ILE B 242 -6.62 -28.62 27.82
C ILE B 242 -7.63 -29.59 27.20
N GLY B 243 -7.36 -30.89 27.38
CA GLY B 243 -8.29 -31.92 26.96
C GLY B 243 -8.59 -32.79 28.15
N MET B 244 -9.75 -33.45 28.13
CA MET B 244 -10.16 -34.30 29.24
C MET B 244 -10.57 -35.67 28.72
N ASP B 245 -10.19 -36.72 29.44
CA ASP B 245 -10.82 -38.01 29.26
C ASP B 245 -11.54 -38.31 30.56
N VAL B 246 -12.86 -38.11 30.57
CA VAL B 246 -13.63 -38.36 31.77
C VAL B 246 -13.70 -39.86 32.08
N ALA B 247 -13.86 -40.69 31.05
CA ALA B 247 -14.12 -42.12 31.20
C ALA B 247 -15.32 -42.35 32.14
N ALA B 248 -16.45 -41.71 31.82
CA ALA B 248 -17.62 -41.72 32.66
C ALA B 248 -18.24 -43.12 32.88
N SER B 249 -17.99 -44.05 31.96
CA SER B 249 -18.52 -45.42 32.11
C SER B 249 -17.98 -46.06 33.40
N GLU B 250 -16.85 -45.57 33.87
CA GLU B 250 -16.24 -46.08 35.09
C GLU B 250 -16.94 -45.60 36.37
N PHE B 251 -17.70 -44.52 36.31
CA PHE B 251 -18.44 -44.09 37.51
C PHE B 251 -19.95 -43.91 37.29
N TYR B 252 -20.45 -44.50 36.20
CA TYR B 252 -21.88 -44.66 35.98
C TYR B 252 -22.45 -45.65 37.00
N ARG B 253 -23.54 -45.26 37.66
CA ARG B 253 -24.22 -46.11 38.65
C ARG B 253 -25.73 -45.95 38.55
N ASP B 254 -26.43 -46.98 38.09
CA ASP B 254 -27.90 -47.03 38.11
C ASP B 254 -28.56 -45.88 37.39
N GLY B 255 -28.10 -45.52 36.21
CA GLY B 255 -28.67 -44.41 35.47
C GLY B 255 -28.16 -43.04 35.92
N LYS B 256 -27.30 -43.01 36.93
CA LYS B 256 -26.70 -41.76 37.41
C LYS B 256 -25.17 -41.86 37.45
N TYR B 257 -24.51 -40.79 37.89
CA TYR B 257 -23.03 -40.73 37.92
C TYR B 257 -22.49 -40.38 39.32
N ASP B 258 -21.43 -41.08 39.72
CA ASP B 258 -20.87 -40.93 41.06
C ASP B 258 -19.48 -40.27 41.01
N LEU B 259 -19.43 -38.96 41.23
CA LEU B 259 -18.13 -38.25 41.18
C LEU B 259 -17.25 -38.48 42.39
N ASP B 260 -17.69 -39.33 43.32
CA ASP B 260 -16.83 -39.75 44.43
C ASP B 260 -16.87 -41.26 44.58
N PHE B 261 -16.77 -41.97 43.45
CA PHE B 261 -16.99 -43.40 43.45
C PHE B 261 -15.90 -44.24 44.12
N LYS B 262 -14.81 -43.60 44.53
CA LYS B 262 -13.75 -44.33 45.21
C LYS B 262 -13.84 -44.16 46.73
N SER B 263 -14.87 -43.45 47.18
CA SER B 263 -15.23 -43.38 48.60
C SER B 263 -16.37 -44.39 48.86
N PRO B 264 -16.50 -44.87 50.11
CA PRO B 264 -17.52 -45.87 50.44
C PRO B 264 -18.91 -45.52 49.88
N THR B 265 -19.54 -46.49 49.23
CA THR B 265 -20.71 -46.24 48.38
C THR B 265 -21.84 -45.49 49.08
N ASP B 266 -22.31 -44.44 48.44
CA ASP B 266 -23.37 -43.60 48.99
C ASP B 266 -24.18 -43.00 47.83
N PRO B 267 -25.34 -43.61 47.51
CA PRO B 267 -26.22 -43.21 46.40
C PRO B 267 -26.82 -41.80 46.50
N SER B 268 -26.81 -41.20 47.69
CA SER B 268 -27.30 -39.82 47.81
C SER B 268 -26.36 -38.86 47.09
N ARG B 269 -25.12 -39.31 46.90
CA ARG B 269 -24.04 -38.59 46.20
C ARG B 269 -24.30 -38.38 44.71
N TYR B 270 -25.01 -39.33 44.11
CA TYR B 270 -25.10 -39.46 42.65
C TYR B 270 -25.75 -38.28 41.95
N ILE B 271 -25.24 -37.94 40.77
CA ILE B 271 -25.83 -36.87 39.97
C ILE B 271 -26.30 -37.37 38.61
N THR B 272 -27.23 -36.63 38.00
CA THR B 272 -27.74 -36.98 36.68
C THR B 272 -26.80 -36.54 35.56
N GLY B 273 -27.03 -37.06 34.35
CA GLY B 273 -26.30 -36.63 33.19
C GLY B 273 -26.48 -35.16 32.90
N ASP B 274 -27.64 -34.62 33.24
CA ASP B 274 -27.92 -33.21 33.03
C ASP B 274 -27.05 -32.35 33.94
N GLN B 275 -26.88 -32.79 35.18
CA GLN B 275 -26.04 -32.11 36.15
C GLN B 275 -24.56 -32.22 35.76
N LEU B 276 -24.17 -33.38 35.26
CA LEU B 276 -22.78 -33.59 34.86
C LEU B 276 -22.46 -32.73 33.64
N GLY B 277 -23.40 -32.67 32.69
CA GLY B 277 -23.29 -31.80 31.54
C GLY B 277 -23.22 -30.35 31.97
N ALA B 278 -23.94 -29.98 33.03
CA ALA B 278 -23.89 -28.62 33.55
C ALA B 278 -22.50 -28.33 34.12
N LEU B 279 -21.95 -29.30 34.85
CA LEU B 279 -20.58 -29.20 35.32
C LEU B 279 -19.57 -29.02 34.15
N TYR B 280 -19.66 -29.83 33.10
CA TYR B 280 -18.76 -29.66 31.94
C TYR B 280 -18.89 -28.27 31.32
N GLN B 281 -20.11 -27.74 31.30
CA GLN B 281 -20.37 -26.41 30.75
C GLN B 281 -19.57 -25.36 31.51
N ASP B 282 -19.53 -25.51 32.84
CA ASP B 282 -18.74 -24.62 33.68
C ASP B 282 -17.24 -24.71 33.38
N PHE B 283 -16.72 -25.94 33.23
CA PHE B 283 -15.31 -26.16 32.90
C PHE B 283 -14.93 -25.49 31.57
N VAL B 284 -15.82 -25.59 30.60
CA VAL B 284 -15.57 -25.08 29.27
C VAL B 284 -15.63 -23.55 29.26
N ARG B 285 -16.42 -23.00 30.17
CA ARG B 285 -16.51 -21.56 30.33
C ARG B 285 -15.27 -20.99 31.04
N ASP B 286 -14.80 -21.71 32.06
CA ASP B 286 -13.79 -21.20 33.00
C ASP B 286 -12.35 -21.62 32.69
N TYR B 287 -12.18 -22.69 31.93
CA TYR B 287 -10.84 -23.15 31.56
C TYR B 287 -10.74 -23.36 30.05
N PRO B 288 -9.51 -23.39 29.50
CA PRO B 288 -9.31 -23.60 28.06
C PRO B 288 -9.45 -25.08 27.66
N VAL B 289 -10.58 -25.67 28.02
CA VAL B 289 -10.92 -27.04 27.65
C VAL B 289 -11.49 -27.05 26.24
N VAL B 290 -10.82 -27.70 25.30
CA VAL B 290 -11.28 -27.75 23.92
C VAL B 290 -11.76 -29.13 23.47
N SER B 291 -11.67 -30.11 24.35
CA SER B 291 -11.96 -31.49 23.98
C SER B 291 -12.30 -32.29 25.24
N ILE B 292 -13.41 -33.03 25.20
CA ILE B 292 -13.82 -33.91 26.28
C ILE B 292 -14.18 -35.30 25.73
N GLU B 293 -13.53 -36.32 26.28
CA GLU B 293 -13.69 -37.69 25.82
C GLU B 293 -14.51 -38.48 26.82
N ASP B 294 -15.33 -39.40 26.32
CA ASP B 294 -16.29 -40.15 27.13
C ASP B 294 -16.94 -39.33 28.28
N PRO B 295 -17.61 -38.22 27.93
CA PRO B 295 -18.30 -37.44 28.95
C PRO B 295 -19.46 -38.21 29.63
N PHE B 296 -20.00 -39.21 28.96
CA PHE B 296 -21.09 -40.01 29.54
C PHE B 296 -20.85 -41.48 29.27
N ASP B 297 -21.66 -42.32 29.92
CA ASP B 297 -21.52 -43.77 29.81
C ASP B 297 -21.63 -44.27 28.36
N GLN B 298 -20.97 -45.39 28.08
CA GLN B 298 -20.94 -45.98 26.74
C GLN B 298 -22.34 -46.32 26.17
N ASP B 299 -23.37 -46.41 27.02
CA ASP B 299 -24.74 -46.67 26.54
C ASP B 299 -25.69 -45.49 26.70
N ASP B 300 -25.22 -44.37 27.25
CA ASP B 300 -26.10 -43.23 27.55
C ASP B 300 -26.22 -42.31 26.36
N TRP B 301 -26.70 -42.86 25.25
CA TRP B 301 -26.82 -42.15 23.99
C TRP B 301 -27.53 -40.78 24.10
N ALA B 302 -28.54 -40.70 24.96
CA ALA B 302 -29.31 -39.47 25.11
C ALA B 302 -28.45 -38.33 25.63
N ALA B 303 -27.64 -38.61 26.65
CA ALA B 303 -26.77 -37.61 27.26
C ALA B 303 -25.73 -37.09 26.28
N TRP B 304 -25.15 -38.00 25.48
CA TRP B 304 -24.16 -37.63 24.48
C TRP B 304 -24.73 -36.67 23.43
N SER B 305 -25.83 -37.09 22.81
CA SER B 305 -26.48 -36.29 21.78
C SER B 305 -26.87 -34.90 22.25
N LYS B 306 -27.36 -34.83 23.47
CA LYS B 306 -27.80 -33.59 24.08
C LYS B 306 -26.63 -32.65 24.34
N PHE B 307 -25.59 -33.17 25.00
CA PHE B 307 -24.40 -32.39 25.27
C PHE B 307 -23.79 -31.85 23.99
N THR B 308 -23.56 -32.74 23.03
CA THR B 308 -22.90 -32.41 21.78
C THR B 308 -23.62 -31.29 21.04
N ALA B 309 -24.95 -31.28 21.16
CA ALA B 309 -25.76 -30.26 20.53
C ALA B 309 -25.68 -28.92 21.27
N ASN B 310 -25.19 -28.93 22.50
CA ASN B 310 -25.15 -27.74 23.33
C ASN B 310 -23.75 -27.16 23.56
N VAL B 311 -22.73 -27.71 22.88
CA VAL B 311 -21.35 -27.18 22.99
C VAL B 311 -20.69 -27.05 21.62
N GLY B 312 -19.60 -26.28 21.56
CA GLY B 312 -18.81 -26.13 20.35
C GLY B 312 -17.48 -26.90 20.40
N ILE B 313 -17.14 -27.47 21.54
CA ILE B 313 -15.87 -28.19 21.69
C ILE B 313 -15.90 -29.57 21.05
N GLN B 314 -14.72 -30.18 20.94
CA GLN B 314 -14.60 -31.56 20.47
C GLN B 314 -15.17 -32.54 21.51
N ILE B 315 -15.94 -33.51 21.03
CA ILE B 315 -16.53 -34.54 21.90
C ILE B 315 -16.09 -35.89 21.37
N VAL B 316 -15.26 -36.59 22.14
CA VAL B 316 -14.58 -37.80 21.64
C VAL B 316 -15.22 -39.08 22.17
N GLY B 317 -15.60 -39.97 21.26
CA GLY B 317 -16.06 -41.30 21.64
C GLY B 317 -14.88 -42.23 21.78
N ASP B 318 -14.81 -42.93 22.90
CA ASP B 318 -13.79 -43.94 23.17
C ASP B 318 -14.49 -45.26 23.45
N ASP B 319 -14.91 -45.45 24.70
CA ASP B 319 -15.74 -46.61 25.07
C ASP B 319 -17.10 -46.58 24.36
N LEU B 320 -17.55 -45.39 23.92
CA LEU B 320 -18.81 -45.27 23.19
C LEU B 320 -18.72 -46.00 21.85
N THR B 321 -17.59 -45.84 21.18
CA THR B 321 -17.43 -46.21 19.77
C THR B 321 -16.55 -47.41 19.53
N VAL B 322 -15.67 -47.67 20.51
CA VAL B 322 -14.65 -48.71 20.46
C VAL B 322 -14.10 -49.05 19.04
N THR B 323 -13.75 -48.00 18.28
CA THR B 323 -13.13 -48.14 16.96
C THR B 323 -13.89 -49.14 16.09
N ASN B 324 -15.21 -49.11 16.20
CA ASN B 324 -16.08 -50.11 15.59
C ASN B 324 -17.09 -49.47 14.64
N PRO B 325 -16.95 -49.72 13.32
CA PRO B 325 -17.80 -49.09 12.29
C PRO B 325 -19.31 -49.18 12.56
N LYS B 326 -19.78 -50.25 13.19
CA LYS B 326 -21.20 -50.38 13.46
C LYS B 326 -21.65 -49.39 14.54
N ARG B 327 -20.87 -49.25 15.59
CA ARG B 327 -21.19 -48.30 16.64
C ARG B 327 -20.91 -46.86 16.21
N ILE B 328 -19.93 -46.70 15.33
CA ILE B 328 -19.67 -45.38 14.78
C ILE B 328 -20.88 -44.95 13.93
N GLU B 329 -21.43 -45.85 13.13
CA GLU B 329 -22.61 -45.53 12.30
C GLU B 329 -23.78 -45.05 13.16
N ARG B 330 -23.99 -45.71 14.30
CA ARG B 330 -25.04 -45.27 15.20
C ARG B 330 -24.74 -43.87 15.75
N ALA B 331 -23.49 -43.64 16.15
CA ALA B 331 -23.11 -42.34 16.71
C ALA B 331 -23.24 -41.24 15.67
N VAL B 332 -22.92 -41.57 14.42
CA VAL B 332 -23.08 -40.62 13.33
C VAL B 332 -24.56 -40.24 13.19
N GLU B 333 -25.40 -41.26 13.10
CA GLU B 333 -26.83 -41.07 12.94
C GLU B 333 -27.42 -40.25 14.09
N GLU B 334 -26.98 -40.52 15.30
CA GLU B 334 -27.57 -39.88 16.47
C GLU B 334 -26.80 -38.62 16.87
N LYS B 335 -25.77 -38.29 16.09
CA LYS B 335 -24.89 -37.16 16.39
C LYS B 335 -24.44 -37.16 17.84
N ALA B 336 -23.92 -38.29 18.30
CA ALA B 336 -23.53 -38.46 19.69
C ALA B 336 -22.20 -37.75 20.02
N CYS B 337 -21.34 -37.65 19.04
CA CYS B 337 -20.02 -37.08 19.25
C CYS B 337 -19.50 -36.55 17.92
N ASN B 338 -18.31 -35.96 17.92
CA ASN B 338 -17.77 -35.41 16.68
C ASN B 338 -16.30 -35.77 16.49
N CYS B 339 -15.83 -36.73 17.27
CA CYS B 339 -14.46 -37.24 17.13
C CYS B 339 -14.36 -38.69 17.55
N LEU B 340 -13.55 -39.45 16.84
CA LEU B 340 -13.34 -40.87 17.16
C LEU B 340 -11.96 -41.10 17.78
N LEU B 341 -11.89 -41.75 18.93
CA LEU B 341 -10.59 -42.17 19.46
C LEU B 341 -10.23 -43.50 18.80
N LEU B 342 -9.08 -43.55 18.13
CA LEU B 342 -8.77 -44.73 17.33
C LEU B 342 -7.79 -45.65 18.06
N LYS B 343 -8.26 -46.83 18.44
CA LYS B 343 -7.49 -47.81 19.18
C LYS B 343 -7.52 -49.14 18.43
N VAL B 344 -6.45 -49.45 17.70
CA VAL B 344 -6.45 -50.64 16.85
C VAL B 344 -6.87 -51.91 17.59
N ASN B 345 -6.56 -52.03 18.88
CA ASN B 345 -6.90 -53.27 19.57
C ASN B 345 -8.33 -53.29 20.17
N GLN B 346 -9.06 -52.19 20.03
CA GLN B 346 -10.48 -52.18 20.38
C GLN B 346 -11.30 -52.98 19.36
N ILE B 347 -10.78 -53.06 18.13
CA ILE B 347 -11.49 -53.71 17.02
C ILE B 347 -10.70 -54.93 16.51
N GLY B 348 -9.38 -54.89 16.61
CA GLY B 348 -8.58 -56.10 16.42
C GLY B 348 -7.84 -56.31 15.11
N SER B 349 -7.99 -55.42 14.14
CA SER B 349 -7.19 -55.51 12.92
C SER B 349 -6.87 -54.14 12.33
N VAL B 350 -5.78 -54.05 11.58
CA VAL B 350 -5.41 -52.81 10.91
C VAL B 350 -6.46 -52.39 9.89
N THR B 351 -6.90 -53.33 9.06
CA THR B 351 -7.95 -53.09 8.06
C THR B 351 -9.24 -52.53 8.65
N GLU B 352 -9.74 -53.12 9.74
CA GLU B 352 -10.97 -52.61 10.35
C GLU B 352 -10.77 -51.25 11.01
N ALA B 353 -9.58 -51.01 11.55
CA ALA B 353 -9.28 -49.73 12.18
C ALA B 353 -9.24 -48.61 11.14
N ILE B 354 -8.64 -48.89 9.99
CA ILE B 354 -8.59 -47.92 8.91
C ILE B 354 -10.02 -47.65 8.40
N GLN B 355 -10.82 -48.70 8.25
CA GLN B 355 -12.23 -48.53 7.93
C GLN B 355 -12.95 -47.60 8.91
N ALA B 356 -12.72 -47.84 10.20
CA ALA B 356 -13.33 -47.01 11.25
C ALA B 356 -12.94 -45.55 11.04
N CYS B 357 -11.65 -45.31 10.82
CA CYS B 357 -11.12 -43.97 10.65
C CYS B 357 -11.75 -43.28 9.45
N LYS B 358 -11.80 -43.99 8.32
CA LYS B 358 -12.34 -43.42 7.10
C LYS B 358 -13.83 -43.09 7.26
N LEU B 359 -14.55 -43.91 8.02
CA LEU B 359 -15.97 -43.68 8.24
C LEU B 359 -16.18 -42.40 9.05
N ALA B 360 -15.34 -42.20 10.07
CA ALA B 360 -15.44 -41.01 10.90
C ALA B 360 -15.16 -39.77 10.07
N GLN B 361 -14.05 -39.80 9.34
CA GLN B 361 -13.65 -38.66 8.52
C GLN B 361 -14.67 -38.29 7.44
N GLU B 362 -15.28 -39.28 6.79
CA GLU B 362 -16.28 -39.01 5.75
C GLU B 362 -17.53 -38.31 6.30
N ASN B 363 -17.79 -38.50 7.58
CA ASN B 363 -18.90 -37.85 8.26
C ASN B 363 -18.44 -36.64 9.05
N GLY B 364 -17.26 -36.12 8.71
CA GLY B 364 -16.80 -34.86 9.26
C GLY B 364 -16.28 -34.91 10.68
N TRP B 365 -15.98 -36.11 11.17
CA TRP B 365 -15.42 -36.26 12.50
C TRP B 365 -13.92 -36.03 12.54
N GLY B 366 -13.42 -35.56 13.67
CA GLY B 366 -12.00 -35.67 13.95
C GLY B 366 -11.69 -37.12 14.33
N VAL B 367 -10.41 -37.47 14.29
CA VAL B 367 -9.96 -38.78 14.74
C VAL B 367 -8.70 -38.58 15.55
N MET B 368 -8.71 -39.01 16.81
CA MET B 368 -7.48 -38.98 17.62
C MET B 368 -6.91 -40.39 17.83
N VAL B 369 -5.72 -40.65 17.31
CA VAL B 369 -5.10 -41.95 17.50
C VAL B 369 -4.68 -42.06 18.98
N SER B 370 -4.80 -43.26 19.58
CA SER B 370 -4.54 -43.38 21.01
C SER B 370 -3.72 -44.62 21.42
N HIS B 371 -2.92 -44.45 22.49
CA HIS B 371 -2.31 -45.57 23.17
C HIS B 371 -3.36 -46.32 24.02
N ARG B 372 -2.93 -47.40 24.68
CA ARG B 372 -3.70 -47.99 25.78
C ARG B 372 -2.85 -47.81 27.03
N SER B 373 -3.42 -48.10 28.19
CA SER B 373 -2.69 -47.96 29.44
C SER B 373 -1.49 -48.91 29.52
N GLY B 374 -1.68 -50.15 29.07
CA GLY B 374 -0.58 -51.10 28.94
C GLY B 374 0.01 -50.99 27.56
N GLU B 375 1.18 -50.38 27.45
CA GLU B 375 1.82 -50.20 26.16
C GLU B 375 3.12 -50.98 26.10
N THR B 376 3.78 -50.91 24.94
CA THR B 376 5.07 -51.55 24.77
C THR B 376 6.02 -50.58 24.08
N GLU B 377 7.23 -51.07 23.83
CA GLU B 377 8.24 -50.30 23.11
C GLU B 377 7.91 -50.16 21.62
N ASP B 378 6.86 -50.84 21.16
CA ASP B 378 6.34 -50.73 19.79
C ASP B 378 5.95 -49.28 19.42
N THR B 379 6.24 -48.83 18.20
CA THR B 379 5.87 -47.46 17.82
C THR B 379 4.92 -47.38 16.62
N PHE B 380 4.19 -48.46 16.34
CA PHE B 380 3.30 -48.49 15.19
C PHE B 380 2.34 -47.29 15.10
N ILE B 381 1.75 -46.86 16.22
CA ILE B 381 0.70 -45.83 16.13
C ILE B 381 1.25 -44.43 15.78
N ALA B 382 2.56 -44.24 15.92
CA ALA B 382 3.16 -42.99 15.44
C ALA B 382 3.06 -42.93 13.91
N ASP B 383 3.42 -44.02 13.25
CA ASP B 383 3.31 -44.09 11.79
C ASP B 383 1.84 -44.07 11.36
N LEU B 384 1.00 -44.77 12.13
CA LEU B 384 -0.44 -44.81 11.88
C LEU B 384 -1.09 -43.43 11.89
N VAL B 385 -0.80 -42.62 12.90
CA VAL B 385 -1.46 -41.32 12.99
C VAL B 385 -1.03 -40.39 11.84
N VAL B 386 0.21 -40.52 11.38
CA VAL B 386 0.68 -39.72 10.24
C VAL B 386 0.08 -40.24 8.93
N GLY B 387 0.11 -41.55 8.72
CA GLY B 387 -0.45 -42.15 7.51
C GLY B 387 -1.94 -41.92 7.35
N LEU B 388 -2.66 -41.88 8.46
CA LEU B 388 -4.09 -41.60 8.43
C LEU B 388 -4.42 -40.10 8.43
N CYS B 389 -3.38 -39.27 8.60
CA CYS B 389 -3.54 -37.81 8.57
CA CYS B 389 -3.54 -37.82 8.55
C CYS B 389 -4.58 -37.27 9.54
N THR B 390 -4.65 -37.82 10.74
CA THR B 390 -5.75 -37.41 11.62
C THR B 390 -5.48 -36.12 12.39
N GLY B 391 -4.21 -35.74 12.52
CA GLY B 391 -3.89 -34.48 13.17
C GLY B 391 -3.89 -34.46 14.70
N GLN B 392 -4.13 -35.61 15.33
CA GLN B 392 -4.10 -35.66 16.80
C GLN B 392 -3.79 -37.07 17.33
N ILE B 393 -2.95 -37.11 18.37
CA ILE B 393 -2.59 -38.35 19.03
C ILE B 393 -2.50 -38.11 20.52
N LYS B 394 -2.99 -39.07 21.32
CA LYS B 394 -2.66 -39.09 22.73
C LYS B 394 -1.96 -40.43 23.01
N THR B 395 -0.72 -40.35 23.48
CA THR B 395 0.01 -41.55 23.79
C THR B 395 0.89 -41.32 25.03
N GLY B 396 0.34 -40.57 25.99
CA GLY B 396 0.95 -40.46 27.31
C GLY B 396 1.52 -39.10 27.69
N ALA B 397 1.88 -38.96 28.97
CA ALA B 397 2.71 -37.86 29.44
C ALA B 397 4.08 -38.00 28.79
N PRO B 398 4.88 -36.93 28.77
CA PRO B 398 6.25 -37.07 28.25
C PRO B 398 7.16 -37.72 29.29
N CYS B 399 6.80 -38.93 29.70
CA CYS B 399 7.49 -39.64 30.76
C CYS B 399 7.17 -41.11 30.57
N ARG B 400 8.16 -41.99 30.78
CA ARG B 400 8.10 -43.45 30.51
C ARG B 400 8.24 -43.72 29.01
N SER B 401 9.25 -44.51 28.63
CA SER B 401 9.57 -44.66 27.22
C SER B 401 8.58 -45.48 26.40
N GLU B 402 7.65 -46.21 27.01
CA GLU B 402 6.55 -46.75 26.19
C GLU B 402 5.69 -45.59 25.65
N ARG B 403 5.81 -44.41 26.27
CA ARG B 403 5.16 -43.22 25.73
C ARG B 403 6.11 -42.43 24.83
N LEU B 404 7.33 -42.17 25.32
CA LEU B 404 8.33 -41.41 24.56
C LEU B 404 8.71 -42.08 23.23
N ALA B 405 8.64 -43.41 23.16
CA ALA B 405 9.00 -44.11 21.93
C ALA B 405 8.14 -43.62 20.77
N LYS B 406 6.86 -43.39 21.02
CA LYS B 406 5.93 -42.88 19.99
C LYS B 406 6.25 -41.42 19.66
N TYR B 407 6.39 -40.61 20.70
CA TYR B 407 6.73 -39.20 20.52
C TYR B 407 8.05 -39.00 19.79
N ASN B 408 9.08 -39.76 20.19
CA ASN B 408 10.36 -39.74 19.50
C ASN B 408 10.23 -40.17 18.03
N GLN B 409 9.48 -41.23 17.76
CA GLN B 409 9.30 -41.66 16.37
C GLN B 409 8.61 -40.55 15.54
N LEU B 410 7.64 -39.85 16.14
CA LEU B 410 6.97 -38.77 15.42
C LEU B 410 7.97 -37.64 15.11
N MET B 411 8.88 -37.37 16.03
CA MET B 411 9.96 -36.42 15.73
C MET B 411 10.83 -36.91 14.57
N ARG B 412 11.13 -38.21 14.52
CA ARG B 412 11.93 -38.77 13.42
C ARG B 412 11.21 -38.65 12.07
N ILE B 413 9.92 -38.96 12.07
CA ILE B 413 9.09 -38.82 10.86
C ILE B 413 9.05 -37.38 10.37
N GLU B 414 8.79 -36.44 11.29
CA GLU B 414 8.82 -35.03 10.96
C GLU B 414 10.14 -34.66 10.26
N GLU B 415 11.26 -35.05 10.87
CA GLU B 415 12.59 -34.83 10.31
C GLU B 415 12.72 -35.49 8.93
N GLU B 416 12.21 -36.70 8.79
CA GLU B 416 12.28 -37.41 7.53
C GLU B 416 11.45 -36.74 6.42
N LEU B 417 10.31 -36.16 6.79
CA LEU B 417 9.46 -35.53 5.79
C LEU B 417 10.02 -34.18 5.32
N GLY B 418 11.01 -33.67 6.03
CA GLY B 418 11.69 -32.44 5.64
C GLY B 418 10.74 -31.25 5.57
N ASP B 419 10.86 -30.45 4.51
CA ASP B 419 10.02 -29.27 4.36
C ASP B 419 8.62 -29.62 3.86
N GLU B 420 8.36 -30.91 3.65
CA GLU B 420 7.04 -31.42 3.31
C GLU B 420 6.22 -31.68 4.58
N ALA B 421 6.91 -31.65 5.71
CA ALA B 421 6.23 -31.85 7.00
C ALA B 421 5.33 -30.67 7.34
N ARG B 422 4.07 -30.95 7.65
CA ARG B 422 3.17 -29.93 8.16
C ARG B 422 2.59 -30.39 9.51
N PHE B 423 2.45 -29.44 10.42
CA PHE B 423 1.96 -29.70 11.77
C PHE B 423 0.51 -29.24 11.86
N ALA B 424 -0.36 -30.09 12.37
CA ALA B 424 -1.80 -29.82 12.34
C ALA B 424 -2.17 -28.54 13.10
N GLY B 425 -1.49 -28.30 14.22
CA GLY B 425 -1.69 -27.08 14.98
C GLY B 425 -3.13 -26.81 15.40
N HIS B 426 -3.63 -25.62 15.07
CA HIS B 426 -4.99 -25.20 15.41
C HIS B 426 -6.05 -25.90 14.56
N ASN B 427 -5.61 -26.60 13.53
CA ASN B 427 -6.54 -27.38 12.71
C ASN B 427 -6.56 -28.85 13.11
N PHE B 428 -6.31 -29.15 14.38
CA PHE B 428 -6.16 -30.53 14.81
C PHE B 428 -7.48 -31.33 14.66
N ARG B 429 -8.62 -30.66 14.79
CA ARG B 429 -9.93 -31.30 14.62
C ARG B 429 -10.30 -31.57 13.15
N ASN B 430 -9.85 -30.72 12.23
CA ASN B 430 -10.18 -30.89 10.83
C ASN B 430 -8.96 -30.63 9.94
N PRO B 431 -7.97 -31.54 9.98
CA PRO B 431 -6.70 -31.29 9.28
C PRO B 431 -6.83 -31.29 7.75
N SER B 432 -7.99 -31.71 7.23
CA SER B 432 -8.14 -31.84 5.77
C SER B 432 -8.17 -30.49 5.05
N VAL B 433 -8.24 -29.39 5.81
CA VAL B 433 -8.18 -28.07 5.19
C VAL B 433 -6.73 -27.67 4.88
N LEU B 434 -5.80 -28.60 5.10
CA LEU B 434 -4.38 -28.35 4.85
C LEU B 434 -3.86 -29.15 3.66
N SER C 2 -12.94 -0.10 -17.65
CA SER C 2 -13.98 -0.95 -17.03
C SER C 2 -15.05 -0.11 -16.32
N ILE C 3 -14.63 0.85 -15.48
CA ILE C 3 -15.62 1.76 -14.87
C ILE C 3 -16.04 2.81 -15.88
N GLU C 4 -17.32 2.86 -16.21
CA GLU C 4 -17.80 3.79 -17.21
C GLU C 4 -18.26 5.13 -16.62
N LYS C 5 -18.83 5.08 -15.43
CA LYS C 5 -19.39 6.28 -14.79
C LYS C 5 -19.61 6.02 -13.31
N ILE C 6 -19.42 7.07 -12.52
CA ILE C 6 -19.73 7.02 -11.09
C ILE C 6 -20.55 8.25 -10.74
N TRP C 7 -21.66 8.03 -10.05
CA TRP C 7 -22.50 9.15 -9.61
C TRP C 7 -22.96 8.95 -8.18
N ALA C 8 -22.57 9.86 -7.29
CA ALA C 8 -22.99 9.81 -5.90
C ALA C 8 -24.10 10.80 -5.59
N ARG C 9 -24.85 10.53 -4.53
CA ARG C 9 -25.94 11.40 -4.08
C ARG C 9 -26.11 11.35 -2.57
N GLU C 10 -26.88 12.31 -2.05
CA GLU C 10 -27.27 12.35 -0.66
C GLU C 10 -28.60 11.59 -0.51
N ILE C 11 -28.62 10.56 0.34
CA ILE C 11 -29.89 9.92 0.72
C ILE C 11 -30.07 10.07 2.23
N LEU C 12 -31.19 9.62 2.78
CA LEU C 12 -31.35 9.62 4.23
C LEU C 12 -31.15 8.22 4.83
N ASP C 13 -30.46 8.18 5.97
CA ASP C 13 -30.26 6.90 6.64
C ASP C 13 -31.43 6.63 7.60
N SER C 14 -31.31 5.55 8.37
CA SER C 14 -32.45 5.05 9.12
C SER C 14 -32.86 5.95 10.28
N ARG C 15 -32.02 6.91 10.63
CA ARG C 15 -32.36 7.84 11.71
C ARG C 15 -32.83 9.14 11.10
N GLY C 16 -32.89 9.17 9.78
CA GLY C 16 -33.28 10.37 9.07
C GLY C 16 -32.17 11.41 8.91
N ASN C 17 -30.91 10.96 8.92
CA ASN C 17 -29.78 11.88 8.65
C ASN C 17 -29.16 11.60 7.30
N PRO C 18 -28.61 12.65 6.65
CA PRO C 18 -27.99 12.44 5.34
C PRO C 18 -26.81 11.46 5.39
N THR C 19 -26.62 10.69 4.32
CA THR C 19 -25.43 9.88 4.17
C THR C 19 -25.21 9.68 2.70
N VAL C 20 -24.08 9.05 2.38
CA VAL C 20 -23.61 8.90 1.01
C VAL C 20 -24.15 7.64 0.31
N GLU C 21 -24.62 7.81 -0.92
CA GLU C 21 -24.93 6.68 -1.78
C GLU C 21 -24.16 6.82 -3.08
N VAL C 22 -23.64 5.71 -3.59
CA VAL C 22 -22.91 5.74 -4.84
C VAL C 22 -23.49 4.77 -5.88
N ASP C 23 -23.70 5.30 -7.10
CA ASP C 23 -24.03 4.51 -8.29
C ASP C 23 -22.78 4.34 -9.18
N LEU C 24 -22.42 3.11 -9.51
CA LEU C 24 -21.27 2.86 -10.37
C LEU C 24 -21.68 2.03 -11.58
N TYR C 25 -21.37 2.52 -12.77
CA TYR C 25 -21.76 1.87 -14.02
C TYR C 25 -20.58 1.17 -14.71
N THR C 26 -20.82 -0.07 -15.12
CA THR C 26 -19.94 -0.79 -16.03
C THR C 26 -20.78 -1.23 -17.22
N ALA C 27 -20.18 -1.97 -18.14
CA ALA C 27 -20.96 -2.55 -19.22
C ALA C 27 -22.04 -3.53 -18.74
N LYS C 28 -21.92 -4.05 -17.53
CA LYS C 28 -22.94 -4.95 -17.00
C LYS C 28 -24.10 -4.21 -16.33
N GLY C 29 -23.95 -2.91 -16.12
CA GLY C 29 -25.04 -2.13 -15.57
C GLY C 29 -24.69 -1.30 -14.36
N LEU C 30 -25.71 -1.08 -13.53
CA LEU C 30 -25.65 -0.15 -12.40
C LEU C 30 -25.45 -0.90 -11.09
N PHE C 31 -24.48 -0.43 -10.32
CA PHE C 31 -24.19 -1.04 -9.03
C PHE C 31 -24.22 0.03 -7.94
N ARG C 32 -25.03 -0.22 -6.92
CA ARG C 32 -25.34 0.82 -5.94
C ARG C 32 -24.97 0.40 -4.53
N ALA C 33 -24.37 1.32 -3.78
CA ALA C 33 -24.05 1.07 -2.39
C ALA C 33 -24.27 2.34 -1.57
N ALA C 34 -24.48 2.18 -0.26
CA ALA C 34 -24.67 3.32 0.63
C ALA C 34 -23.82 3.14 1.89
N VAL C 35 -23.50 4.25 2.56
CA VAL C 35 -22.58 4.26 3.69
C VAL C 35 -23.34 4.44 5.02
N PRO C 36 -23.05 3.59 5.99
CA PRO C 36 -23.71 3.72 7.30
C PRO C 36 -23.03 4.78 8.15
N SER C 37 -23.61 5.11 9.30
CA SER C 37 -23.02 6.13 10.20
C SER C 37 -23.18 5.78 11.67
N GLY C 38 -22.10 5.86 12.43
CA GLY C 38 -22.13 5.53 13.85
C GLY C 38 -22.81 6.54 14.76
N ALA C 39 -23.33 6.08 15.90
CA ALA C 39 -23.90 6.97 16.91
C ALA C 39 -22.97 7.16 18.10
N SER C 40 -22.24 6.11 18.48
CA SER C 40 -21.22 6.23 19.52
C SER C 40 -19.89 5.86 18.90
N THR C 41 -19.28 6.84 18.25
CA THR C 41 -18.10 6.58 17.45
C THR C 41 -16.84 6.70 18.28
N GLY C 42 -15.87 5.84 18.00
CA GLY C 42 -14.59 5.90 18.66
C GLY C 42 -13.79 7.05 18.07
N ILE C 43 -12.93 7.64 18.89
CA ILE C 43 -12.14 8.79 18.49
C ILE C 43 -11.06 8.46 17.45
N TYR C 44 -10.77 7.18 17.27
CA TYR C 44 -9.80 6.74 16.27
C TYR C 44 -10.42 6.26 14.96
N GLU C 45 -11.73 6.40 14.82
CA GLU C 45 -12.38 6.08 13.56
C GLU C 45 -11.85 7.02 12.45
N ALA C 46 -11.71 6.51 11.25
CA ALA C 46 -11.47 7.36 10.08
C ALA C 46 -12.57 8.42 9.98
N LEU C 47 -12.24 9.55 9.36
CA LEU C 47 -13.09 10.74 9.41
C LEU C 47 -14.40 10.59 8.60
N GLU C 48 -15.52 10.82 9.27
CA GLU C 48 -16.79 10.99 8.59
C GLU C 48 -16.97 12.47 8.21
N LEU C 49 -16.88 12.76 6.93
CA LEU C 49 -16.98 14.15 6.49
C LEU C 49 -18.43 14.65 6.40
N ARG C 50 -18.73 15.63 7.25
CA ARG C 50 -20.02 16.34 7.25
C ARG C 50 -19.82 17.77 6.74
N ASP C 51 -20.89 18.37 6.24
CA ASP C 51 -20.83 19.72 5.68
C ASP C 51 -20.71 20.82 6.72
N GLY C 52 -21.42 20.65 7.85
CA GLY C 52 -21.37 21.65 8.91
C GLY C 52 -22.18 22.91 8.62
N ASP C 53 -23.06 22.84 7.62
CA ASP C 53 -23.96 23.96 7.30
C ASP C 53 -25.19 23.87 8.20
N LYS C 54 -25.27 24.79 9.16
CA LYS C 54 -26.26 24.72 10.24
C LYS C 54 -27.69 24.91 9.76
N GLN C 55 -27.86 25.44 8.55
CA GLN C 55 -29.19 25.66 7.98
C GLN C 55 -29.74 24.43 7.23
N ARG C 56 -28.86 23.50 6.90
CA ARG C 56 -29.24 22.26 6.24
C ARG C 56 -29.06 21.06 7.17
N TYR C 57 -30.16 20.44 7.59
CA TYR C 57 -30.05 19.19 8.34
C TYR C 57 -29.21 19.36 9.61
N LEU C 58 -29.29 20.54 10.22
CA LEU C 58 -28.49 20.85 11.42
C LEU C 58 -27.00 20.54 11.29
N GLY C 59 -26.42 20.84 10.14
CA GLY C 59 -24.99 20.63 9.93
C GLY C 59 -24.58 19.25 9.44
N LYS C 60 -25.54 18.36 9.23
CA LYS C 60 -25.22 16.98 8.94
C LYS C 60 -25.26 16.58 7.46
N GLY C 61 -25.33 17.56 6.55
CA GLY C 61 -25.28 17.26 5.13
C GLY C 61 -23.98 16.56 4.75
N VAL C 62 -24.01 15.79 3.66
CA VAL C 62 -22.77 15.19 3.12
C VAL C 62 -22.53 15.59 1.66
N LEU C 63 -22.97 16.80 1.30
CA LEU C 63 -22.73 17.33 -0.04
C LEU C 63 -21.26 17.41 -0.43
N LYS C 64 -20.38 17.72 0.53
CA LYS C 64 -18.95 17.82 0.22
C LYS C 64 -18.35 16.44 -0.10
N ALA C 65 -18.71 15.43 0.68
CA ALA C 65 -18.27 14.07 0.36
C ALA C 65 -18.80 13.63 -1.01
N VAL C 66 -20.06 13.91 -1.28
CA VAL C 66 -20.68 13.55 -2.55
C VAL C 66 -19.95 14.23 -3.70
N ASP C 67 -19.60 15.51 -3.53
CA ASP C 67 -18.85 16.22 -4.56
C ASP C 67 -17.44 15.67 -4.79
N HIS C 68 -16.77 15.26 -3.72
CA HIS C 68 -15.43 14.66 -3.82
C HIS C 68 -15.49 13.42 -4.72
N ILE C 69 -16.55 12.64 -4.55
CA ILE C 69 -16.77 11.43 -5.35
C ILE C 69 -17.03 11.77 -6.81
N ASN C 70 -18.03 12.60 -7.05
CA ASN C 70 -18.44 12.93 -8.40
C ASN C 70 -17.40 13.71 -9.21
N SER C 71 -16.68 14.63 -8.58
CA SER C 71 -15.75 15.53 -9.29
C SER C 71 -14.30 15.05 -9.32
N THR C 72 -13.87 14.27 -8.34
CA THR C 72 -12.45 13.97 -8.19
C THR C 72 -12.14 12.46 -8.20
N ILE C 73 -12.85 11.68 -7.40
CA ILE C 73 -12.59 10.24 -7.37
C ILE C 73 -13.04 9.61 -8.69
N ALA C 74 -14.21 10.00 -9.19
CA ALA C 74 -14.76 9.37 -10.40
C ALA C 74 -13.80 9.42 -11.60
N PRO C 75 -13.31 10.61 -11.99
CA PRO C 75 -12.43 10.59 -13.18
C PRO C 75 -11.14 9.82 -12.92
N ALA C 76 -10.64 9.88 -11.70
CA ALA C 76 -9.43 9.18 -11.32
C ALA C 76 -9.56 7.68 -11.56
N LEU C 77 -10.69 7.10 -11.15
CA LEU C 77 -10.87 5.65 -11.28
C LEU C 77 -11.21 5.27 -12.70
N ILE C 78 -11.93 6.14 -13.39
CA ILE C 78 -12.24 5.88 -14.78
C ILE C 78 -10.93 5.92 -15.57
N SER C 79 -10.09 6.91 -15.28
CA SER C 79 -8.86 7.09 -16.03
C SER C 79 -7.87 5.96 -15.77
N SER C 80 -8.03 5.26 -14.65
CA SER C 80 -7.12 4.19 -14.28
C SER C 80 -7.21 3.03 -15.25
N GLY C 81 -8.37 2.87 -15.88
CA GLY C 81 -8.62 1.77 -16.79
C GLY C 81 -8.60 0.41 -16.11
N LEU C 82 -8.39 0.38 -14.79
CA LEU C 82 -8.42 -0.85 -14.00
C LEU C 82 -9.79 -1.54 -14.07
N SER C 83 -9.79 -2.87 -14.08
CA SER C 83 -11.05 -3.61 -14.02
C SER C 83 -11.68 -3.50 -12.64
N VAL C 84 -13.00 -3.52 -12.56
CA VAL C 84 -13.70 -3.51 -11.28
C VAL C 84 -13.37 -4.73 -10.42
N VAL C 85 -12.80 -5.78 -11.01
CA VAL C 85 -12.42 -6.96 -10.23
C VAL C 85 -11.19 -6.71 -9.36
N GLU C 86 -10.45 -5.66 -9.68
CA GLU C 86 -9.22 -5.30 -8.96
C GLU C 86 -9.51 -4.42 -7.76
N GLN C 87 -10.17 -4.97 -6.74
CA GLN C 87 -10.52 -4.25 -5.53
C GLN C 87 -9.32 -3.55 -4.90
N GLU C 88 -8.27 -4.31 -4.64
CA GLU C 88 -7.06 -3.80 -4.00
C GLU C 88 -6.45 -2.61 -4.71
N LYS C 89 -6.27 -2.74 -6.03
CA LYS C 89 -5.65 -1.67 -6.79
C LYS C 89 -6.52 -0.42 -6.81
N LEU C 90 -7.83 -0.62 -6.96
CA LEU C 90 -8.72 0.55 -6.98
C LEU C 90 -8.77 1.22 -5.60
N ASP C 91 -8.87 0.43 -4.53
CA ASP C 91 -8.83 1.01 -3.17
C ASP C 91 -7.52 1.77 -2.92
N ASN C 92 -6.39 1.16 -3.28
CA ASN C 92 -5.07 1.76 -3.04
C ASN C 92 -4.95 3.06 -3.80
N LEU C 93 -5.57 3.11 -4.97
CA LEU C 93 -5.62 4.31 -5.76
C LEU C 93 -6.34 5.44 -4.99
N MET C 94 -7.51 5.14 -4.42
CA MET C 94 -8.22 6.16 -3.64
C MET C 94 -7.46 6.55 -2.38
N LEU C 95 -6.84 5.59 -1.71
CA LEU C 95 -6.06 5.89 -0.51
C LEU C 95 -4.92 6.85 -0.82
N GLU C 96 -4.23 6.63 -1.94
CA GLU C 96 -3.13 7.52 -2.37
C GLU C 96 -3.67 8.90 -2.70
N LEU C 97 -4.76 8.94 -3.45
CA LEU C 97 -5.35 10.20 -3.88
C LEU C 97 -5.86 11.05 -2.71
N ASP C 98 -6.34 10.41 -1.66
CA ASP C 98 -6.74 11.15 -0.46
C ASP C 98 -5.48 11.60 0.30
N GLY C 99 -4.51 10.69 0.41
CA GLY C 99 -3.19 11.03 0.90
C GLY C 99 -3.01 11.28 2.38
N THR C 100 -4.08 11.14 3.16
CA THR C 100 -4.03 11.36 4.60
C THR C 100 -4.23 10.05 5.37
N GLU C 101 -3.72 10.00 6.59
CA GLU C 101 -3.83 8.79 7.40
C GLU C 101 -5.29 8.44 7.75
N ASN C 102 -6.08 9.44 8.13
CA ASN C 102 -7.46 9.23 8.58
CA ASN C 102 -7.46 9.19 8.57
C ASN C 102 -8.53 9.54 7.52
N LYS C 103 -8.14 9.59 6.26
CA LYS C 103 -9.04 9.90 5.15
C LYS C 103 -9.80 11.22 5.36
N SER C 104 -9.08 12.23 5.84
CA SER C 104 -9.72 13.49 6.20
C SER C 104 -9.81 14.50 5.05
N LYS C 105 -9.27 14.16 3.88
CA LYS C 105 -9.45 15.03 2.72
C LYS C 105 -10.78 14.77 1.98
N PHE C 106 -11.04 13.52 1.62
CA PHE C 106 -12.31 13.19 0.96
C PHE C 106 -13.39 12.81 1.95
N GLY C 107 -12.99 12.23 3.08
CA GLY C 107 -13.93 11.62 4.01
C GLY C 107 -13.85 10.11 3.85
N ALA C 108 -13.85 9.39 4.97
CA ALA C 108 -13.98 7.94 4.88
C ALA C 108 -15.33 7.54 4.26
N ASN C 109 -16.35 8.38 4.41
CA ASN C 109 -17.66 8.07 3.84
C ASN C 109 -17.67 8.22 2.31
N ALA C 110 -16.88 9.15 1.78
CA ALA C 110 -16.75 9.26 0.33
C ALA C 110 -16.03 8.03 -0.24
N ILE C 111 -14.88 7.72 0.32
CA ILE C 111 -14.08 6.62 -0.19
C ILE C 111 -14.77 5.23 -0.02
N LEU C 112 -15.40 5.01 1.12
CA LEU C 112 -16.07 3.72 1.34
C LEU C 112 -17.24 3.52 0.36
N GLY C 113 -18.01 4.58 0.13
CA GLY C 113 -19.10 4.55 -0.82
C GLY C 113 -18.67 3.98 -2.15
N VAL C 114 -17.54 4.45 -2.66
CA VAL C 114 -17.04 4.00 -3.96
C VAL C 114 -16.49 2.58 -3.85
N SER C 115 -15.82 2.30 -2.73
CA SER C 115 -15.22 1.00 -2.47
C SER C 115 -16.25 -0.14 -2.50
N LEU C 116 -17.37 0.08 -1.83
CA LEU C 116 -18.47 -0.86 -1.78
C LEU C 116 -19.09 -1.08 -3.15
N ALA C 117 -19.32 0.02 -3.87
CA ALA C 117 -19.89 -0.06 -5.23
C ALA C 117 -18.96 -0.82 -6.19
N VAL C 118 -17.66 -0.53 -6.13
CA VAL C 118 -16.66 -1.24 -6.92
C VAL C 118 -16.72 -2.75 -6.68
N CYS C 119 -16.83 -3.14 -5.41
CA CYS C 119 -16.92 -4.55 -5.03
C CYS C 119 -18.13 -5.26 -5.64
N LYS C 120 -19.29 -4.60 -5.58
CA LYS C 120 -20.51 -5.17 -6.14
C LYS C 120 -20.40 -5.29 -7.66
N ALA C 121 -19.81 -4.26 -8.28
CA ALA C 121 -19.57 -4.28 -9.71
C ALA C 121 -18.62 -5.41 -10.05
N GLY C 122 -17.64 -5.64 -9.18
CA GLY C 122 -16.62 -6.63 -9.44
C GLY C 122 -17.16 -8.03 -9.37
N ALA C 123 -18.08 -8.28 -8.44
CA ALA C 123 -18.71 -9.59 -8.29
C ALA C 123 -19.51 -9.94 -9.55
N ALA C 124 -20.25 -8.96 -10.06
CA ALA C 124 -21.03 -9.14 -11.27
C ALA C 124 -20.14 -9.42 -12.47
N GLU C 125 -18.99 -8.74 -12.50
CA GLU C 125 -18.04 -8.88 -13.58
C GLU C 125 -17.48 -10.30 -13.64
N ARG C 126 -17.28 -10.89 -12.46
CA ARG C 126 -16.80 -12.27 -12.35
C ARG C 126 -17.94 -13.27 -12.51
N GLU C 127 -19.17 -12.77 -12.65
CA GLU C 127 -20.37 -13.59 -12.64
C GLU C 127 -20.40 -14.45 -11.38
N LEU C 128 -20.17 -13.81 -10.23
CA LEU C 128 -20.24 -14.46 -8.94
C LEU C 128 -21.21 -13.74 -8.01
N PRO C 129 -21.83 -14.47 -7.09
CA PRO C 129 -22.54 -13.77 -6.02
C PRO C 129 -21.53 -13.01 -5.17
N LEU C 130 -21.97 -11.90 -4.58
CA LEU C 130 -21.06 -11.00 -3.86
C LEU C 130 -20.23 -11.69 -2.79
N TYR C 131 -20.85 -12.58 -2.00
CA TYR C 131 -20.11 -13.26 -0.92
C TYR C 131 -19.00 -14.14 -1.47
N ARG C 132 -19.18 -14.68 -2.68
CA ARG C 132 -18.16 -15.53 -3.28
C ARG C 132 -17.00 -14.68 -3.82
N HIS C 133 -17.31 -13.55 -4.43
CA HIS C 133 -16.30 -12.56 -4.84
C HIS C 133 -15.47 -12.14 -3.64
N ILE C 134 -16.17 -11.83 -2.54
CA ILE C 134 -15.52 -11.40 -1.31
C ILE C 134 -14.60 -12.49 -0.73
N ALA C 135 -15.10 -13.73 -0.70
CA ALA C 135 -14.28 -14.87 -0.29
C ALA C 135 -12.97 -14.95 -1.07
N GLN C 136 -13.04 -14.80 -2.39
CA GLN C 136 -11.82 -14.88 -3.20
C GLN C 136 -10.89 -13.69 -3.01
N LEU C 137 -11.45 -12.51 -2.74
CA LEU C 137 -10.61 -11.37 -2.37
C LEU C 137 -9.88 -11.63 -1.06
N ALA C 138 -10.47 -12.43 -0.19
CA ALA C 138 -9.91 -12.65 1.13
C ALA C 138 -9.06 -13.92 1.18
N GLY C 139 -9.06 -14.67 0.10
CA GLY C 139 -8.34 -15.93 0.03
C GLY C 139 -9.03 -17.08 0.76
N ASN C 140 -10.36 -17.04 0.85
CA ASN C 140 -11.11 -18.11 1.50
C ASN C 140 -11.71 -19.04 0.47
N SER C 141 -11.84 -20.32 0.81
CA SER C 141 -12.50 -21.25 -0.10
C SER C 141 -13.79 -21.78 0.51
N ASP C 142 -13.84 -21.83 1.84
CA ASP C 142 -15.02 -22.33 2.52
C ASP C 142 -15.90 -21.16 2.91
N LEU C 143 -17.17 -21.42 3.20
CA LEU C 143 -18.09 -20.36 3.60
C LEU C 143 -18.95 -20.88 4.74
N ILE C 144 -19.41 -19.98 5.61
CA ILE C 144 -20.42 -20.38 6.59
C ILE C 144 -21.42 -19.26 6.93
N LEU C 145 -22.60 -19.67 7.36
CA LEU C 145 -23.62 -18.75 7.82
C LEU C 145 -23.35 -18.39 9.29
N PRO C 146 -23.43 -17.10 9.63
CA PRO C 146 -23.14 -16.60 10.99
C PRO C 146 -24.27 -16.79 11.98
N VAL C 147 -23.95 -16.88 13.27
CA VAL C 147 -24.95 -16.69 14.30
C VAL C 147 -25.28 -15.21 14.31
N PRO C 148 -26.58 -14.87 14.26
CA PRO C 148 -26.96 -13.45 14.40
C PRO C 148 -27.00 -13.03 15.87
N ALA C 149 -26.56 -11.82 16.18
CA ALA C 149 -26.68 -11.29 17.53
C ALA C 149 -27.66 -10.11 17.56
N PHE C 150 -28.83 -10.34 18.17
CA PHE C 150 -29.95 -9.39 18.11
C PHE C 150 -29.98 -8.45 19.31
N ASN C 151 -29.77 -7.16 19.09
CA ASN C 151 -29.84 -6.16 20.17
C ASN C 151 -31.28 -5.92 20.62
N VAL C 152 -31.70 -6.49 21.75
CA VAL C 152 -33.12 -6.42 22.12
C VAL C 152 -33.45 -5.49 23.30
N ILE C 153 -32.48 -5.24 24.17
CA ILE C 153 -32.64 -4.25 25.24
C ILE C 153 -31.53 -3.20 25.12
N ASN C 154 -31.90 -1.93 25.16
CA ASN C 154 -30.92 -0.87 24.91
C ASN C 154 -30.70 0.02 26.11
N GLY C 155 -29.47 0.46 26.28
CA GLY C 155 -29.16 1.52 27.22
C GLY C 155 -28.16 2.42 26.53
N GLY C 156 -27.31 3.06 27.31
CA GLY C 156 -26.23 3.85 26.74
C GLY C 156 -26.65 5.26 26.39
N SER C 157 -25.80 5.97 25.65
CA SER C 157 -25.93 7.42 25.50
C SER C 157 -27.03 7.86 24.54
N HIS C 158 -27.61 6.91 23.79
CA HIS C 158 -28.68 7.25 22.87
C HIS C 158 -29.97 6.54 23.23
N ALA C 159 -30.08 6.15 24.49
CA ALA C 159 -31.32 5.60 25.01
C ALA C 159 -31.83 6.57 26.08
N GLY C 160 -33.15 6.64 26.24
CA GLY C 160 -33.74 7.60 27.16
C GLY C 160 -34.01 7.06 28.54
N ASN C 161 -33.51 5.87 28.83
CA ASN C 161 -33.57 5.35 30.18
C ASN C 161 -32.28 5.73 30.91
N LYS C 162 -32.09 5.25 32.14
CA LYS C 162 -30.88 5.55 32.90
C LYS C 162 -29.82 4.45 32.77
N LEU C 163 -30.21 3.33 32.17
CA LEU C 163 -29.33 2.19 31.90
C LEU C 163 -28.04 2.61 31.17
N ALA C 164 -26.89 2.35 31.79
CA ALA C 164 -25.60 2.82 31.26
C ALA C 164 -25.05 1.99 30.10
N MET C 165 -25.14 0.68 30.21
CA MET C 165 -24.51 -0.16 29.19
C MET C 165 -25.38 -0.21 27.94
N GLN C 166 -24.73 -0.26 26.80
CA GLN C 166 -25.40 0.10 25.55
C GLN C 166 -26.36 -0.97 24.99
N GLU C 167 -25.89 -2.21 24.86
CA GLU C 167 -26.63 -3.25 24.15
C GLU C 167 -26.67 -4.58 24.90
N PHE C 168 -27.84 -5.18 24.93
CA PHE C 168 -28.02 -6.53 25.45
C PHE C 168 -28.61 -7.36 24.33
N MET C 169 -27.83 -8.31 23.84
CA MET C 169 -28.16 -9.07 22.64
C MET C 169 -28.42 -10.56 22.90
N ILE C 170 -29.19 -11.18 22.01
CA ILE C 170 -29.42 -12.62 22.08
C ILE C 170 -28.83 -13.28 20.84
N LEU C 171 -28.24 -14.45 21.04
CA LEU C 171 -27.54 -15.19 20.00
C LEU C 171 -28.08 -16.62 19.92
N PRO C 172 -28.84 -16.94 18.86
CA PRO C 172 -29.42 -18.30 18.84
C PRO C 172 -28.40 -19.34 18.39
N VAL C 173 -27.37 -19.55 19.21
CA VAL C 173 -26.30 -20.49 18.86
C VAL C 173 -26.78 -21.93 18.66
N GLY C 174 -27.92 -22.28 19.24
CA GLY C 174 -28.43 -23.64 19.16
C GLY C 174 -29.42 -23.88 18.04
N ALA C 175 -29.56 -22.92 17.13
CA ALA C 175 -30.51 -23.06 16.03
C ALA C 175 -30.02 -24.11 15.01
N GLU C 176 -30.92 -24.59 14.16
CA GLU C 176 -30.58 -25.62 13.17
C GLU C 176 -29.90 -25.03 11.93
N SER C 177 -30.21 -23.77 11.65
CA SER C 177 -29.82 -23.12 10.41
C SER C 177 -29.91 -21.62 10.61
N PHE C 178 -29.50 -20.84 9.61
CA PHE C 178 -29.68 -19.41 9.78
C PHE C 178 -31.18 -19.07 9.75
N ARG C 179 -31.92 -19.64 8.81
CA ARG C 179 -33.37 -19.44 8.72
C ARG C 179 -34.05 -19.76 10.05
N ASP C 180 -33.60 -20.80 10.70
CA ASP C 180 -34.13 -21.19 12.00
C ASP C 180 -33.70 -20.20 13.08
N ALA C 181 -32.47 -19.70 13.00
CA ALA C 181 -32.01 -18.69 13.95
C ALA C 181 -32.90 -17.43 13.89
N MET C 182 -33.37 -17.09 12.68
CA MET C 182 -34.23 -15.91 12.53
C MET C 182 -35.55 -16.15 13.24
N ARG C 183 -36.04 -17.37 13.20
CA ARG C 183 -37.31 -17.64 13.86
C ARG C 183 -37.15 -17.55 15.38
N LEU C 184 -36.07 -18.11 15.90
CA LEU C 184 -35.81 -18.06 17.33
C LEU C 184 -35.68 -16.61 17.80
N GLY C 185 -34.90 -15.80 17.08
CA GLY C 185 -34.75 -14.39 17.41
C GLY C 185 -36.06 -13.61 17.43
N ALA C 186 -36.86 -13.74 16.36
CA ALA C 186 -38.15 -13.08 16.27
C ALA C 186 -39.11 -13.47 17.39
N GLU C 187 -39.20 -14.77 17.69
CA GLU C 187 -40.11 -15.23 18.73
C GLU C 187 -39.73 -14.72 20.10
N VAL C 188 -38.43 -14.71 20.41
CA VAL C 188 -38.00 -14.18 21.71
C VAL C 188 -38.26 -12.67 21.80
N TYR C 189 -38.00 -11.96 20.70
CA TYR C 189 -38.28 -10.53 20.61
C TYR C 189 -39.76 -10.21 20.85
N HIS C 190 -40.65 -10.97 20.22
CA HIS C 190 -42.07 -10.73 20.43
C HIS C 190 -42.50 -11.14 21.83
N THR C 191 -41.88 -12.19 22.37
CA THR C 191 -42.15 -12.59 23.75
C THR C 191 -41.71 -11.48 24.71
N LEU C 192 -40.54 -10.93 24.44
CA LEU C 192 -39.99 -9.86 25.28
C LEU C 192 -40.86 -8.61 25.25
N LYS C 193 -41.41 -8.28 24.08
CA LYS C 193 -42.33 -7.15 23.98
C LYS C 193 -43.50 -7.33 24.95
N GLY C 194 -44.04 -8.55 24.99
CA GLY C 194 -45.15 -8.88 25.88
C GLY C 194 -44.73 -8.76 27.34
N VAL C 195 -43.57 -9.32 27.66
CA VAL C 195 -43.00 -9.24 29.01
C VAL C 195 -42.84 -7.79 29.47
N ILE C 196 -42.33 -6.93 28.59
CA ILE C 196 -42.10 -5.53 28.93
C ILE C 196 -43.42 -4.77 29.11
N LYS C 197 -44.35 -5.00 28.19
CA LYS C 197 -45.67 -4.40 28.28
C LYS C 197 -46.33 -4.69 29.64
N ASP C 198 -46.14 -5.91 30.13
CA ASP C 198 -46.73 -6.30 31.41
C ASP C 198 -46.02 -5.68 32.60
N LYS C 199 -44.69 -5.62 32.55
CA LYS C 199 -43.92 -5.19 33.73
C LYS C 199 -43.66 -3.68 33.79
N TYR C 200 -43.61 -3.02 32.64
CA TYR C 200 -43.23 -1.61 32.61
C TYR C 200 -44.33 -0.76 31.98
N GLY C 201 -45.36 -1.41 31.46
CA GLY C 201 -46.51 -0.69 30.92
C GLY C 201 -46.64 -0.70 29.41
N LYS C 202 -47.85 -0.44 28.93
CA LYS C 202 -48.15 -0.39 27.51
C LYS C 202 -47.39 0.69 26.75
N ASP C 203 -46.97 1.75 27.45
CA ASP C 203 -46.23 2.82 26.80
C ASP C 203 -44.72 2.58 26.76
N ALA C 204 -44.28 1.40 27.19
CA ALA C 204 -42.85 1.13 27.32
C ALA C 204 -42.25 0.30 26.18
N THR C 205 -43.00 0.09 25.10
CA THR C 205 -42.56 -0.83 24.06
C THR C 205 -42.28 -0.21 22.68
N ASN C 206 -42.05 1.10 22.64
CA ASN C 206 -41.56 1.73 21.42
C ASN C 206 -40.06 1.42 21.27
N VAL C 207 -39.53 1.49 20.06
CA VAL C 207 -38.19 0.95 19.84
C VAL C 207 -37.14 2.04 19.65
N GLY C 208 -35.88 1.66 19.89
CA GLY C 208 -34.75 2.54 19.72
C GLY C 208 -34.25 2.48 18.30
N ASP C 209 -33.09 3.09 18.06
CA ASP C 209 -32.51 3.23 16.72
C ASP C 209 -32.30 1.90 15.99
N GLU C 210 -31.98 0.84 16.72
CA GLU C 210 -31.74 -0.46 16.09
C GLU C 210 -32.83 -1.49 16.37
N GLY C 211 -33.99 -1.04 16.83
CA GLY C 211 -35.15 -1.92 16.96
C GLY C 211 -35.41 -2.52 18.33
N GLY C 212 -34.50 -2.29 19.28
CA GLY C 212 -34.64 -2.83 20.61
C GLY C 212 -35.50 -1.97 21.52
N PHE C 213 -35.89 -2.51 22.66
CA PHE C 213 -36.68 -1.79 23.64
C PHE C 213 -35.77 -1.11 24.66
N ALA C 214 -36.25 -0.02 25.24
CA ALA C 214 -35.50 0.73 26.24
C ALA C 214 -36.37 0.98 27.47
N PRO C 215 -36.65 -0.08 28.23
CA PRO C 215 -37.52 0.07 29.40
C PRO C 215 -36.82 0.88 30.47
N ASN C 216 -37.56 1.58 31.30
CA ASN C 216 -36.93 2.44 32.30
C ASN C 216 -36.36 1.67 33.46
N ILE C 217 -35.10 1.25 33.32
CA ILE C 217 -34.37 0.61 34.42
C ILE C 217 -32.99 1.25 34.57
N LEU C 218 -32.27 0.88 35.64
CA LEU C 218 -30.92 1.40 35.87
C LEU C 218 -29.89 0.30 36.07
N GLU C 219 -30.30 -0.79 36.70
CA GLU C 219 -29.38 -1.90 36.95
C GLU C 219 -29.18 -2.73 35.69
N ASN C 220 -27.91 -2.89 35.31
CA ASN C 220 -27.59 -3.66 34.12
C ASN C 220 -27.92 -5.14 34.32
N SER C 221 -27.95 -5.59 35.57
CA SER C 221 -28.35 -6.97 35.86
C SER C 221 -29.87 -7.15 35.65
N GLU C 222 -30.62 -6.08 35.81
CA GLU C 222 -32.06 -6.13 35.58
C GLU C 222 -32.35 -6.36 34.08
N ALA C 223 -31.53 -5.78 33.22
CA ALA C 223 -31.71 -5.95 31.78
C ALA C 223 -31.38 -7.38 31.38
N LEU C 224 -30.30 -7.91 31.95
CA LEU C 224 -29.93 -9.30 31.74
C LEU C 224 -31.04 -10.26 32.19
N GLU C 225 -31.67 -9.93 33.31
CA GLU C 225 -32.75 -10.75 33.85
C GLU C 225 -33.96 -10.74 32.91
N LEU C 226 -34.28 -9.55 32.37
CA LEU C 226 -35.34 -9.42 31.39
C LEU C 226 -35.10 -10.30 30.17
N VAL C 227 -33.88 -10.25 29.65
CA VAL C 227 -33.56 -11.01 28.46
C VAL C 227 -33.64 -12.52 28.73
N LYS C 228 -33.02 -12.95 29.83
CA LYS C 228 -33.12 -14.34 30.23
C LYS C 228 -34.59 -14.78 30.39
N GLU C 229 -35.42 -13.90 30.95
CA GLU C 229 -36.82 -14.24 31.16
C GLU C 229 -37.55 -14.44 29.84
N ALA C 230 -37.29 -13.58 28.86
CA ALA C 230 -37.92 -13.71 27.55
C ALA C 230 -37.49 -14.99 26.84
N ILE C 231 -36.21 -15.33 26.99
CA ILE C 231 -35.68 -16.55 26.39
C ILE C 231 -36.39 -17.77 26.95
N ASP C 232 -36.58 -17.77 28.26
CA ASP C 232 -37.18 -18.89 28.97
C ASP C 232 -38.66 -19.00 28.62
N LYS C 233 -39.38 -17.90 28.70
CA LYS C 233 -40.80 -17.87 28.34
C LYS C 233 -41.03 -18.34 26.89
N ALA C 234 -40.12 -17.98 25.99
CA ALA C 234 -40.26 -18.36 24.58
C ALA C 234 -39.92 -19.83 24.41
N GLY C 235 -39.28 -20.41 25.42
CA GLY C 235 -39.01 -21.84 25.44
C GLY C 235 -37.66 -22.26 24.89
N TYR C 236 -36.69 -21.34 24.85
CA TYR C 236 -35.44 -21.60 24.17
C TYR C 236 -34.20 -21.46 25.07
N THR C 237 -34.32 -21.84 26.34
CA THR C 237 -33.22 -21.66 27.30
C THR C 237 -31.91 -22.32 26.86
N GLU C 238 -31.97 -23.53 26.33
CA GLU C 238 -30.74 -24.20 25.97
C GLU C 238 -30.18 -23.76 24.60
N LYS C 239 -30.94 -22.95 23.87
CA LYS C 239 -30.59 -22.67 22.48
C LYS C 239 -30.08 -21.23 22.21
N ILE C 240 -30.27 -20.34 23.17
CA ILE C 240 -29.97 -18.93 22.97
C ILE C 240 -29.15 -18.39 24.12
N VAL C 241 -28.05 -17.70 23.81
CA VAL C 241 -27.20 -17.11 24.84
C VAL C 241 -27.17 -15.59 24.70
N ILE C 242 -26.37 -14.94 25.53
CA ILE C 242 -26.41 -13.48 25.63
C ILE C 242 -25.07 -12.84 25.31
N GLY C 243 -25.13 -11.73 24.57
CA GLY C 243 -23.98 -10.88 24.33
C GLY C 243 -24.22 -9.45 24.81
N MET C 244 -23.15 -8.72 25.10
CA MET C 244 -23.29 -7.35 25.55
C MET C 244 -22.34 -6.44 24.80
N ASP C 245 -22.81 -5.25 24.44
CA ASP C 245 -21.95 -4.15 24.05
C ASP C 245 -22.05 -3.11 25.13
N VAL C 246 -21.01 -3.03 25.95
CA VAL C 246 -21.02 -2.09 27.07
C VAL C 246 -20.82 -0.67 26.55
N ALA C 247 -19.94 -0.54 25.56
CA ALA C 247 -19.56 0.74 24.99
C ALA C 247 -19.04 1.66 26.10
N ALA C 248 -18.03 1.17 26.83
CA ALA C 248 -17.63 1.84 28.06
C ALA C 248 -16.99 3.22 27.84
N SER C 249 -16.49 3.48 26.63
CA SER C 249 -15.91 4.80 26.35
C SER C 249 -16.93 5.91 26.55
N GLU C 250 -18.21 5.56 26.43
CA GLU C 250 -19.28 6.55 26.56
C GLU C 250 -19.50 7.02 28.00
N PHE C 251 -19.09 6.24 28.99
CA PHE C 251 -19.26 6.67 30.38
C PHE C 251 -17.94 6.66 31.15
N TYR C 252 -16.85 6.78 30.40
CA TYR C 252 -15.51 6.91 30.95
C TYR C 252 -15.28 8.35 31.41
N ARG C 253 -15.07 8.55 32.71
CA ARG C 253 -14.96 9.89 33.29
C ARG C 253 -13.79 9.98 34.26
N ASP C 254 -12.77 10.76 33.91
CA ASP C 254 -11.64 11.04 34.81
C ASP C 254 -10.90 9.79 35.24
N GLY C 255 -10.55 8.95 34.26
CA GLY C 255 -9.88 7.69 34.54
C GLY C 255 -10.80 6.66 35.20
N LYS C 256 -12.04 7.04 35.47
CA LYS C 256 -13.01 6.11 36.05
C LYS C 256 -14.26 5.98 35.19
N TYR C 257 -15.23 5.21 35.68
CA TYR C 257 -16.40 4.83 34.91
C TYR C 257 -17.69 5.13 35.65
N ASP C 258 -18.62 5.79 34.97
CA ASP C 258 -19.87 6.26 35.55
C ASP C 258 -21.09 5.47 35.08
N LEU C 259 -21.52 4.51 35.89
CA LEU C 259 -22.64 3.66 35.53
C LEU C 259 -24.00 4.33 35.74
N ASP C 260 -23.97 5.61 36.11
CA ASP C 260 -25.19 6.40 36.19
C ASP C 260 -24.98 7.74 35.49
N PHE C 261 -24.34 7.70 34.32
CA PHE C 261 -23.89 8.93 33.68
C PHE C 261 -25.01 9.75 33.01
N LYS C 262 -26.23 9.24 33.00
CA LYS C 262 -27.35 10.02 32.46
C LYS C 262 -28.17 10.65 33.60
N SER C 263 -27.66 10.57 34.82
CA SER C 263 -28.17 11.35 35.95
C SER C 263 -27.24 12.54 36.18
N PRO C 264 -27.72 13.60 36.86
CA PRO C 264 -26.85 14.76 37.16
C PRO C 264 -25.51 14.33 37.76
N THR C 265 -24.42 14.81 37.16
CA THR C 265 -23.10 14.26 37.42
C THR C 265 -22.68 14.34 38.89
N ASP C 266 -22.01 13.29 39.34
CA ASP C 266 -21.59 13.15 40.74
C ASP C 266 -20.42 12.16 40.81
N PRO C 267 -19.18 12.66 40.81
CA PRO C 267 -17.98 11.82 40.79
C PRO C 267 -17.90 10.83 41.95
N SER C 268 -18.74 11.02 42.96
CA SER C 268 -18.80 10.11 44.10
C SER C 268 -19.17 8.68 43.69
N ARG C 269 -19.94 8.53 42.61
CA ARG C 269 -20.43 7.22 42.24
C ARG C 269 -19.52 6.50 41.23
N TYR C 270 -18.43 7.15 40.81
CA TYR C 270 -17.55 6.57 39.81
C TYR C 270 -16.86 5.33 40.36
N ILE C 271 -16.63 4.33 39.50
CA ILE C 271 -15.86 3.16 39.87
C ILE C 271 -14.65 2.95 38.97
N THR C 272 -13.70 2.12 39.40
CA THR C 272 -12.51 1.82 38.61
C THR C 272 -12.74 0.66 37.63
N GLY C 273 -11.84 0.51 36.67
CA GLY C 273 -11.88 -0.61 35.74
C GLY C 273 -11.89 -1.95 36.45
N ASP C 274 -11.16 -2.05 37.55
CA ASP C 274 -11.10 -3.28 38.34
C ASP C 274 -12.45 -3.65 38.93
N GLN C 275 -13.17 -2.65 39.42
CA GLN C 275 -14.50 -2.88 39.98
C GLN C 275 -15.50 -3.25 38.88
N LEU C 276 -15.36 -2.58 37.75
CA LEU C 276 -16.23 -2.83 36.60
C LEU C 276 -16.00 -4.26 36.13
N GLY C 277 -14.73 -4.66 36.12
CA GLY C 277 -14.34 -6.01 35.74
C GLY C 277 -14.97 -7.05 36.65
N ALA C 278 -15.06 -6.73 37.94
CA ALA C 278 -15.63 -7.64 38.92
C ALA C 278 -17.14 -7.75 38.71
N LEU C 279 -17.75 -6.66 38.25
CA LEU C 279 -19.17 -6.70 37.90
C LEU C 279 -19.40 -7.64 36.71
N TYR C 280 -18.53 -7.56 35.69
CA TYR C 280 -18.63 -8.46 34.55
C TYR C 280 -18.48 -9.93 34.94
N GLN C 281 -17.55 -10.21 35.86
CA GLN C 281 -17.36 -11.57 36.34
C GLN C 281 -18.66 -12.10 36.96
N ASP C 282 -19.39 -11.23 37.64
CA ASP C 282 -20.69 -11.61 38.19
C ASP C 282 -21.71 -11.96 37.09
N PHE C 283 -21.76 -11.13 36.06
CA PHE C 283 -22.64 -11.35 34.92
C PHE C 283 -22.37 -12.70 34.24
N VAL C 284 -21.09 -13.00 34.04
CA VAL C 284 -20.67 -14.23 33.35
C VAL C 284 -21.04 -15.46 34.17
N ARG C 285 -21.01 -15.30 35.49
CA ARG C 285 -21.38 -16.36 36.42
C ARG C 285 -22.90 -16.59 36.52
N ASP C 286 -23.67 -15.51 36.52
CA ASP C 286 -25.10 -15.59 36.80
C ASP C 286 -25.99 -15.71 35.57
N TYR C 287 -25.43 -15.42 34.40
CA TYR C 287 -26.21 -15.39 33.16
C TYR C 287 -25.42 -16.01 32.02
N PRO C 288 -26.09 -16.47 30.96
CA PRO C 288 -25.34 -17.05 29.83
C PRO C 288 -24.73 -15.98 28.92
N VAL C 289 -23.84 -15.17 29.49
CA VAL C 289 -23.09 -14.17 28.77
C VAL C 289 -21.82 -14.75 28.17
N VAL C 290 -21.79 -14.84 26.84
CA VAL C 290 -20.68 -15.47 26.15
C VAL C 290 -19.80 -14.44 25.43
N SER C 291 -20.23 -13.19 25.40
CA SER C 291 -19.48 -12.15 24.70
C SER C 291 -19.71 -10.77 25.32
N ILE C 292 -18.62 -10.04 25.53
CA ILE C 292 -18.70 -8.66 26.02
C ILE C 292 -17.82 -7.74 25.19
N GLU C 293 -18.45 -6.74 24.59
CA GLU C 293 -17.80 -5.82 23.67
C GLU C 293 -17.54 -4.49 24.38
N ASP C 294 -16.37 -3.89 24.08
CA ASP C 294 -15.92 -2.65 24.71
C ASP C 294 -16.21 -2.55 26.21
N PRO C 295 -15.71 -3.53 27.00
CA PRO C 295 -15.93 -3.47 28.45
C PRO C 295 -15.20 -2.29 29.11
N PHE C 296 -14.18 -1.75 28.46
CA PHE C 296 -13.45 -0.60 28.98
C PHE C 296 -13.22 0.46 27.92
N ASP C 297 -12.70 1.60 28.34
CA ASP C 297 -12.43 2.73 27.44
C ASP C 297 -11.45 2.40 26.32
N GLN C 298 -11.55 3.14 25.22
CA GLN C 298 -10.74 2.93 24.02
C GLN C 298 -9.24 3.14 24.25
N ASP C 299 -8.89 3.82 25.35
CA ASP C 299 -7.48 4.09 25.67
C ASP C 299 -6.99 3.36 26.92
N ASP C 300 -7.90 2.67 27.61
CA ASP C 300 -7.56 2.03 28.88
C ASP C 300 -7.02 0.61 28.66
N TRP C 301 -5.90 0.52 27.94
CA TRP C 301 -5.31 -0.75 27.51
C TRP C 301 -5.00 -1.74 28.65
N ALA C 302 -4.62 -1.23 29.80
CA ALA C 302 -4.26 -2.07 30.93
C ALA C 302 -5.46 -2.83 31.47
N ALA C 303 -6.61 -2.17 31.59
CA ALA C 303 -7.82 -2.82 32.07
C ALA C 303 -8.26 -3.93 31.12
N TRP C 304 -8.12 -3.68 29.82
CA TRP C 304 -8.50 -4.66 28.79
C TRP C 304 -7.69 -5.93 28.96
N SER C 305 -6.37 -5.76 28.95
CA SER C 305 -5.42 -6.86 29.06
C SER C 305 -5.62 -7.67 30.33
N LYS C 306 -5.91 -6.98 31.42
CA LYS C 306 -6.11 -7.62 32.72
C LYS C 306 -7.36 -8.50 32.73
N PHE C 307 -8.46 -7.93 32.24
CA PHE C 307 -9.73 -8.64 32.22
C PHE C 307 -9.70 -9.81 31.25
N THR C 308 -9.12 -9.60 30.07
CA THR C 308 -9.10 -10.63 29.03
C THR C 308 -8.30 -11.84 29.48
N ALA C 309 -7.22 -11.59 30.22
CA ALA C 309 -6.39 -12.67 30.73
C ALA C 309 -7.10 -13.42 31.85
N ASN C 310 -8.18 -12.84 32.37
CA ASN C 310 -8.92 -13.41 33.49
C ASN C 310 -10.32 -13.99 33.21
N VAL C 311 -10.77 -13.95 31.96
CA VAL C 311 -12.04 -14.60 31.61
C VAL C 311 -11.88 -15.54 30.43
N GLY C 312 -12.87 -16.40 30.24
CA GLY C 312 -12.81 -17.39 29.18
C GLY C 312 -13.69 -17.06 27.99
N ILE C 313 -14.55 -16.04 28.15
CA ILE C 313 -15.53 -15.68 27.12
C ILE C 313 -14.92 -14.86 25.99
N GLN C 314 -15.76 -14.50 25.02
CA GLN C 314 -15.32 -13.62 23.94
C GLN C 314 -15.23 -12.16 24.44
N ILE C 315 -14.12 -11.50 24.13
CA ILE C 315 -13.97 -10.09 24.46
C ILE C 315 -13.74 -9.29 23.18
N VAL C 316 -14.69 -8.42 22.84
CA VAL C 316 -14.71 -7.77 21.53
C VAL C 316 -14.22 -6.31 21.55
N GLY C 317 -13.24 -6.03 20.69
CA GLY C 317 -12.82 -4.67 20.45
C GLY C 317 -13.68 -3.97 19.38
N ASP C 318 -14.24 -2.83 19.73
CA ASP C 318 -15.01 -2.02 18.80
C ASP C 318 -14.32 -0.67 18.72
N ASP C 319 -14.60 0.22 19.66
CA ASP C 319 -13.93 1.52 19.69
C ASP C 319 -12.43 1.36 20.00
N LEU C 320 -12.07 0.31 20.72
CA LEU C 320 -10.65 0.02 20.96
C LEU C 320 -9.85 -0.18 19.68
N THR C 321 -10.42 -0.96 18.76
CA THR C 321 -9.70 -1.40 17.57
C THR C 321 -10.05 -0.64 16.30
N VAL C 322 -11.25 -0.06 16.26
CA VAL C 322 -11.82 0.61 15.07
C VAL C 322 -11.39 0.06 13.70
N THR C 323 -11.49 -1.26 13.55
CA THR C 323 -11.25 -1.97 12.29
C THR C 323 -9.94 -1.50 11.61
N ASN C 324 -8.94 -1.25 12.45
CA ASN C 324 -7.69 -0.59 12.02
C ASN C 324 -6.48 -1.48 12.30
N PRO C 325 -5.84 -1.99 11.24
CA PRO C 325 -4.69 -2.90 11.37
C PRO C 325 -3.62 -2.42 12.36
N LYS C 326 -3.35 -1.12 12.40
CA LYS C 326 -2.36 -0.58 13.34
C LYS C 326 -2.78 -0.77 14.80
N ARG C 327 -4.06 -0.53 15.10
CA ARG C 327 -4.54 -0.65 16.46
C ARG C 327 -4.77 -2.12 16.81
N ILE C 328 -5.16 -2.90 15.81
CA ILE C 328 -5.27 -4.35 16.01
C ILE C 328 -3.90 -4.98 16.32
N GLU C 329 -2.84 -4.51 15.69
CA GLU C 329 -1.50 -5.05 15.93
C GLU C 329 -1.13 -4.90 17.41
N ARG C 330 -1.40 -3.71 17.94
CA ARG C 330 -1.11 -3.41 19.33
C ARG C 330 -1.98 -4.24 20.27
N ALA C 331 -3.23 -4.48 19.89
CA ALA C 331 -4.12 -5.25 20.76
C ALA C 331 -3.70 -6.71 20.80
N VAL C 332 -3.18 -7.20 19.66
CA VAL C 332 -2.69 -8.57 19.59
C VAL C 332 -1.47 -8.72 20.49
N GLU C 333 -0.53 -7.80 20.36
CA GLU C 333 0.67 -7.81 21.19
C GLU C 333 0.36 -7.73 22.68
N GLU C 334 -0.58 -6.88 23.05
CA GLU C 334 -0.90 -6.70 24.46
C GLU C 334 -1.99 -7.67 24.95
N LYS C 335 -2.49 -8.50 24.05
CA LYS C 335 -3.62 -9.41 24.35
C LYS C 335 -4.77 -8.66 25.01
N ALA C 336 -5.17 -7.54 24.41
CA ALA C 336 -6.21 -6.71 24.98
C ALA C 336 -7.60 -7.35 24.85
N CYS C 337 -7.79 -8.16 23.81
CA CYS C 337 -9.11 -8.75 23.53
C CYS C 337 -8.89 -9.96 22.64
N ASN C 338 -9.96 -10.66 22.27
CA ASN C 338 -9.81 -11.82 21.39
C ASN C 338 -10.84 -11.89 20.28
N CYS C 339 -11.49 -10.76 20.02
CA CYS C 339 -12.41 -10.66 18.90
C CYS C 339 -12.37 -9.25 18.33
N LEU C 340 -12.47 -9.18 17.01
CA LEU C 340 -12.56 -7.89 16.33
C LEU C 340 -14.00 -7.61 15.90
N LEU C 341 -14.54 -6.45 16.26
CA LEU C 341 -15.81 -6.00 15.64
C LEU C 341 -15.47 -5.31 14.33
N LEU C 342 -16.02 -5.80 13.23
CA LEU C 342 -15.61 -5.34 11.90
C LEU C 342 -16.62 -4.36 11.31
N LYS C 343 -16.23 -3.09 11.22
CA LYS C 343 -17.05 -2.04 10.64
C LYS C 343 -16.32 -1.37 9.50
N VAL C 344 -16.75 -1.61 8.27
CA VAL C 344 -16.04 -1.08 7.11
C VAL C 344 -15.88 0.45 7.16
N ASN C 345 -16.83 1.17 7.74
CA ASN C 345 -16.76 2.64 7.76
C ASN C 345 -15.94 3.19 8.93
N GLN C 346 -15.45 2.32 9.81
CA GLN C 346 -14.47 2.73 10.80
C GLN C 346 -13.10 2.93 10.17
N ILE C 347 -12.85 2.26 9.05
CA ILE C 347 -11.55 2.31 8.42
C ILE C 347 -11.62 2.92 7.00
N GLY C 348 -12.79 2.79 6.37
CA GLY C 348 -13.04 3.50 5.12
C GLY C 348 -12.82 2.80 3.78
N SER C 349 -12.50 1.51 3.77
CA SER C 349 -12.45 0.78 2.52
C SER C 349 -12.60 -0.74 2.71
N VAL C 350 -13.07 -1.41 1.67
CA VAL C 350 -13.24 -2.86 1.70
C VAL C 350 -11.89 -3.58 1.90
N THR C 351 -10.88 -3.16 1.16
CA THR C 351 -9.56 -3.80 1.21
C THR C 351 -8.96 -3.76 2.62
N GLU C 352 -8.97 -2.60 3.25
CA GLU C 352 -8.45 -2.45 4.60
C GLU C 352 -9.27 -3.23 5.63
N ALA C 353 -10.58 -3.26 5.45
CA ALA C 353 -11.44 -4.02 6.34
C ALA C 353 -11.14 -5.52 6.22
N ILE C 354 -10.87 -5.97 5.00
CA ILE C 354 -10.52 -7.37 4.78
C ILE C 354 -9.14 -7.70 5.39
N GLN C 355 -8.20 -6.77 5.29
CA GLN C 355 -6.88 -6.91 5.93
C GLN C 355 -7.02 -7.02 7.43
N ALA C 356 -7.85 -6.15 7.98
CA ALA C 356 -8.09 -6.14 9.42
C ALA C 356 -8.68 -7.48 9.87
N CYS C 357 -9.62 -8.01 9.10
CA CYS C 357 -10.23 -9.29 9.43
C CYS C 357 -9.18 -10.40 9.40
N LYS C 358 -8.35 -10.41 8.37
CA LYS C 358 -7.37 -11.48 8.19
C LYS C 358 -6.27 -11.42 9.24
N LEU C 359 -5.90 -10.20 9.63
CA LEU C 359 -4.97 -10.01 10.74
C LEU C 359 -5.49 -10.61 12.04
N ALA C 360 -6.74 -10.31 12.38
CA ALA C 360 -7.37 -10.85 13.57
C ALA C 360 -7.43 -12.38 13.51
N GLN C 361 -7.88 -12.91 12.37
CA GLN C 361 -8.02 -14.36 12.21
C GLN C 361 -6.68 -15.09 12.31
N GLU C 362 -5.64 -14.54 11.69
CA GLU C 362 -4.28 -15.09 11.75
C GLU C 362 -3.77 -15.24 13.17
N ASN C 363 -4.27 -14.38 14.06
CA ASN C 363 -3.85 -14.41 15.46
C ASN C 363 -4.85 -15.11 16.37
N GLY C 364 -5.73 -15.89 15.78
CA GLY C 364 -6.64 -16.70 16.56
C GLY C 364 -7.83 -15.94 17.13
N TRP C 365 -7.99 -14.68 16.74
CA TRP C 365 -9.17 -13.91 17.16
C TRP C 365 -10.44 -14.35 16.46
N GLY C 366 -11.58 -14.12 17.10
CA GLY C 366 -12.88 -14.14 16.43
C GLY C 366 -13.09 -12.82 15.69
N VAL C 367 -14.11 -12.78 14.85
CA VAL C 367 -14.45 -11.55 14.14
C VAL C 367 -15.98 -11.47 14.05
N MET C 368 -16.55 -10.38 14.52
CA MET C 368 -17.98 -10.17 14.39
C MET C 368 -18.24 -8.98 13.47
N VAL C 369 -18.88 -9.24 12.35
CA VAL C 369 -19.26 -8.19 11.42
C VAL C 369 -20.42 -7.40 12.05
N SER C 370 -20.44 -6.08 11.82
CA SER C 370 -21.40 -5.23 12.52
C SER C 370 -22.01 -4.10 11.67
N HIS C 371 -23.27 -3.81 11.96
CA HIS C 371 -23.92 -2.59 11.50
C HIS C 371 -23.40 -1.34 12.23
N ARG C 372 -23.86 -0.16 11.80
CA ARG C 372 -23.77 1.06 12.62
C ARG C 372 -25.18 1.42 13.04
N SER C 373 -25.31 2.40 13.92
CA SER C 373 -26.62 2.84 14.36
C SER C 373 -27.43 3.49 13.23
N GLY C 374 -26.77 4.32 12.44
CA GLY C 374 -27.39 4.88 11.25
C GLY C 374 -27.16 3.90 10.12
N GLU C 375 -28.21 3.17 9.71
CA GLU C 375 -28.05 2.22 8.62
C GLU C 375 -28.87 2.64 7.40
N THR C 376 -28.79 1.84 6.35
CA THR C 376 -29.57 2.06 5.15
C THR C 376 -30.15 0.74 4.68
N GLU C 377 -30.85 0.79 3.55
CA GLU C 377 -31.42 -0.39 2.94
C GLU C 377 -30.34 -1.30 2.28
N ASP C 378 -29.09 -0.85 2.29
CA ASP C 378 -27.95 -1.63 1.79
C ASP C 378 -27.72 -2.95 2.55
N THR C 379 -27.37 -4.02 1.85
CA THR C 379 -27.15 -5.33 2.49
C THR C 379 -25.73 -5.87 2.31
N PHE C 380 -24.78 -5.00 1.93
CA PHE C 380 -23.40 -5.43 1.74
C PHE C 380 -22.88 -6.33 2.86
N ILE C 381 -23.11 -5.97 4.12
CA ILE C 381 -22.43 -6.67 5.19
C ILE C 381 -22.92 -8.11 5.35
N ALA C 382 -24.08 -8.44 4.78
CA ALA C 382 -24.59 -9.81 4.82
C ALA C 382 -23.71 -10.70 3.97
N ASP C 383 -23.41 -10.26 2.75
CA ASP C 383 -22.46 -10.98 1.90
C ASP C 383 -21.05 -10.96 2.51
N LEU C 384 -20.67 -9.85 3.13
CA LEU C 384 -19.36 -9.71 3.73
C LEU C 384 -19.11 -10.77 4.81
N VAL C 385 -20.08 -10.98 5.70
CA VAL C 385 -19.86 -11.88 6.83
C VAL C 385 -19.75 -13.32 6.33
N VAL C 386 -20.48 -13.64 5.26
CA VAL C 386 -20.44 -14.98 4.70
C VAL C 386 -19.09 -15.22 3.99
N GLY C 387 -18.67 -14.29 3.14
CA GLY C 387 -17.43 -14.42 2.39
C GLY C 387 -16.18 -14.41 3.25
N LEU C 388 -16.22 -13.68 4.37
CA LEU C 388 -15.10 -13.64 5.29
C LEU C 388 -15.15 -14.79 6.30
N CYS C 389 -16.27 -15.53 6.27
N CYS C 389 -16.24 -15.56 6.28
CA CYS C 389 -16.44 -16.72 7.09
CA CYS C 389 -16.39 -16.74 7.14
C CYS C 389 -16.22 -16.49 8.59
C CYS C 389 -16.22 -16.49 8.62
N THR C 390 -16.74 -15.39 9.13
CA THR C 390 -16.45 -15.04 10.52
C THR C 390 -17.35 -15.75 11.52
N GLY C 391 -18.54 -16.15 11.09
CA GLY C 391 -19.42 -16.91 11.96
C GLY C 391 -20.30 -16.13 12.91
N GLN C 392 -20.21 -14.81 12.88
CA GLN C 392 -21.05 -13.99 13.76
C GLN C 392 -21.27 -12.59 13.18
N ILE C 393 -22.52 -12.12 13.23
CA ILE C 393 -22.89 -10.80 12.76
C ILE C 393 -23.89 -10.13 13.73
N LYS C 394 -23.65 -8.86 14.06
CA LYS C 394 -24.70 -8.13 14.73
C LYS C 394 -25.18 -6.99 13.81
N THR C 395 -26.48 -7.00 13.52
CA THR C 395 -27.03 -5.98 12.65
C THR C 395 -28.49 -5.66 13.03
N GLY C 396 -28.75 -5.63 14.33
CA GLY C 396 -29.98 -5.08 14.88
C GLY C 396 -30.92 -6.10 15.51
N ALA C 397 -31.95 -5.60 16.19
CA ALA C 397 -33.10 -6.44 16.57
C ALA C 397 -33.81 -6.91 15.30
N PRO C 398 -34.70 -7.92 15.42
CA PRO C 398 -35.44 -8.32 14.21
C PRO C 398 -36.63 -7.38 13.97
N CYS C 399 -36.33 -6.10 13.83
CA CYS C 399 -37.33 -5.05 13.74
C CYS C 399 -36.68 -3.84 13.07
N ARG C 400 -37.44 -3.15 12.21
CA ARG C 400 -36.95 -2.09 11.29
C ARG C 400 -36.15 -2.67 10.12
N SER C 401 -36.50 -2.31 8.89
CA SER C 401 -35.95 -3.04 7.74
C SER C 401 -34.51 -2.70 7.38
N GLU C 402 -33.92 -1.65 7.97
CA GLU C 402 -32.48 -1.47 7.77
C GLU C 402 -31.71 -2.59 8.49
N ARG C 403 -32.40 -3.27 9.42
CA ARG C 403 -31.85 -4.46 10.09
C ARG C 403 -32.29 -5.73 9.36
N LEU C 404 -33.60 -5.88 9.15
CA LEU C 404 -34.13 -7.06 8.47
C LEU C 404 -33.62 -7.24 7.04
N ALA C 405 -33.28 -6.15 6.37
CA ALA C 405 -32.76 -6.29 5.01
C ALA C 405 -31.48 -7.13 5.02
N LYS C 406 -30.66 -6.99 6.06
CA LYS C 406 -29.46 -7.81 6.20
C LYS C 406 -29.83 -9.25 6.56
N TYR C 407 -30.71 -9.42 7.52
CA TYR C 407 -31.11 -10.75 7.93
C TYR C 407 -31.85 -11.49 6.81
N ASN C 408 -32.71 -10.79 6.06
CA ASN C 408 -33.39 -11.43 4.94
C ASN C 408 -32.39 -11.88 3.87
N GLN C 409 -31.38 -11.05 3.58
CA GLN C 409 -30.35 -11.43 2.60
C GLN C 409 -29.52 -12.64 3.05
N LEU C 410 -29.30 -12.77 4.34
CA LEU C 410 -28.60 -13.95 4.85
C LEU C 410 -29.45 -15.23 4.70
N MET C 411 -30.77 -15.11 4.79
CA MET C 411 -31.65 -16.25 4.51
C MET C 411 -31.62 -16.61 3.04
N ARG C 412 -31.53 -15.61 2.16
CA ARG C 412 -31.43 -15.87 0.72
C ARG C 412 -30.10 -16.57 0.37
N ILE C 413 -29.03 -16.12 1.01
CA ILE C 413 -27.72 -16.72 0.80
C ILE C 413 -27.71 -18.19 1.22
N GLU C 414 -28.24 -18.46 2.40
CA GLU C 414 -28.34 -19.84 2.90
C GLU C 414 -29.12 -20.70 1.92
N GLU C 415 -30.25 -20.18 1.44
CA GLU C 415 -31.06 -20.86 0.43
C GLU C 415 -30.26 -21.17 -0.85
N GLU C 416 -29.50 -20.18 -1.32
CA GLU C 416 -28.70 -20.34 -2.54
C GLU C 416 -27.52 -21.32 -2.37
N LEU C 417 -26.95 -21.40 -1.17
CA LEU C 417 -25.82 -22.30 -0.94
C LEU C 417 -26.31 -23.75 -0.91
N GLY C 418 -27.62 -23.92 -0.77
CA GLY C 418 -28.23 -25.25 -0.80
C GLY C 418 -27.63 -26.16 0.25
N ASP C 419 -27.23 -27.35 -0.19
CA ASP C 419 -26.69 -28.36 0.72
C ASP C 419 -25.30 -28.04 1.23
N GLU C 420 -24.70 -27.02 0.63
CA GLU C 420 -23.37 -26.53 0.99
C GLU C 420 -23.48 -25.53 2.15
N ALA C 421 -24.70 -25.16 2.51
CA ALA C 421 -24.92 -24.22 3.61
C ALA C 421 -24.55 -24.85 4.96
N ARG C 422 -23.69 -24.16 5.71
CA ARG C 422 -23.30 -24.56 7.06
C ARG C 422 -23.46 -23.41 8.06
N PHE C 423 -24.01 -23.70 9.24
CA PHE C 423 -24.32 -22.69 10.25
C PHE C 423 -23.28 -22.75 11.35
N ALA C 424 -22.73 -21.59 11.76
CA ALA C 424 -21.63 -21.56 12.73
C ALA C 424 -22.02 -22.14 14.09
N GLY C 425 -23.28 -21.93 14.48
CA GLY C 425 -23.79 -22.46 15.73
C GLY C 425 -22.95 -22.13 16.97
N HIS C 426 -22.60 -23.16 17.73
CA HIS C 426 -21.80 -22.97 18.94
C HIS C 426 -20.34 -22.65 18.67
N ASN C 427 -19.92 -22.70 17.41
CA ASN C 427 -18.56 -22.34 17.04
C ASN C 427 -18.50 -20.96 16.40
N PHE C 428 -19.41 -20.09 16.80
CA PHE C 428 -19.40 -18.73 16.26
C PHE C 428 -18.06 -18.04 16.46
N ARG C 429 -17.35 -18.37 17.53
CA ARG C 429 -16.02 -17.77 17.74
C ARG C 429 -14.95 -18.33 16.80
N ASN C 430 -15.05 -19.62 16.49
CA ASN C 430 -14.01 -20.30 15.72
C ASN C 430 -14.59 -21.24 14.65
N PRO C 431 -15.26 -20.67 13.64
CA PRO C 431 -15.97 -21.50 12.66
C PRO C 431 -15.07 -22.33 11.75
N SER C 432 -13.77 -22.03 11.73
CA SER C 432 -12.85 -22.75 10.83
C SER C 432 -12.65 -24.22 11.21
N VAL C 433 -13.08 -24.61 12.41
CA VAL C 433 -12.99 -26.01 12.80
C VAL C 433 -14.12 -26.85 12.19
N LEU C 434 -15.06 -26.20 11.52
CA LEU C 434 -16.22 -26.89 10.95
C LEU C 434 -16.01 -27.31 9.49
N HIS C 435 -15.04 -26.70 8.83
CA HIS C 435 -14.76 -26.93 7.41
C HIS C 435 -14.08 -28.27 7.10
N HIS C 436 -14.55 -28.95 6.06
CA HIS C 436 -13.93 -30.17 5.59
C HIS C 436 -13.71 -30.10 4.07
N HIS C 437 -12.67 -30.76 3.58
CA HIS C 437 -12.35 -30.75 2.15
C HIS C 437 -12.40 -32.16 1.57
N SER D 2 -41.90 -16.44 -21.91
CA SER D 2 -41.20 -15.25 -21.43
C SER D 2 -40.72 -15.44 -19.98
N ILE D 3 -41.55 -16.06 -19.16
CA ILE D 3 -41.20 -16.29 -17.76
C ILE D 3 -40.44 -17.59 -17.61
N GLU D 4 -39.22 -17.52 -17.08
CA GLU D 4 -38.38 -18.70 -16.97
C GLU D 4 -38.53 -19.39 -15.62
N LYS D 5 -38.69 -18.60 -14.57
CA LYS D 5 -38.78 -19.15 -13.24
C LYS D 5 -39.46 -18.18 -12.28
N ILE D 6 -40.32 -18.71 -11.42
CA ILE D 6 -40.89 -17.94 -10.33
C ILE D 6 -40.61 -18.71 -9.06
N TRP D 7 -40.00 -18.04 -8.08
CA TRP D 7 -39.72 -18.71 -6.82
C TRP D 7 -40.07 -17.79 -5.64
N ALA D 8 -40.87 -18.29 -4.72
CA ALA D 8 -41.29 -17.49 -3.57
C ALA D 8 -40.64 -17.98 -2.30
N ARG D 9 -40.40 -17.07 -1.36
CA ARG D 9 -39.87 -17.45 -0.05
C ARG D 9 -40.52 -16.61 1.07
N GLU D 10 -40.29 -17.04 2.29
CA GLU D 10 -40.71 -16.29 3.47
C GLU D 10 -39.57 -15.35 3.92
N ILE D 11 -39.84 -14.04 4.01
CA ILE D 11 -38.92 -13.09 4.66
C ILE D 11 -39.61 -12.40 5.83
N LEU D 12 -38.88 -11.57 6.57
CA LEU D 12 -39.52 -10.84 7.68
C LEU D 12 -39.77 -9.38 7.31
N ASP D 13 -40.95 -8.88 7.69
CA ASP D 13 -41.29 -7.49 7.44
C ASP D 13 -40.75 -6.64 8.57
N SER D 14 -41.03 -5.34 8.51
CA SER D 14 -40.40 -4.37 9.40
C SER D 14 -40.82 -4.49 10.86
N ARG D 15 -41.90 -5.25 11.13
CA ARG D 15 -42.30 -5.48 12.52
C ARG D 15 -41.75 -6.83 13.02
N GLY D 16 -40.98 -7.50 12.17
CA GLY D 16 -40.45 -8.82 12.46
C GLY D 16 -41.46 -9.96 12.28
N ASN D 17 -42.46 -9.75 11.42
CA ASN D 17 -43.41 -10.83 11.08
C ASN D 17 -43.16 -11.33 9.67
N PRO D 18 -43.45 -12.62 9.41
CA PRO D 18 -43.23 -13.19 8.08
C PRO D 18 -44.08 -12.53 7.01
N THR D 19 -43.54 -12.38 5.82
CA THR D 19 -44.35 -12.01 4.67
C THR D 19 -43.78 -12.67 3.41
N VAL D 20 -44.52 -12.53 2.31
CA VAL D 20 -44.13 -13.15 1.05
C VAL D 20 -43.12 -12.31 0.26
N GLU D 21 -42.12 -12.98 -0.28
CA GLU D 21 -41.22 -12.37 -1.27
C GLU D 21 -41.18 -13.28 -2.50
N VAL D 22 -41.18 -12.67 -3.69
CA VAL D 22 -41.18 -13.41 -4.95
C VAL D 22 -40.01 -13.00 -5.85
N ASP D 23 -39.23 -14.00 -6.29
CA ASP D 23 -38.20 -13.81 -7.34
C ASP D 23 -38.72 -14.27 -8.69
N LEU D 24 -38.74 -13.37 -9.67
CA LEU D 24 -39.14 -13.78 -11.02
C LEU D 24 -37.95 -13.62 -12.00
N TYR D 25 -37.66 -14.68 -12.75
CA TYR D 25 -36.57 -14.65 -13.73
C TYR D 25 -37.06 -14.60 -15.17
N THR D 26 -36.50 -13.69 -15.96
CA THR D 26 -36.64 -13.73 -17.41
C THR D 26 -35.26 -13.75 -18.05
N ALA D 27 -35.22 -13.63 -19.38
CA ALA D 27 -33.95 -13.53 -20.09
C ALA D 27 -33.21 -12.26 -19.74
N LYS D 28 -33.92 -11.28 -19.19
CA LYS D 28 -33.28 -10.03 -18.79
C LYS D 28 -32.82 -10.03 -17.34
N GLY D 29 -33.10 -11.11 -16.61
CA GLY D 29 -32.55 -11.26 -15.28
C GLY D 29 -33.54 -11.54 -14.16
N LEU D 30 -33.16 -11.10 -12.96
CA LEU D 30 -33.91 -11.37 -11.73
C LEU D 30 -34.76 -10.16 -11.30
N PHE D 31 -36.03 -10.39 -10.99
CA PHE D 31 -36.92 -9.33 -10.53
C PHE D 31 -37.63 -9.74 -9.25
N ARG D 32 -37.39 -8.98 -8.19
CA ARG D 32 -37.80 -9.35 -6.84
C ARG D 32 -38.77 -8.34 -6.27
N ALA D 33 -39.81 -8.84 -5.61
CA ALA D 33 -40.79 -8.00 -4.93
C ALA D 33 -41.28 -8.66 -3.65
N ALA D 34 -41.71 -7.85 -2.70
CA ALA D 34 -42.24 -8.35 -1.43
C ALA D 34 -43.55 -7.68 -1.07
N VAL D 35 -44.29 -8.30 -0.16
CA VAL D 35 -45.68 -7.93 0.15
C VAL D 35 -45.79 -7.32 1.54
N PRO D 36 -46.41 -6.13 1.63
CA PRO D 36 -46.58 -5.44 2.91
C PRO D 36 -47.75 -6.03 3.69
N SER D 37 -47.91 -5.63 4.95
CA SER D 37 -49.00 -6.18 5.75
C SER D 37 -49.53 -5.13 6.73
N GLY D 38 -50.86 -4.95 6.73
CA GLY D 38 -51.48 -3.90 7.53
C GLY D 38 -51.63 -4.20 9.01
N ALA D 39 -51.69 -3.15 9.82
CA ALA D 39 -51.88 -3.27 11.26
C ALA D 39 -53.34 -3.03 11.67
N SER D 40 -53.97 -2.02 11.07
CA SER D 40 -55.40 -1.78 11.29
C SER D 40 -56.17 -1.98 9.97
N THR D 41 -56.44 -3.23 9.63
CA THR D 41 -56.99 -3.58 8.31
C THR D 41 -58.51 -3.47 8.26
N GLY D 42 -59.04 -2.92 7.16
CA GLY D 42 -60.48 -2.85 6.99
C GLY D 42 -61.09 -4.24 6.79
N ILE D 43 -62.35 -4.43 7.16
CA ILE D 43 -62.96 -5.75 7.03
C ILE D 43 -63.23 -6.13 5.58
N TYR D 44 -63.16 -5.17 4.66
CA TYR D 44 -63.37 -5.53 3.25
C TYR D 44 -62.09 -5.71 2.44
N GLU D 45 -60.93 -5.71 3.11
CA GLU D 45 -59.68 -5.96 2.39
C GLU D 45 -59.65 -7.41 1.89
N ALA D 46 -59.00 -7.64 0.76
CA ALA D 46 -58.73 -8.97 0.26
C ALA D 46 -57.98 -9.79 1.30
N LEU D 47 -58.07 -11.11 1.22
CA LEU D 47 -57.58 -11.96 2.30
C LEU D 47 -56.06 -12.06 2.36
N GLU D 48 -55.51 -11.77 3.52
CA GLU D 48 -54.12 -12.04 3.79
C GLU D 48 -53.99 -13.43 4.41
N LEU D 49 -53.44 -14.38 3.67
CA LEU D 49 -53.40 -15.77 4.13
C LEU D 49 -52.19 -16.02 5.03
N ARG D 50 -52.47 -16.36 6.29
CA ARG D 50 -51.47 -16.77 7.29
C ARG D 50 -51.65 -18.25 7.63
N ASP D 51 -50.61 -18.90 8.15
CA ASP D 51 -50.60 -20.34 8.41
C ASP D 51 -51.42 -20.77 9.63
N GLY D 52 -51.45 -19.93 10.67
CA GLY D 52 -52.20 -20.22 11.88
C GLY D 52 -51.48 -21.19 12.82
N ASP D 53 -50.33 -21.68 12.38
CA ASP D 53 -49.51 -22.60 13.18
C ASP D 53 -48.91 -21.86 14.36
N LYS D 54 -49.47 -22.08 15.55
CA LYS D 54 -49.06 -21.32 16.74
C LYS D 54 -47.69 -21.73 17.27
N GLN D 55 -47.11 -22.76 16.67
CA GLN D 55 -45.78 -23.24 17.06
C GLN D 55 -44.69 -22.46 16.33
N ARG D 56 -45.14 -21.55 15.47
CA ARG D 56 -44.24 -20.93 14.53
C ARG D 56 -44.66 -19.49 14.27
N TYR D 57 -43.86 -18.53 14.75
CA TYR D 57 -44.15 -17.11 14.57
C TYR D 57 -45.53 -16.73 15.13
N LEU D 58 -45.94 -17.41 16.20
CA LEU D 58 -47.24 -17.13 16.83
C LEU D 58 -48.39 -17.19 15.84
N GLY D 59 -48.28 -18.08 14.87
CA GLY D 59 -49.33 -18.28 13.89
C GLY D 59 -49.24 -17.44 12.64
N LYS D 60 -48.15 -16.66 12.50
CA LYS D 60 -48.12 -15.66 11.44
C LYS D 60 -47.25 -16.05 10.23
N GLY D 61 -46.88 -17.32 10.14
CA GLY D 61 -46.16 -17.80 8.98
C GLY D 61 -46.94 -17.63 7.69
N VAL D 62 -46.23 -17.65 6.57
CA VAL D 62 -46.87 -17.50 5.27
C VAL D 62 -46.38 -18.60 4.32
N LEU D 63 -46.07 -19.76 4.89
CA LEU D 63 -45.68 -20.94 4.12
C LEU D 63 -46.76 -21.41 3.11
N LYS D 64 -48.02 -21.27 3.49
CA LYS D 64 -49.12 -21.68 2.61
C LYS D 64 -49.21 -20.79 1.38
N ALA D 65 -49.10 -19.48 1.59
CA ALA D 65 -49.11 -18.54 0.46
C ALA D 65 -47.91 -18.79 -0.45
N VAL D 66 -46.76 -19.01 0.16
CA VAL D 66 -45.54 -19.30 -0.57
C VAL D 66 -45.68 -20.58 -1.38
N ASP D 67 -46.26 -21.60 -0.77
CA ASP D 67 -46.51 -22.87 -1.46
C ASP D 67 -47.49 -22.73 -2.63
N HIS D 68 -48.56 -21.95 -2.45
CA HIS D 68 -49.49 -21.66 -3.55
C HIS D 68 -48.79 -21.08 -4.77
N ILE D 69 -47.82 -20.21 -4.51
CA ILE D 69 -47.03 -19.65 -5.60
C ILE D 69 -46.13 -20.71 -6.22
N ASN D 70 -45.32 -21.36 -5.39
CA ASN D 70 -44.32 -22.31 -5.90
C ASN D 70 -44.95 -23.55 -6.56
N SER D 71 -46.04 -24.04 -5.98
CA SER D 71 -46.71 -25.24 -6.49
C SER D 71 -47.77 -25.01 -7.57
N THR D 72 -48.45 -23.85 -7.56
CA THR D 72 -49.60 -23.66 -8.44
C THR D 72 -49.49 -22.48 -9.40
N ILE D 73 -49.28 -21.28 -8.86
CA ILE D 73 -49.27 -20.09 -9.71
C ILE D 73 -48.08 -20.10 -10.68
N ALA D 74 -46.92 -20.54 -10.21
CA ALA D 74 -45.71 -20.48 -11.03
C ALA D 74 -45.80 -21.35 -12.28
N PRO D 75 -46.07 -22.67 -12.14
CA PRO D 75 -46.12 -23.44 -13.39
C PRO D 75 -47.26 -23.01 -14.31
N ALA D 76 -48.36 -22.56 -13.74
CA ALA D 76 -49.48 -22.10 -14.55
C ALA D 76 -49.09 -20.90 -15.41
N LEU D 77 -48.53 -19.87 -14.78
CA LEU D 77 -48.16 -18.66 -15.50
C LEU D 77 -47.03 -18.92 -16.49
N ILE D 78 -46.13 -19.82 -16.14
CA ILE D 78 -45.03 -20.16 -17.04
C ILE D 78 -45.56 -20.93 -18.25
N SER D 79 -46.49 -21.86 -17.99
CA SER D 79 -47.07 -22.66 -19.07
C SER D 79 -47.84 -21.82 -20.07
N SER D 80 -48.44 -20.74 -19.59
CA SER D 80 -49.26 -19.87 -20.43
C SER D 80 -48.45 -19.23 -21.55
N GLY D 81 -47.15 -19.09 -21.33
CA GLY D 81 -46.28 -18.49 -22.30
C GLY D 81 -46.49 -16.99 -22.44
N LEU D 82 -47.36 -16.42 -21.59
CA LEU D 82 -47.65 -14.99 -21.66
C LEU D 82 -46.41 -14.16 -21.33
N SER D 83 -46.21 -13.09 -22.11
CA SER D 83 -45.10 -12.17 -21.86
C SER D 83 -45.31 -11.35 -20.60
N VAL D 84 -44.23 -10.97 -19.94
CA VAL D 84 -44.36 -10.25 -18.68
C VAL D 84 -44.89 -8.84 -18.89
N VAL D 85 -44.89 -8.35 -20.13
CA VAL D 85 -45.46 -7.03 -20.41
C VAL D 85 -47.00 -7.06 -20.37
N GLU D 86 -47.57 -8.27 -20.50
N GLU D 86 -47.56 -8.28 -20.47
CA GLU D 86 -49.03 -8.39 -20.50
CA GLU D 86 -49.01 -8.44 -20.47
C GLU D 86 -49.54 -8.49 -19.06
C GLU D 86 -49.55 -8.49 -19.05
N GLN D 87 -49.38 -7.40 -18.31
CA GLN D 87 -49.77 -7.34 -16.91
C GLN D 87 -51.20 -7.77 -16.68
N GLU D 88 -52.12 -7.20 -17.45
CA GLU D 88 -53.55 -7.48 -17.26
C GLU D 88 -53.89 -8.96 -17.48
N LYS D 89 -53.30 -9.59 -18.50
CA LYS D 89 -53.62 -11.00 -18.79
C LYS D 89 -53.10 -11.94 -17.70
N LEU D 90 -51.90 -11.64 -17.21
CA LEU D 90 -51.30 -12.48 -16.19
C LEU D 90 -52.06 -12.31 -14.88
N ASP D 91 -52.41 -11.06 -14.55
CA ASP D 91 -53.21 -10.81 -13.36
C ASP D 91 -54.57 -11.52 -13.43
N ASN D 92 -55.22 -11.42 -14.59
CA ASN D 92 -56.52 -12.07 -14.76
C ASN D 92 -56.44 -13.58 -14.66
N LEU D 93 -55.38 -14.16 -15.23
CA LEU D 93 -55.16 -15.60 -15.12
C LEU D 93 -55.01 -16.01 -13.65
N MET D 94 -54.26 -15.23 -12.87
CA MET D 94 -54.15 -15.50 -11.44
C MET D 94 -55.51 -15.36 -10.73
N LEU D 95 -56.28 -14.33 -11.09
CA LEU D 95 -57.60 -14.16 -10.47
C LEU D 95 -58.54 -15.32 -10.76
N GLU D 96 -58.54 -15.82 -11.99
CA GLU D 96 -59.43 -16.93 -12.34
C GLU D 96 -58.93 -18.26 -11.77
N LEU D 97 -57.62 -18.39 -11.68
CA LEU D 97 -56.98 -19.53 -11.03
C LEU D 97 -57.40 -19.66 -9.56
N ASP D 98 -57.45 -18.53 -8.86
CA ASP D 98 -57.91 -18.48 -7.47
C ASP D 98 -59.43 -18.64 -7.40
N GLY D 99 -60.14 -17.95 -8.29
CA GLY D 99 -61.56 -18.17 -8.47
C GLY D 99 -62.50 -17.51 -7.47
N THR D 100 -61.95 -16.91 -6.41
CA THR D 100 -62.81 -16.33 -5.37
C THR D 100 -62.83 -14.81 -5.44
N GLU D 101 -63.85 -14.21 -4.84
CA GLU D 101 -64.03 -12.77 -4.88
C GLU D 101 -62.95 -12.02 -4.10
N ASN D 102 -62.61 -12.52 -2.92
CA ASN D 102 -61.63 -11.88 -2.04
C ASN D 102 -60.26 -12.57 -2.00
N LYS D 103 -59.94 -13.34 -3.05
CA LYS D 103 -58.66 -14.04 -3.15
C LYS D 103 -58.37 -14.94 -1.95
N SER D 104 -59.38 -15.66 -1.47
CA SER D 104 -59.22 -16.46 -0.26
C SER D 104 -58.70 -17.89 -0.51
N LYS D 105 -58.54 -18.28 -1.76
CA LYS D 105 -57.98 -19.60 -2.09
C LYS D 105 -56.45 -19.56 -1.98
N PHE D 106 -55.82 -18.59 -2.62
CA PHE D 106 -54.35 -18.50 -2.61
C PHE D 106 -53.85 -17.50 -1.57
N GLY D 107 -54.70 -16.53 -1.24
CA GLY D 107 -54.33 -15.39 -0.41
C GLY D 107 -53.97 -14.20 -1.30
N ALA D 108 -54.39 -13.00 -0.92
CA ALA D 108 -54.01 -11.83 -1.70
C ALA D 108 -52.50 -11.60 -1.63
N ASN D 109 -51.86 -12.07 -0.57
CA ASN D 109 -50.42 -11.92 -0.44
C ASN D 109 -49.66 -12.85 -1.39
N ALA D 110 -50.23 -13.99 -1.78
CA ALA D 110 -49.60 -14.81 -2.81
C ALA D 110 -49.76 -14.17 -4.19
N ILE D 111 -50.98 -13.74 -4.52
CA ILE D 111 -51.24 -13.16 -5.83
C ILE D 111 -50.47 -11.84 -6.05
N LEU D 112 -50.47 -10.97 -5.04
CA LEU D 112 -49.81 -9.68 -5.21
C LEU D 112 -48.28 -9.81 -5.38
N GLY D 113 -47.68 -10.74 -4.66
CA GLY D 113 -46.24 -10.96 -4.79
C GLY D 113 -45.80 -11.19 -6.22
N VAL D 114 -46.57 -12.01 -6.91
CA VAL D 114 -46.26 -12.35 -8.29
C VAL D 114 -46.57 -11.17 -9.21
N SER D 115 -47.69 -10.50 -8.94
CA SER D 115 -48.14 -9.36 -9.73
C SER D 115 -47.11 -8.25 -9.72
N LEU D 116 -46.52 -7.97 -8.57
CA LEU D 116 -45.48 -6.94 -8.50
C LEU D 116 -44.22 -7.35 -9.26
N ALA D 117 -43.79 -8.60 -9.10
CA ALA D 117 -42.59 -9.10 -9.76
C ALA D 117 -42.75 -9.07 -11.29
N VAL D 118 -43.90 -9.53 -11.76
CA VAL D 118 -44.25 -9.44 -13.18
C VAL D 118 -44.14 -8.03 -13.72
N CYS D 119 -44.65 -7.07 -12.96
CA CYS D 119 -44.64 -5.68 -13.38
C CYS D 119 -43.20 -5.15 -13.51
N LYS D 120 -42.33 -5.51 -12.57
CA LYS D 120 -40.92 -5.12 -12.63
C LYS D 120 -40.22 -5.76 -13.84
N ALA D 121 -40.46 -7.05 -14.04
CA ALA D 121 -39.90 -7.77 -15.19
C ALA D 121 -40.42 -7.16 -16.49
N GLY D 122 -41.69 -6.75 -16.47
CA GLY D 122 -42.31 -6.16 -17.64
C GLY D 122 -41.67 -4.85 -18.03
N ALA D 123 -41.33 -4.04 -17.03
CA ALA D 123 -40.66 -2.78 -17.27
C ALA D 123 -39.35 -3.04 -18.00
N ALA D 124 -38.63 -4.06 -17.56
CA ALA D 124 -37.33 -4.36 -18.15
C ALA D 124 -37.47 -4.82 -19.59
N GLU D 125 -38.52 -5.58 -19.87
CA GLU D 125 -38.78 -6.10 -21.20
C GLU D 125 -39.08 -4.97 -22.18
N ARG D 126 -39.80 -3.96 -21.70
CA ARG D 126 -40.06 -2.73 -22.45
C ARG D 126 -38.86 -1.79 -22.46
N GLU D 127 -37.82 -2.17 -21.73
CA GLU D 127 -36.64 -1.32 -21.56
C GLU D 127 -37.02 0.07 -21.06
N LEU D 128 -37.80 0.08 -19.99
CA LEU D 128 -38.29 1.31 -19.37
C LEU D 128 -38.04 1.26 -17.87
N PRO D 129 -37.88 2.42 -17.23
CA PRO D 129 -37.91 2.41 -15.76
C PRO D 129 -39.30 2.03 -15.28
N LEU D 130 -39.37 1.40 -14.10
CA LEU D 130 -40.64 0.92 -13.57
C LEU D 130 -41.72 2.01 -13.62
N TYR D 131 -41.39 3.23 -13.22
CA TYR D 131 -42.44 4.25 -13.18
C TYR D 131 -43.01 4.61 -14.57
N ARG D 132 -42.20 4.49 -15.62
CA ARG D 132 -42.71 4.76 -16.97
C ARG D 132 -43.57 3.60 -17.50
N HIS D 133 -43.19 2.38 -17.12
CA HIS D 133 -43.95 1.20 -17.50
C HIS D 133 -45.32 1.27 -16.88
N ILE D 134 -45.36 1.66 -15.60
CA ILE D 134 -46.63 1.83 -14.88
C ILE D 134 -47.49 2.92 -15.50
N ALA D 135 -46.87 4.04 -15.86
CA ALA D 135 -47.59 5.13 -16.52
C ALA D 135 -48.25 4.67 -17.84
N GLN D 136 -47.53 3.85 -18.60
CA GLN D 136 -48.09 3.28 -19.83
C GLN D 136 -49.26 2.34 -19.56
N LEU D 137 -49.15 1.51 -18.54
CA LEU D 137 -50.23 0.59 -18.17
C LEU D 137 -51.48 1.36 -17.75
N ALA D 138 -51.28 2.57 -17.23
CA ALA D 138 -52.39 3.36 -16.70
C ALA D 138 -52.93 4.35 -17.73
N GLY D 139 -52.24 4.47 -18.86
CA GLY D 139 -52.63 5.44 -19.87
C GLY D 139 -52.18 6.84 -19.53
N ASN D 140 -51.12 6.97 -18.73
CA ASN D 140 -50.55 8.29 -18.45
C ASN D 140 -49.33 8.60 -19.28
N SER D 141 -49.18 9.86 -19.66
CA SER D 141 -48.03 10.28 -20.45
C SER D 141 -47.20 11.25 -19.63
N ASP D 142 -47.85 11.87 -18.66
CA ASP D 142 -47.18 12.79 -17.75
C ASP D 142 -46.69 12.04 -16.52
N LEU D 143 -45.81 12.68 -15.75
CA LEU D 143 -45.33 12.13 -14.49
C LEU D 143 -45.18 13.29 -13.51
N ILE D 144 -45.41 13.03 -12.23
CA ILE D 144 -45.19 14.08 -11.25
C ILE D 144 -44.70 13.48 -9.93
N LEU D 145 -43.88 14.25 -9.22
CA LEU D 145 -43.39 13.85 -7.91
C LEU D 145 -44.41 14.23 -6.86
N PRO D 146 -44.69 13.32 -5.93
CA PRO D 146 -45.74 13.55 -4.93
C PRO D 146 -45.29 14.43 -3.78
N VAL D 147 -46.23 15.09 -3.12
CA VAL D 147 -45.95 15.63 -1.79
C VAL D 147 -45.96 14.45 -0.80
N PRO D 148 -44.88 14.32 -0.01
CA PRO D 148 -44.86 13.26 1.01
C PRO D 148 -45.66 13.67 2.23
N ALA D 149 -46.39 12.71 2.82
CA ALA D 149 -47.07 12.94 4.08
C ALA D 149 -46.45 12.08 5.17
N PHE D 150 -45.69 12.72 6.07
CA PHE D 150 -44.96 12.03 7.13
C PHE D 150 -45.73 11.89 8.45
N ASN D 151 -46.04 10.67 8.85
CA ASN D 151 -46.66 10.37 10.15
C ASN D 151 -45.67 10.66 11.30
N VAL D 152 -45.85 11.76 12.03
CA VAL D 152 -44.88 12.11 13.08
C VAL D 152 -45.40 11.90 14.52
N ILE D 153 -46.70 11.96 14.73
CA ILE D 153 -47.28 11.67 16.04
C ILE D 153 -48.32 10.55 15.86
N ASN D 154 -48.25 9.51 16.71
CA ASN D 154 -49.14 8.36 16.58
C ASN D 154 -50.02 8.15 17.81
N GLY D 155 -51.24 7.71 17.56
CA GLY D 155 -52.11 7.16 18.58
C GLY D 155 -52.73 5.92 17.97
N GLY D 156 -53.93 5.56 18.44
CA GLY D 156 -54.67 4.47 17.82
C GLY D 156 -54.40 3.10 18.40
N SER D 157 -54.92 2.08 17.72
CA SER D 157 -54.90 0.69 18.18
C SER D 157 -53.51 0.12 18.46
N HIS D 158 -52.49 0.63 17.79
CA HIS D 158 -51.15 0.05 17.95
C HIS D 158 -50.13 1.01 18.55
N ALA D 159 -50.63 2.03 19.24
CA ALA D 159 -49.77 2.93 19.99
C ALA D 159 -50.07 2.77 21.48
N GLY D 160 -49.06 2.96 22.32
CA GLY D 160 -49.20 2.66 23.73
C GLY D 160 -49.71 3.80 24.58
N ASN D 161 -49.97 4.94 23.96
CA ASN D 161 -50.59 6.07 24.66
C ASN D 161 -52.12 5.91 24.71
N LYS D 162 -52.81 6.91 25.24
CA LYS D 162 -54.27 6.88 25.29
C LYS D 162 -54.92 7.49 24.05
N LEU D 163 -54.12 8.22 23.28
CA LEU D 163 -54.58 8.95 22.09
C LEU D 163 -55.39 8.06 21.14
N ALA D 164 -56.62 8.43 20.82
CA ALA D 164 -57.47 7.56 20.03
C ALA D 164 -57.18 7.64 18.53
N MET D 165 -56.93 8.84 18.02
CA MET D 165 -56.77 8.99 16.58
C MET D 165 -55.38 8.55 16.13
N GLN D 166 -55.32 7.90 14.97
CA GLN D 166 -54.17 7.07 14.63
C GLN D 166 -52.90 7.81 14.20
N GLU D 167 -53.03 8.76 13.29
CA GLU D 167 -51.84 9.40 12.68
C GLU D 167 -51.99 10.91 12.56
N PHE D 168 -50.93 11.64 12.90
CA PHE D 168 -50.87 13.06 12.61
C PHE D 168 -49.66 13.31 11.71
N MET D 169 -49.94 13.81 10.51
CA MET D 169 -48.96 13.90 9.45
C MET D 169 -48.56 15.33 9.09
N ILE D 170 -47.35 15.49 8.58
CA ILE D 170 -46.93 16.77 8.00
C ILE D 170 -46.67 16.62 6.51
N LEU D 171 -47.15 17.58 5.75
CA LEU D 171 -47.03 17.62 4.30
C LEU D 171 -46.32 18.90 3.88
N PRO D 172 -45.08 18.78 3.38
CA PRO D 172 -44.39 19.99 2.93
C PRO D 172 -44.88 20.45 1.56
N VAL D 173 -46.10 20.97 1.48
CA VAL D 173 -46.66 21.39 0.20
C VAL D 173 -45.88 22.56 -0.44
N GLY D 174 -45.21 23.35 0.40
CA GLY D 174 -44.50 24.53 -0.06
C GLY D 174 -43.01 24.34 -0.32
N ALA D 175 -42.57 23.09 -0.35
CA ALA D 175 -41.17 22.77 -0.68
C ALA D 175 -40.86 23.11 -2.15
N GLU D 176 -39.58 23.20 -2.48
CA GLU D 176 -39.15 23.59 -3.82
C GLU D 176 -39.15 22.41 -4.77
N SER D 177 -39.11 21.21 -4.21
CA SER D 177 -38.94 19.97 -4.98
C SER D 177 -39.16 18.81 -4.05
N PHE D 178 -39.10 17.57 -4.57
CA PHE D 178 -39.26 16.46 -3.66
C PHE D 178 -38.03 16.33 -2.74
N ARG D 179 -36.84 16.51 -3.29
CA ARG D 179 -35.61 16.47 -2.49
C ARG D 179 -35.64 17.52 -1.37
N ASP D 180 -36.23 18.67 -1.67
CA ASP D 180 -36.41 19.72 -0.66
C ASP D 180 -37.45 19.33 0.39
N ALA D 181 -38.51 18.64 -0.03
CA ALA D 181 -39.57 18.21 0.88
C ALA D 181 -39.05 17.23 1.93
N MET D 182 -38.10 16.39 1.54
CA MET D 182 -37.44 15.46 2.45
C MET D 182 -36.64 16.19 3.54
N ARG D 183 -35.92 17.23 3.14
CA ARG D 183 -35.23 18.06 4.12
C ARG D 183 -36.19 18.75 5.09
N LEU D 184 -37.26 19.36 4.58
CA LEU D 184 -38.26 19.99 5.46
C LEU D 184 -38.86 18.98 6.43
N GLY D 185 -39.25 17.82 5.91
CA GLY D 185 -39.80 16.76 6.75
C GLY D 185 -38.82 16.33 7.83
N ALA D 186 -37.57 16.06 7.44
CA ALA D 186 -36.57 15.56 8.38
C ALA D 186 -36.27 16.58 9.48
N GLU D 187 -36.14 17.84 9.08
CA GLU D 187 -35.82 18.90 10.02
C GLU D 187 -36.93 19.12 11.02
N VAL D 188 -38.19 19.09 10.56
CA VAL D 188 -39.32 19.21 11.46
C VAL D 188 -39.37 18.00 12.39
N TYR D 189 -39.06 16.82 11.85
CA TYR D 189 -39.09 15.60 12.63
C TYR D 189 -38.08 15.66 13.78
N HIS D 190 -36.83 16.00 13.47
CA HIS D 190 -35.81 16.15 14.51
C HIS D 190 -36.15 17.28 15.50
N THR D 191 -36.75 18.37 15.02
CA THR D 191 -37.22 19.42 15.93
C THR D 191 -38.27 18.88 16.89
N LEU D 192 -39.26 18.18 16.35
CA LEU D 192 -40.32 17.59 17.17
C LEU D 192 -39.76 16.69 18.25
N LYS D 193 -38.74 15.90 17.93
CA LYS D 193 -38.13 15.02 18.93
C LYS D 193 -37.61 15.83 20.13
N GLY D 194 -37.01 16.99 19.86
CA GLY D 194 -36.57 17.88 20.92
C GLY D 194 -37.72 18.46 21.72
N VAL D 195 -38.77 18.88 21.02
CA VAL D 195 -39.97 19.41 21.66
C VAL D 195 -40.57 18.39 22.63
N ILE D 196 -40.61 17.14 22.19
CA ILE D 196 -41.26 16.10 22.98
C ILE D 196 -40.41 15.74 24.21
N LYS D 197 -39.10 15.70 24.01
CA LYS D 197 -38.16 15.43 25.09
C LYS D 197 -38.33 16.46 26.21
N ASP D 198 -38.31 17.73 25.82
CA ASP D 198 -38.51 18.84 26.75
C ASP D 198 -39.81 18.76 27.52
N LYS D 199 -40.88 18.38 26.84
CA LYS D 199 -42.22 18.44 27.42
C LYS D 199 -42.65 17.13 28.10
N TYR D 200 -42.16 15.99 27.60
CA TYR D 200 -42.60 14.72 28.16
C TYR D 200 -41.46 13.89 28.75
N GLY D 201 -40.22 14.31 28.53
CA GLY D 201 -39.07 13.62 29.11
C GLY D 201 -38.19 12.88 28.11
N LYS D 202 -36.97 12.57 28.54
CA LYS D 202 -35.98 11.92 27.69
C LYS D 202 -36.39 10.52 27.26
N ASP D 203 -37.31 9.91 28.01
CA ASP D 203 -37.76 8.55 27.74
C ASP D 203 -39.02 8.47 26.88
N ALA D 204 -39.45 9.59 26.32
CA ALA D 204 -40.69 9.61 25.54
C ALA D 204 -40.45 9.70 24.03
N THR D 205 -39.20 9.52 23.58
CA THR D 205 -38.90 9.74 22.16
C THR D 205 -38.49 8.51 21.34
N ASN D 206 -38.76 7.31 21.83
CA ASN D 206 -38.62 6.12 20.99
C ASN D 206 -39.77 6.06 19.99
N VAL D 207 -39.61 5.30 18.91
CA VAL D 207 -40.54 5.42 17.79
C VAL D 207 -41.49 4.25 17.67
N GLY D 208 -42.62 4.50 17.01
CA GLY D 208 -43.61 3.47 16.72
C GLY D 208 -43.30 2.73 15.42
N ASP D 209 -44.27 1.94 14.95
CA ASP D 209 -44.09 1.02 13.83
C ASP D 209 -43.70 1.73 12.55
N GLU D 210 -44.20 2.96 12.35
CA GLU D 210 -43.85 3.72 11.15
C GLU D 210 -42.93 4.93 11.42
N GLY D 211 -42.22 4.89 12.55
CA GLY D 211 -41.17 5.87 12.83
C GLY D 211 -41.64 7.14 13.52
N GLY D 212 -42.93 7.23 13.84
CA GLY D 212 -43.46 8.38 14.55
C GLY D 212 -43.29 8.28 16.05
N PHE D 213 -43.55 9.39 16.75
CA PHE D 213 -43.48 9.40 18.21
C PHE D 213 -44.85 9.16 18.82
N ALA D 214 -44.88 8.56 20.00
CA ALA D 214 -46.16 8.32 20.67
C ALA D 214 -46.10 8.77 22.12
N PRO D 215 -46.05 10.09 22.34
CA PRO D 215 -46.03 10.63 23.70
C PRO D 215 -47.36 10.35 24.39
N ASN D 216 -47.36 10.40 25.72
CA ASN D 216 -48.53 10.01 26.48
C ASN D 216 -49.54 11.12 26.65
N ILE D 217 -50.29 11.39 25.59
CA ILE D 217 -51.35 12.38 25.62
C ILE D 217 -52.68 11.69 25.31
N LEU D 218 -53.78 12.35 25.66
CA LEU D 218 -55.11 11.81 25.39
C LEU D 218 -55.87 12.70 24.41
N GLU D 219 -55.71 14.02 24.59
CA GLU D 219 -56.40 14.99 23.76
C GLU D 219 -55.79 15.05 22.37
N ASN D 220 -56.63 14.82 21.37
CA ASN D 220 -56.19 14.85 19.99
C ASN D 220 -55.76 16.25 19.58
N SER D 221 -56.37 17.26 20.19
CA SER D 221 -55.96 18.65 19.94
C SER D 221 -54.54 18.94 20.42
N GLU D 222 -54.08 18.23 21.45
CA GLU D 222 -52.71 18.36 21.94
C GLU D 222 -51.69 17.85 20.92
N ALA D 223 -51.98 16.71 20.29
CA ALA D 223 -51.12 16.18 19.22
C ALA D 223 -50.96 17.20 18.10
N LEU D 224 -52.08 17.83 17.73
CA LEU D 224 -52.08 18.86 16.70
C LEU D 224 -51.29 20.07 17.16
N GLU D 225 -51.38 20.39 18.44
CA GLU D 225 -50.57 21.47 19.01
C GLU D 225 -49.07 21.17 18.94
N LEU D 226 -48.69 19.93 19.22
CA LEU D 226 -47.28 19.53 19.17
C LEU D 226 -46.71 19.68 17.77
N VAL D 227 -47.44 19.20 16.78
CA VAL D 227 -47.00 19.25 15.39
C VAL D 227 -46.85 20.69 14.93
N LYS D 228 -47.85 21.51 15.24
CA LYS D 228 -47.82 22.91 14.87
C LYS D 228 -46.63 23.62 15.49
N GLU D 229 -46.36 23.32 16.76
CA GLU D 229 -45.21 23.92 17.43
C GLU D 229 -43.87 23.52 16.78
N ALA D 230 -43.73 22.25 16.39
CA ALA D 230 -42.51 21.80 15.74
C ALA D 230 -42.35 22.46 14.37
N ILE D 231 -43.43 22.55 13.61
CA ILE D 231 -43.38 23.22 12.30
C ILE D 231 -42.87 24.65 12.45
N ASP D 232 -43.39 25.36 13.44
CA ASP D 232 -43.07 26.77 13.66
C ASP D 232 -41.63 26.92 14.14
N LYS D 233 -41.26 26.13 15.15
CA LYS D 233 -39.89 26.14 15.68
C LYS D 233 -38.85 25.83 14.60
N ALA D 234 -39.18 24.93 13.67
CA ALA D 234 -38.25 24.62 12.58
C ALA D 234 -38.22 25.73 11.54
N GLY D 235 -39.20 26.62 11.59
CA GLY D 235 -39.22 27.79 10.72
C GLY D 235 -39.94 27.60 9.40
N TYR D 236 -40.93 26.72 9.37
CA TYR D 236 -41.60 26.41 8.11
C TYR D 236 -43.13 26.56 8.12
N THR D 237 -43.65 27.43 8.98
CA THR D 237 -45.09 27.65 9.10
C THR D 237 -45.79 27.88 7.77
N GLU D 238 -45.11 28.56 6.86
CA GLU D 238 -45.69 28.89 5.57
C GLU D 238 -45.58 27.77 4.53
N LYS D 239 -44.95 26.66 4.88
CA LYS D 239 -44.61 25.68 3.85
C LYS D 239 -45.06 24.24 4.16
N ILE D 240 -45.53 24.01 5.38
CA ILE D 240 -45.96 22.69 5.82
C ILE D 240 -47.36 22.71 6.42
N VAL D 241 -48.22 21.81 5.94
CA VAL D 241 -49.54 21.68 6.52
C VAL D 241 -49.71 20.29 7.15
N ILE D 242 -50.91 20.03 7.67
CA ILE D 242 -51.18 18.86 8.52
C ILE D 242 -52.24 17.95 7.91
N GLY D 243 -52.01 16.63 7.97
CA GLY D 243 -53.02 15.66 7.60
C GLY D 243 -53.24 14.71 8.76
N MET D 244 -54.42 14.10 8.81
CA MET D 244 -54.76 13.14 9.86
C MET D 244 -55.28 11.83 9.27
N ASP D 245 -54.87 10.71 9.88
CA ASP D 245 -55.54 9.44 9.67
C ASP D 245 -56.22 9.10 10.99
N VAL D 246 -57.53 9.32 11.06
CA VAL D 246 -58.28 9.04 12.27
C VAL D 246 -58.38 7.53 12.50
N ALA D 247 -58.59 6.79 11.41
CA ALA D 247 -58.90 5.34 11.48
C ALA D 247 -60.04 5.04 12.45
N ALA D 248 -61.19 5.66 12.20
CA ALA D 248 -62.26 5.65 13.19
C ALA D 248 -62.90 4.26 13.35
N SER D 249 -62.74 3.41 12.34
CA SER D 249 -63.21 2.03 12.44
C SER D 249 -62.61 1.34 13.66
N GLU D 250 -61.43 1.79 14.10
CA GLU D 250 -60.77 1.17 15.24
C GLU D 250 -61.43 1.52 16.57
N PHE D 251 -62.21 2.60 16.63
CA PHE D 251 -62.88 2.96 17.89
C PHE D 251 -64.39 3.15 17.72
N TYR D 252 -64.92 2.57 16.65
CA TYR D 252 -66.36 2.47 16.46
C TYR D 252 -66.93 1.40 17.43
N ARG D 253 -67.94 1.79 18.20
CA ARG D 253 -68.61 0.87 19.12
C ARG D 253 -70.13 1.02 19.04
N ASP D 254 -70.81 0.00 18.53
CA ASP D 254 -72.29 -0.06 18.54
C ASP D 254 -73.00 1.17 18.01
N GLY D 255 -72.50 1.73 16.92
CA GLY D 255 -73.14 2.89 16.31
C GLY D 255 -72.65 4.23 16.83
N LYS D 256 -71.70 4.19 17.76
CA LYS D 256 -71.11 5.39 18.33
C LYS D 256 -69.59 5.30 18.32
N TYR D 257 -68.92 6.34 18.80
CA TYR D 257 -67.46 6.39 18.76
C TYR D 257 -66.86 6.64 20.13
N ASP D 258 -65.79 5.90 20.42
CA ASP D 258 -65.15 5.94 21.73
C ASP D 258 -63.73 6.52 21.64
N LEU D 259 -63.58 7.81 21.93
CA LEU D 259 -62.26 8.46 21.83
C LEU D 259 -61.32 8.14 22.99
N ASP D 260 -61.74 7.28 23.92
CA ASP D 260 -60.84 6.79 24.95
C ASP D 260 -60.93 5.28 25.01
N PHE D 261 -60.89 4.66 23.83
CA PHE D 261 -61.14 3.24 23.73
C PHE D 261 -59.99 2.38 24.28
N LYS D 262 -58.86 2.99 24.62
CA LYS D 262 -57.77 2.24 25.24
C LYS D 262 -57.79 2.38 26.76
N SER D 263 -58.84 3.01 27.27
CA SER D 263 -59.15 3.02 28.70
C SER D 263 -60.30 2.05 28.91
N PRO D 264 -60.55 1.63 30.17
CA PRO D 264 -61.65 0.68 30.45
C PRO D 264 -62.99 1.06 29.80
N THR D 265 -63.64 0.08 29.17
CA THR D 265 -64.89 0.27 28.43
C THR D 265 -65.96 0.99 29.25
N ASP D 266 -66.61 1.98 28.64
CA ASP D 266 -67.52 2.86 29.36
C ASP D 266 -68.48 3.56 28.39
N PRO D 267 -69.56 2.88 27.98
CA PRO D 267 -70.48 3.35 26.93
C PRO D 267 -71.04 4.76 27.11
N SER D 268 -71.00 5.28 28.33
CA SER D 268 -71.50 6.63 28.59
C SER D 268 -70.52 7.67 28.03
N ARG D 269 -69.31 7.21 27.75
CA ARG D 269 -68.22 8.02 27.20
C ARG D 269 -68.41 8.25 25.69
N TYR D 270 -69.21 7.42 25.05
CA TYR D 270 -69.24 7.38 23.59
C TYR D 270 -69.89 8.62 22.97
N ILE D 271 -69.43 9.00 21.78
CA ILE D 271 -70.04 10.10 21.07
C ILE D 271 -70.57 9.71 19.69
N THR D 272 -71.45 10.53 19.15
CA THR D 272 -72.05 10.25 17.86
C THR D 272 -71.18 10.77 16.73
N GLY D 273 -71.50 10.36 15.50
CA GLY D 273 -70.78 10.79 14.32
C GLY D 273 -70.92 12.28 14.13
N ASP D 274 -72.05 12.82 14.60
CA ASP D 274 -72.27 14.26 14.54
C ASP D 274 -71.33 14.97 15.50
N GLN D 275 -71.20 14.45 16.72
CA GLN D 275 -70.31 15.06 17.71
C GLN D 275 -68.85 14.97 17.26
N LEU D 276 -68.48 13.85 16.66
CA LEU D 276 -67.13 13.65 16.12
C LEU D 276 -66.82 14.62 14.96
N GLY D 277 -67.77 14.77 14.05
CA GLY D 277 -67.61 15.71 12.94
C GLY D 277 -67.44 17.14 13.41
N ALA D 278 -68.14 17.49 14.49
CA ALA D 278 -68.04 18.84 15.05
C ALA D 278 -66.65 19.07 15.61
N LEU D 279 -66.07 18.04 16.20
CA LEU D 279 -64.71 18.11 16.71
C LEU D 279 -63.72 18.36 15.55
N TYR D 280 -63.92 17.65 14.43
CA TYR D 280 -63.09 17.86 13.24
C TYR D 280 -63.22 19.28 12.72
N GLN D 281 -64.43 19.82 12.79
CA GLN D 281 -64.68 21.18 12.35
C GLN D 281 -63.84 22.15 13.19
N ASP D 282 -63.74 21.88 14.48
CA ASP D 282 -62.86 22.67 15.35
C ASP D 282 -61.39 22.54 14.93
N PHE D 283 -60.94 21.31 14.66
CA PHE D 283 -59.54 21.07 14.27
C PHE D 283 -59.20 21.86 13.01
N VAL D 284 -60.12 21.85 12.05
CA VAL D 284 -59.87 22.49 10.77
C VAL D 284 -59.81 24.01 10.97
N ARG D 285 -60.59 24.51 11.92
CA ARG D 285 -60.63 25.94 12.21
C ARG D 285 -59.37 26.40 12.95
N ASP D 286 -58.86 25.58 13.86
CA ASP D 286 -57.78 25.98 14.75
C ASP D 286 -56.37 25.66 14.22
N TYR D 287 -56.28 24.72 13.29
CA TYR D 287 -54.99 24.20 12.83
C TYR D 287 -54.98 24.05 11.31
N PRO D 288 -53.79 23.98 10.71
CA PRO D 288 -53.71 23.86 9.25
C PRO D 288 -53.93 22.42 8.75
N VAL D 289 -55.03 21.82 9.19
CA VAL D 289 -55.46 20.49 8.76
C VAL D 289 -56.11 20.52 7.39
N VAL D 290 -55.46 19.93 6.39
CA VAL D 290 -55.97 20.01 5.03
C VAL D 290 -56.52 18.67 4.51
N SER D 291 -56.33 17.61 5.30
CA SER D 291 -56.72 16.27 4.90
C SER D 291 -57.07 15.44 6.12
N ILE D 292 -58.21 14.74 6.07
CA ILE D 292 -58.57 13.80 7.11
C ILE D 292 -58.98 12.46 6.49
N GLU D 293 -58.34 11.38 6.93
CA GLU D 293 -58.52 10.03 6.42
C GLU D 293 -59.33 9.20 7.41
N ASP D 294 -60.23 8.37 6.88
CA ASP D 294 -61.13 7.54 7.69
C ASP D 294 -61.71 8.25 8.92
N PRO D 295 -62.39 9.39 8.71
CA PRO D 295 -62.99 10.13 9.83
C PRO D 295 -64.13 9.37 10.51
N PHE D 296 -64.74 8.41 9.81
CA PHE D 296 -65.80 7.59 10.39
C PHE D 296 -65.60 6.12 10.02
N ASP D 297 -66.43 5.27 10.60
CA ASP D 297 -66.33 3.84 10.37
C ASP D 297 -66.50 3.45 8.91
N GLN D 298 -65.91 2.33 8.54
CA GLN D 298 -65.95 1.78 7.18
C GLN D 298 -67.37 1.49 6.65
N ASP D 299 -68.36 1.42 7.53
CA ASP D 299 -69.76 1.21 7.11
C ASP D 299 -70.66 2.43 7.35
N ASP D 300 -70.17 3.44 8.05
CA ASP D 300 -71.02 4.57 8.48
C ASP D 300 -71.19 5.58 7.35
N TRP D 301 -71.75 5.12 6.24
CA TRP D 301 -71.86 5.92 5.03
C TRP D 301 -72.53 7.28 5.25
N ALA D 302 -73.54 7.32 6.11
CA ALA D 302 -74.25 8.57 6.34
C ALA D 302 -73.35 9.64 6.92
N ALA D 303 -72.49 9.26 7.86
CA ALA D 303 -71.63 10.25 8.50
C ALA D 303 -70.58 10.79 7.52
N TRP D 304 -70.07 9.94 6.64
CA TRP D 304 -69.07 10.38 5.64
C TRP D 304 -69.67 11.41 4.71
N SER D 305 -70.80 11.05 4.09
CA SER D 305 -71.49 11.93 3.15
C SER D 305 -71.84 13.28 3.75
N LYS D 306 -72.36 13.26 4.97
CA LYS D 306 -72.72 14.50 5.66
C LYS D 306 -71.51 15.39 5.91
N PHE D 307 -70.45 14.81 6.48
CA PHE D 307 -69.24 15.58 6.76
C PHE D 307 -68.61 16.14 5.48
N THR D 308 -68.51 15.29 4.45
CA THR D 308 -67.88 15.71 3.20
C THR D 308 -68.64 16.86 2.53
N ALA D 309 -69.97 16.86 2.68
CA ALA D 309 -70.78 17.93 2.10
C ALA D 309 -70.64 19.24 2.87
N ASN D 310 -70.08 19.19 4.08
CA ASN D 310 -69.98 20.37 4.91
C ASN D 310 -68.56 20.90 5.12
N VAL D 311 -67.58 20.38 4.38
CA VAL D 311 -66.21 20.89 4.50
C VAL D 311 -65.54 21.05 3.14
N GLY D 312 -64.42 21.79 3.11
CA GLY D 312 -63.66 21.97 1.89
C GLY D 312 -62.33 21.21 1.86
N ILE D 313 -62.01 20.50 2.95
CA ILE D 313 -60.73 19.80 3.00
C ILE D 313 -60.81 18.47 2.25
N GLN D 314 -59.66 17.84 2.10
CA GLN D 314 -59.58 16.51 1.52
C GLN D 314 -60.12 15.46 2.51
N ILE D 315 -60.97 14.57 2.03
CA ILE D 315 -61.52 13.46 2.84
C ILE D 315 -61.13 12.14 2.20
N VAL D 316 -60.31 11.37 2.91
CA VAL D 316 -59.69 10.19 2.33
C VAL D 316 -60.33 8.89 2.82
N GLY D 317 -60.78 8.07 1.88
CA GLY D 317 -61.22 6.72 2.16
C GLY D 317 -60.06 5.74 2.14
N ASP D 318 -59.92 5.01 3.23
CA ASP D 318 -58.90 3.96 3.36
C ASP D 318 -59.62 2.64 3.61
N ASP D 319 -60.06 2.43 4.84
CA ASP D 319 -60.88 1.25 5.18
C ASP D 319 -62.28 1.32 4.54
N LEU D 320 -62.75 2.52 4.29
CA LEU D 320 -64.03 2.72 3.58
C LEU D 320 -64.01 2.06 2.21
N THR D 321 -62.93 2.28 1.47
CA THR D 321 -62.89 1.98 0.04
C THR D 321 -62.03 0.78 -0.30
N VAL D 322 -61.10 0.45 0.60
CA VAL D 322 -60.09 -0.61 0.43
C VAL D 322 -59.60 -0.89 -1.01
N THR D 323 -59.17 0.18 -1.69
CA THR D 323 -58.62 0.08 -3.06
C THR D 323 -59.47 -0.88 -3.94
N ASN D 324 -60.78 -0.83 -3.77
CA ASN D 324 -61.69 -1.78 -4.41
C ASN D 324 -62.72 -1.05 -5.27
N PRO D 325 -62.65 -1.24 -6.60
CA PRO D 325 -63.51 -0.52 -7.55
C PRO D 325 -65.01 -0.56 -7.19
N LYS D 326 -65.48 -1.67 -6.64
CA LYS D 326 -66.90 -1.79 -6.27
C LYS D 326 -67.29 -0.91 -5.09
N ARG D 327 -66.39 -0.76 -4.12
CA ARG D 327 -66.69 0.12 -3.00
C ARG D 327 -66.40 1.57 -3.36
N ILE D 328 -65.46 1.78 -4.26
CA ILE D 328 -65.21 3.12 -4.78
C ILE D 328 -66.43 3.62 -5.58
N GLU D 329 -67.01 2.77 -6.42
CA GLU D 329 -68.23 3.14 -7.16
C GLU D 329 -69.31 3.63 -6.21
N ARG D 330 -69.50 2.94 -5.09
CA ARG D 330 -70.49 3.34 -4.12
C ARG D 330 -70.13 4.65 -3.45
N ALA D 331 -68.86 4.82 -3.10
CA ALA D 331 -68.40 6.07 -2.47
C ALA D 331 -68.60 7.26 -3.40
N VAL D 332 -68.37 7.04 -4.69
CA VAL D 332 -68.58 8.07 -5.69
C VAL D 332 -70.06 8.48 -5.76
N GLU D 333 -70.94 7.47 -5.83
CA GLU D 333 -72.37 7.71 -5.91
C GLU D 333 -72.90 8.50 -4.70
N GLU D 334 -72.37 8.17 -3.52
CA GLU D 334 -72.87 8.77 -2.29
C GLU D 334 -72.06 9.98 -1.85
N LYS D 335 -71.12 10.40 -2.68
CA LYS D 335 -70.19 11.47 -2.33
C LYS D 335 -69.66 11.34 -0.90
N ALA D 336 -69.21 10.13 -0.55
CA ALA D 336 -68.72 9.83 0.80
C ALA D 336 -67.37 10.46 1.08
N CYS D 337 -66.55 10.60 0.05
CA CYS D 337 -65.23 11.19 0.20
C CYS D 337 -64.78 11.83 -1.11
N ASN D 338 -63.56 12.36 -1.14
CA ASN D 338 -63.02 12.94 -2.37
C ASN D 338 -61.56 12.54 -2.62
N CYS D 339 -61.08 11.53 -1.92
CA CYS D 339 -59.72 11.05 -2.13
C CYS D 339 -59.67 9.57 -1.82
N LEU D 340 -58.93 8.83 -2.63
CA LEU D 340 -58.72 7.41 -2.44
C LEU D 340 -57.30 7.12 -1.90
N LEU D 341 -57.19 6.37 -0.80
CA LEU D 341 -55.89 5.89 -0.37
C LEU D 341 -55.61 4.58 -1.10
N LEU D 342 -54.51 4.54 -1.85
CA LEU D 342 -54.22 3.42 -2.72
C LEU D 342 -53.23 2.43 -2.11
N LYS D 343 -53.72 1.25 -1.78
CA LYS D 343 -52.91 0.21 -1.16
C LYS D 343 -53.02 -1.07 -1.98
N VAL D 344 -51.95 -1.44 -2.68
CA VAL D 344 -52.02 -2.56 -3.63
C VAL D 344 -52.44 -3.86 -2.96
N ASN D 345 -52.09 -4.04 -1.69
CA ASN D 345 -52.42 -5.30 -1.05
C ASN D 345 -53.84 -5.31 -0.41
N GLN D 346 -54.57 -4.19 -0.51
CA GLN D 346 -55.98 -4.20 -0.09
C GLN D 346 -56.86 -4.91 -1.13
N ILE D 347 -56.47 -4.81 -2.40
CA ILE D 347 -57.19 -5.44 -3.50
C ILE D 347 -56.45 -6.67 -4.03
N GLY D 348 -55.12 -6.64 -4.06
CA GLY D 348 -54.34 -7.84 -4.33
C GLY D 348 -53.66 -8.02 -5.69
N SER D 349 -53.80 -7.06 -6.60
CA SER D 349 -53.06 -7.12 -7.87
C SER D 349 -52.74 -5.74 -8.40
N VAL D 350 -51.70 -5.63 -9.21
CA VAL D 350 -51.33 -4.36 -9.79
C VAL D 350 -52.43 -3.84 -10.71
N THR D 351 -53.00 -4.74 -11.51
CA THR D 351 -54.04 -4.35 -12.47
C THR D 351 -55.25 -3.74 -11.78
N GLU D 352 -55.74 -4.37 -10.72
CA GLU D 352 -56.94 -3.87 -10.05
C GLU D 352 -56.66 -2.57 -9.31
N ALA D 353 -55.45 -2.46 -8.76
CA ALA D 353 -55.06 -1.24 -8.05
C ALA D 353 -55.02 -0.07 -9.04
N ILE D 354 -54.46 -0.31 -10.23
CA ILE D 354 -54.48 0.71 -11.28
C ILE D 354 -55.92 1.09 -11.70
N GLN D 355 -56.77 0.08 -11.86
CA GLN D 355 -58.19 0.33 -12.16
C GLN D 355 -58.86 1.19 -11.08
N ALA D 356 -58.59 0.86 -9.82
CA ALA D 356 -59.11 1.64 -8.70
C ALA D 356 -58.63 3.09 -8.80
N CYS D 357 -57.35 3.29 -9.07
CA CYS D 357 -56.81 4.64 -9.18
C CYS D 357 -57.52 5.42 -10.29
N LYS D 358 -57.63 4.81 -11.47
CA LYS D 358 -58.25 5.48 -12.62
C LYS D 358 -59.73 5.79 -12.36
N LEU D 359 -60.43 4.89 -11.68
CA LEU D 359 -61.84 5.13 -11.36
C LEU D 359 -61.97 6.35 -10.46
N ALA D 360 -61.09 6.44 -9.46
CA ALA D 360 -61.10 7.59 -8.56
C ALA D 360 -60.80 8.87 -9.32
N GLN D 361 -59.72 8.86 -10.10
CA GLN D 361 -59.33 10.06 -10.85
C GLN D 361 -60.40 10.50 -11.86
N GLU D 362 -61.01 9.56 -12.56
CA GLU D 362 -62.10 9.87 -13.50
C GLU D 362 -63.26 10.60 -12.85
N ASN D 363 -63.46 10.38 -11.56
CA ASN D 363 -64.58 11.00 -10.87
C ASN D 363 -64.15 12.23 -10.07
N GLY D 364 -62.95 12.72 -10.35
CA GLY D 364 -62.50 13.97 -9.75
C GLY D 364 -61.90 13.82 -8.36
N TRP D 365 -61.65 12.58 -7.95
CA TRP D 365 -61.00 12.32 -6.67
C TRP D 365 -59.50 12.51 -6.72
N GLY D 366 -58.92 12.84 -5.58
CA GLY D 366 -57.50 12.69 -5.39
C GLY D 366 -57.16 11.24 -5.11
N VAL D 367 -55.87 10.93 -5.19
CA VAL D 367 -55.40 9.60 -4.85
C VAL D 367 -54.11 9.75 -4.06
N MET D 368 -54.07 9.17 -2.87
CA MET D 368 -52.83 9.11 -2.08
C MET D 368 -52.29 7.67 -2.01
N VAL D 369 -51.12 7.42 -2.60
CA VAL D 369 -50.51 6.10 -2.52
C VAL D 369 -49.98 5.87 -1.10
N SER D 370 -50.10 4.65 -0.58
CA SER D 370 -49.80 4.42 0.84
C SER D 370 -49.00 3.16 1.14
N HIS D 371 -48.14 3.22 2.16
CA HIS D 371 -47.54 2.02 2.77
C HIS D 371 -48.56 1.23 3.62
N ARG D 372 -48.15 0.09 4.15
CA ARG D 372 -48.83 -0.51 5.28
C ARG D 372 -47.92 -0.37 6.50
N SER D 373 -48.44 -0.73 7.66
CA SER D 373 -47.61 -0.65 8.86
C SER D 373 -46.46 -1.66 8.84
N GLY D 374 -46.72 -2.86 8.33
CA GLY D 374 -45.70 -3.87 8.17
C GLY D 374 -45.16 -3.74 6.75
N GLU D 375 -43.99 -3.10 6.62
CA GLU D 375 -43.40 -2.83 5.31
C GLU D 375 -42.16 -3.64 5.13
N THR D 376 -41.57 -3.54 3.96
CA THR D 376 -40.30 -4.20 3.68
C THR D 376 -39.36 -3.22 3.00
N GLU D 377 -38.20 -3.74 2.60
CA GLU D 377 -37.17 -2.98 1.89
C GLU D 377 -37.57 -2.73 0.42
N ASP D 378 -38.70 -3.29 0.01
CA ASP D 378 -39.29 -3.09 -1.31
C ASP D 378 -39.64 -1.62 -1.56
N THR D 379 -39.40 -1.12 -2.77
CA THR D 379 -39.72 0.27 -3.07
C THR D 379 -40.73 0.47 -4.22
N PHE D 380 -41.49 -0.57 -4.56
CA PHE D 380 -42.46 -0.51 -5.66
C PHE D 380 -43.35 0.74 -5.63
N ILE D 381 -43.90 1.09 -4.46
CA ILE D 381 -44.89 2.16 -4.41
C ILE D 381 -44.28 3.53 -4.71
N ALA D 382 -42.97 3.65 -4.63
CA ALA D 382 -42.33 4.90 -5.05
C ALA D 382 -42.51 5.08 -6.56
N ASP D 383 -42.23 4.04 -7.33
CA ASP D 383 -42.45 4.08 -8.76
C ASP D 383 -43.95 4.14 -9.10
N LEU D 384 -44.78 3.49 -8.28
CA LEU D 384 -46.23 3.49 -8.47
C LEU D 384 -46.84 4.90 -8.40
N VAL D 385 -46.50 5.66 -7.36
CA VAL D 385 -47.10 6.98 -7.17
C VAL D 385 -46.69 7.97 -8.30
N VAL D 386 -45.49 7.81 -8.83
CA VAL D 386 -45.00 8.67 -9.92
C VAL D 386 -45.69 8.31 -11.24
N GLY D 387 -45.71 7.03 -11.58
CA GLY D 387 -46.35 6.58 -12.81
C GLY D 387 -47.85 6.85 -12.86
N LEU D 388 -48.52 6.80 -11.69
CA LEU D 388 -49.95 7.06 -11.60
C LEU D 388 -50.27 8.54 -11.43
N CYS D 389 -49.22 9.33 -11.23
CA CYS D 389 -49.33 10.78 -11.19
CA CYS D 389 -49.31 10.79 -11.21
C CYS D 389 -50.28 11.30 -10.14
N THR D 390 -50.30 10.67 -8.97
CA THR D 390 -51.32 11.05 -7.99
C THR D 390 -50.98 12.33 -7.20
N GLY D 391 -49.69 12.65 -7.11
CA GLY D 391 -49.27 13.87 -6.44
C GLY D 391 -49.14 13.84 -4.92
N GLN D 392 -49.42 12.69 -4.31
CA GLN D 392 -49.30 12.58 -2.85
C GLN D 392 -49.06 11.12 -2.46
N ILE D 393 -48.13 10.93 -1.52
CA ILE D 393 -47.83 9.60 -0.99
C ILE D 393 -47.67 9.67 0.53
N LYS D 394 -48.15 8.66 1.25
CA LYS D 394 -47.73 8.57 2.65
C LYS D 394 -47.07 7.21 2.88
N THR D 395 -45.84 7.24 3.38
CA THR D 395 -45.11 6.00 3.55
C THR D 395 -44.14 6.11 4.73
N GLY D 396 -44.55 6.84 5.76
CA GLY D 396 -43.86 6.81 7.04
C GLY D 396 -43.25 8.11 7.47
N ALA D 397 -42.84 8.18 8.74
CA ALA D 397 -41.94 9.23 9.22
C ALA D 397 -40.64 9.14 8.44
N PRO D 398 -39.83 10.20 8.46
CA PRO D 398 -38.48 10.06 7.88
C PRO D 398 -37.52 9.31 8.82
N CYS D 399 -37.88 8.07 9.14
CA CYS D 399 -37.18 7.28 10.13
C CYS D 399 -37.58 5.83 9.92
N ARG D 400 -36.62 4.92 10.08
CA ARG D 400 -36.74 3.48 9.75
C ARG D 400 -36.67 3.29 8.23
N SER D 401 -35.76 2.44 7.76
CA SER D 401 -35.46 2.39 6.33
C SER D 401 -36.51 1.68 5.48
N GLU D 402 -37.48 0.99 6.08
CA GLU D 402 -38.60 0.52 5.27
C GLU D 402 -39.44 1.72 4.80
N ARG D 403 -39.22 2.85 5.44
CA ARG D 403 -39.87 4.10 5.03
C ARG D 403 -38.93 4.88 4.12
N LEU D 404 -37.71 5.12 4.59
CA LEU D 404 -36.72 5.88 3.83
C LEU D 404 -36.40 5.27 2.48
N ALA D 405 -36.52 3.95 2.35
CA ALA D 405 -36.25 3.30 1.06
C ALA D 405 -37.16 3.86 -0.03
N LYS D 406 -38.41 4.13 0.33
CA LYS D 406 -39.37 4.70 -0.62
C LYS D 406 -39.00 6.15 -0.88
N TYR D 407 -38.78 6.90 0.18
CA TYR D 407 -38.46 8.32 0.03
C TYR D 407 -37.15 8.52 -0.72
N ASN D 408 -36.15 7.68 -0.45
CA ASN D 408 -34.87 7.75 -1.16
C ASN D 408 -35.07 7.45 -2.64
N GLN D 409 -35.91 6.47 -2.95
CA GLN D 409 -36.17 6.10 -4.34
C GLN D 409 -36.87 7.24 -5.09
N LEU D 410 -37.77 7.94 -4.42
CA LEU D 410 -38.43 9.09 -5.03
C LEU D 410 -37.39 10.17 -5.34
N MET D 411 -36.42 10.34 -4.45
CA MET D 411 -35.36 11.29 -4.73
C MET D 411 -34.58 10.85 -5.97
N ARG D 412 -34.33 9.55 -6.09
CA ARG D 412 -33.63 9.03 -7.28
C ARG D 412 -34.42 9.28 -8.57
N ILE D 413 -35.73 9.03 -8.51
CA ILE D 413 -36.61 9.26 -9.64
C ILE D 413 -36.59 10.73 -10.05
N GLU D 414 -36.69 11.62 -9.06
CA GLU D 414 -36.63 13.07 -9.33
C GLU D 414 -35.35 13.45 -10.08
N GLU D 415 -34.22 13.00 -9.56
CA GLU D 415 -32.91 13.20 -10.18
C GLU D 415 -32.92 12.67 -11.62
N GLU D 416 -33.41 11.45 -11.81
CA GLU D 416 -33.42 10.85 -13.13
C GLU D 416 -34.29 11.61 -14.14
N LEU D 417 -35.41 12.18 -13.68
CA LEU D 417 -36.31 12.90 -14.57
C LEU D 417 -35.73 14.25 -14.99
N GLY D 418 -34.71 14.71 -14.27
CA GLY D 418 -33.99 15.93 -14.62
C GLY D 418 -34.91 17.13 -14.74
N ASP D 419 -34.76 17.88 -15.83
CA ASP D 419 -35.56 19.09 -16.06
C ASP D 419 -37.04 18.81 -16.20
N GLU D 420 -37.37 17.57 -16.54
CA GLU D 420 -38.75 17.12 -16.71
C GLU D 420 -39.45 16.92 -15.35
N ALA D 421 -38.67 16.91 -14.27
CA ALA D 421 -39.23 16.70 -12.93
C ALA D 421 -40.16 17.84 -12.50
N ARG D 422 -41.41 17.49 -12.21
CA ARG D 422 -42.36 18.43 -11.60
C ARG D 422 -42.76 17.95 -10.21
N PHE D 423 -42.93 18.88 -9.29
CA PHE D 423 -43.32 18.56 -7.92
C PHE D 423 -44.74 19.05 -7.66
N ALA D 424 -45.61 18.17 -7.18
CA ALA D 424 -47.04 18.50 -7.01
C ALA D 424 -47.27 19.77 -6.19
N GLY D 425 -46.49 19.94 -5.13
CA GLY D 425 -46.61 21.13 -4.30
C GLY D 425 -48.01 21.43 -3.77
N HIS D 426 -48.45 22.67 -3.94
CA HIS D 426 -49.79 23.05 -3.48
C HIS D 426 -50.91 22.41 -4.29
N ASN D 427 -50.55 21.77 -5.41
CA ASN D 427 -51.55 21.05 -6.21
C ASN D 427 -51.65 19.57 -5.89
N PHE D 428 -51.34 19.18 -4.64
CA PHE D 428 -51.22 17.76 -4.33
C PHE D 428 -52.56 17.03 -4.45
N ARG D 429 -53.67 17.71 -4.17
CA ARG D 429 -54.99 17.11 -4.33
C ARG D 429 -55.32 16.92 -5.81
N ASN D 430 -54.85 17.86 -6.63
CA ASN D 430 -55.31 17.99 -8.00
C ASN D 430 -54.16 18.22 -8.99
N PRO D 431 -53.22 17.27 -9.10
CA PRO D 431 -51.97 17.51 -9.85
C PRO D 431 -52.09 17.53 -11.38
N SER D 432 -53.22 17.11 -11.95
CA SER D 432 -53.36 17.10 -13.41
C SER D 432 -53.35 18.51 -14.02
N VAL D 433 -53.43 19.52 -13.16
CA VAL D 433 -53.27 20.92 -13.56
C VAL D 433 -51.86 21.21 -14.12
N LEU D 434 -50.88 20.42 -13.68
CA LEU D 434 -49.48 20.63 -14.06
C LEU D 434 -49.06 19.79 -15.27
N SER E 2 35.50 14.71 22.89
CA SER E 2 36.41 14.68 21.75
C SER E 2 35.65 14.51 20.42
N ILE E 3 34.64 13.64 20.43
CA ILE E 3 33.81 13.41 19.25
C ILE E 3 32.70 14.45 19.17
N GLU E 4 32.66 15.21 18.07
CA GLU E 4 31.69 16.29 17.95
C GLU E 4 30.42 15.85 17.26
N LYS E 5 30.53 14.89 16.35
CA LYS E 5 29.37 14.38 15.64
C LYS E 5 29.70 13.06 14.98
N ILE E 6 28.69 12.20 14.88
CA ILE E 6 28.79 10.95 14.13
C ILE E 6 27.53 10.86 13.29
N TRP E 7 27.66 10.69 11.98
CA TRP E 7 26.49 10.56 11.11
C TRP E 7 26.67 9.42 10.10
N ALA E 8 25.73 8.51 10.11
CA ALA E 8 25.76 7.34 9.24
C ALA E 8 24.76 7.48 8.11
N ARG E 9 25.09 6.84 7.00
CA ARG E 9 24.23 6.84 5.81
C ARG E 9 24.35 5.52 5.07
N GLU E 10 23.41 5.28 4.16
CA GLU E 10 23.41 4.17 3.22
C GLU E 10 24.17 4.52 1.93
N ILE E 11 25.20 3.75 1.58
CA ILE E 11 25.85 3.85 0.25
C ILE E 11 25.72 2.52 -0.46
N LEU E 12 26.10 2.45 -1.73
CA LEU E 12 26.10 1.17 -2.44
C LEU E 12 27.52 0.59 -2.52
N ASP E 13 27.63 -0.72 -2.33
CA ASP E 13 28.91 -1.42 -2.38
C ASP E 13 29.21 -1.85 -3.81
N SER E 14 30.32 -2.54 -4.03
CA SER E 14 30.75 -2.84 -5.41
C SER E 14 29.84 -3.77 -6.19
N ARG E 15 28.90 -4.44 -5.52
CA ARG E 15 27.96 -5.31 -6.22
C ARG E 15 26.61 -4.61 -6.42
N GLY E 16 26.50 -3.37 -5.98
CA GLY E 16 25.27 -2.63 -6.09
C GLY E 16 24.31 -2.82 -4.92
N ASN E 17 24.81 -3.32 -3.80
CA ASN E 17 24.00 -3.52 -2.60
C ASN E 17 24.30 -2.49 -1.52
N PRO E 18 23.27 -2.06 -0.78
CA PRO E 18 23.49 -1.06 0.28
C PRO E 18 24.47 -1.53 1.33
N THR E 19 25.19 -0.58 1.91
CA THR E 19 26.01 -0.86 3.07
C THR E 19 26.18 0.41 3.85
N VAL E 20 26.81 0.28 5.01
CA VAL E 20 26.94 1.36 5.97
C VAL E 20 28.18 2.22 5.73
N GLU E 21 27.98 3.53 5.76
CA GLU E 21 29.10 4.48 5.79
C GLU E 21 28.93 5.41 6.98
N VAL E 22 30.04 5.72 7.62
CA VAL E 22 30.04 6.59 8.79
C VAL E 22 30.95 7.81 8.61
N ASP E 23 30.39 8.99 8.87
CA ASP E 23 31.15 10.23 8.94
C ASP E 23 31.34 10.61 10.40
N LEU E 24 32.59 10.71 10.86
CA LEU E 24 32.84 11.15 12.21
C LEU E 24 33.58 12.49 12.20
N TYR E 25 33.06 13.44 12.96
CA TYR E 25 33.65 14.77 13.04
C TYR E 25 34.35 14.99 14.39
N THR E 26 35.62 15.38 14.33
CA THR E 26 36.29 15.92 15.51
C THR E 26 36.70 17.35 15.21
N ALA E 27 37.49 17.92 16.11
CA ALA E 27 38.01 19.26 15.91
C ALA E 27 38.96 19.28 14.71
N LYS E 28 39.55 18.13 14.39
CA LYS E 28 40.46 18.07 13.26
C LYS E 28 39.74 17.78 11.93
N GLY E 29 38.41 17.69 11.95
CA GLY E 29 37.67 17.57 10.71
C GLY E 29 36.86 16.30 10.54
N LEU E 30 36.72 15.83 9.31
CA LEU E 30 35.84 14.70 9.01
C LEU E 30 36.63 13.44 8.68
N PHE E 31 36.20 12.32 9.26
CA PHE E 31 36.82 11.02 9.05
C PHE E 31 35.78 10.01 8.61
N ARG E 32 36.02 9.39 7.46
CA ARG E 32 34.96 8.64 6.81
C ARG E 32 35.36 7.21 6.62
N ALA E 33 34.43 6.29 6.85
CA ALA E 33 34.73 4.88 6.63
C ALA E 33 33.48 4.13 6.20
N ALA E 34 33.67 3.04 5.48
CA ALA E 34 32.56 2.23 4.99
C ALA E 34 32.82 0.75 5.26
N VAL E 35 31.73 -0.03 5.28
CA VAL E 35 31.75 -1.41 5.72
C VAL E 35 31.57 -2.37 4.54
N PRO E 36 32.47 -3.37 4.42
CA PRO E 36 32.37 -4.38 3.37
C PRO E 36 31.30 -5.45 3.71
N SER E 37 31.02 -6.36 2.79
CA SER E 37 30.01 -7.40 3.04
C SER E 37 30.37 -8.69 2.30
N GLY E 38 30.34 -9.81 3.02
CA GLY E 38 30.73 -11.10 2.46
C GLY E 38 29.73 -11.75 1.53
N ALA E 39 30.21 -12.61 0.65
CA ALA E 39 29.35 -13.36 -0.26
C ALA E 39 29.19 -14.80 0.20
N SER E 40 30.30 -15.39 0.65
CA SER E 40 30.27 -16.74 1.23
C SER E 40 30.66 -16.61 2.69
N THR E 41 29.70 -16.24 3.53
CA THR E 41 29.99 -15.90 4.91
C THR E 41 29.96 -17.11 5.83
N GLY E 42 30.91 -17.14 6.77
CA GLY E 42 30.98 -18.21 7.74
C GLY E 42 29.80 -18.13 8.69
N ILE E 43 29.27 -19.28 9.07
CA ILE E 43 28.17 -19.30 10.03
C ILE E 43 28.55 -18.69 11.37
N TYR E 44 29.84 -18.63 11.69
CA TYR E 44 30.24 -18.05 12.98
C TYR E 44 30.62 -16.56 12.91
N GLU E 45 30.42 -15.93 11.76
CA GLU E 45 30.68 -14.49 11.64
C GLU E 45 29.67 -13.68 12.46
N ALA E 46 30.12 -12.54 12.99
CA ALA E 46 29.25 -11.58 13.66
C ALA E 46 28.13 -11.17 12.73
N LEU E 47 26.98 -10.75 13.28
CA LEU E 47 25.80 -10.56 12.44
C LEU E 47 25.86 -9.29 11.61
N GLU E 48 25.68 -9.45 10.31
CA GLU E 48 25.44 -8.34 9.41
C GLU E 48 23.96 -8.00 9.41
N LEU E 49 23.58 -6.83 9.92
CA LEU E 49 22.15 -6.50 10.02
C LEU E 49 21.56 -5.90 8.74
N ARG E 50 20.63 -6.61 8.13
CA ARG E 50 19.89 -6.12 6.96
C ARG E 50 18.43 -5.83 7.32
N ASP E 51 17.77 -5.01 6.51
CA ASP E 51 16.40 -4.56 6.82
C ASP E 51 15.35 -5.63 6.57
N GLY E 52 15.51 -6.40 5.50
CA GLY E 52 14.57 -7.46 5.18
C GLY E 52 13.30 -7.00 4.49
N ASP E 53 13.26 -5.73 4.08
CA ASP E 53 12.10 -5.22 3.34
C ASP E 53 12.23 -5.64 1.87
N LYS E 54 11.40 -6.60 1.47
CA LYS E 54 11.55 -7.25 0.15
C LYS E 54 11.24 -6.31 -1.00
N GLN E 55 10.57 -5.20 -0.70
CA GLN E 55 10.21 -4.25 -1.73
C GLN E 55 11.32 -3.21 -1.94
N ARG E 56 12.27 -3.18 -1.00
CA ARG E 56 13.32 -2.18 -1.06
C ARG E 56 14.69 -2.85 -1.15
N TYR E 57 15.35 -2.68 -2.30
CA TYR E 57 16.67 -3.29 -2.52
C TYR E 57 16.63 -4.79 -2.31
N LEU E 58 15.50 -5.40 -2.67
CA LEU E 58 15.33 -6.86 -2.53
C LEU E 58 15.69 -7.34 -1.12
N GLY E 59 15.35 -6.54 -0.11
CA GLY E 59 15.59 -6.91 1.28
C GLY E 59 16.94 -6.51 1.87
N LYS E 60 17.79 -5.87 1.08
CA LYS E 60 19.18 -5.66 1.50
C LYS E 60 19.48 -4.26 2.04
N GLY E 61 18.45 -3.47 2.31
CA GLY E 61 18.64 -2.17 2.92
C GLY E 61 19.39 -2.28 4.25
N VAL E 62 20.03 -1.19 4.67
CA VAL E 62 20.69 -1.17 5.97
C VAL E 62 20.24 0.04 6.77
N LEU E 63 19.00 0.46 6.56
CA LEU E 63 18.43 1.58 7.32
C LEU E 63 18.40 1.32 8.83
N LYS E 64 18.16 0.07 9.22
CA LYS E 64 18.11 -0.26 10.64
C LYS E 64 19.48 -0.10 11.29
N ALA E 65 20.53 -0.59 10.62
CA ALA E 65 21.90 -0.44 11.14
C ALA E 65 22.29 1.03 11.21
N VAL E 66 21.93 1.79 10.17
CA VAL E 66 22.19 3.23 10.14
C VAL E 66 21.47 3.96 11.28
N ASP E 67 20.21 3.60 11.52
CA ASP E 67 19.45 4.22 12.59
C ASP E 67 20.07 3.92 13.96
N HIS E 68 20.51 2.70 14.17
CA HIS E 68 21.23 2.32 15.38
C HIS E 68 22.43 3.21 15.65
N ILE E 69 23.19 3.53 14.61
CA ILE E 69 24.30 4.44 14.74
C ILE E 69 23.82 5.84 15.09
N ASN E 70 22.90 6.36 14.28
CA ASN E 70 22.47 7.76 14.42
C ASN E 70 21.60 8.01 15.67
N SER E 71 20.78 7.03 16.03
CA SER E 71 19.88 7.20 17.18
C SER E 71 20.46 6.77 18.54
N THR E 72 21.32 5.77 18.53
CA THR E 72 21.76 5.14 19.77
C THR E 72 23.25 5.19 20.02
N ILE E 73 24.04 4.67 19.08
CA ILE E 73 25.50 4.63 19.27
C ILE E 73 26.11 6.02 19.34
N ALA E 74 25.72 6.89 18.42
CA ALA E 74 26.34 8.22 18.35
C ALA E 74 26.17 9.07 19.63
N PRO E 75 24.93 9.24 20.14
CA PRO E 75 24.87 10.11 21.32
C PRO E 75 25.61 9.54 22.54
N ALA E 76 25.59 8.22 22.70
CA ALA E 76 26.34 7.56 23.77
C ALA E 76 27.85 7.85 23.71
N LEU E 77 28.47 7.62 22.56
CA LEU E 77 29.92 7.81 22.46
C LEU E 77 30.29 9.27 22.63
N ILE E 78 29.45 10.16 22.11
CA ILE E 78 29.68 11.59 22.27
C ILE E 78 29.59 11.97 23.76
N SER E 79 28.53 11.51 24.43
CA SER E 79 28.32 11.84 25.84
C SER E 79 29.39 11.22 26.73
N SER E 80 30.11 10.23 26.22
CA SER E 80 31.18 9.59 26.98
C SER E 80 32.35 10.52 27.17
N GLY E 81 32.58 11.39 26.18
CA GLY E 81 33.69 12.32 26.23
C GLY E 81 35.03 11.68 25.94
N LEU E 82 35.05 10.37 25.68
CA LEU E 82 36.32 9.68 25.39
C LEU E 82 37.01 10.22 24.13
N SER E 83 38.34 10.37 24.22
CA SER E 83 39.17 10.78 23.10
C SER E 83 39.16 9.71 21.99
N VAL E 84 39.26 10.14 20.74
CA VAL E 84 39.24 9.20 19.63
C VAL E 84 40.53 8.36 19.56
N VAL E 85 41.55 8.74 20.31
CA VAL E 85 42.76 7.91 20.37
C VAL E 85 42.50 6.70 21.26
N GLU E 86 41.45 6.75 22.06
CA GLU E 86 41.11 5.63 22.96
C GLU E 86 40.31 4.57 22.22
N GLN E 87 40.98 3.88 21.28
CA GLN E 87 40.31 2.89 20.44
C GLN E 87 39.62 1.79 21.25
N GLU E 88 40.36 1.19 22.19
CA GLU E 88 39.81 0.08 22.96
C GLU E 88 38.60 0.50 23.81
N LYS E 89 38.72 1.64 24.48
CA LYS E 89 37.63 2.12 25.33
C LYS E 89 36.36 2.40 24.52
N LEU E 90 36.50 3.02 23.35
CA LEU E 90 35.34 3.35 22.54
C LEU E 90 34.73 2.08 21.93
N ASP E 91 35.58 1.15 21.51
CA ASP E 91 35.10 -0.12 20.99
C ASP E 91 34.37 -0.89 22.10
N ASN E 92 35.01 -0.97 23.26
CA ASN E 92 34.42 -1.65 24.39
C ASN E 92 33.09 -1.03 24.80
N LEU E 93 33.01 0.29 24.77
CA LEU E 93 31.75 0.95 25.09
C LEU E 93 30.64 0.50 24.13
N MET E 94 30.98 0.32 22.86
CA MET E 94 29.98 -0.09 21.86
C MET E 94 29.54 -1.53 22.05
N LEU E 95 30.48 -2.40 22.43
CA LEU E 95 30.17 -3.80 22.64
C LEU E 95 29.22 -3.97 23.82
N GLU E 96 29.44 -3.18 24.87
CA GLU E 96 28.60 -3.27 26.07
C GLU E 96 27.20 -2.74 25.80
N LEU E 97 27.13 -1.67 25.03
CA LEU E 97 25.87 -1.07 24.62
C LEU E 97 25.04 -2.04 23.80
N ASP E 98 25.72 -2.80 22.93
CA ASP E 98 25.04 -3.81 22.12
C ASP E 98 24.66 -5.01 22.99
N GLY E 99 25.57 -5.39 23.87
CA GLY E 99 25.29 -6.38 24.90
C GLY E 99 25.14 -7.83 24.45
N THR E 100 25.37 -8.08 23.16
CA THR E 100 25.25 -9.44 22.65
C THR E 100 26.58 -9.97 22.10
N GLU E 101 26.68 -11.29 22.05
CA GLU E 101 27.90 -11.99 21.67
C GLU E 101 28.28 -11.77 20.21
N ASN E 102 27.30 -11.88 19.31
CA ASN E 102 27.55 -11.76 17.88
CA ASN E 102 27.55 -11.75 17.88
C ASN E 102 27.12 -10.40 17.32
N LYS E 103 27.01 -9.41 18.19
CA LYS E 103 26.61 -8.05 17.81
C LYS E 103 25.29 -8.05 17.04
N SER E 104 24.32 -8.83 17.51
CA SER E 104 23.06 -9.00 16.79
C SER E 104 21.98 -7.99 17.17
N LYS E 105 22.23 -7.16 18.16
CA LYS E 105 21.29 -6.09 18.47
C LYS E 105 21.47 -4.92 17.48
N PHE E 106 22.69 -4.38 17.39
CA PHE E 106 22.95 -3.27 16.48
C PHE E 106 23.39 -3.70 15.08
N GLY E 107 24.01 -4.87 14.99
CA GLY E 107 24.59 -5.32 13.75
C GLY E 107 26.09 -5.10 13.78
N ALA E 108 26.86 -6.09 13.34
CA ALA E 108 28.31 -5.90 13.26
C ALA E 108 28.64 -4.74 12.31
N ASN E 109 27.81 -4.55 11.29
CA ASN E 109 28.09 -3.47 10.33
C ASN E 109 27.91 -2.08 10.96
N ALA E 110 26.95 -1.94 11.89
CA ALA E 110 26.78 -0.66 12.57
C ALA E 110 28.00 -0.35 13.42
N ILE E 111 28.40 -1.31 14.24
CA ILE E 111 29.51 -1.13 15.15
C ILE E 111 30.86 -0.89 14.42
N LEU E 112 31.13 -1.70 13.41
CA LEU E 112 32.40 -1.59 12.69
C LEU E 112 32.54 -0.26 11.98
N GLY E 113 31.44 0.22 11.39
CA GLY E 113 31.46 1.50 10.71
C GLY E 113 31.98 2.62 11.61
N VAL E 114 31.51 2.61 12.85
CA VAL E 114 31.95 3.62 13.79
C VAL E 114 33.38 3.34 14.23
N SER E 115 33.67 2.08 14.52
CA SER E 115 35.00 1.66 14.95
C SER E 115 36.10 2.09 13.95
N LEU E 116 35.81 1.94 12.67
CA LEU E 116 36.76 2.34 11.63
C LEU E 116 36.98 3.86 11.61
N ALA E 117 35.89 4.62 11.67
CA ALA E 117 35.94 6.07 11.63
C ALA E 117 36.69 6.61 12.84
N VAL E 118 36.48 6.00 14.00
CA VAL E 118 37.19 6.39 15.22
C VAL E 118 38.68 6.22 15.05
N CYS E 119 39.07 5.10 14.46
CA CYS E 119 40.47 4.80 14.25
C CYS E 119 41.14 5.86 13.35
N LYS E 120 40.46 6.24 12.28
CA LYS E 120 41.00 7.27 11.39
C LYS E 120 41.15 8.61 12.12
N ALA E 121 40.11 8.99 12.86
CA ALA E 121 40.12 10.21 13.68
C ALA E 121 41.22 10.19 14.73
N GLY E 122 41.43 9.02 15.32
CA GLY E 122 42.49 8.83 16.29
C GLY E 122 43.87 9.08 15.72
N ALA E 123 44.11 8.58 14.51
CA ALA E 123 45.39 8.79 13.85
C ALA E 123 45.66 10.28 13.70
N ALA E 124 44.65 11.02 13.32
CA ALA E 124 44.80 12.46 13.11
C ALA E 124 45.07 13.20 14.42
N GLU E 125 44.49 12.70 15.50
CA GLU E 125 44.69 13.30 16.82
C GLU E 125 46.14 13.12 17.24
N ARG E 126 46.71 11.97 16.91
CA ARG E 126 48.11 11.68 17.18
C ARG E 126 49.06 12.27 16.14
N GLU E 127 48.52 12.94 15.13
CA GLU E 127 49.28 13.45 14.00
C GLU E 127 50.14 12.36 13.35
N LEU E 128 49.54 11.19 13.16
CA LEU E 128 50.19 10.06 12.52
C LEU E 128 49.42 9.60 11.29
N PRO E 129 50.13 9.11 10.27
CA PRO E 129 49.43 8.37 9.22
C PRO E 129 48.70 7.17 9.83
N LEU E 130 47.60 6.72 9.22
CA LEU E 130 46.77 5.67 9.80
C LEU E 130 47.58 4.40 10.08
N TYR E 131 48.46 4.01 9.15
CA TYR E 131 49.20 2.78 9.34
C TYR E 131 50.12 2.86 10.55
N ARG E 132 50.61 4.07 10.88
CA ARG E 132 51.43 4.25 12.07
C ARG E 132 50.62 4.21 13.35
N HIS E 133 49.43 4.81 13.33
CA HIS E 133 48.52 4.77 14.47
C HIS E 133 48.13 3.33 14.77
N ILE E 134 47.78 2.60 13.72
CA ILE E 134 47.47 1.17 13.83
C ILE E 134 48.65 0.38 14.39
N ALA E 135 49.86 0.67 13.88
CA ALA E 135 51.07 0.05 14.42
C ALA E 135 51.23 0.29 15.92
N GLN E 136 50.93 1.50 16.39
CA GLN E 136 51.06 1.81 17.82
C GLN E 136 49.99 1.11 18.63
N LEU E 137 48.77 1.05 18.10
CA LEU E 137 47.68 0.32 18.74
C LEU E 137 48.03 -1.16 18.94
N ALA E 138 48.81 -1.72 18.02
CA ALA E 138 49.14 -3.14 18.05
C ALA E 138 50.48 -3.40 18.72
N GLY E 139 51.21 -2.34 19.06
CA GLY E 139 52.50 -2.47 19.70
C GLY E 139 53.61 -2.89 18.75
N ASN E 140 53.53 -2.44 17.50
CA ASN E 140 54.59 -2.69 16.53
C ASN E 140 55.45 -1.46 16.30
N SER E 141 56.73 -1.70 16.02
CA SER E 141 57.66 -0.62 15.68
C SER E 141 58.07 -0.74 14.23
N ASP E 142 58.08 -1.98 13.74
CA ASP E 142 58.45 -2.24 12.35
C ASP E 142 57.24 -1.99 11.46
N LEU E 143 57.48 -1.89 10.16
CA LEU E 143 56.41 -1.84 9.16
C LEU E 143 56.91 -2.63 7.97
N ILE E 144 55.99 -3.26 7.25
CA ILE E 144 56.38 -4.07 6.12
C ILE E 144 55.30 -3.97 5.04
N LEU E 145 55.73 -3.92 3.79
CA LEU E 145 54.82 -3.99 2.67
C LEU E 145 54.54 -5.46 2.39
N PRO E 146 53.28 -5.81 2.18
CA PRO E 146 52.82 -7.20 2.00
C PRO E 146 53.00 -7.72 0.59
N VAL E 147 53.11 -9.04 0.46
CA VAL E 147 52.95 -9.66 -0.85
C VAL E 147 51.44 -9.63 -1.14
N PRO E 148 51.03 -9.10 -2.31
CA PRO E 148 49.62 -9.13 -2.72
C PRO E 148 49.23 -10.51 -3.29
N ALA E 149 48.04 -11.00 -2.95
CA ALA E 149 47.52 -12.22 -3.55
C ALA E 149 46.30 -11.89 -4.43
N PHE E 150 46.48 -12.01 -5.74
CA PHE E 150 45.47 -11.62 -6.74
C PHE E 150 44.54 -12.77 -7.20
N ASN E 151 43.24 -12.65 -6.95
CA ASN E 151 42.25 -13.65 -7.40
C ASN E 151 42.01 -13.57 -8.91
N VAL E 152 42.61 -14.46 -9.70
CA VAL E 152 42.50 -14.35 -11.16
C VAL E 152 41.57 -15.37 -11.84
N ILE E 153 41.34 -16.53 -11.22
CA ILE E 153 40.37 -17.51 -11.71
C ILE E 153 39.38 -17.87 -10.61
N ASN E 154 38.08 -17.83 -10.90
CA ASN E 154 37.06 -18.07 -9.88
C ASN E 154 36.14 -19.25 -10.18
N GLY E 155 35.68 -19.87 -9.12
CA GLY E 155 34.65 -20.89 -9.21
C GLY E 155 33.83 -20.67 -7.96
N GLY E 156 33.25 -21.74 -7.43
CA GLY E 156 32.56 -21.62 -6.17
C GLY E 156 31.13 -21.11 -6.33
N SER E 157 30.52 -20.83 -5.19
CA SER E 157 29.06 -20.70 -5.14
C SER E 157 28.54 -19.42 -5.80
N HIS E 158 29.43 -18.48 -6.13
CA HIS E 158 28.96 -17.27 -6.79
C HIS E 158 29.57 -17.08 -8.17
N ALA E 159 29.96 -18.17 -8.81
CA ALA E 159 30.41 -18.11 -10.20
C ALA E 159 29.60 -19.09 -11.05
N GLY E 160 29.33 -18.70 -12.29
CA GLY E 160 28.42 -19.44 -13.15
C GLY E 160 29.00 -20.64 -13.89
N ASN E 161 30.22 -21.03 -13.55
CA ASN E 161 30.80 -22.26 -14.09
C ASN E 161 30.52 -23.43 -13.16
N LYS E 162 31.01 -24.62 -13.50
CA LYS E 162 30.83 -25.79 -12.66
C LYS E 162 31.96 -25.93 -11.65
N LEU E 163 33.03 -25.16 -11.86
CA LEU E 163 34.22 -25.19 -11.02
C LEU E 163 33.90 -24.95 -9.54
N ALA E 164 34.28 -25.89 -8.69
CA ALA E 164 33.85 -25.86 -7.28
C ALA E 164 34.72 -25.01 -6.35
N MET E 165 36.03 -25.04 -6.54
CA MET E 165 36.90 -24.31 -5.64
C MET E 165 36.81 -22.82 -6.00
N GLN E 166 36.82 -21.98 -4.97
CA GLN E 166 36.40 -20.59 -5.09
C GLN E 166 37.40 -19.65 -5.79
N GLU E 167 38.67 -19.70 -5.39
CA GLU E 167 39.66 -18.71 -5.80
C GLU E 167 41.01 -19.33 -6.12
N PHE E 168 41.57 -18.93 -7.25
CA PHE E 168 42.93 -19.30 -7.64
C PHE E 168 43.74 -18.02 -7.80
N MET E 169 44.75 -17.83 -6.96
CA MET E 169 45.45 -16.56 -6.81
C MET E 169 46.92 -16.58 -7.24
N ILE E 170 47.45 -15.42 -7.62
CA ILE E 170 48.88 -15.30 -7.87
C ILE E 170 49.52 -14.36 -6.87
N LEU E 171 50.69 -14.77 -6.38
CA LEU E 171 51.44 -14.04 -5.38
C LEU E 171 52.87 -13.77 -5.88
N PRO E 172 53.18 -12.51 -6.20
CA PRO E 172 54.52 -12.13 -6.70
C PRO E 172 55.58 -12.06 -5.59
N VAL E 173 55.92 -13.22 -5.03
CA VAL E 173 56.90 -13.29 -3.93
C VAL E 173 58.31 -12.87 -4.38
N GLY E 174 58.61 -13.08 -5.65
CA GLY E 174 59.92 -12.72 -6.18
C GLY E 174 60.06 -11.27 -6.66
N ALA E 175 59.07 -10.41 -6.39
CA ALA E 175 59.14 -9.01 -6.85
C ALA E 175 60.13 -8.19 -6.03
N GLU E 176 60.58 -7.06 -6.57
CA GLU E 176 61.62 -6.25 -5.90
C GLU E 176 61.08 -5.30 -4.84
N SER E 177 59.77 -5.04 -4.92
CA SER E 177 59.13 -4.01 -4.12
C SER E 177 57.63 -4.18 -4.26
N PHE E 178 56.83 -3.42 -3.52
CA PHE E 178 55.39 -3.56 -3.72
C PHE E 178 54.97 -3.09 -5.11
N ARG E 179 55.50 -1.96 -5.57
CA ARG E 179 55.12 -1.46 -6.90
C ARG E 179 55.49 -2.44 -7.99
N ASP E 180 56.63 -3.10 -7.82
CA ASP E 180 57.03 -4.13 -8.78
C ASP E 180 56.05 -5.33 -8.71
N ALA E 181 55.57 -5.66 -7.51
CA ALA E 181 54.59 -6.75 -7.38
C ALA E 181 53.29 -6.42 -8.14
N MET E 182 52.89 -5.15 -8.12
CA MET E 182 51.71 -4.71 -8.86
C MET E 182 51.87 -4.88 -10.37
N ARG E 183 53.09 -4.60 -10.86
CA ARG E 183 53.33 -4.76 -12.28
C ARG E 183 53.27 -6.23 -12.70
N LEU E 184 53.96 -7.07 -11.93
CA LEU E 184 53.96 -8.52 -12.15
C LEU E 184 52.54 -9.06 -12.19
N GLY E 185 51.70 -8.64 -11.23
CA GLY E 185 50.33 -9.09 -11.16
C GLY E 185 49.47 -8.67 -12.34
N ALA E 186 49.51 -7.39 -12.68
CA ALA E 186 48.78 -6.87 -13.82
C ALA E 186 49.18 -7.55 -15.13
N GLU E 187 50.49 -7.73 -15.34
CA GLU E 187 51.00 -8.32 -16.57
C GLU E 187 50.54 -9.78 -16.70
N VAL E 188 50.58 -10.51 -15.61
CA VAL E 188 50.09 -11.88 -15.63
C VAL E 188 48.57 -11.89 -15.82
N TYR E 189 47.87 -10.95 -15.18
CA TYR E 189 46.42 -10.83 -15.33
C TYR E 189 46.04 -10.61 -16.79
N HIS E 190 46.73 -9.69 -17.45
CA HIS E 190 46.42 -9.40 -18.84
C HIS E 190 46.78 -10.58 -19.74
N THR E 191 47.91 -11.23 -19.46
CA THR E 191 48.31 -12.43 -20.20
C THR E 191 47.26 -13.54 -20.09
N LEU E 192 46.75 -13.73 -18.87
CA LEU E 192 45.72 -14.74 -18.63
C LEU E 192 44.47 -14.46 -19.44
N LYS E 193 44.09 -13.19 -19.55
CA LYS E 193 42.88 -12.83 -20.30
C LYS E 193 43.02 -13.33 -21.74
N GLY E 194 44.19 -13.15 -22.31
CA GLY E 194 44.47 -13.64 -23.65
C GLY E 194 44.46 -15.16 -23.76
N VAL E 195 44.99 -15.84 -22.74
CA VAL E 195 45.05 -17.30 -22.74
C VAL E 195 43.61 -17.85 -22.73
N ILE E 196 42.74 -17.21 -21.97
CA ILE E 196 41.35 -17.62 -21.85
C ILE E 196 40.55 -17.36 -23.13
N LYS E 197 40.71 -16.18 -23.70
CA LYS E 197 40.08 -15.85 -24.97
C LYS E 197 40.48 -16.85 -26.08
N ASP E 198 41.75 -17.24 -26.11
CA ASP E 198 42.22 -18.18 -27.12
C ASP E 198 41.69 -19.59 -26.91
N LYS E 199 41.58 -20.01 -25.65
CA LYS E 199 41.19 -21.39 -25.35
C LYS E 199 39.68 -21.58 -25.17
N TYR E 200 38.98 -20.54 -24.70
CA TYR E 200 37.53 -20.68 -24.43
C TYR E 200 36.64 -19.73 -25.21
N GLY E 201 37.23 -18.85 -26.01
CA GLY E 201 36.44 -17.97 -26.83
C GLY E 201 36.46 -16.53 -26.35
N LYS E 202 36.17 -15.60 -27.27
CA LYS E 202 36.20 -14.18 -26.99
C LYS E 202 35.17 -13.75 -25.96
N ASP E 203 34.16 -14.57 -25.75
CA ASP E 203 33.08 -14.20 -24.84
C ASP E 203 33.24 -14.81 -23.45
N ALA E 204 34.40 -15.38 -23.17
CA ALA E 204 34.65 -16.04 -21.88
C ALA E 204 35.45 -15.19 -20.89
N THR E 205 35.55 -13.90 -21.13
CA THR E 205 36.49 -13.09 -20.34
C THR E 205 35.83 -11.91 -19.62
N ASN E 206 34.52 -11.95 -19.43
CA ASN E 206 33.85 -11.01 -18.52
C ASN E 206 34.25 -11.37 -17.09
N VAL E 207 34.24 -10.40 -16.18
CA VAL E 207 34.79 -10.62 -14.85
C VAL E 207 33.74 -10.81 -13.77
N GLY E 208 34.13 -11.53 -12.72
CA GLY E 208 33.27 -11.73 -11.57
C GLY E 208 33.36 -10.60 -10.56
N ASP E 209 32.83 -10.83 -9.36
CA ASP E 209 32.70 -9.80 -8.34
C ASP E 209 34.02 -9.20 -7.89
N GLU E 210 35.08 -10.00 -7.85
CA GLU E 210 36.38 -9.50 -7.43
C GLU E 210 37.34 -9.31 -8.59
N GLY E 211 36.83 -9.35 -9.82
CA GLY E 211 37.64 -8.96 -10.97
C GLY E 211 38.33 -10.10 -11.71
N GLY E 212 38.17 -11.33 -11.24
CA GLY E 212 38.80 -12.49 -11.88
C GLY E 212 37.93 -13.11 -12.96
N PHE E 213 38.46 -14.08 -13.69
CA PHE E 213 37.71 -14.71 -14.77
C PHE E 213 37.05 -16.02 -14.35
N ALA E 214 35.92 -16.34 -14.96
CA ALA E 214 35.19 -17.57 -14.65
C ALA E 214 34.99 -18.43 -15.89
N PRO E 215 36.08 -19.02 -16.43
CA PRO E 215 35.93 -19.86 -17.61
C PRO E 215 35.06 -21.09 -17.33
N ASN E 216 34.36 -21.63 -18.33
CA ASN E 216 33.48 -22.75 -18.09
C ASN E 216 34.22 -24.07 -18.03
N ILE E 217 34.82 -24.33 -16.87
CA ILE E 217 35.55 -25.56 -16.62
C ILE E 217 35.05 -26.22 -15.34
N LEU E 218 35.35 -27.51 -15.18
CA LEU E 218 34.92 -28.26 -14.01
C LEU E 218 36.12 -28.67 -13.17
N GLU E 219 37.17 -29.14 -13.83
CA GLU E 219 38.33 -29.65 -13.11
C GLU E 219 39.15 -28.51 -12.50
N ASN E 220 39.45 -28.62 -11.22
CA ASN E 220 40.23 -27.62 -10.53
C ASN E 220 41.70 -27.65 -10.94
N SER E 221 42.17 -28.80 -11.41
CA SER E 221 43.54 -28.88 -11.92
C SER E 221 43.71 -28.05 -13.20
N GLU E 222 42.63 -27.89 -13.95
N GLU E 222 42.64 -27.88 -13.95
CA GLU E 222 42.64 -27.11 -15.18
CA GLU E 222 42.68 -27.09 -15.18
C GLU E 222 42.80 -25.61 -14.86
C GLU E 222 42.82 -25.60 -14.85
N ALA E 223 42.15 -25.17 -13.79
CA ALA E 223 42.28 -23.80 -13.31
C ALA E 223 43.76 -23.52 -12.99
N LEU E 224 44.40 -24.43 -12.27
CA LEU E 224 45.83 -24.29 -11.95
C LEU E 224 46.70 -24.34 -13.22
N GLU E 225 46.26 -25.13 -14.21
CA GLU E 225 46.98 -25.22 -15.48
C GLU E 225 46.99 -23.86 -16.15
N LEU E 226 45.80 -23.24 -16.19
CA LEU E 226 45.65 -21.93 -16.81
C LEU E 226 46.49 -20.85 -16.11
N VAL E 227 46.48 -20.85 -14.79
CA VAL E 227 47.27 -19.89 -14.04
C VAL E 227 48.77 -20.08 -14.30
N LYS E 228 49.22 -21.33 -14.23
CA LYS E 228 50.64 -21.62 -14.45
C LYS E 228 51.05 -21.18 -15.86
N GLU E 229 50.20 -21.45 -16.84
CA GLU E 229 50.46 -21.07 -18.21
C GLU E 229 50.62 -19.55 -18.37
N ALA E 230 49.74 -18.78 -17.73
CA ALA E 230 49.81 -17.32 -17.79
C ALA E 230 51.07 -16.78 -17.13
N ILE E 231 51.46 -17.35 -16.00
CA ILE E 231 52.71 -16.98 -15.31
C ILE E 231 53.92 -17.23 -16.21
N ASP E 232 54.00 -18.42 -16.79
CA ASP E 232 55.11 -18.79 -17.64
C ASP E 232 55.13 -17.93 -18.90
N LYS E 233 53.96 -17.75 -19.51
CA LYS E 233 53.86 -16.98 -20.74
C LYS E 233 54.18 -15.50 -20.51
N ALA E 234 53.96 -15.03 -19.29
CA ALA E 234 54.34 -13.67 -18.91
C ALA E 234 55.83 -13.54 -18.59
N GLY E 235 56.51 -14.67 -18.47
CA GLY E 235 57.94 -14.67 -18.21
C GLY E 235 58.33 -14.62 -16.74
N TYR E 236 57.42 -15.00 -15.83
CA TYR E 236 57.70 -14.83 -14.40
C TYR E 236 57.66 -16.11 -13.56
N THR E 237 57.89 -17.26 -14.19
CA THR E 237 57.90 -18.55 -13.50
C THR E 237 58.69 -18.53 -12.19
N GLU E 238 59.84 -17.87 -12.18
CA GLU E 238 60.67 -17.91 -10.98
C GLU E 238 60.20 -16.96 -9.86
N LYS E 239 59.22 -16.11 -10.15
CA LYS E 239 58.94 -14.99 -9.25
C LYS E 239 57.48 -14.93 -8.73
N ILE E 240 56.60 -15.74 -9.31
CA ILE E 240 55.19 -15.71 -8.94
C ILE E 240 54.69 -17.12 -8.62
N VAL E 241 54.10 -17.29 -7.43
CA VAL E 241 53.58 -18.58 -7.00
C VAL E 241 52.05 -18.51 -6.81
N ILE E 242 51.43 -19.65 -6.49
CA ILE E 242 49.98 -19.78 -6.51
C ILE E 242 49.39 -20.00 -5.13
N GLY E 243 48.24 -19.37 -4.86
CA GLY E 243 47.53 -19.60 -3.62
C GLY E 243 46.10 -19.96 -3.97
N MET E 244 45.41 -20.66 -3.07
CA MET E 244 44.05 -21.08 -3.33
C MET E 244 43.12 -20.73 -2.16
N ASP E 245 41.90 -20.29 -2.48
CA ASP E 245 40.84 -20.28 -1.50
C ASP E 245 39.78 -21.28 -1.93
N VAL E 246 39.79 -22.45 -1.32
CA VAL E 246 38.83 -23.47 -1.70
C VAL E 246 37.39 -23.11 -1.25
N ALA E 247 37.26 -22.53 -0.06
CA ALA E 247 35.95 -22.30 0.58
C ALA E 247 35.12 -23.59 0.65
N ALA E 248 35.71 -24.63 1.21
CA ALA E 248 35.09 -25.95 1.21
C ALA E 248 33.75 -26.01 1.97
N SER E 249 33.51 -25.08 2.90
CA SER E 249 32.21 -25.01 3.59
C SER E 249 31.05 -24.90 2.60
N GLU E 250 31.31 -24.30 1.44
CA GLU E 250 30.28 -24.13 0.43
C GLU E 250 29.89 -25.43 -0.30
N PHE E 251 30.76 -26.45 -0.31
CA PHE E 251 30.37 -27.70 -0.94
C PHE E 251 30.47 -28.91 0.00
N TYR E 252 30.47 -28.63 1.30
CA TYR E 252 30.34 -29.66 2.32
C TYR E 252 28.91 -30.21 2.33
N ARG E 253 28.78 -31.54 2.28
CA ARG E 253 27.47 -32.20 2.24
C ARG E 253 27.48 -33.48 3.05
N ASP E 254 26.78 -33.48 4.19
CA ASP E 254 26.58 -34.69 5.02
C ASP E 254 27.87 -35.38 5.41
N GLY E 255 28.86 -34.62 5.86
CA GLY E 255 30.13 -35.21 6.25
C GLY E 255 31.09 -35.49 5.09
N LYS E 256 30.67 -35.21 3.86
CA LYS E 256 31.53 -35.37 2.70
C LYS E 256 31.63 -34.06 1.91
N TYR E 257 32.32 -34.10 0.77
CA TYR E 257 32.50 -32.90 -0.05
C TYR E 257 32.07 -33.14 -1.51
N ASP E 258 31.37 -32.17 -2.06
CA ASP E 258 30.86 -32.30 -3.43
C ASP E 258 31.56 -31.36 -4.42
N LEU E 259 32.55 -31.90 -5.15
CA LEU E 259 33.30 -31.09 -6.11
C LEU E 259 32.54 -30.80 -7.41
N ASP E 260 31.26 -31.16 -7.47
CA ASP E 260 30.41 -30.73 -8.58
C ASP E 260 29.06 -30.28 -8.05
N PHE E 261 29.10 -29.46 -7.00
CA PHE E 261 27.88 -29.13 -6.26
C PHE E 261 26.93 -28.21 -7.01
N LYS E 262 27.38 -27.66 -8.14
CA LYS E 262 26.51 -26.80 -8.95
C LYS E 262 25.83 -27.59 -10.08
N SER E 263 26.08 -28.90 -10.15
CA SER E 263 25.33 -29.79 -11.04
C SER E 263 24.19 -30.44 -10.22
N PRO E 264 23.10 -30.88 -10.89
CA PRO E 264 21.98 -31.55 -10.21
C PRO E 264 22.43 -32.58 -9.18
N THR E 265 21.85 -32.51 -7.99
CA THR E 265 22.41 -33.19 -6.81
C THR E 265 22.51 -34.69 -7.00
N ASP E 266 23.71 -35.21 -6.81
CA ASP E 266 23.97 -36.64 -6.92
C ASP E 266 25.02 -37.05 -5.89
N PRO E 267 24.56 -37.60 -4.74
CA PRO E 267 25.44 -37.96 -3.61
C PRO E 267 26.46 -39.04 -3.92
N SER E 268 26.36 -39.71 -5.07
CA SER E 268 27.34 -40.74 -5.40
C SER E 268 28.71 -40.14 -5.74
N ARG E 269 28.73 -38.87 -6.16
CA ARG E 269 30.00 -38.23 -6.52
C ARG E 269 30.74 -37.59 -5.33
N TYR E 270 30.12 -37.58 -4.16
CA TYR E 270 30.74 -36.97 -2.97
C TYR E 270 32.04 -37.69 -2.57
N ILE E 271 33.01 -36.94 -2.09
CA ILE E 271 34.27 -37.52 -1.64
C ILE E 271 34.59 -37.17 -0.19
N THR E 272 35.47 -37.95 0.42
CA THR E 272 35.81 -37.73 1.81
C THR E 272 36.88 -36.64 1.96
N GLY E 273 37.09 -36.20 3.20
CA GLY E 273 38.15 -35.24 3.49
C GLY E 273 39.53 -35.80 3.20
N ASP E 274 39.71 -37.10 3.41
CA ASP E 274 40.99 -37.76 3.11
C ASP E 274 41.26 -37.72 1.61
N GLN E 275 40.20 -37.92 0.84
CA GLN E 275 40.27 -37.90 -0.61
C GLN E 275 40.55 -36.49 -1.11
N LEU E 276 39.84 -35.53 -0.55
CA LEU E 276 40.04 -34.13 -0.88
C LEU E 276 41.47 -33.70 -0.55
N GLY E 277 41.96 -34.09 0.61
CA GLY E 277 43.31 -33.80 1.03
C GLY E 277 44.34 -34.44 0.12
N ALA E 278 44.01 -35.63 -0.40
CA ALA E 278 44.90 -36.34 -1.31
C ALA E 278 45.00 -35.56 -2.63
N LEU E 279 43.87 -35.02 -3.07
CA LEU E 279 43.84 -34.13 -4.23
C LEU E 279 44.72 -32.87 -4.02
N TYR E 280 44.63 -32.23 -2.87
CA TYR E 280 45.50 -31.08 -2.58
C TYR E 280 46.99 -31.46 -2.62
N GLN E 281 47.31 -32.67 -2.17
CA GLN E 281 48.70 -33.15 -2.16
C GLN E 281 49.23 -33.21 -3.59
N ASP E 282 48.37 -33.67 -4.51
CA ASP E 282 48.71 -33.66 -5.93
C ASP E 282 48.98 -32.25 -6.45
N PHE E 283 48.12 -31.30 -6.10
CA PHE E 283 48.27 -29.91 -6.55
C PHE E 283 49.59 -29.31 -6.07
N VAL E 284 49.91 -29.56 -4.81
CA VAL E 284 51.09 -29.01 -4.18
C VAL E 284 52.35 -29.66 -4.77
N ARG E 285 52.19 -30.88 -5.28
CA ARG E 285 53.31 -31.57 -5.92
C ARG E 285 53.50 -31.10 -7.38
N ASP E 286 52.40 -30.86 -8.08
CA ASP E 286 52.45 -30.60 -9.52
C ASP E 286 52.37 -29.12 -9.93
N TYR E 287 52.06 -28.24 -8.99
CA TYR E 287 51.99 -26.80 -9.28
C TYR E 287 52.65 -26.05 -8.14
N PRO E 288 53.05 -24.78 -8.38
CA PRO E 288 53.67 -23.96 -7.35
C PRO E 288 52.67 -23.36 -6.34
N VAL E 289 51.84 -24.23 -5.75
CA VAL E 289 50.88 -23.83 -4.73
C VAL E 289 51.56 -23.73 -3.37
N VAL E 290 51.60 -22.55 -2.80
CA VAL E 290 52.27 -22.36 -1.52
C VAL E 290 51.34 -22.07 -0.34
N SER E 291 50.04 -21.99 -0.63
CA SER E 291 49.07 -21.58 0.38
C SER E 291 47.67 -22.04 -0.02
N ILE E 292 46.95 -22.67 0.91
CA ILE E 292 45.56 -23.08 0.68
C ILE E 292 44.67 -22.62 1.84
N GLU E 293 43.56 -21.97 1.48
CA GLU E 293 42.64 -21.39 2.44
C GLU E 293 41.31 -22.15 2.46
N ASP E 294 40.75 -22.29 3.65
CA ASP E 294 39.57 -23.11 3.90
C ASP E 294 39.53 -24.41 3.10
N PRO E 295 40.56 -25.26 3.27
CA PRO E 295 40.55 -26.51 2.52
C PRO E 295 39.45 -27.47 2.98
N PHE E 296 38.95 -27.28 4.19
CA PHE E 296 37.85 -28.11 4.68
C PHE E 296 36.77 -27.26 5.34
N ASP E 297 35.67 -27.90 5.70
CA ASP E 297 34.52 -27.20 6.28
C ASP E 297 34.86 -26.53 7.62
N GLN E 298 34.15 -25.44 7.91
CA GLN E 298 34.38 -24.63 9.10
C GLN E 298 34.25 -25.38 10.43
N ASP E 299 33.62 -26.56 10.40
CA ASP E 299 33.50 -27.39 11.60
C ASP E 299 34.33 -28.69 11.54
N ASP E 300 34.98 -28.95 10.41
CA ASP E 300 35.68 -30.23 10.19
C ASP E 300 37.10 -30.18 10.75
N TRP E 301 37.19 -29.99 12.06
CA TRP E 301 38.48 -29.79 12.72
C TRP E 301 39.48 -30.93 12.50
N ALA E 302 38.98 -32.15 12.38
CA ALA E 302 39.85 -33.32 12.19
C ALA E 302 40.63 -33.21 10.88
N ALA E 303 39.94 -32.82 9.82
CA ALA E 303 40.50 -32.77 8.48
C ALA E 303 41.57 -31.68 8.40
N TRP E 304 41.30 -30.57 9.06
CA TRP E 304 42.26 -29.46 9.13
C TRP E 304 43.56 -29.86 9.80
N SER E 305 43.42 -30.42 10.99
CA SER E 305 44.58 -30.78 11.79
C SER E 305 45.47 -31.82 11.11
N LYS E 306 44.85 -32.77 10.43
CA LYS E 306 45.56 -33.85 9.78
C LYS E 306 46.28 -33.37 8.52
N PHE E 307 45.59 -32.58 7.72
CA PHE E 307 46.18 -32.02 6.51
C PHE E 307 47.37 -31.11 6.86
N THR E 308 47.15 -30.18 7.78
CA THR E 308 48.20 -29.26 8.21
C THR E 308 49.46 -30.01 8.69
N ALA E 309 49.28 -31.12 9.39
CA ALA E 309 50.41 -31.90 9.91
C ALA E 309 51.14 -32.68 8.81
N ASN E 310 50.48 -32.82 7.65
CA ASN E 310 51.00 -33.59 6.54
C ASN E 310 51.57 -32.75 5.39
N VAL E 311 51.67 -31.43 5.55
CA VAL E 311 52.15 -30.56 4.47
C VAL E 311 53.04 -29.45 4.99
N GLY E 312 53.78 -28.83 4.08
CA GLY E 312 54.71 -27.76 4.44
C GLY E 312 54.18 -26.37 4.09
N ILE E 313 53.10 -26.32 3.31
CA ILE E 313 52.57 -25.06 2.80
C ILE E 313 51.75 -24.30 3.85
N GLN E 314 51.44 -23.03 3.54
CA GLN E 314 50.61 -22.21 4.40
C GLN E 314 49.16 -22.72 4.34
N ILE E 315 48.53 -22.87 5.51
CA ILE E 315 47.12 -23.27 5.61
C ILE E 315 46.33 -22.18 6.30
N VAL E 316 45.40 -21.56 5.59
CA VAL E 316 44.75 -20.34 6.05
C VAL E 316 43.32 -20.58 6.53
N GLY E 317 43.02 -20.14 7.74
CA GLY E 317 41.66 -20.20 8.27
C GLY E 317 40.93 -18.93 7.91
N ASP E 318 39.77 -19.08 7.28
CA ASP E 318 38.89 -17.97 6.96
C ASP E 318 37.55 -18.20 7.67
N ASP E 319 36.68 -19.01 7.07
CA ASP E 319 35.43 -19.36 7.73
C ASP E 319 35.70 -20.18 9.00
N LEU E 320 36.86 -20.84 9.05
CA LEU E 320 37.23 -21.64 10.23
C LEU E 320 37.32 -20.76 11.46
N THR E 321 37.97 -19.61 11.28
CA THR E 321 38.41 -18.79 12.39
C THR E 321 37.61 -17.51 12.57
N VAL E 322 36.95 -17.08 11.50
CA VAL E 322 36.18 -15.83 11.40
C VAL E 322 36.75 -14.66 12.25
N THR E 323 38.07 -14.48 12.20
CA THR E 323 38.76 -13.36 12.86
C THR E 323 38.34 -13.25 14.33
N ASN E 324 38.10 -14.40 14.94
CA ASN E 324 37.53 -14.49 16.27
C ASN E 324 38.49 -15.18 17.23
N PRO E 325 39.01 -14.45 18.22
CA PRO E 325 39.97 -14.97 19.20
C PRO E 325 39.56 -16.31 19.88
N LYS E 326 38.28 -16.52 20.17
CA LYS E 326 37.86 -17.79 20.77
C LYS E 326 38.04 -18.98 19.82
N ARG E 327 37.70 -18.80 18.55
CA ARG E 327 37.92 -19.83 17.55
C ARG E 327 39.38 -19.95 17.16
N ILE E 328 40.10 -18.83 17.18
CA ILE E 328 41.54 -18.87 16.94
C ILE E 328 42.23 -19.67 18.03
N GLU E 329 41.83 -19.42 19.27
N GLU E 329 41.87 -19.47 19.29
CA GLU E 329 42.29 -20.15 20.47
CA GLU E 329 42.53 -20.22 20.34
C GLU E 329 42.24 -21.66 20.23
C GLU E 329 42.29 -21.73 20.18
N ARG E 330 41.09 -22.12 19.76
CA ARG E 330 40.86 -23.53 19.48
C ARG E 330 41.74 -24.02 18.33
N ALA E 331 41.83 -23.24 17.26
CA ALA E 331 42.67 -23.62 16.12
C ALA E 331 44.14 -23.76 16.53
N VAL E 332 44.59 -22.86 17.40
CA VAL E 332 45.96 -22.90 17.90
C VAL E 332 46.20 -24.19 18.69
N GLU E 333 45.27 -24.49 19.58
CA GLU E 333 45.29 -25.72 20.38
C GLU E 333 45.37 -26.98 19.52
N GLU E 334 44.50 -27.05 18.51
CA GLU E 334 44.37 -28.24 17.69
C GLU E 334 45.34 -28.25 16.51
N LYS E 335 46.16 -27.20 16.41
CA LYS E 335 47.04 -26.99 15.26
C LYS E 335 46.30 -27.18 13.94
N ALA E 336 45.16 -26.51 13.81
CA ALA E 336 44.29 -26.68 12.64
C ALA E 336 44.85 -26.00 11.39
N CYS E 337 45.63 -24.95 11.59
CA CYS E 337 46.11 -24.14 10.47
C CYS E 337 47.30 -23.32 10.94
N ASN E 338 47.92 -22.57 10.04
CA ASN E 338 49.10 -21.81 10.43
C ASN E 338 49.08 -20.38 9.91
N CYS E 339 47.88 -19.94 9.53
CA CYS E 339 47.67 -18.58 9.03
C CYS E 339 46.23 -18.14 9.28
N LEU E 340 46.08 -16.90 9.68
CA LEU E 340 44.75 -16.33 9.93
C LEU E 340 44.37 -15.39 8.79
N LEU E 341 43.19 -15.58 8.20
CA LEU E 341 42.70 -14.56 7.28
C LEU E 341 42.02 -13.49 8.11
N LEU E 342 42.46 -12.24 7.98
CA LEU E 342 41.96 -11.18 8.85
C LEU E 342 40.88 -10.32 8.16
N LYS E 343 39.65 -10.46 8.64
CA LYS E 343 38.51 -9.72 8.12
C LYS E 343 37.83 -8.97 9.26
N VAL E 344 38.08 -7.66 9.35
CA VAL E 344 37.54 -6.86 10.43
C VAL E 344 36.01 -7.03 10.60
N ASN E 345 35.27 -7.19 9.51
CA ASN E 345 33.81 -7.31 9.64
C ASN E 345 33.32 -8.72 9.96
N GLN E 346 34.23 -9.68 10.07
CA GLN E 346 33.86 -11.00 10.59
C GLN E 346 33.70 -10.95 12.12
N ILE E 347 34.35 -9.97 12.76
CA ILE E 347 34.30 -9.85 14.22
C ILE E 347 33.62 -8.54 14.66
N GLY E 348 33.76 -7.47 13.87
CA GLY E 348 32.93 -6.30 14.09
C GLY E 348 33.54 -5.08 14.73
N SER E 349 34.84 -5.12 15.05
CA SER E 349 35.54 -3.95 15.58
C SER E 349 37.05 -3.99 15.34
N VAL E 350 37.66 -2.82 15.23
CA VAL E 350 39.10 -2.71 15.04
C VAL E 350 39.89 -3.34 16.20
N THR E 351 39.50 -2.99 17.43
CA THR E 351 40.14 -3.51 18.62
C THR E 351 40.16 -5.04 18.64
N GLU E 352 39.03 -5.66 18.34
CA GLU E 352 38.96 -7.12 18.33
C GLU E 352 39.75 -7.73 17.17
N ALA E 353 39.78 -7.05 16.03
CA ALA E 353 40.55 -7.58 14.91
C ALA E 353 42.05 -7.51 15.22
N ILE E 354 42.50 -6.46 15.89
CA ILE E 354 43.92 -6.38 16.26
C ILE E 354 44.25 -7.44 17.31
N GLN E 355 43.34 -7.66 18.27
CA GLN E 355 43.51 -8.77 19.22
C GLN E 355 43.65 -10.11 18.50
N ALA E 356 42.80 -10.34 17.52
CA ALA E 356 42.83 -11.58 16.76
C ALA E 356 44.19 -11.74 16.07
N CYS E 357 44.69 -10.65 15.50
CA CYS E 357 45.98 -10.66 14.80
C CYS E 357 47.13 -10.96 15.74
N LYS E 358 47.20 -10.25 16.86
CA LYS E 358 48.30 -10.44 17.80
CA LYS E 358 48.30 -10.44 17.81
C LYS E 358 48.31 -11.86 18.36
N LEU E 359 47.13 -12.44 18.51
CA LEU E 359 47.03 -13.79 19.03
C LEU E 359 47.57 -14.81 18.03
N ALA E 360 47.30 -14.59 16.74
CA ALA E 360 47.84 -15.48 15.73
C ALA E 360 49.37 -15.36 15.69
N GLN E 361 49.85 -14.13 15.65
CA GLN E 361 51.28 -13.88 15.53
C GLN E 361 52.07 -14.42 16.73
N GLU E 362 51.54 -14.21 17.94
CA GLU E 362 52.19 -14.72 19.15
C GLU E 362 52.35 -16.24 19.11
N ASN E 363 51.48 -16.91 18.37
CA ASN E 363 51.52 -18.36 18.24
C ASN E 363 52.15 -18.82 16.92
N GLY E 364 52.90 -17.94 16.28
CA GLY E 364 53.72 -18.34 15.15
C GLY E 364 52.98 -18.44 13.82
N TRP E 365 51.75 -17.94 13.79
CA TRP E 365 50.95 -17.95 12.56
C TRP E 365 51.30 -16.79 11.63
N GLY E 366 51.12 -17.00 10.33
CA GLY E 366 51.05 -15.90 9.40
C GLY E 366 49.69 -15.23 9.57
N VAL E 367 49.55 -14.03 9.02
CA VAL E 367 48.26 -13.34 8.99
C VAL E 367 48.11 -12.73 7.60
N MET E 368 47.01 -13.04 6.92
CA MET E 368 46.71 -12.41 5.64
C MET E 368 45.46 -11.54 5.76
N VAL E 369 45.63 -10.23 5.60
CA VAL E 369 44.53 -9.29 5.63
C VAL E 369 43.69 -9.46 4.36
N SER E 370 42.37 -9.32 4.45
CA SER E 370 41.51 -9.67 3.34
C SER E 370 40.35 -8.70 3.10
N HIS E 371 39.98 -8.54 1.83
CA HIS E 371 38.75 -7.89 1.43
C HIS E 371 37.53 -8.80 1.69
N ARG E 372 36.31 -8.31 1.46
CA ARG E 372 35.14 -9.18 1.30
C ARG E 372 34.74 -9.06 -0.16
N SER E 373 33.82 -9.91 -0.62
CA SER E 373 33.49 -9.85 -2.03
C SER E 373 32.67 -8.57 -2.35
N GLY E 374 31.92 -8.09 -1.38
CA GLY E 374 31.26 -6.80 -1.49
C GLY E 374 32.15 -5.75 -0.86
N GLU E 375 32.85 -4.96 -1.68
CA GLU E 375 33.74 -3.95 -1.15
C GLU E 375 33.28 -2.53 -1.47
N THR E 376 34.03 -1.56 -0.97
CA THR E 376 33.76 -0.18 -1.30
C THR E 376 35.03 0.53 -1.73
N GLU E 377 34.90 1.83 -1.98
CA GLU E 377 36.03 2.69 -2.30
C GLU E 377 36.95 2.95 -1.08
N ASP E 378 36.53 2.49 0.09
CA ASP E 378 37.30 2.56 1.34
C ASP E 378 38.65 1.82 1.22
N THR E 379 39.72 2.38 1.79
CA THR E 379 41.04 1.74 1.70
C THR E 379 41.66 1.42 3.05
N PHE E 380 40.82 1.29 4.07
CA PHE E 380 41.31 1.05 5.42
C PHE E 380 42.27 -0.16 5.55
N ILE E 381 42.00 -1.26 4.83
CA ILE E 381 42.78 -2.46 5.08
C ILE E 381 44.20 -2.40 4.46
N ALA E 382 44.44 -1.44 3.56
CA ALA E 382 45.81 -1.19 3.12
C ALA E 382 46.67 -0.68 4.29
N ASP E 383 46.15 0.30 5.02
CA ASP E 383 46.87 0.80 6.19
C ASP E 383 46.93 -0.25 7.29
N LEU E 384 45.85 -1.00 7.42
CA LEU E 384 45.78 -2.08 8.40
C LEU E 384 46.88 -3.12 8.19
N VAL E 385 47.02 -3.63 6.97
CA VAL E 385 48.01 -4.69 6.72
C VAL E 385 49.46 -4.19 6.96
N VAL E 386 49.72 -2.91 6.71
CA VAL E 386 51.08 -2.40 6.95
C VAL E 386 51.33 -2.15 8.45
N GLY E 387 50.35 -1.58 9.15
CA GLY E 387 50.48 -1.30 10.56
C GLY E 387 50.56 -2.56 11.40
N LEU E 388 49.88 -3.61 10.95
CA LEU E 388 49.95 -4.89 11.65
C LEU E 388 51.15 -5.72 11.21
N CYS E 389 51.86 -5.25 10.19
N CYS E 389 51.89 -5.24 10.22
CA CYS E 389 53.09 -5.88 9.72
CA CYS E 389 53.11 -5.92 9.72
C CYS E 389 52.92 -7.36 9.35
C CYS E 389 52.93 -7.38 9.32
N THR E 390 51.82 -7.72 8.69
CA THR E 390 51.54 -9.13 8.45
C THR E 390 52.22 -9.69 7.20
N GLY E 391 52.61 -8.82 6.27
CA GLY E 391 53.33 -9.28 5.10
C GLY E 391 52.55 -9.97 3.99
N GLN E 392 51.22 -9.99 4.08
CA GLN E 392 50.39 -10.53 3.01
C GLN E 392 48.95 -9.99 3.06
N ILE E 393 48.40 -9.71 1.87
CA ILE E 393 47.04 -9.19 1.75
C ILE E 393 46.42 -9.80 0.51
N LYS E 394 45.13 -10.12 0.56
CA LYS E 394 44.42 -10.37 -0.68
C LYS E 394 43.20 -9.45 -0.75
N THR E 395 43.14 -8.67 -1.83
CA THR E 395 42.05 -7.72 -1.95
C THR E 395 41.67 -7.57 -3.42
N GLY E 396 41.68 -8.69 -4.14
CA GLY E 396 41.10 -8.76 -5.46
C GLY E 396 42.07 -8.98 -6.61
N ALA E 397 41.51 -9.23 -7.79
CA ALA E 397 42.26 -9.15 -9.04
C ALA E 397 42.75 -7.72 -9.20
N PRO E 398 43.75 -7.48 -10.06
CA PRO E 398 44.08 -6.08 -10.38
C PRO E 398 43.08 -5.48 -11.39
N CYS E 399 41.81 -5.47 -11.02
CA CYS E 399 40.71 -5.04 -11.88
C CYS E 399 39.52 -4.69 -10.97
N ARG E 400 38.75 -3.64 -11.31
CA ARG E 400 37.68 -3.04 -10.47
C ARG E 400 38.30 -2.22 -9.34
N SER E 401 37.93 -0.94 -9.22
CA SER E 401 38.66 -0.06 -8.33
C SER E 401 38.33 -0.22 -6.84
N GLU E 402 37.31 -1.00 -6.48
CA GLU E 402 37.18 -1.38 -5.07
C GLU E 402 38.33 -2.32 -4.66
N ARG E 403 38.99 -2.91 -5.66
CA ARG E 403 40.21 -3.68 -5.42
C ARG E 403 41.45 -2.79 -5.59
N LEU E 404 41.58 -2.12 -6.73
CA LEU E 404 42.76 -1.29 -6.99
C LEU E 404 42.95 -0.14 -6.00
N ALA E 405 41.86 0.36 -5.41
CA ALA E 405 41.97 1.42 -4.39
C ALA E 405 42.92 0.99 -3.26
N LYS E 406 42.83 -0.27 -2.85
CA LYS E 406 43.70 -0.80 -1.81
C LYS E 406 45.13 -0.93 -2.32
N TYR E 407 45.27 -1.52 -3.51
CA TYR E 407 46.57 -1.76 -4.11
C TYR E 407 47.29 -0.44 -4.40
N ASN E 408 46.55 0.55 -4.91
CA ASN E 408 47.10 1.88 -5.10
C ASN E 408 47.54 2.53 -3.78
N GLN E 409 46.71 2.40 -2.74
CA GLN E 409 47.06 2.99 -1.45
C GLN E 409 48.37 2.36 -0.91
N LEU E 410 48.51 1.05 -1.10
CA LEU E 410 49.74 0.38 -0.67
C LEU E 410 50.96 0.90 -1.45
N MET E 411 50.79 1.18 -2.74
CA MET E 411 51.89 1.83 -3.48
C MET E 411 52.22 3.22 -2.90
N ARG E 412 51.19 3.97 -2.52
CA ARG E 412 51.39 5.27 -1.88
C ARG E 412 52.16 5.17 -0.55
N ILE E 413 51.81 4.18 0.25
CA ILE E 413 52.44 3.99 1.54
C ILE E 413 53.91 3.60 1.36
N GLU E 414 54.18 2.71 0.41
CA GLU E 414 55.55 2.31 0.09
C GLU E 414 56.38 3.54 -0.25
N GLU E 415 55.80 4.40 -1.08
CA GLU E 415 56.44 5.64 -1.50
C GLU E 415 56.70 6.57 -0.31
N GLU E 416 55.74 6.63 0.60
CA GLU E 416 55.83 7.50 1.77
C GLU E 416 56.96 7.05 2.71
N LEU E 417 57.11 5.74 2.85
CA LEU E 417 58.10 5.17 3.76
C LEU E 417 59.53 5.28 3.24
N GLY E 418 59.69 5.51 1.93
CA GLY E 418 61.01 5.69 1.35
C GLY E 418 61.92 4.50 1.58
N ASP E 419 63.15 4.78 1.98
CA ASP E 419 64.16 3.73 2.19
C ASP E 419 63.85 2.85 3.39
N GLU E 420 62.91 3.28 4.22
CA GLU E 420 62.47 2.50 5.37
C GLU E 420 61.53 1.38 4.91
N ALA E 421 61.04 1.49 3.67
CA ALA E 421 60.12 0.48 3.14
C ALA E 421 60.83 -0.84 2.87
N ARG E 422 60.32 -1.91 3.47
CA ARG E 422 60.78 -3.27 3.17
CA ARG E 422 60.77 -3.26 3.15
C ARG E 422 59.60 -4.09 2.66
N PHE E 423 59.84 -4.89 1.63
CA PHE E 423 58.83 -5.73 1.01
C PHE E 423 58.99 -7.15 1.53
N ALA E 424 57.91 -7.76 1.96
CA ALA E 424 57.98 -9.04 2.67
C ALA E 424 58.57 -10.14 1.79
N GLY E 425 58.26 -10.09 0.50
CA GLY E 425 58.79 -11.05 -0.47
C GLY E 425 58.64 -12.52 -0.08
N HIS E 426 59.78 -13.22 -0.04
CA HIS E 426 59.79 -14.66 0.26
C HIS E 426 59.54 -14.94 1.73
N ASN E 427 59.60 -13.90 2.58
CA ASN E 427 59.24 -14.07 3.98
C ASN E 427 57.80 -13.67 4.31
N PHE E 428 56.89 -13.83 3.36
CA PHE E 428 55.52 -13.37 3.56
C PHE E 428 54.80 -14.12 4.70
N ARG E 429 55.19 -15.36 4.96
CA ARG E 429 54.58 -16.14 6.04
C ARG E 429 55.09 -15.73 7.43
N ASN E 430 56.36 -15.35 7.52
CA ASN E 430 56.94 -14.94 8.81
C ASN E 430 57.75 -13.65 8.68
N PRO E 431 57.06 -12.51 8.49
CA PRO E 431 57.75 -11.24 8.25
C PRO E 431 58.61 -10.78 9.42
N SER E 432 58.42 -11.35 10.60
CA SER E 432 59.12 -10.86 11.80
C SER E 432 60.63 -11.10 11.73
N VAL E 433 61.09 -11.95 10.82
CA VAL E 433 62.53 -12.12 10.65
C VAL E 433 63.14 -10.94 9.89
N LEU E 434 62.32 -9.94 9.60
CA LEU E 434 62.79 -8.75 8.89
C LEU E 434 62.90 -7.54 9.82
N SER F 2 51.46 30.13 -4.17
CA SER F 2 50.28 29.40 -3.71
C SER F 2 50.52 27.88 -3.73
N ILE F 3 50.91 27.35 -4.90
CA ILE F 3 51.26 25.93 -5.01
C ILE F 3 52.62 25.68 -4.39
N GLU F 4 52.68 24.76 -3.43
CA GLU F 4 53.92 24.50 -2.71
C GLU F 4 54.70 23.32 -3.28
N LYS F 5 53.98 22.35 -3.84
CA LYS F 5 54.59 21.12 -4.32
C LYS F 5 53.60 20.35 -5.17
N ILE F 6 54.09 19.68 -6.20
CA ILE F 6 53.30 18.78 -7.02
C ILE F 6 54.07 17.48 -7.17
N TRP F 7 53.42 16.35 -6.92
CA TRP F 7 54.08 15.06 -7.10
C TRP F 7 53.13 14.07 -7.76
N ALA F 8 53.56 13.54 -8.90
CA ALA F 8 52.77 12.62 -9.67
C ALA F 8 53.31 11.19 -9.53
N ARG F 9 52.43 10.22 -9.77
CA ARG F 9 52.83 8.82 -9.70
C ARG F 9 51.96 8.01 -10.65
N GLU F 10 52.42 6.80 -10.91
CA GLU F 10 51.70 5.80 -11.68
C GLU F 10 50.79 5.00 -10.74
N ILE F 11 49.48 5.03 -10.98
CA ILE F 11 48.56 4.12 -10.28
C ILE F 11 47.90 3.22 -11.32
N LEU F 12 47.14 2.22 -10.88
CA LEU F 12 46.42 1.37 -11.81
C LEU F 12 44.95 1.78 -11.89
N ASP F 13 44.42 1.86 -13.12
CA ASP F 13 43.01 2.18 -13.31
C ASP F 13 42.16 0.90 -13.18
N SER F 14 40.84 1.05 -13.38
CA SER F 14 39.89 -0.02 -13.11
C SER F 14 40.03 -1.23 -14.04
N ARG F 15 40.73 -1.07 -15.15
CA ARG F 15 41.00 -2.21 -16.04
C ARG F 15 42.35 -2.85 -15.75
N GLY F 16 43.09 -2.26 -14.82
CA GLY F 16 44.41 -2.77 -14.47
C GLY F 16 45.52 -2.19 -15.34
N ASN F 17 45.26 -1.05 -15.96
CA ASN F 17 46.28 -0.36 -16.75
C ASN F 17 46.80 0.87 -16.05
N PRO F 18 48.10 1.20 -16.23
CA PRO F 18 48.68 2.36 -15.56
C PRO F 18 47.95 3.64 -15.91
N THR F 19 47.78 4.54 -14.95
CA THR F 19 47.36 5.88 -15.32
C THR F 19 47.98 6.88 -14.36
N VAL F 20 47.74 8.14 -14.64
CA VAL F 20 48.35 9.23 -13.90
C VAL F 20 47.55 9.63 -12.67
N GLU F 21 48.23 9.76 -11.53
CA GLU F 21 47.66 10.38 -10.35
C GLU F 21 48.54 11.53 -9.86
N VAL F 22 47.93 12.65 -9.51
CA VAL F 22 48.67 13.81 -9.04
C VAL F 22 48.34 14.25 -7.62
N ASP F 23 49.38 14.39 -6.80
CA ASP F 23 49.29 15.05 -5.49
C ASP F 23 49.76 16.51 -5.59
N LEU F 24 48.88 17.45 -5.26
CA LEU F 24 49.26 18.86 -5.23
C LEU F 24 49.10 19.41 -3.81
N TYR F 25 50.13 20.12 -3.35
CA TYR F 25 50.21 20.66 -2.00
C TYR F 25 50.12 22.18 -2.00
N THR F 26 49.27 22.69 -1.12
CA THR F 26 49.24 24.11 -0.75
C THR F 26 49.32 24.19 0.76
N ALA F 27 49.26 25.41 1.31
CA ALA F 27 49.24 25.59 2.77
C ALA F 27 48.02 24.94 3.43
N LYS F 28 46.99 24.65 2.65
CA LYS F 28 45.79 24.01 3.19
C LYS F 28 45.84 22.51 3.06
N GLY F 29 46.92 21.98 2.50
CA GLY F 29 47.13 20.54 2.52
C GLY F 29 47.33 19.86 1.17
N LEU F 30 46.96 18.58 1.14
CA LEU F 30 47.11 17.70 0.00
C LEU F 30 45.82 17.55 -0.81
N PHE F 31 45.95 17.70 -2.13
CA PHE F 31 44.82 17.57 -3.05
C PHE F 31 45.17 16.60 -4.17
N ARG F 32 44.40 15.51 -4.22
CA ARG F 32 44.71 14.39 -5.09
C ARG F 32 43.68 14.23 -6.21
N ALA F 33 44.16 13.99 -7.42
CA ALA F 33 43.30 13.64 -8.54
C ALA F 33 43.95 12.59 -9.41
N ALA F 34 43.14 11.87 -10.18
CA ALA F 34 43.62 10.83 -11.09
C ALA F 34 42.91 10.94 -12.42
N VAL F 35 43.54 10.41 -13.46
CA VAL F 35 43.11 10.60 -14.84
C VAL F 35 42.51 9.31 -15.41
N PRO F 36 41.31 9.38 -16.02
CA PRO F 36 40.72 8.18 -16.62
C PRO F 36 41.23 7.96 -18.03
N SER F 37 40.85 6.84 -18.65
CA SER F 37 41.37 6.50 -19.98
C SER F 37 40.32 5.73 -20.78
N GLY F 38 40.08 6.15 -22.02
CA GLY F 38 39.05 5.58 -22.88
C GLY F 38 39.41 4.25 -23.53
N ALA F 39 38.38 3.47 -23.87
CA ALA F 39 38.55 2.20 -24.56
C ALA F 39 38.24 2.35 -26.05
N SER F 40 37.14 3.04 -26.35
CA SER F 40 36.79 3.33 -27.74
C SER F 40 36.94 4.83 -27.97
N THR F 41 38.20 5.24 -28.14
CA THR F 41 38.53 6.65 -28.17
C THR F 41 38.36 7.23 -29.57
N GLY F 42 37.85 8.45 -29.63
CA GLY F 42 37.70 9.15 -30.91
C GLY F 42 39.08 9.51 -31.45
N ILE F 43 39.22 9.50 -32.78
CA ILE F 43 40.49 9.83 -33.40
C ILE F 43 40.87 11.29 -33.14
N TYR F 44 39.88 12.14 -32.84
CA TYR F 44 40.17 13.54 -32.60
C TYR F 44 40.39 13.93 -31.13
N GLU F 45 40.48 12.94 -30.25
CA GLU F 45 40.78 13.21 -28.83
C GLU F 45 42.21 13.69 -28.66
N ALA F 46 42.43 14.52 -27.64
CA ALA F 46 43.76 14.96 -27.26
C ALA F 46 44.63 13.74 -26.91
N LEU F 47 45.92 13.84 -27.17
CA LEU F 47 46.81 12.69 -27.05
C LEU F 47 46.98 12.14 -25.63
N GLU F 48 46.75 10.85 -25.45
CA GLU F 48 47.09 10.18 -24.21
C GLU F 48 48.53 9.66 -24.33
N LEU F 49 49.47 10.16 -23.53
CA LEU F 49 50.88 9.76 -23.68
C LEU F 49 51.19 8.47 -22.93
N ARG F 50 51.54 7.44 -23.70
CA ARG F 50 51.93 6.14 -23.17
C ARG F 50 53.41 5.89 -23.40
N ASP F 51 54.01 5.00 -22.63
CA ASP F 51 55.45 4.82 -22.68
C ASP F 51 55.86 4.00 -23.91
N GLY F 52 55.02 3.05 -24.29
CA GLY F 52 55.34 2.17 -25.42
C GLY F 52 56.54 1.26 -25.17
N ASP F 53 56.90 1.07 -23.90
CA ASP F 53 57.91 0.09 -23.53
C ASP F 53 57.25 -1.29 -23.38
N LYS F 54 57.40 -2.14 -24.39
CA LYS F 54 56.68 -3.42 -24.46
C LYS F 54 57.07 -4.40 -23.34
N GLN F 55 58.17 -4.11 -22.66
CA GLN F 55 58.62 -4.92 -21.54
C GLN F 55 58.01 -4.46 -20.21
N ARG F 56 57.09 -3.51 -20.29
CA ARG F 56 56.48 -2.92 -19.10
C ARG F 56 55.01 -2.62 -19.34
N TYR F 57 54.12 -3.38 -18.69
CA TYR F 57 52.68 -3.20 -18.84
C TYR F 57 52.23 -3.26 -20.28
N LEU F 58 52.88 -4.12 -21.06
CA LEU F 58 52.63 -4.25 -22.49
C LEU F 58 52.64 -2.90 -23.21
N GLY F 59 53.58 -2.04 -22.82
CA GLY F 59 53.72 -0.73 -23.46
C GLY F 59 52.76 0.34 -23.00
N LYS F 60 52.04 0.10 -21.90
CA LYS F 60 51.02 1.04 -21.46
C LYS F 60 51.42 1.88 -20.24
N GLY F 61 52.69 1.86 -19.86
CA GLY F 61 53.16 2.68 -18.75
C GLY F 61 52.96 4.17 -19.00
N VAL F 62 52.92 4.97 -17.93
CA VAL F 62 52.80 6.43 -18.06
C VAL F 62 53.94 7.15 -17.31
N LEU F 63 55.12 6.53 -17.30
CA LEU F 63 56.28 7.12 -16.64
C LEU F 63 56.68 8.44 -17.27
N LYS F 64 56.52 8.55 -18.58
CA LYS F 64 56.90 9.78 -19.29
C LYS F 64 56.01 10.94 -18.91
N ALA F 65 54.70 10.70 -18.94
CA ALA F 65 53.72 11.67 -18.49
C ALA F 65 53.98 12.11 -17.05
N VAL F 66 54.21 11.13 -16.17
CA VAL F 66 54.49 11.40 -14.78
C VAL F 66 55.75 12.26 -14.64
N ASP F 67 56.77 11.96 -15.44
CA ASP F 67 58.00 12.74 -15.38
C ASP F 67 57.83 14.17 -15.90
N HIS F 68 57.03 14.36 -16.95
CA HIS F 68 56.73 15.72 -17.42
C HIS F 68 56.08 16.55 -16.30
N ILE F 69 55.16 15.94 -15.56
CA ILE F 69 54.56 16.63 -14.43
C ILE F 69 55.59 16.99 -13.35
N ASN F 70 56.33 16.00 -12.87
CA ASN F 70 57.27 16.20 -11.77
C ASN F 70 58.45 17.13 -12.09
N SER F 71 58.97 17.05 -13.30
CA SER F 71 60.23 17.72 -13.65
C SER F 71 60.02 19.03 -14.38
N THR F 72 58.90 19.17 -15.08
CA THR F 72 58.73 20.32 -15.93
C THR F 72 57.48 21.13 -15.58
N ILE F 73 56.34 20.47 -15.42
CA ILE F 73 55.11 21.23 -15.15
C ILE F 73 55.12 21.77 -13.73
N ALA F 74 55.57 20.98 -12.76
CA ALA F 74 55.54 21.41 -11.36
C ALA F 74 56.35 22.70 -11.09
N PRO F 75 57.64 22.77 -11.50
CA PRO F 75 58.34 24.03 -11.23
C PRO F 75 57.70 25.25 -11.94
N ALA F 76 57.14 25.04 -13.12
CA ALA F 76 56.47 26.11 -13.86
C ALA F 76 55.25 26.67 -13.13
N LEU F 77 54.50 25.80 -12.45
CA LEU F 77 53.29 26.27 -11.77
C LEU F 77 53.65 26.85 -10.40
N ILE F 78 54.66 26.27 -9.78
CA ILE F 78 55.16 26.79 -8.51
C ILE F 78 55.71 28.21 -8.73
N SER F 79 56.40 28.42 -9.86
CA SER F 79 56.94 29.75 -10.19
C SER F 79 55.92 30.76 -10.73
N SER F 80 54.72 30.29 -11.06
CA SER F 80 53.77 31.10 -11.82
C SER F 80 53.34 32.42 -11.17
N GLY F 81 53.43 32.50 -9.85
CA GLY F 81 52.89 33.64 -9.16
C GLY F 81 51.36 33.64 -9.15
N LEU F 82 50.75 32.46 -9.25
CA LEU F 82 49.29 32.38 -9.32
C LEU F 82 48.70 31.63 -8.14
N SER F 83 47.52 32.07 -7.70
CA SER F 83 46.73 31.33 -6.72
C SER F 83 46.06 30.13 -7.38
N VAL F 84 45.91 29.04 -6.65
CA VAL F 84 45.19 27.88 -7.17
C VAL F 84 43.73 28.17 -7.55
N VAL F 85 43.15 29.26 -7.04
CA VAL F 85 41.80 29.61 -7.46
C VAL F 85 41.75 30.05 -8.93
N GLU F 86 42.90 30.46 -9.48
CA GLU F 86 42.96 30.96 -10.86
C GLU F 86 43.10 29.83 -11.88
N GLN F 87 42.02 29.08 -12.03
CA GLN F 87 42.02 27.86 -12.86
C GLN F 87 42.37 28.15 -14.31
N GLU F 88 41.75 29.17 -14.88
CA GLU F 88 41.92 29.46 -16.29
C GLU F 88 43.35 29.91 -16.59
N LYS F 89 43.93 30.70 -15.69
CA LYS F 89 45.30 31.17 -15.91
C LYS F 89 46.31 30.04 -15.75
N LEU F 90 46.09 29.17 -14.77
CA LEU F 90 46.99 28.04 -14.58
C LEU F 90 46.90 27.04 -15.72
N ASP F 91 45.68 26.73 -16.16
CA ASP F 91 45.49 25.82 -17.30
C ASP F 91 46.15 26.40 -18.55
N ASN F 92 45.92 27.68 -18.80
CA ASN F 92 46.53 28.36 -19.95
C ASN F 92 48.05 28.32 -19.92
N LEU F 93 48.62 28.43 -18.72
CA LEU F 93 50.06 28.30 -18.56
C LEU F 93 50.53 26.93 -19.07
N MET F 94 49.83 25.87 -18.64
CA MET F 94 50.17 24.51 -19.08
C MET F 94 49.98 24.32 -20.58
N LEU F 95 48.89 24.86 -21.13
CA LEU F 95 48.61 24.73 -22.57
C LEU F 95 49.71 25.41 -23.39
N GLU F 96 50.18 26.54 -22.92
CA GLU F 96 51.25 27.26 -23.61
C GLU F 96 52.57 26.52 -23.51
N LEU F 97 52.83 25.94 -22.34
CA LEU F 97 54.10 25.27 -22.09
C LEU F 97 54.20 23.99 -22.93
N ASP F 98 53.07 23.32 -23.11
CA ASP F 98 53.02 22.17 -23.99
C ASP F 98 53.10 22.65 -25.44
N GLY F 99 52.33 23.68 -25.72
CA GLY F 99 52.45 24.40 -26.98
C GLY F 99 51.97 23.69 -28.23
N THR F 100 51.30 22.54 -28.09
CA THR F 100 50.78 21.82 -29.25
C THR F 100 49.27 21.80 -29.26
N GLU F 101 48.68 21.65 -30.44
CA GLU F 101 47.24 21.64 -30.60
C GLU F 101 46.58 20.52 -29.81
N ASN F 102 47.13 19.31 -29.91
CA ASN F 102 46.49 18.18 -29.23
C ASN F 102 47.28 17.64 -28.03
N LYS F 103 48.07 18.51 -27.39
CA LYS F 103 48.77 18.20 -26.15
C LYS F 103 49.75 17.04 -26.30
N SER F 104 50.42 16.98 -27.45
CA SER F 104 51.27 15.84 -27.78
C SER F 104 52.69 15.91 -27.21
N LYS F 105 53.03 17.00 -26.52
CA LYS F 105 54.36 17.09 -25.92
C LYS F 105 54.35 16.46 -24.53
N PHE F 106 53.43 16.91 -23.69
CA PHE F 106 53.32 16.40 -22.33
C PHE F 106 52.34 15.22 -22.23
N GLY F 107 51.39 15.14 -23.15
CA GLY F 107 50.27 14.22 -23.01
C GLY F 107 49.11 14.93 -22.34
N ALA F 108 47.92 14.74 -22.88
CA ALA F 108 46.69 15.24 -22.24
C ALA F 108 46.53 14.66 -20.84
N ASN F 109 47.04 13.46 -20.63
CA ASN F 109 46.94 12.84 -19.31
C ASN F 109 47.87 13.51 -18.30
N ALA F 110 49.00 14.06 -18.75
CA ALA F 110 49.85 14.82 -17.84
C ALA F 110 49.17 16.12 -17.44
N ILE F 111 48.70 16.87 -18.43
CA ILE F 111 48.11 18.19 -18.15
C ILE F 111 46.81 18.12 -17.33
N LEU F 112 45.95 17.14 -17.64
CA LEU F 112 44.66 17.03 -16.94
C LEU F 112 44.86 16.67 -15.49
N GLY F 113 45.84 15.81 -15.21
CA GLY F 113 46.12 15.39 -13.85
C GLY F 113 46.35 16.58 -12.94
N VAL F 114 47.18 17.49 -13.42
CA VAL F 114 47.49 18.71 -12.70
C VAL F 114 46.28 19.66 -12.66
N SER F 115 45.57 19.77 -13.79
CA SER F 115 44.39 20.62 -13.87
C SER F 115 43.31 20.22 -12.84
N LEU F 116 43.03 18.92 -12.72
CA LEU F 116 42.04 18.45 -11.76
C LEU F 116 42.48 18.74 -10.32
N ALA F 117 43.77 18.55 -10.03
CA ALA F 117 44.29 18.73 -8.67
C ALA F 117 44.33 20.21 -8.26
N VAL F 118 44.63 21.06 -9.23
CA VAL F 118 44.54 22.51 -9.04
C VAL F 118 43.10 22.92 -8.69
N CYS F 119 42.14 22.35 -9.41
CA CYS F 119 40.72 22.68 -9.17
C CYS F 119 40.27 22.33 -7.74
N LYS F 120 40.66 21.15 -7.28
CA LYS F 120 40.38 20.73 -5.90
C LYS F 120 41.06 21.65 -4.87
N ALA F 121 42.29 22.06 -5.16
CA ALA F 121 43.02 22.90 -4.22
C ALA F 121 42.44 24.30 -4.20
N GLY F 122 41.98 24.77 -5.36
CA GLY F 122 41.25 26.00 -5.51
C GLY F 122 39.92 26.06 -4.77
N ALA F 123 39.14 24.98 -4.83
CA ALA F 123 37.94 24.87 -4.01
C ALA F 123 38.26 25.10 -2.52
N ALA F 124 39.28 24.43 -2.00
CA ALA F 124 39.61 24.58 -0.58
C ALA F 124 40.15 25.97 -0.27
N GLU F 125 40.88 26.55 -1.21
CA GLU F 125 41.39 27.90 -1.04
C GLU F 125 40.21 28.90 -0.90
N ARG F 126 39.12 28.62 -1.63
CA ARG F 126 37.94 29.47 -1.61
C ARG F 126 36.98 29.10 -0.48
N GLU F 127 37.33 28.07 0.28
CA GLU F 127 36.52 27.55 1.36
C GLU F 127 35.15 27.10 0.86
N LEU F 128 35.17 26.42 -0.28
CA LEU F 128 33.94 25.91 -0.88
C LEU F 128 34.06 24.42 -1.15
N PRO F 129 32.93 23.71 -1.13
CA PRO F 129 32.98 22.35 -1.65
C PRO F 129 33.33 22.41 -3.13
N LEU F 130 33.90 21.34 -3.67
CA LEU F 130 34.33 21.31 -5.06
C LEU F 130 33.21 21.71 -6.02
N TYR F 131 32.03 21.12 -5.87
CA TYR F 131 30.92 21.43 -6.80
C TYR F 131 30.55 22.93 -6.80
N ARG F 132 30.66 23.59 -5.65
N ARG F 132 30.69 23.59 -5.65
CA ARG F 132 30.38 25.04 -5.60
CA ARG F 132 30.40 25.02 -5.56
C ARG F 132 31.48 25.86 -6.30
C ARG F 132 31.47 25.84 -6.28
N HIS F 133 32.73 25.45 -6.12
CA HIS F 133 33.84 26.13 -6.78
C HIS F 133 33.70 26.00 -8.30
N ILE F 134 33.33 24.79 -8.74
CA ILE F 134 33.12 24.52 -10.16
C ILE F 134 31.97 25.36 -10.70
N ALA F 135 30.87 25.44 -9.96
CA ALA F 135 29.76 26.31 -10.35
C ALA F 135 30.22 27.76 -10.57
N GLN F 136 31.04 28.26 -9.66
CA GLN F 136 31.52 29.63 -9.77
C GLN F 136 32.45 29.79 -10.96
N LEU F 137 33.32 28.81 -11.19
CA LEU F 137 34.21 28.87 -12.36
C LEU F 137 33.40 28.96 -13.66
N ALA F 138 32.23 28.32 -13.65
CA ALA F 138 31.38 28.24 -14.85
C ALA F 138 30.32 29.33 -14.85
N GLY F 139 30.25 30.10 -13.79
CA GLY F 139 29.28 31.17 -13.70
C GLY F 139 27.87 30.69 -13.40
N ASN F 140 27.77 29.59 -12.67
CA ASN F 140 26.49 29.06 -12.20
C ASN F 140 26.27 29.40 -10.73
N SER F 141 25.01 29.38 -10.30
CA SER F 141 24.71 29.66 -8.88
C SER F 141 23.62 28.77 -8.30
N ASP F 142 22.86 28.09 -9.16
CA ASP F 142 21.75 27.25 -8.69
C ASP F 142 21.91 25.78 -9.06
N LEU F 143 22.45 24.99 -8.13
CA LEU F 143 22.90 23.64 -8.40
C LEU F 143 21.80 22.62 -8.64
N ILE F 144 22.17 21.55 -9.35
CA ILE F 144 21.24 20.55 -9.83
C ILE F 144 21.79 19.14 -9.65
N LEU F 145 21.00 18.24 -9.06
CA LEU F 145 21.35 16.84 -9.05
C LEU F 145 20.91 16.21 -10.37
N PRO F 146 21.82 15.47 -11.02
CA PRO F 146 21.53 14.92 -12.35
C PRO F 146 20.68 13.66 -12.31
N VAL F 147 20.04 13.34 -13.42
CA VAL F 147 19.51 12.00 -13.64
C VAL F 147 20.69 11.12 -14.02
N PRO F 148 20.88 9.98 -13.33
CA PRO F 148 21.97 9.08 -13.74
C PRO F 148 21.54 8.20 -14.93
N ALA F 149 22.48 7.86 -15.79
CA ALA F 149 22.24 6.95 -16.90
C ALA F 149 23.11 5.73 -16.71
N PHE F 150 22.52 4.64 -16.25
CA PHE F 150 23.27 3.44 -15.89
C PHE F 150 23.35 2.51 -17.09
N ASN F 151 24.55 2.15 -17.55
CA ASN F 151 24.60 1.14 -18.61
C ASN F 151 24.35 -0.23 -18.00
N VAL F 152 23.44 -1.01 -18.57
CA VAL F 152 23.12 -2.30 -17.95
C VAL F 152 23.33 -3.45 -18.93
N ILE F 153 23.32 -3.14 -20.23
CA ILE F 153 23.66 -4.11 -21.27
C ILE F 153 24.80 -3.55 -22.10
N ASN F 154 25.82 -4.36 -22.38
CA ASN F 154 26.95 -3.85 -23.16
C ASN F 154 27.33 -4.70 -24.36
N GLY F 155 27.66 -4.01 -25.46
CA GLY F 155 28.21 -4.62 -26.65
C GLY F 155 29.41 -3.82 -27.13
N GLY F 156 29.62 -3.78 -28.44
CA GLY F 156 30.68 -2.94 -28.98
C GLY F 156 32.05 -3.61 -28.96
N SER F 157 33.09 -2.81 -29.17
CA SER F 157 34.40 -3.34 -29.53
C SER F 157 35.19 -3.97 -28.38
N HIS F 158 34.88 -3.59 -27.14
N HIS F 158 34.84 -3.66 -27.14
CA HIS F 158 35.59 -4.17 -26.00
CA HIS F 158 35.59 -4.22 -26.03
C HIS F 158 34.72 -5.13 -25.19
C HIS F 158 34.73 -5.16 -25.19
N ALA F 159 33.63 -5.62 -25.80
CA ALA F 159 32.81 -6.68 -25.20
C ALA F 159 33.01 -7.95 -26.00
N GLY F 160 32.75 -9.10 -25.38
CA GLY F 160 33.01 -10.37 -26.02
C GLY F 160 31.92 -10.91 -26.92
N ASN F 161 30.68 -10.46 -26.73
CA ASN F 161 29.54 -10.91 -27.53
C ASN F 161 29.57 -10.40 -28.97
N LYS F 162 28.53 -10.72 -29.73
CA LYS F 162 28.43 -10.26 -31.11
C LYS F 162 27.72 -8.91 -31.20
N LEU F 163 27.06 -8.51 -30.11
CA LEU F 163 26.28 -7.29 -30.06
C LEU F 163 27.14 -6.09 -30.47
N ALA F 164 26.71 -5.40 -31.53
CA ALA F 164 27.53 -4.37 -32.16
C ALA F 164 27.45 -3.01 -31.48
N MET F 165 26.24 -2.59 -31.11
CA MET F 165 26.03 -1.33 -30.41
C MET F 165 26.56 -1.40 -28.97
N GLN F 166 27.19 -0.32 -28.51
CA GLN F 166 28.03 -0.36 -27.32
C GLN F 166 27.30 -0.39 -25.97
N GLU F 167 26.34 0.51 -25.77
CA GLU F 167 25.72 0.64 -24.44
C GLU F 167 24.22 0.83 -24.50
N PHE F 168 23.52 0.14 -23.59
CA PHE F 168 22.10 0.28 -23.41
C PHE F 168 21.88 0.71 -21.97
N MET F 169 21.29 1.89 -21.78
CA MET F 169 21.25 2.55 -20.49
C MET F 169 19.84 2.79 -19.98
N ILE F 170 19.67 2.79 -18.65
CA ILE F 170 18.42 3.20 -18.03
C ILE F 170 18.57 4.52 -17.26
N LEU F 171 17.57 5.38 -17.42
CA LEU F 171 17.54 6.72 -16.80
C LEU F 171 16.27 6.88 -15.97
N PRO F 172 16.40 6.89 -14.64
CA PRO F 172 15.21 7.04 -13.78
C PRO F 172 14.71 8.48 -13.69
N VAL F 173 14.23 9.00 -14.82
CA VAL F 173 13.73 10.37 -14.91
C VAL F 173 12.57 10.61 -13.95
N GLY F 174 11.83 9.55 -13.62
CA GLY F 174 10.69 9.65 -12.73
C GLY F 174 10.98 9.50 -11.25
N ALA F 175 12.25 9.40 -10.88
CA ALA F 175 12.59 9.29 -9.46
C ALA F 175 12.28 10.58 -8.70
N GLU F 176 12.09 10.45 -7.39
CA GLU F 176 11.83 11.56 -6.45
C GLU F 176 13.05 12.38 -6.08
N SER F 177 14.21 11.75 -6.15
CA SER F 177 15.46 12.38 -5.72
C SER F 177 16.63 11.61 -6.31
N PHE F 178 17.85 12.12 -6.13
CA PHE F 178 18.96 11.34 -6.65
C PHE F 178 19.11 10.02 -5.88
N ARG F 179 18.96 10.09 -4.56
CA ARG F 179 19.04 8.89 -3.74
C ARG F 179 17.96 7.87 -4.17
N ASP F 180 16.78 8.34 -4.51
CA ASP F 180 15.71 7.47 -5.01
C ASP F 180 16.05 6.92 -6.39
N ALA F 181 16.69 7.74 -7.21
CA ALA F 181 17.13 7.30 -8.53
C ALA F 181 18.13 6.15 -8.42
N MET F 182 18.94 6.18 -7.37
CA MET F 182 19.93 5.12 -7.17
C MET F 182 19.23 3.81 -6.84
N ARG F 183 18.16 3.89 -6.05
CA ARG F 183 17.40 2.70 -5.71
C ARG F 183 16.71 2.10 -6.94
N LEU F 184 16.10 2.97 -7.74
CA LEU F 184 15.45 2.52 -8.97
C LEU F 184 16.46 1.84 -9.88
N GLY F 185 17.61 2.48 -10.07
CA GLY F 185 18.67 1.92 -10.89
C GLY F 185 19.16 0.57 -10.40
N ALA F 186 19.44 0.47 -9.11
CA ALA F 186 19.99 -0.77 -8.58
C ALA F 186 18.95 -1.90 -8.63
N GLU F 187 17.69 -1.55 -8.41
CA GLU F 187 16.63 -2.56 -8.37
C GLU F 187 16.41 -3.13 -9.76
N VAL F 188 16.39 -2.27 -10.79
CA VAL F 188 16.25 -2.76 -12.15
C VAL F 188 17.46 -3.58 -12.59
N TYR F 189 18.66 -3.17 -12.18
CA TYR F 189 19.89 -3.89 -12.53
C TYR F 189 19.91 -5.29 -11.93
N HIS F 190 19.56 -5.41 -10.65
CA HIS F 190 19.46 -6.72 -10.02
C HIS F 190 18.33 -7.55 -10.64
N THR F 191 17.24 -6.90 -11.04
CA THR F 191 16.15 -7.61 -11.70
C THR F 191 16.64 -8.14 -13.04
N LEU F 192 17.39 -7.30 -13.75
CA LEU F 192 17.92 -7.64 -15.06
C LEU F 192 18.85 -8.85 -14.98
N LYS F 193 19.65 -8.90 -13.92
CA LYS F 193 20.53 -10.03 -13.69
C LYS F 193 19.73 -11.35 -13.64
N GLY F 194 18.58 -11.33 -12.98
CA GLY F 194 17.71 -12.49 -12.93
C GLY F 194 17.17 -12.89 -14.29
N VAL F 195 16.68 -11.91 -15.05
CA VAL F 195 16.16 -12.15 -16.38
C VAL F 195 17.21 -12.80 -17.28
N ILE F 196 18.42 -12.25 -17.26
CA ILE F 196 19.50 -12.74 -18.10
C ILE F 196 19.89 -14.14 -17.68
N LYS F 197 19.96 -14.36 -16.37
CA LYS F 197 20.33 -15.65 -15.83
C LYS F 197 19.34 -16.75 -16.24
N ASP F 198 18.05 -16.43 -16.21
CA ASP F 198 17.02 -17.42 -16.56
C ASP F 198 16.95 -17.72 -18.06
N LYS F 199 17.23 -16.73 -18.89
CA LYS F 199 17.18 -16.94 -20.34
C LYS F 199 18.49 -17.50 -20.89
N TYR F 200 19.60 -16.82 -20.60
CA TYR F 200 20.86 -17.15 -21.27
C TYR F 200 21.78 -18.06 -20.45
N GLY F 201 21.49 -18.24 -19.16
CA GLY F 201 22.26 -19.17 -18.35
C GLY F 201 23.06 -18.56 -17.22
N LYS F 202 23.52 -19.43 -16.31
CA LYS F 202 24.25 -18.99 -15.11
C LYS F 202 25.61 -18.34 -15.44
N ASP F 203 26.16 -18.64 -16.61
CA ASP F 203 27.46 -18.08 -17.00
C ASP F 203 27.30 -16.76 -17.76
N ALA F 204 26.08 -16.26 -17.84
CA ALA F 204 25.83 -15.10 -18.67
C ALA F 204 25.75 -13.78 -17.90
N THR F 205 26.07 -13.80 -16.60
CA THR F 205 25.91 -12.59 -15.79
C THR F 205 27.20 -12.05 -15.17
N ASN F 206 28.35 -12.40 -15.72
CA ASN F 206 29.57 -11.65 -15.41
C ASN F 206 29.50 -10.27 -16.08
N VAL F 207 30.35 -9.34 -15.69
CA VAL F 207 30.16 -7.96 -16.14
C VAL F 207 31.29 -7.47 -17.05
N GLY F 208 30.97 -6.48 -17.88
CA GLY F 208 31.96 -5.83 -18.74
C GLY F 208 32.76 -4.79 -17.97
N ASP F 209 33.56 -4.00 -18.68
CA ASP F 209 34.48 -3.04 -18.05
C ASP F 209 33.75 -1.99 -17.22
N GLU F 210 32.53 -1.64 -17.59
CA GLU F 210 31.83 -0.63 -16.81
C GLU F 210 30.67 -1.19 -15.97
N GLY F 211 30.68 -2.50 -15.75
CA GLY F 211 29.72 -3.12 -14.83
C GLY F 211 28.43 -3.61 -15.45
N GLY F 212 28.23 -3.39 -16.75
CA GLY F 212 27.05 -3.90 -17.44
C GLY F 212 27.18 -5.38 -17.82
N PHE F 213 26.04 -6.03 -18.05
CA PHE F 213 26.06 -7.42 -18.52
C PHE F 213 26.32 -7.51 -20.02
N ALA F 214 27.03 -8.55 -20.45
CA ALA F 214 27.29 -8.77 -21.87
C ALA F 214 26.85 -10.17 -22.31
N PRO F 215 25.53 -10.42 -22.33
CA PRO F 215 25.04 -11.72 -22.76
C PRO F 215 25.34 -11.95 -24.24
N ASN F 216 25.41 -13.20 -24.66
CA ASN F 216 25.81 -13.50 -26.03
C ASN F 216 24.67 -13.39 -27.01
N ILE F 217 24.35 -12.15 -27.38
CA ILE F 217 23.30 -11.87 -28.35
C ILE F 217 23.87 -11.07 -29.52
N LEU F 218 23.13 -11.01 -30.62
CA LEU F 218 23.55 -10.27 -31.80
C LEU F 218 22.62 -9.09 -32.09
N GLU F 219 21.31 -9.31 -31.95
CA GLU F 219 20.33 -8.29 -32.30
C GLU F 219 20.24 -7.21 -31.24
N ASN F 220 20.40 -5.96 -31.67
CA ASN F 220 20.32 -4.83 -30.76
C ASN F 220 18.92 -4.62 -30.22
N SER F 221 17.90 -4.96 -31.01
CA SER F 221 16.52 -4.89 -30.54
C SER F 221 16.31 -5.85 -29.37
N GLU F 222 17.09 -6.94 -29.35
CA GLU F 222 16.99 -7.92 -28.27
C GLU F 222 17.51 -7.35 -26.97
N ALA F 223 18.57 -6.54 -27.05
CA ALA F 223 19.10 -5.86 -25.88
C ALA F 223 18.03 -4.94 -25.29
N LEU F 224 17.38 -4.18 -26.16
CA LEU F 224 16.33 -3.26 -25.74
C LEU F 224 15.12 -3.99 -25.12
N GLU F 225 14.82 -5.18 -25.64
CA GLU F 225 13.74 -5.98 -25.07
C GLU F 225 14.08 -6.43 -23.64
N LEU F 226 15.31 -6.89 -23.44
CA LEU F 226 15.78 -7.27 -22.12
C LEU F 226 15.70 -6.10 -21.13
N VAL F 227 16.04 -4.91 -21.59
CA VAL F 227 16.01 -3.77 -20.68
C VAL F 227 14.57 -3.40 -20.36
N LYS F 228 13.74 -3.34 -21.40
CA LYS F 228 12.32 -3.06 -21.22
C LYS F 228 11.68 -4.02 -20.23
N GLU F 229 12.03 -5.30 -20.34
CA GLU F 229 11.47 -6.33 -19.47
C GLU F 229 11.91 -6.18 -18.02
N ALA F 230 13.17 -5.80 -17.79
CA ALA F 230 13.65 -5.64 -16.43
C ALA F 230 12.99 -4.44 -15.77
N ILE F 231 12.84 -3.35 -16.52
CA ILE F 231 12.14 -2.18 -16.03
C ILE F 231 10.71 -2.52 -15.57
N ASP F 232 9.99 -3.25 -16.44
CA ASP F 232 8.61 -3.62 -16.16
C ASP F 232 8.52 -4.52 -14.94
N LYS F 233 9.36 -5.55 -14.91
CA LYS F 233 9.35 -6.49 -13.80
C LYS F 233 9.77 -5.86 -12.48
N ALA F 234 10.55 -4.77 -12.54
CA ALA F 234 10.91 -4.05 -11.32
C ALA F 234 9.75 -3.16 -10.87
N GLY F 235 8.75 -2.99 -11.74
CA GLY F 235 7.59 -2.16 -11.44
C GLY F 235 7.77 -0.67 -11.69
N TYR F 236 8.62 -0.31 -12.65
CA TYR F 236 9.00 1.09 -12.85
C TYR F 236 8.80 1.58 -14.27
N THR F 237 7.89 0.94 -15.01
CA THR F 237 7.63 1.31 -16.40
C THR F 237 7.29 2.80 -16.54
N GLU F 238 6.64 3.36 -15.54
CA GLU F 238 6.23 4.76 -15.62
C GLU F 238 7.40 5.73 -15.36
N LYS F 239 8.47 5.24 -14.76
CA LYS F 239 9.44 6.16 -14.18
C LYS F 239 10.86 6.06 -14.74
N ILE F 240 11.13 5.07 -15.58
CA ILE F 240 12.47 4.87 -16.15
C ILE F 240 12.43 4.77 -17.67
N VAL F 241 13.30 5.53 -18.33
CA VAL F 241 13.44 5.48 -19.79
C VAL F 241 14.81 4.95 -20.20
N ILE F 242 15.06 4.93 -21.51
CA ILE F 242 16.23 4.24 -22.04
C ILE F 242 17.10 5.14 -22.88
N GLY F 243 18.41 5.03 -22.70
CA GLY F 243 19.39 5.68 -23.57
C GLY F 243 20.29 4.65 -24.24
N MET F 244 20.95 5.06 -25.32
CA MET F 244 21.85 4.20 -26.06
C MET F 244 23.15 4.93 -26.45
N ASP F 245 24.28 4.23 -26.34
CA ASP F 245 25.52 4.67 -26.96
C ASP F 245 25.86 3.64 -28.00
N VAL F 246 25.66 4.01 -29.27
CA VAL F 246 25.93 3.12 -30.38
C VAL F 246 27.43 2.97 -30.61
N ALA F 247 28.17 4.07 -30.46
CA ALA F 247 29.59 4.14 -30.79
C ALA F 247 29.86 3.65 -32.23
N ALA F 248 29.12 4.23 -33.17
CA ALA F 248 29.09 3.71 -34.54
C ALA F 248 30.41 3.90 -35.30
N SER F 249 31.32 4.71 -34.77
CA SER F 249 32.67 4.82 -35.36
C SER F 249 33.38 3.48 -35.27
N GLU F 250 32.99 2.65 -34.30
CA GLU F 250 33.68 1.38 -34.09
C GLU F 250 33.32 0.36 -35.16
N PHE F 251 32.18 0.53 -35.83
CA PHE F 251 31.84 -0.43 -36.87
C PHE F 251 31.55 0.23 -38.22
N TYR F 252 32.18 1.38 -38.46
CA TYR F 252 32.18 2.03 -39.76
C TYR F 252 33.17 1.33 -40.70
N ARG F 253 32.71 0.96 -41.89
CA ARG F 253 33.47 0.17 -42.85
C ARG F 253 33.18 0.58 -44.29
N ASP F 254 34.12 1.28 -44.93
CA ASP F 254 33.99 1.64 -46.35
C ASP F 254 32.70 2.40 -46.64
N GLY F 255 32.46 3.48 -45.90
CA GLY F 255 31.27 4.28 -46.09
C GLY F 255 29.98 3.61 -45.65
N LYS F 256 30.09 2.43 -45.04
CA LYS F 256 28.93 1.68 -44.59
C LYS F 256 29.09 1.18 -43.16
N TYR F 257 28.03 0.61 -42.59
CA TYR F 257 28.03 0.19 -41.19
C TYR F 257 27.78 -1.32 -41.07
N ASP F 258 28.61 -1.97 -40.25
CA ASP F 258 28.56 -3.42 -40.10
C ASP F 258 28.08 -3.78 -38.69
N LEU F 259 26.82 -4.19 -38.57
CA LEU F 259 26.25 -4.56 -37.28
C LEU F 259 26.63 -5.98 -36.85
N ASP F 260 27.60 -6.59 -37.53
CA ASP F 260 28.09 -7.89 -37.12
C ASP F 260 29.61 -7.88 -37.23
N PHE F 261 30.21 -6.77 -36.83
CA PHE F 261 31.62 -6.52 -37.11
C PHE F 261 32.56 -7.40 -36.28
N LYS F 262 32.04 -8.04 -35.26
CA LYS F 262 32.88 -8.94 -34.45
C LYS F 262 32.82 -10.39 -34.95
N SER F 263 32.05 -10.62 -36.02
CA SER F 263 32.09 -11.88 -36.78
C SER F 263 32.97 -11.68 -38.03
N PRO F 264 33.56 -12.76 -38.56
CA PRO F 264 34.49 -12.67 -39.70
C PRO F 264 33.96 -11.83 -40.87
N THR F 265 34.84 -11.01 -41.43
CA THR F 265 34.44 -9.95 -42.36
C THR F 265 33.70 -10.45 -43.61
N ASP F 266 32.51 -9.90 -43.83
CA ASP F 266 31.74 -10.16 -45.03
C ASP F 266 30.95 -8.90 -45.42
N PRO F 267 31.45 -8.17 -46.43
CA PRO F 267 30.88 -6.87 -46.84
C PRO F 267 29.41 -6.91 -47.29
N SER F 268 28.84 -8.09 -47.53
CA SER F 268 27.42 -8.16 -47.91
C SER F 268 26.55 -7.86 -46.70
N ARG F 269 27.15 -7.95 -45.52
CA ARG F 269 26.52 -7.61 -44.24
C ARG F 269 26.22 -6.13 -44.15
N TYR F 270 27.14 -5.33 -44.69
CA TYR F 270 27.18 -3.90 -44.44
C TYR F 270 25.88 -3.21 -44.85
N ILE F 271 25.40 -2.30 -44.00
CA ILE F 271 24.25 -1.49 -44.36
C ILE F 271 24.67 -0.04 -44.46
N THR F 272 23.84 0.77 -45.11
CA THR F 272 24.14 2.18 -45.24
C THR F 272 23.64 2.94 -44.01
N GLY F 273 24.11 4.18 -43.88
CA GLY F 273 23.67 5.07 -42.81
C GLY F 273 22.18 5.30 -42.82
N ASP F 274 21.56 5.24 -44.00
CA ASP F 274 20.12 5.42 -44.13
C ASP F 274 19.34 4.24 -43.56
N GLN F 275 19.78 3.02 -43.85
CA GLN F 275 19.18 1.84 -43.24
C GLN F 275 19.33 1.87 -41.73
N LEU F 276 20.53 2.22 -41.27
CA LEU F 276 20.84 2.34 -39.84
C LEU F 276 19.89 3.34 -39.17
N GLY F 277 19.71 4.51 -39.78
CA GLY F 277 18.77 5.50 -39.30
C GLY F 277 17.33 5.00 -39.21
N ALA F 278 16.92 4.18 -40.17
CA ALA F 278 15.58 3.61 -40.14
C ALA F 278 15.43 2.68 -38.94
N LEU F 279 16.51 1.99 -38.61
CA LEU F 279 16.50 1.08 -37.47
C LEU F 279 16.35 1.85 -36.15
N TYR F 280 17.07 2.97 -36.02
CA TYR F 280 16.91 3.83 -34.83
C TYR F 280 15.47 4.32 -34.71
N GLN F 281 14.87 4.71 -35.83
CA GLN F 281 13.49 5.16 -35.85
C GLN F 281 12.53 4.08 -35.35
N ASP F 282 12.83 2.82 -35.70
CA ASP F 282 12.06 1.71 -35.16
C ASP F 282 12.20 1.61 -33.64
N PHE F 283 13.43 1.74 -33.15
CA PHE F 283 13.69 1.65 -31.70
C PHE F 283 12.95 2.73 -30.93
N VAL F 284 13.00 3.96 -31.45
CA VAL F 284 12.33 5.10 -30.80
C VAL F 284 10.80 4.89 -30.78
N ARG F 285 10.28 4.31 -31.87
CA ARG F 285 8.86 3.97 -31.95
C ARG F 285 8.45 2.85 -30.98
N ASP F 286 9.28 1.82 -30.86
CA ASP F 286 8.86 0.62 -30.15
C ASP F 286 9.29 0.57 -28.68
N TYR F 287 10.26 1.40 -28.30
CA TYR F 287 10.78 1.41 -26.92
C TYR F 287 10.86 2.83 -26.37
N PRO F 288 10.87 2.96 -25.04
CA PRO F 288 11.04 4.30 -24.46
C PRO F 288 12.48 4.81 -24.54
N VAL F 289 13.06 4.74 -25.75
CA VAL F 289 14.36 5.34 -26.03
C VAL F 289 14.25 6.86 -26.19
N VAL F 290 14.91 7.61 -25.31
CA VAL F 290 14.86 9.07 -25.32
C VAL F 290 16.20 9.73 -25.68
N SER F 291 17.26 8.93 -25.81
CA SER F 291 18.59 9.47 -26.10
C SER F 291 19.45 8.45 -26.83
N ILE F 292 20.08 8.91 -27.92
CA ILE F 292 20.98 8.06 -28.69
C ILE F 292 22.31 8.76 -28.93
N GLU F 293 23.39 8.10 -28.51
CA GLU F 293 24.73 8.67 -28.59
C GLU F 293 25.54 8.02 -29.70
N ASP F 294 26.32 8.84 -30.40
CA ASP F 294 27.14 8.43 -31.55
C ASP F 294 26.40 7.48 -32.52
N PRO F 295 25.24 7.90 -33.05
CA PRO F 295 24.51 6.99 -33.96
C PRO F 295 25.22 6.80 -35.30
N PHE F 296 26.15 7.68 -35.64
CA PHE F 296 26.90 7.57 -36.89
C PHE F 296 28.39 7.81 -36.66
N ASP F 297 29.19 7.55 -37.69
CA ASP F 297 30.63 7.71 -37.61
C ASP F 297 31.07 9.14 -37.27
N GLN F 298 32.25 9.24 -36.64
CA GLN F 298 32.78 10.51 -36.16
C GLN F 298 33.02 11.55 -37.26
N ASP F 299 33.06 11.10 -38.52
CA ASP F 299 33.27 12.00 -39.65
C ASP F 299 32.05 12.08 -40.57
N ASP F 300 31.04 11.26 -40.30
CA ASP F 300 29.85 11.20 -41.14
C ASP F 300 28.86 12.32 -40.82
N TRP F 301 29.27 13.56 -41.04
CA TRP F 301 28.51 14.72 -40.62
C TRP F 301 27.13 14.80 -41.26
N ALA F 302 27.05 14.42 -42.54
CA ALA F 302 25.80 14.46 -43.28
C ALA F 302 24.72 13.63 -42.60
N ALA F 303 25.08 12.41 -42.19
CA ALA F 303 24.13 11.49 -41.59
C ALA F 303 23.58 12.01 -40.25
N TRP F 304 24.46 12.62 -39.45
CA TRP F 304 24.08 13.23 -38.17
C TRP F 304 23.02 14.32 -38.34
N SER F 305 23.30 15.29 -39.20
CA SER F 305 22.41 16.44 -39.37
C SER F 305 21.03 15.99 -39.83
N LYS F 306 21.01 15.07 -40.79
CA LYS F 306 19.76 14.55 -41.31
C LYS F 306 18.93 13.80 -40.27
N PHE F 307 19.58 12.96 -39.47
CA PHE F 307 18.85 12.16 -38.48
C PHE F 307 18.32 13.05 -37.36
N THR F 308 19.14 13.98 -36.90
CA THR F 308 18.75 14.90 -35.82
C THR F 308 17.54 15.74 -36.22
N ALA F 309 17.51 16.21 -37.47
CA ALA F 309 16.39 17.01 -37.96
C ALA F 309 15.08 16.20 -38.03
N ASN F 310 15.18 14.88 -38.11
CA ASN F 310 14.00 14.03 -38.26
C ASN F 310 13.58 13.28 -36.99
N VAL F 311 14.16 13.62 -35.84
CA VAL F 311 13.75 13.02 -34.57
C VAL F 311 13.43 14.08 -33.51
N GLY F 312 12.75 13.66 -32.46
CA GLY F 312 12.38 14.55 -31.38
C GLY F 312 13.10 14.23 -30.08
N ILE F 313 14.01 13.27 -30.12
CA ILE F 313 14.72 12.86 -28.91
C ILE F 313 16.12 13.49 -28.82
N GLN F 314 16.81 13.16 -27.74
CA GLN F 314 18.17 13.65 -27.53
C GLN F 314 19.18 12.89 -28.39
N ILE F 315 20.03 13.64 -29.09
CA ILE F 315 21.10 13.06 -29.89
C ILE F 315 22.47 13.53 -29.35
N VAL F 316 23.30 12.59 -28.89
CA VAL F 316 24.51 12.95 -28.14
C VAL F 316 25.82 12.78 -28.94
N GLY F 317 26.59 13.86 -29.05
CA GLY F 317 27.93 13.76 -29.63
C GLY F 317 28.98 13.30 -28.63
N ASP F 318 29.69 12.22 -28.95
CA ASP F 318 30.81 11.76 -28.11
C ASP F 318 32.09 11.81 -28.93
N ASP F 319 32.30 10.78 -29.76
CA ASP F 319 33.46 10.80 -30.66
C ASP F 319 33.30 11.89 -31.74
N LEU F 320 32.06 12.27 -32.04
CA LEU F 320 31.81 13.37 -32.96
C LEU F 320 32.41 14.67 -32.46
N THR F 321 32.24 14.97 -31.18
CA THR F 321 32.59 16.29 -30.65
C THR F 321 33.87 16.33 -29.82
N VAL F 322 34.26 15.19 -29.26
CA VAL F 322 35.39 15.02 -28.30
C VAL F 322 35.62 16.22 -27.36
N THR F 323 34.54 16.72 -26.76
CA THR F 323 34.58 17.76 -25.73
C THR F 323 35.47 18.93 -26.22
N ASN F 324 35.43 19.16 -27.52
CA ASN F 324 36.35 20.09 -28.18
C ASN F 324 35.58 21.25 -28.79
N PRO F 325 35.73 22.45 -28.21
CA PRO F 325 35.01 23.65 -28.65
C PRO F 325 35.03 23.87 -30.17
N LYS F 326 36.14 23.55 -30.83
CA LYS F 326 36.23 23.71 -32.28
C LYS F 326 35.25 22.81 -33.03
N ARG F 327 35.17 21.54 -32.64
CA ARG F 327 34.28 20.60 -33.31
C ARG F 327 32.84 20.81 -32.87
N ILE F 328 32.66 21.27 -31.63
CA ILE F 328 31.34 21.60 -31.13
C ILE F 328 30.74 22.77 -31.93
N GLU F 329 31.58 23.74 -32.25
CA GLU F 329 31.17 24.90 -33.02
C GLU F 329 30.59 24.43 -34.35
N ARG F 330 31.30 23.53 -35.03
CA ARG F 330 30.81 22.97 -36.28
C ARG F 330 29.50 22.20 -36.10
N ALA F 331 29.43 21.38 -35.06
CA ALA F 331 28.23 20.59 -34.78
C ALA F 331 27.04 21.50 -34.56
N VAL F 332 27.28 22.65 -33.94
CA VAL F 332 26.23 23.62 -33.65
C VAL F 332 25.75 24.23 -34.96
N GLU F 333 26.70 24.59 -35.81
CA GLU F 333 26.37 25.23 -37.08
C GLU F 333 25.66 24.28 -38.03
N GLU F 334 26.06 23.01 -38.05
CA GLU F 334 25.44 22.02 -38.93
C GLU F 334 24.29 21.28 -38.28
N LYS F 335 23.94 21.69 -37.06
CA LYS F 335 22.90 21.01 -36.28
C LYS F 335 23.05 19.47 -36.31
N ALA F 336 24.26 18.98 -36.05
CA ALA F 336 24.55 17.55 -36.14
C ALA F 336 24.00 16.77 -34.95
N CYS F 337 23.86 17.44 -33.82
CA CYS F 337 23.35 16.78 -32.61
C CYS F 337 22.75 17.83 -31.71
N ASN F 338 22.22 17.42 -30.56
CA ASN F 338 21.63 18.40 -29.64
C ASN F 338 22.03 18.16 -28.18
N CYS F 339 23.10 17.42 -27.98
CA CYS F 339 23.63 17.15 -26.65
C CYS F 339 25.13 16.86 -26.73
N LEU F 340 25.87 17.40 -25.77
CA LEU F 340 27.31 17.17 -25.68
C LEU F 340 27.63 16.14 -24.60
N LEU F 341 28.42 15.13 -24.94
CA LEU F 341 28.93 14.25 -23.91
C LEU F 341 30.24 14.87 -23.42
N LEU F 342 30.32 15.16 -22.13
CA LEU F 342 31.46 15.89 -21.58
C LEU F 342 32.47 14.95 -20.92
N LYS F 343 33.63 14.80 -21.57
CA LYS F 343 34.74 14.02 -21.04
C LYS F 343 35.99 14.90 -20.92
N VAL F 344 36.36 15.25 -19.69
CA VAL F 344 37.49 16.14 -19.48
C VAL F 344 38.79 15.64 -20.12
N ASN F 345 38.99 14.33 -20.25
CA ASN F 345 40.26 13.85 -20.78
C ASN F 345 40.27 13.75 -22.31
N GLN F 346 39.13 14.04 -22.95
CA GLN F 346 39.08 14.18 -24.39
C GLN F 346 39.73 15.48 -24.87
N ILE F 347 39.71 16.50 -24.02
CA ILE F 347 40.25 17.82 -24.37
C ILE F 347 41.46 18.12 -23.46
N GLY F 348 41.43 17.66 -22.23
CA GLY F 348 42.65 17.59 -21.45
C GLY F 348 42.85 18.64 -20.39
N SER F 349 41.84 19.46 -20.15
CA SER F 349 41.92 20.41 -19.03
C SER F 349 40.54 20.83 -18.59
N VAL F 350 40.45 21.24 -17.32
CA VAL F 350 39.16 21.62 -16.75
C VAL F 350 38.60 22.86 -17.42
N THR F 351 39.46 23.84 -17.65
CA THR F 351 39.03 25.11 -18.24
C THR F 351 38.40 24.87 -19.61
N GLU F 352 39.05 24.08 -20.46
CA GLU F 352 38.48 23.78 -21.78
C GLU F 352 37.20 22.97 -21.71
N ALA F 353 37.09 22.06 -20.75
CA ALA F 353 35.86 21.27 -20.63
C ALA F 353 34.69 22.17 -20.22
N ILE F 354 34.96 23.11 -19.33
CA ILE F 354 33.92 24.06 -18.93
C ILE F 354 33.55 24.98 -20.10
N GLN F 355 34.54 25.41 -20.87
CA GLN F 355 34.28 26.16 -22.11
C GLN F 355 33.33 25.40 -23.03
N ALA F 356 33.62 24.11 -23.21
CA ALA F 356 32.84 23.28 -24.10
C ALA F 356 31.40 23.10 -23.58
N CYS F 357 31.24 22.94 -22.27
CA CYS F 357 29.92 22.85 -21.66
C CYS F 357 29.11 24.12 -21.87
N LYS F 358 29.73 25.27 -21.59
N LYS F 358 29.72 25.27 -21.59
CA LYS F 358 29.04 26.56 -21.74
CA LYS F 358 29.05 26.56 -21.74
C LYS F 358 28.64 26.81 -23.19
C LYS F 358 28.64 26.79 -23.19
N LEU F 359 29.52 26.43 -24.12
CA LEU F 359 29.24 26.59 -25.55
C LEU F 359 28.02 25.77 -25.97
N ALA F 360 28.00 24.51 -25.56
CA ALA F 360 26.81 23.66 -25.74
C ALA F 360 25.54 24.29 -25.16
N GLN F 361 25.60 24.66 -23.88
CA GLN F 361 24.43 25.20 -23.18
C GLN F 361 23.92 26.51 -23.76
N GLU F 362 24.82 27.35 -24.25
CA GLU F 362 24.41 28.61 -24.82
C GLU F 362 23.67 28.42 -26.12
N ASN F 363 23.83 27.25 -26.73
CA ASN F 363 23.17 26.97 -27.98
C ASN F 363 22.00 26.02 -27.80
N GLY F 364 21.56 25.86 -26.55
CA GLY F 364 20.38 25.10 -26.25
C GLY F 364 20.57 23.59 -26.29
N TRP F 365 21.82 23.14 -26.29
CA TRP F 365 22.10 21.71 -26.18
C TRP F 365 21.97 21.24 -24.74
N GLY F 366 21.68 19.96 -24.57
CA GLY F 366 21.90 19.32 -23.28
C GLY F 366 23.38 19.01 -23.13
N VAL F 367 23.80 18.70 -21.91
CA VAL F 367 25.15 18.20 -21.68
C VAL F 367 25.09 17.01 -20.73
N MET F 368 25.75 15.91 -21.09
CA MET F 368 25.86 14.74 -20.21
C MET F 368 27.32 14.49 -19.83
N VAL F 369 27.63 14.60 -18.55
CA VAL F 369 28.97 14.32 -18.04
C VAL F 369 29.19 12.81 -18.10
N SER F 370 30.41 12.38 -18.42
CA SER F 370 30.68 10.98 -18.66
C SER F 370 32.02 10.49 -18.08
N HIS F 371 31.99 9.25 -17.55
CA HIS F 371 33.20 8.47 -17.27
C HIS F 371 33.91 8.04 -18.55
N ARG F 372 35.09 7.43 -18.39
CA ARG F 372 35.66 6.61 -19.45
C ARG F 372 35.62 5.15 -19.01
N SER F 373 35.93 4.24 -19.92
CA SER F 373 35.96 2.82 -19.60
C SER F 373 37.02 2.52 -18.52
N GLY F 374 38.20 3.11 -18.66
CA GLY F 374 39.23 2.99 -17.64
C GLY F 374 39.02 4.11 -16.64
N GLU F 375 38.50 3.79 -15.46
CA GLU F 375 38.24 4.80 -14.44
C GLU F 375 39.07 4.54 -13.22
N THR F 376 38.94 5.41 -12.23
CA THR F 376 39.63 5.23 -10.97
C THR F 376 38.69 5.51 -9.81
N GLU F 377 39.24 5.45 -8.60
CA GLU F 377 38.49 5.75 -7.38
C GLU F 377 38.20 7.28 -7.25
N ASP F 378 38.74 8.07 -8.16
CA ASP F 378 38.52 9.52 -8.22
C ASP F 378 37.03 9.84 -8.40
N THR F 379 36.51 10.87 -7.75
CA THR F 379 35.10 11.20 -7.88
C THR F 379 34.88 12.62 -8.41
N PHE F 380 35.87 13.16 -9.11
CA PHE F 380 35.76 14.52 -9.62
C PHE F 380 34.48 14.79 -10.43
N ILE F 381 34.10 13.87 -11.31
CA ILE F 381 33.01 14.17 -12.25
C ILE F 381 31.64 14.26 -11.56
N ALA F 382 31.51 13.68 -10.38
CA ALA F 382 30.32 13.87 -9.56
C ALA F 382 30.15 15.35 -9.16
N ASP F 383 31.19 15.94 -8.60
CA ASP F 383 31.15 17.37 -8.29
C ASP F 383 31.01 18.21 -9.57
N LEU F 384 31.70 17.78 -10.62
CA LEU F 384 31.63 18.49 -11.90
C LEU F 384 30.21 18.60 -12.44
N VAL F 385 29.47 17.50 -12.48
CA VAL F 385 28.14 17.54 -13.10
C VAL F 385 27.17 18.38 -12.26
N VAL F 386 27.38 18.43 -10.95
CA VAL F 386 26.51 19.24 -10.09
C VAL F 386 26.83 20.74 -10.25
N GLY F 387 28.12 21.05 -10.28
CA GLY F 387 28.58 22.41 -10.49
C GLY F 387 28.21 22.99 -11.85
N LEU F 388 28.22 22.14 -12.88
CA LEU F 388 27.85 22.58 -14.22
C LEU F 388 26.33 22.55 -14.46
N CYS F 389 25.58 22.02 -13.49
CA CYS F 389 24.13 21.91 -13.56
C CYS F 389 23.61 21.31 -14.88
N THR F 390 24.27 20.27 -15.38
CA THR F 390 23.87 19.77 -16.69
C THR F 390 22.62 18.89 -16.62
N GLY F 391 22.37 18.28 -15.46
CA GLY F 391 21.17 17.48 -15.30
C GLY F 391 21.23 16.02 -15.70
N GLN F 392 22.38 15.58 -16.21
CA GLN F 392 22.55 14.18 -16.58
C GLN F 392 24.00 13.73 -16.52
N ILE F 393 24.23 12.54 -15.97
CA ILE F 393 25.56 11.96 -15.93
C ILE F 393 25.46 10.48 -16.22
N LYS F 394 26.43 9.94 -16.96
CA LYS F 394 26.54 8.49 -17.06
C LYS F 394 27.93 8.08 -16.57
N THR F 395 27.97 7.24 -15.54
CA THR F 395 29.26 6.86 -14.98
C THR F 395 29.21 5.42 -14.46
N GLY F 396 28.46 4.59 -15.18
CA GLY F 396 28.57 3.16 -15.03
C GLY F 396 27.27 2.47 -14.64
N ALA F 397 27.29 1.15 -14.68
CA ALA F 397 26.26 0.37 -14.03
C ALA F 397 26.39 0.64 -12.54
N PRO F 398 25.32 0.37 -11.76
CA PRO F 398 25.49 0.47 -10.30
C PRO F 398 26.26 -0.75 -9.78
N CYS F 399 27.45 -0.95 -10.33
CA CYS F 399 28.27 -2.12 -10.06
C CYS F 399 29.73 -1.74 -10.40
N ARG F 400 30.69 -2.17 -9.56
CA ARG F 400 32.11 -1.79 -9.60
C ARG F 400 32.35 -0.40 -8.99
N SER F 401 33.24 -0.28 -8.01
CA SER F 401 33.29 0.95 -7.22
C SER F 401 33.94 2.13 -7.93
N GLU F 402 34.57 1.92 -9.09
CA GLU F 402 35.04 3.08 -9.85
C GLU F 402 33.81 3.79 -10.43
N ARG F 403 32.69 3.07 -10.48
CA ARG F 403 31.39 3.64 -10.86
C ARG F 403 30.62 4.12 -9.62
N LEU F 404 30.43 3.23 -8.65
CA LEU F 404 29.72 3.60 -7.41
C LEU F 404 30.32 4.77 -6.63
N ALA F 405 31.64 4.94 -6.70
CA ALA F 405 32.28 6.05 -6.01
C ALA F 405 31.67 7.38 -6.45
N LYS F 406 31.39 7.50 -7.75
CA LYS F 406 30.74 8.69 -8.28
C LYS F 406 29.29 8.78 -7.80
N TYR F 407 28.54 7.67 -7.89
CA TYR F 407 27.12 7.69 -7.52
C TYR F 407 26.97 7.93 -6.02
N ASN F 408 27.82 7.32 -5.21
CA ASN F 408 27.80 7.58 -3.76
C ASN F 408 28.09 9.03 -3.43
N GLN F 409 29.09 9.61 -4.11
CA GLN F 409 29.44 11.01 -3.90
C GLN F 409 28.26 11.93 -4.23
N LEU F 410 27.52 11.60 -5.28
CA LEU F 410 26.34 12.38 -5.66
C LEU F 410 25.25 12.28 -4.58
N MET F 411 25.10 11.12 -3.96
CA MET F 411 24.20 11.02 -2.82
C MET F 411 24.67 11.87 -1.65
N ARG F 412 25.98 11.89 -1.36
CA ARG F 412 26.49 12.78 -0.32
C ARG F 412 26.26 14.27 -0.63
N ILE F 413 26.38 14.63 -1.90
CA ILE F 413 26.19 16.02 -2.30
C ILE F 413 24.70 16.40 -2.12
N GLU F 414 23.81 15.50 -2.51
CA GLU F 414 22.37 15.72 -2.34
C GLU F 414 22.06 15.95 -0.87
N GLU F 415 22.61 15.10 -0.02
CA GLU F 415 22.47 15.22 1.42
C GLU F 415 22.94 16.58 1.91
N GLU F 416 24.14 16.97 1.49
CA GLU F 416 24.74 18.21 1.94
C GLU F 416 23.96 19.45 1.51
N LEU F 417 23.38 19.39 0.32
CA LEU F 417 22.60 20.51 -0.21
C LEU F 417 21.27 20.62 0.50
N GLY F 418 20.81 19.52 1.06
CA GLY F 418 19.59 19.51 1.86
C GLY F 418 18.38 19.96 1.08
N ASP F 419 17.59 20.85 1.67
CA ASP F 419 16.34 21.30 1.04
C ASP F 419 16.60 22.19 -0.16
N GLU F 420 17.88 22.51 -0.38
CA GLU F 420 18.31 23.30 -1.52
C GLU F 420 18.61 22.41 -2.75
N ALA F 421 18.35 21.11 -2.61
CA ALA F 421 18.61 20.16 -3.67
C ALA F 421 17.45 20.04 -4.66
N ARG F 422 17.70 20.34 -5.93
CA ARG F 422 16.74 20.04 -6.99
C ARG F 422 17.24 18.90 -7.89
N PHE F 423 16.44 17.85 -8.01
CA PHE F 423 16.70 16.72 -8.91
C PHE F 423 16.18 17.03 -10.31
N ALA F 424 16.98 16.82 -11.35
CA ALA F 424 16.65 17.25 -12.71
C ALA F 424 15.38 16.57 -13.24
N GLY F 425 15.20 15.29 -12.91
CA GLY F 425 13.98 14.57 -13.25
C GLY F 425 13.70 14.62 -14.74
N HIS F 426 12.48 15.00 -15.09
CA HIS F 426 12.10 15.06 -16.51
C HIS F 426 12.67 16.27 -17.23
N ASN F 427 13.32 17.17 -16.50
CA ASN F 427 14.04 18.25 -17.15
C ASN F 427 15.54 17.99 -17.28
N PHE F 428 15.90 16.74 -17.53
CA PHE F 428 17.32 16.37 -17.58
C PHE F 428 17.99 17.02 -18.80
N ARG F 429 17.23 17.26 -19.87
CA ARG F 429 17.81 17.96 -21.03
C ARG F 429 18.01 19.47 -20.79
N ASN F 430 17.16 20.08 -19.96
CA ASN F 430 17.18 21.54 -19.73
C ASN F 430 16.91 21.96 -18.28
N PRO F 431 17.81 21.60 -17.35
CA PRO F 431 17.46 21.78 -15.94
C PRO F 431 17.46 23.23 -15.45
N SER F 432 17.88 24.17 -16.29
CA SER F 432 17.92 25.58 -15.91
C SER F 432 16.54 26.14 -15.55
N VAL F 433 15.49 25.47 -15.99
CA VAL F 433 14.13 25.94 -15.74
C VAL F 433 13.66 25.65 -14.31
N LEU F 434 14.48 24.95 -13.53
CA LEU F 434 14.05 24.47 -12.20
C LEU F 434 14.31 25.48 -11.08
N HIS F 435 13.25 25.81 -10.34
CA HIS F 435 13.33 26.78 -9.24
C HIS F 435 14.09 26.19 -8.05
N SER G 2 -7.51 60.48 3.50
CA SER G 2 -6.63 60.57 2.33
C SER G 2 -7.44 60.46 1.03
N ILE G 3 -8.55 59.73 1.08
CA ILE G 3 -9.42 59.57 -0.08
C ILE G 3 -10.49 60.66 -0.09
N GLU G 4 -10.53 61.46 -1.16
CA GLU G 4 -11.50 62.55 -1.23
C GLU G 4 -12.83 62.12 -1.82
N LYS G 5 -12.78 61.30 -2.86
CA LYS G 5 -14.01 60.87 -3.51
C LYS G 5 -13.79 59.55 -4.27
N ILE G 6 -14.81 58.69 -4.23
CA ILE G 6 -14.85 57.49 -5.04
C ILE G 6 -16.16 57.48 -5.81
N TRP G 7 -16.09 57.29 -7.13
CA TRP G 7 -17.30 57.27 -7.96
C TRP G 7 -17.26 56.15 -9.01
N ALA G 8 -18.26 55.28 -8.99
CA ALA G 8 -18.32 54.18 -9.96
C ALA G 8 -19.34 54.45 -11.03
N ARG G 9 -19.11 53.86 -12.21
CA ARG G 9 -20.03 53.96 -13.34
C ARG G 9 -19.98 52.67 -14.17
N GLU G 10 -20.95 52.52 -15.05
CA GLU G 10 -21.00 51.43 -16.00
C GLU G 10 -20.33 51.82 -17.33
N ILE G 11 -19.35 51.04 -17.79
CA ILE G 11 -18.81 51.21 -19.15
C ILE G 11 -18.94 49.90 -19.94
N LEU G 12 -18.58 49.90 -21.22
CA LEU G 12 -18.66 48.67 -22.01
C LEU G 12 -17.27 48.05 -22.18
N ASP G 13 -17.19 46.73 -22.01
CA ASP G 13 -15.94 46.02 -22.20
C ASP G 13 -15.75 45.70 -23.68
N SER G 14 -14.69 44.97 -24.00
CA SER G 14 -14.27 44.76 -25.38
C SER G 14 -15.20 43.86 -26.19
N ARG G 15 -16.09 43.14 -25.52
CA ARG G 15 -17.09 42.34 -26.21
C ARG G 15 -18.42 43.08 -26.30
N GLY G 16 -18.46 44.29 -25.78
CA GLY G 16 -19.68 45.07 -25.79
C GLY G 16 -20.62 44.82 -24.62
N ASN G 17 -20.10 44.24 -23.54
CA ASN G 17 -20.91 44.00 -22.34
C ASN G 17 -20.56 44.99 -21.23
N PRO G 18 -21.54 45.37 -20.39
CA PRO G 18 -21.24 46.31 -19.30
C PRO G 18 -20.21 45.76 -18.31
N THR G 19 -19.35 46.64 -17.81
CA THR G 19 -18.53 46.32 -16.67
C THR G 19 -18.32 47.55 -15.79
N VAL G 20 -17.68 47.34 -14.65
CA VAL G 20 -17.47 48.40 -13.68
C VAL G 20 -16.22 49.22 -13.95
N GLU G 21 -16.35 50.52 -13.80
CA GLU G 21 -15.20 51.43 -13.79
C GLU G 21 -15.29 52.31 -12.55
N VAL G 22 -14.15 52.53 -11.91
CA VAL G 22 -14.06 53.33 -10.69
C VAL G 22 -13.09 54.52 -10.83
N ASP G 23 -13.59 55.71 -10.53
CA ASP G 23 -12.77 56.92 -10.39
C ASP G 23 -12.51 57.19 -8.93
N LEU G 24 -11.25 57.32 -8.55
CA LEU G 24 -10.92 57.65 -7.18
C LEU G 24 -10.10 58.94 -7.15
N TYR G 25 -10.50 59.87 -6.29
CA TYR G 25 -9.87 61.18 -6.20
C TYR G 25 -9.07 61.32 -4.91
N THR G 26 -7.82 61.75 -5.04
CA THR G 26 -7.06 62.22 -3.88
C THR G 26 -6.56 63.63 -4.17
N ALA G 27 -5.77 64.17 -3.25
CA ALA G 27 -5.15 65.47 -3.45
C ALA G 27 -4.17 65.44 -4.62
N LYS G 28 -3.74 64.25 -5.01
CA LYS G 28 -2.82 64.11 -6.12
C LYS G 28 -3.52 63.97 -7.47
N GLY G 29 -4.84 63.81 -7.46
CA GLY G 29 -5.56 63.78 -8.72
C GLY G 29 -6.59 62.67 -8.87
N LEU G 30 -6.93 62.38 -10.12
CA LEU G 30 -7.88 61.34 -10.47
C LEU G 30 -7.17 60.03 -10.85
N PHE G 31 -7.65 58.92 -10.29
CA PHE G 31 -7.09 57.61 -10.60
C PHE G 31 -8.22 56.68 -11.00
N ARG G 32 -8.10 56.10 -12.18
CA ARG G 32 -9.21 55.37 -12.78
C ARG G 32 -8.84 53.93 -13.06
N ALA G 33 -9.78 53.02 -12.84
CA ALA G 33 -9.55 51.62 -13.10
C ALA G 33 -10.85 50.94 -13.54
N ALA G 34 -10.70 49.87 -14.31
CA ALA G 34 -11.87 49.13 -14.78
C ALA G 34 -11.64 47.64 -14.63
N VAL G 35 -12.74 46.90 -14.66
CA VAL G 35 -12.77 45.48 -14.29
C VAL G 35 -13.04 44.59 -15.49
N PRO G 36 -12.18 43.59 -15.71
CA PRO G 36 -12.33 42.64 -16.80
C PRO G 36 -13.39 41.57 -16.49
N SER G 37 -13.76 40.76 -17.48
CA SER G 37 -14.76 39.74 -17.27
C SER G 37 -14.46 38.50 -18.08
N GLY G 38 -14.54 37.32 -17.47
CA GLY G 38 -14.14 36.10 -18.13
C GLY G 38 -15.21 35.49 -19.03
N ALA G 39 -14.79 34.68 -20.00
CA ALA G 39 -15.72 33.96 -20.88
C ALA G 39 -15.87 32.48 -20.48
N SER G 40 -14.75 31.81 -20.20
CA SER G 40 -14.80 30.46 -19.66
C SER G 40 -14.36 30.47 -18.19
N THR G 41 -15.28 30.90 -17.32
CA THR G 41 -14.95 31.14 -15.91
C THR G 41 -15.04 29.89 -15.06
N GLY G 42 -14.06 29.71 -14.19
CA GLY G 42 -14.05 28.57 -13.29
C GLY G 42 -15.12 28.68 -12.24
N ILE G 43 -15.64 27.54 -11.77
CA ILE G 43 -16.74 27.55 -10.79
C ILE G 43 -16.30 28.10 -9.44
N TYR G 44 -15.00 28.15 -9.18
CA TYR G 44 -14.52 28.64 -7.89
C TYR G 44 -14.07 30.11 -7.91
N GLU G 45 -14.31 30.80 -9.02
CA GLU G 45 -13.97 32.21 -9.08
C GLU G 45 -14.92 33.01 -8.18
N ALA G 46 -14.41 34.11 -7.63
CA ALA G 46 -15.23 35.03 -6.86
C ALA G 46 -16.39 35.54 -7.70
N LEU G 47 -17.47 35.97 -7.04
CA LEU G 47 -18.71 36.30 -7.73
C LEU G 47 -18.66 37.58 -8.54
N GLU G 48 -18.96 37.45 -9.82
CA GLU G 48 -19.17 38.60 -10.69
C GLU G 48 -20.64 38.99 -10.65
N LEU G 49 -20.96 40.12 -10.02
CA LEU G 49 -22.36 40.48 -9.83
C LEU G 49 -22.96 41.19 -11.05
N ARG G 50 -23.88 40.51 -11.73
CA ARG G 50 -24.69 41.07 -12.80
C ARG G 50 -26.11 41.39 -12.31
N ASP G 51 -26.82 42.25 -13.05
CA ASP G 51 -28.14 42.75 -12.64
C ASP G 51 -29.27 41.75 -12.90
N GLY G 52 -29.19 41.03 -14.02
CA GLY G 52 -30.19 40.03 -14.38
C GLY G 52 -31.42 40.60 -15.03
N ASP G 53 -31.44 41.91 -15.22
CA ASP G 53 -32.57 42.61 -15.84
C ASP G 53 -32.54 42.39 -17.36
N LYS G 54 -33.38 41.47 -17.84
CA LYS G 54 -33.29 41.05 -19.24
C LYS G 54 -33.87 42.07 -20.23
N GLN G 55 -34.37 43.19 -19.70
CA GLN G 55 -34.74 44.32 -20.55
C GLN G 55 -33.53 45.20 -20.84
N ARG G 56 -32.43 44.94 -20.15
CA ARG G 56 -31.27 45.80 -20.24
C ARG G 56 -30.00 44.98 -20.46
N TYR G 57 -29.39 45.13 -21.63
CA TYR G 57 -28.15 44.43 -21.96
C TYR G 57 -28.29 42.92 -21.79
N LEU G 58 -29.48 42.39 -22.07
CA LEU G 58 -29.76 40.97 -21.89
C LEU G 58 -29.36 40.49 -20.51
N GLY G 59 -29.60 41.33 -19.51
CA GLY G 59 -29.34 40.94 -18.13
C GLY G 59 -27.92 41.16 -17.66
N LYS G 60 -27.08 41.76 -18.51
CA LYS G 60 -25.64 41.88 -18.22
C LYS G 60 -25.22 43.18 -17.57
N GLY G 61 -26.18 44.02 -17.19
CA GLY G 61 -25.83 45.28 -16.55
C GLY G 61 -25.13 45.08 -15.23
N VAL G 62 -24.42 46.12 -14.77
CA VAL G 62 -23.71 46.04 -13.51
C VAL G 62 -24.07 47.25 -12.62
N LEU G 63 -25.31 47.69 -12.72
CA LEU G 63 -25.82 48.79 -11.90
C LEU G 63 -25.79 48.48 -10.40
N LYS G 64 -26.06 47.22 -10.05
CA LYS G 64 -26.04 46.83 -8.64
C LYS G 64 -24.65 46.91 -8.05
N ALA G 65 -23.64 46.43 -8.79
CA ALA G 65 -22.26 46.52 -8.34
C ALA G 65 -21.82 47.97 -8.20
N VAL G 66 -22.22 48.78 -9.17
CA VAL G 66 -21.87 50.19 -9.19
C VAL G 66 -22.52 50.89 -7.99
N ASP G 67 -23.76 50.54 -7.68
CA ASP G 67 -24.45 51.10 -6.53
C ASP G 67 -23.80 50.70 -5.20
N HIS G 68 -23.30 49.47 -5.11
CA HIS G 68 -22.60 49.01 -3.92
C HIS G 68 -21.37 49.86 -3.64
N ILE G 69 -20.65 50.22 -4.70
CA ILE G 69 -19.52 51.10 -4.55
C ILE G 69 -19.97 52.49 -4.12
N ASN G 70 -20.89 53.07 -4.89
CA ASN G 70 -21.32 54.43 -4.62
C ASN G 70 -22.12 54.61 -3.31
N SER G 71 -22.95 53.65 -2.96
CA SER G 71 -23.80 53.78 -1.76
C SER G 71 -23.14 53.25 -0.48
N THR G 72 -22.22 52.31 -0.60
CA THR G 72 -21.70 51.62 0.57
C THR G 72 -20.18 51.67 0.71
N ILE G 73 -19.45 51.17 -0.28
CA ILE G 73 -18.01 51.05 -0.16
C ILE G 73 -17.35 52.42 -0.07
N ALA G 74 -17.82 53.36 -0.88
CA ALA G 74 -17.19 54.68 -0.95
C ALA G 74 -17.23 55.45 0.38
N PRO G 75 -18.43 55.68 0.97
CA PRO G 75 -18.41 56.44 2.23
C PRO G 75 -17.61 55.75 3.36
N ALA G 76 -17.68 54.41 3.41
CA ALA G 76 -16.97 53.66 4.44
C ALA G 76 -15.45 53.86 4.38
N LEU G 77 -14.87 53.73 3.18
CA LEU G 77 -13.43 53.86 3.04
C LEU G 77 -12.98 55.29 3.27
N ILE G 78 -13.80 56.23 2.83
CA ILE G 78 -13.48 57.63 3.00
C ILE G 78 -13.50 57.98 4.50
N SER G 79 -14.52 57.48 5.20
CA SER G 79 -14.66 57.73 6.63
C SER G 79 -13.53 57.12 7.44
N SER G 80 -13.01 55.99 6.97
CA SER G 80 -11.89 55.32 7.63
C SER G 80 -10.70 56.23 7.79
N GLY G 81 -10.51 57.12 6.81
CA GLY G 81 -9.39 58.04 6.84
C GLY G 81 -8.07 57.37 6.48
N LEU G 82 -8.12 56.10 6.10
CA LEU G 82 -6.91 55.37 5.74
C LEU G 82 -6.21 55.98 4.51
N SER G 83 -4.88 56.02 4.52
CA SER G 83 -4.10 56.46 3.35
C SER G 83 -4.19 55.45 2.21
N VAL G 84 -4.15 55.93 0.98
CA VAL G 84 -4.23 55.03 -0.17
C VAL G 84 -2.98 54.16 -0.31
N VAL G 85 -1.90 54.49 0.40
CA VAL G 85 -0.71 53.63 0.34
C VAL G 85 -0.94 52.36 1.16
N GLU G 86 -1.95 52.38 2.02
CA GLU G 86 -2.24 51.23 2.86
C GLU G 86 -3.18 50.28 2.12
N GLN G 87 -2.65 49.65 1.06
CA GLN G 87 -3.43 48.75 0.23
C GLN G 87 -4.09 47.62 1.03
N GLU G 88 -3.29 46.94 1.83
CA GLU G 88 -3.80 45.80 2.59
C GLU G 88 -4.93 46.15 3.55
N LYS G 89 -4.83 47.30 4.22
CA LYS G 89 -5.86 47.68 5.19
C LYS G 89 -7.16 48.07 4.51
N LEU G 90 -7.06 48.78 3.39
CA LEU G 90 -8.26 49.19 2.67
C LEU G 90 -8.91 47.97 2.03
N ASP G 91 -8.10 47.07 1.49
CA ASP G 91 -8.64 45.83 0.91
C ASP G 91 -9.36 45.01 1.99
N ASN G 92 -8.72 44.82 3.15
CA ASN G 92 -9.32 44.04 4.23
C ASN G 92 -10.63 44.63 4.74
N LEU G 93 -10.66 45.96 4.78
CA LEU G 93 -11.87 46.67 5.16
C LEU G 93 -13.02 46.33 4.21
N MET G 94 -12.75 46.37 2.92
CA MET G 94 -13.74 45.99 1.91
C MET G 94 -14.16 44.51 2.06
N LEU G 95 -13.19 43.64 2.32
CA LEU G 95 -13.51 42.22 2.51
C LEU G 95 -14.43 41.98 3.71
N GLU G 96 -14.17 42.67 4.82
CA GLU G 96 -14.97 42.48 6.04
C GLU G 96 -16.33 43.17 5.92
N LEU G 97 -16.33 44.30 5.21
CA LEU G 97 -17.57 45.00 4.89
C LEU G 97 -18.52 44.15 4.03
N ASP G 98 -17.96 43.35 3.12
CA ASP G 98 -18.75 42.44 2.29
C ASP G 98 -19.18 41.22 3.11
N GLY G 99 -18.24 40.69 3.88
CA GLY G 99 -18.55 39.64 4.84
C GLY G 99 -18.65 38.23 4.31
N THR G 100 -18.70 38.05 2.99
CA THR G 100 -18.86 36.72 2.41
C THR G 100 -17.52 36.17 1.92
N GLU G 101 -17.45 34.85 1.77
CA GLU G 101 -16.21 34.21 1.33
C GLU G 101 -15.91 34.45 -0.15
N ASN G 102 -16.94 34.46 -0.98
CA ASN G 102 -16.77 34.60 -2.42
C ASN G 102 -17.17 36.00 -2.94
N LYS G 103 -17.18 36.98 -2.05
CA LYS G 103 -17.55 38.37 -2.36
C LYS G 103 -18.91 38.45 -3.04
N SER G 104 -19.88 37.69 -2.54
CA SER G 104 -21.17 37.63 -3.19
C SER G 104 -22.17 38.66 -2.65
N LYS G 105 -21.75 39.49 -1.70
CA LYS G 105 -22.63 40.55 -1.21
C LYS G 105 -22.52 41.79 -2.12
N PHE G 106 -21.30 42.20 -2.43
CA PHE G 106 -21.07 43.38 -3.28
C PHE G 106 -20.74 43.00 -4.72
N GLY G 107 -20.18 41.82 -4.90
CA GLY G 107 -19.63 41.38 -6.18
C GLY G 107 -18.13 41.59 -6.17
N ALA G 108 -17.37 40.61 -6.65
CA ALA G 108 -15.93 40.78 -6.79
C ALA G 108 -15.62 41.94 -7.73
N ASN G 109 -16.51 42.21 -8.68
CA ASN G 109 -16.27 43.29 -9.62
C ASN G 109 -16.42 44.66 -8.96
N ALA G 110 -17.24 44.76 -7.91
CA ALA G 110 -17.31 46.01 -7.15
C ALA G 110 -16.04 46.20 -6.33
N ILE G 111 -15.63 45.16 -5.62
CA ILE G 111 -14.48 45.27 -4.73
C ILE G 111 -13.19 45.52 -5.51
N LEU G 112 -12.97 44.76 -6.59
CA LEU G 112 -11.73 44.89 -7.36
C LEU G 112 -11.59 46.27 -7.99
N GLY G 113 -12.70 46.81 -8.50
CA GLY G 113 -12.71 48.14 -9.08
C GLY G 113 -12.10 49.19 -8.17
N VAL G 114 -12.43 49.11 -6.89
CA VAL G 114 -11.91 50.08 -5.94
C VAL G 114 -10.48 49.70 -5.57
N SER G 115 -10.22 48.40 -5.43
CA SER G 115 -8.89 47.90 -5.07
C SER G 115 -7.85 48.36 -6.09
N LEU G 116 -8.19 48.29 -7.37
CA LEU G 116 -7.28 48.74 -8.42
C LEU G 116 -7.05 50.26 -8.40
N ALA G 117 -8.13 51.02 -8.21
CA ALA G 117 -8.02 52.48 -8.19
C ALA G 117 -7.18 52.94 -7.00
N VAL G 118 -7.37 52.30 -5.85
CA VAL G 118 -6.58 52.57 -4.65
C VAL G 118 -5.10 52.33 -4.88
N CYS G 119 -4.78 51.22 -5.54
CA CYS G 119 -3.38 50.88 -5.81
C CYS G 119 -2.71 51.97 -6.66
N LYS G 120 -3.42 52.46 -7.68
CA LYS G 120 -2.90 53.51 -8.54
C LYS G 120 -2.70 54.82 -7.76
N ALA G 121 -3.66 55.16 -6.91
CA ALA G 121 -3.57 56.39 -6.10
C ALA G 121 -2.44 56.26 -5.09
N GLY G 122 -2.23 55.04 -4.60
CA GLY G 122 -1.16 54.80 -3.65
C GLY G 122 0.21 54.99 -4.26
N ALA G 123 0.33 54.59 -5.53
CA ALA G 123 1.58 54.75 -6.25
C ALA G 123 1.95 56.23 -6.34
N ALA G 124 0.95 57.06 -6.67
CA ALA G 124 1.18 58.50 -6.79
C ALA G 124 1.53 59.11 -5.45
N GLU G 125 0.93 58.59 -4.39
CA GLU G 125 1.20 59.07 -3.03
C GLU G 125 2.65 58.82 -2.63
N ARG G 126 3.17 57.65 -3.01
CA ARG G 126 4.58 57.31 -2.79
C ARG G 126 5.50 57.95 -3.82
N GLU G 127 4.90 58.66 -4.78
CA GLU G 127 5.64 59.24 -5.91
C GLU G 127 6.50 58.21 -6.62
N LEU G 128 5.90 57.07 -6.94
CA LEU G 128 6.55 55.99 -7.67
C LEU G 128 5.71 55.62 -8.88
N PRO G 129 6.34 55.06 -9.93
CA PRO G 129 5.53 54.46 -10.99
C PRO G 129 4.73 53.27 -10.44
N LEU G 130 3.60 52.94 -11.04
CA LEU G 130 2.75 51.89 -10.51
C LEU G 130 3.54 50.59 -10.30
N TYR G 131 4.37 50.20 -11.25
CA TYR G 131 5.08 48.93 -11.15
C TYR G 131 6.08 48.87 -9.98
N ARG G 132 6.68 49.99 -9.62
CA ARG G 132 7.54 50.04 -8.42
C ARG G 132 6.72 49.99 -7.13
N HIS G 133 5.59 50.68 -7.12
CA HIS G 133 4.69 50.62 -5.98
C HIS G 133 4.29 49.17 -5.72
N ILE G 134 3.85 48.47 -6.78
CA ILE G 134 3.47 47.07 -6.68
C ILE G 134 4.65 46.19 -6.22
N ALA G 135 5.83 46.44 -6.77
CA ALA G 135 7.03 45.71 -6.36
C ALA G 135 7.28 45.86 -4.85
N GLN G 136 7.05 47.06 -4.31
CA GLN G 136 7.20 47.28 -2.87
C GLN G 136 6.10 46.61 -2.05
N LEU G 137 4.87 46.63 -2.52
CA LEU G 137 3.78 45.93 -1.83
C LEU G 137 4.04 44.43 -1.77
N ALA G 138 4.86 43.94 -2.69
CA ALA G 138 5.14 42.52 -2.81
C ALA G 138 6.46 42.13 -2.17
N GLY G 139 7.26 43.14 -1.82
CA GLY G 139 8.58 42.89 -1.25
C GLY G 139 9.64 42.56 -2.29
N ASN G 140 9.42 42.97 -3.54
CA ASN G 140 10.43 42.78 -4.58
C ASN G 140 11.28 44.02 -4.80
N SER G 141 12.48 43.82 -5.33
CA SER G 141 13.36 44.94 -5.65
C SER G 141 13.96 44.85 -7.06
N ASP G 142 13.80 43.69 -7.71
CA ASP G 142 14.42 43.45 -9.02
C ASP G 142 13.44 43.22 -10.15
N LEU G 143 12.96 44.30 -10.76
CA LEU G 143 11.96 44.21 -11.82
C LEU G 143 12.49 43.48 -13.07
N ILE G 144 11.60 42.78 -13.78
CA ILE G 144 11.97 42.26 -15.09
C ILE G 144 10.80 42.32 -16.07
N LEU G 145 11.13 42.43 -17.36
CA LEU G 145 10.15 42.41 -18.43
C LEU G 145 9.81 40.97 -18.80
N PRO G 146 8.51 40.69 -18.96
CA PRO G 146 8.02 39.34 -19.23
C PRO G 146 8.14 38.90 -20.67
N VAL G 147 8.19 37.60 -20.91
CA VAL G 147 7.93 37.08 -22.25
C VAL G 147 6.42 37.14 -22.49
N PRO G 148 6.00 37.77 -23.59
CA PRO G 148 4.57 37.79 -23.95
C PRO G 148 4.13 36.47 -24.55
N ALA G 149 2.91 36.03 -24.24
CA ALA G 149 2.36 34.82 -24.84
C ALA G 149 1.12 35.18 -25.65
N PHE G 150 1.25 35.19 -26.98
CA PHE G 150 0.18 35.65 -27.88
C PHE G 150 -0.74 34.53 -28.37
N ASN G 151 -2.03 34.65 -28.06
CA ASN G 151 -3.06 33.72 -28.54
C ASN G 151 -3.32 33.94 -30.04
N VAL G 152 -2.89 33.03 -30.90
CA VAL G 152 -3.02 33.27 -32.34
C VAL G 152 -4.01 32.35 -33.06
N ILE G 153 -4.27 31.18 -32.48
CA ILE G 153 -5.29 30.27 -33.02
C ILE G 153 -6.24 29.86 -31.89
N ASN G 154 -7.56 30.00 -32.09
CA ASN G 154 -8.55 29.69 -31.05
C ASN G 154 -9.47 28.51 -31.38
N GLY G 155 -9.88 27.83 -30.33
CA GLY G 155 -10.97 26.86 -30.39
C GLY G 155 -11.74 27.07 -29.11
N GLY G 156 -12.37 26.03 -28.60
CA GLY G 156 -13.01 26.14 -27.31
C GLY G 156 -14.43 26.62 -27.40
N SER G 157 -15.03 26.87 -26.24
CA SER G 157 -16.47 27.03 -26.15
C SER G 157 -16.98 28.37 -26.69
N HIS G 158 -16.07 29.31 -26.98
CA HIS G 158 -16.50 30.58 -27.55
C HIS G 158 -15.88 30.85 -28.92
N ALA G 159 -15.50 29.78 -29.60
CA ALA G 159 -15.03 29.90 -30.98
C ALA G 159 -15.97 29.11 -31.90
N GLY G 160 -16.19 29.61 -33.11
CA GLY G 160 -17.20 29.05 -33.98
C GLY G 160 -16.83 27.80 -34.75
N ASN G 161 -15.58 27.36 -34.60
CA ASN G 161 -15.16 26.11 -35.23
C ASN G 161 -15.49 24.91 -34.36
N LYS G 162 -14.95 23.76 -34.73
CA LYS G 162 -15.17 22.52 -33.98
C LYS G 162 -13.99 22.19 -33.06
N LEU G 163 -12.90 22.95 -33.19
CA LEU G 163 -11.69 22.75 -32.41
C LEU G 163 -11.97 22.86 -30.90
N ALA G 164 -11.56 21.85 -30.15
CA ALA G 164 -11.98 21.75 -28.75
C ALA G 164 -11.11 22.55 -27.79
N MET G 165 -9.80 22.53 -28.02
CA MET G 165 -8.88 23.20 -27.12
C MET G 165 -8.83 24.68 -27.42
N GLN G 166 -8.71 25.47 -26.36
CA GLN G 166 -9.12 26.86 -26.40
C GLN G 166 -8.13 27.83 -27.04
N GLU G 167 -6.83 27.69 -26.73
CA GLU G 167 -5.84 28.70 -27.15
C GLU G 167 -4.51 28.08 -27.59
N PHE G 168 -3.99 28.52 -28.73
CA PHE G 168 -2.63 28.15 -29.13
C PHE G 168 -1.79 29.41 -29.22
N MET G 169 -0.78 29.50 -28.38
CA MET G 169 0.00 30.71 -28.20
C MET G 169 1.43 30.61 -28.72
N ILE G 170 2.01 31.76 -29.04
CA ILE G 170 3.44 31.83 -29.36
C ILE G 170 4.13 32.70 -28.35
N LEU G 171 5.32 32.27 -27.94
CA LEU G 171 6.15 32.98 -26.96
C LEU G 171 7.52 33.27 -27.55
N PRO G 172 7.85 34.55 -27.76
CA PRO G 172 9.18 34.85 -28.32
C PRO G 172 10.30 34.76 -27.27
N VAL G 173 10.65 33.57 -26.82
CA VAL G 173 11.64 33.45 -25.74
C VAL G 173 13.05 33.92 -26.15
N GLY G 174 13.32 33.94 -27.45
CA GLY G 174 14.65 34.26 -27.95
C GLY G 174 14.80 35.69 -28.44
N ALA G 175 13.79 36.51 -28.21
CA ALA G 175 13.86 37.93 -28.55
C ALA G 175 14.96 38.63 -27.74
N GLU G 176 15.41 39.78 -28.21
CA GLU G 176 16.49 40.51 -27.56
C GLU G 176 16.02 41.39 -26.40
N SER G 177 14.72 41.67 -26.38
CA SER G 177 14.13 42.64 -25.45
C SER G 177 12.63 42.55 -25.55
N PHE G 178 11.89 43.24 -24.69
CA PHE G 178 10.44 43.15 -24.80
C PHE G 178 9.95 43.77 -26.12
N ARG G 179 10.50 44.93 -26.47
CA ARG G 179 10.21 45.58 -27.74
C ARG G 179 10.40 44.66 -28.95
N ASP G 180 11.52 43.95 -28.96
CA ASP G 180 11.82 42.94 -29.99
C ASP G 180 10.82 41.78 -29.98
N ALA G 181 10.39 41.37 -28.79
CA ALA G 181 9.41 40.29 -28.67
C ALA G 181 8.09 40.68 -29.35
N MET G 182 7.70 41.94 -29.20
CA MET G 182 6.48 42.45 -29.84
C MET G 182 6.58 42.39 -31.37
N ARG G 183 7.75 42.73 -31.90
CA ARG G 183 7.95 42.64 -33.34
C ARG G 183 7.88 41.19 -33.86
N LEU G 184 8.59 40.28 -33.20
CA LEU G 184 8.48 38.85 -33.54
C LEU G 184 7.03 38.34 -33.47
N GLY G 185 6.31 38.69 -32.40
CA GLY G 185 4.91 38.32 -32.29
C GLY G 185 4.08 38.82 -33.45
N ALA G 186 4.21 40.10 -33.76
CA ALA G 186 3.40 40.74 -34.79
C ALA G 186 3.70 40.14 -36.15
N GLU G 187 4.99 39.95 -36.42
CA GLU G 187 5.43 39.43 -37.71
C GLU G 187 4.93 38.00 -37.92
N VAL G 188 5.02 37.16 -36.89
CA VAL G 188 4.46 35.81 -36.99
C VAL G 188 2.93 35.87 -37.15
N TYR G 189 2.27 36.74 -36.40
CA TYR G 189 0.81 36.90 -36.48
C TYR G 189 0.36 37.24 -37.91
N HIS G 190 1.02 38.23 -38.52
CA HIS G 190 0.68 38.59 -39.89
C HIS G 190 1.03 37.46 -40.86
N THR G 191 2.16 36.79 -40.67
CA THR G 191 2.50 35.62 -41.50
C THR G 191 1.43 34.54 -41.41
N LEU G 192 0.98 34.27 -40.19
CA LEU G 192 -0.09 33.29 -39.97
C LEU G 192 -1.37 33.65 -40.73
N LYS G 193 -1.71 34.93 -40.75
CA LYS G 193 -2.91 35.38 -41.45
C LYS G 193 -2.85 34.98 -42.92
N GLY G 194 -1.68 35.12 -43.52
CA GLY G 194 -1.47 34.73 -44.90
C GLY G 194 -1.56 33.23 -45.09
N VAL G 195 -0.98 32.48 -44.15
CA VAL G 195 -1.01 31.03 -44.22
C VAL G 195 -2.45 30.52 -44.18
N ILE G 196 -3.24 31.09 -43.29
CA ILE G 196 -4.63 30.68 -43.12
C ILE G 196 -5.48 31.05 -44.34
N LYS G 197 -5.26 32.26 -44.85
CA LYS G 197 -5.96 32.71 -46.05
C LYS G 197 -5.75 31.74 -47.21
N ASP G 198 -4.50 31.32 -47.40
CA ASP G 198 -4.17 30.37 -48.47
C ASP G 198 -4.82 29.00 -48.26
N LYS G 199 -4.76 28.50 -47.04
CA LYS G 199 -5.25 27.14 -46.78
C LYS G 199 -6.76 27.07 -46.57
N TYR G 200 -7.37 28.12 -46.02
CA TYR G 200 -8.79 28.03 -45.69
C TYR G 200 -9.69 29.04 -46.39
N GLY G 201 -9.09 30.01 -47.08
CA GLY G 201 -9.87 31.00 -47.81
C GLY G 201 -9.78 32.41 -47.27
N LYS G 202 -10.18 33.38 -48.09
CA LYS G 202 -10.12 34.80 -47.70
C LYS G 202 -11.14 35.13 -46.62
N ASP G 203 -12.15 34.29 -46.46
CA ASP G 203 -13.20 34.54 -45.47
C ASP G 203 -12.90 33.91 -44.12
N ALA G 204 -11.69 33.39 -43.96
CA ALA G 204 -11.38 32.65 -42.73
C ALA G 204 -10.48 33.41 -41.78
N THR G 205 -10.24 34.69 -42.05
CA THR G 205 -9.26 35.43 -41.25
C THR G 205 -9.83 36.57 -40.40
N ASN G 206 -11.13 36.56 -40.13
CA ASN G 206 -11.67 37.45 -39.11
C ASN G 206 -11.30 36.92 -37.71
N VAL G 207 -11.32 37.78 -36.69
CA VAL G 207 -10.73 37.43 -35.40
C VAL G 207 -11.73 37.15 -34.28
N GLY G 208 -11.29 36.42 -33.27
CA GLY G 208 -12.13 36.12 -32.13
C GLY G 208 -12.01 37.20 -31.07
N ASP G 209 -12.55 36.90 -29.89
CA ASP G 209 -12.63 37.87 -28.79
C ASP G 209 -11.26 38.42 -28.35
N GLU G 210 -10.20 37.61 -28.44
CA GLU G 210 -8.87 38.12 -28.07
C GLU G 210 -7.92 38.32 -29.24
N GLY G 211 -8.45 38.41 -30.46
CA GLY G 211 -7.65 38.79 -31.60
C GLY G 211 -7.03 37.66 -32.41
N GLY G 212 -7.29 36.42 -32.00
CA GLY G 212 -6.75 35.27 -32.72
C GLY G 212 -7.67 34.80 -33.83
N PHE G 213 -7.17 33.88 -34.65
CA PHE G 213 -7.94 33.34 -35.75
C PHE G 213 -8.62 32.05 -35.34
N ALA G 214 -9.81 31.80 -35.88
CA ALA G 214 -10.53 30.57 -35.61
C ALA G 214 -10.90 29.84 -36.91
N PRO G 215 -9.88 29.31 -37.60
CA PRO G 215 -10.14 28.53 -38.82
C PRO G 215 -10.92 27.26 -38.52
N ASN G 216 -11.67 26.76 -39.49
CA ASN G 216 -12.53 25.60 -39.26
C ASN G 216 -11.80 24.28 -39.33
N ILE G 217 -11.06 24.00 -38.26
CA ILE G 217 -10.36 22.73 -38.11
C ILE G 217 -10.92 21.99 -36.89
N LEU G 218 -10.69 20.67 -36.84
CA LEU G 218 -11.14 19.86 -35.72
C LEU G 218 -9.93 19.34 -34.93
N GLU G 219 -8.92 18.87 -35.66
CA GLU G 219 -7.73 18.28 -35.05
C GLU G 219 -6.86 19.33 -34.39
N ASN G 220 -6.57 19.13 -33.10
CA ASN G 220 -5.74 20.05 -32.35
C ASN G 220 -4.29 20.04 -32.84
N SER G 221 -3.84 18.90 -33.35
CA SER G 221 -2.50 18.84 -33.95
C SER G 221 -2.39 19.71 -35.21
N GLU G 222 -3.50 19.91 -35.92
CA GLU G 222 -3.48 20.78 -37.11
C GLU G 222 -3.22 22.26 -36.73
N ALA G 223 -3.79 22.69 -35.61
CA ALA G 223 -3.55 24.06 -35.12
C ALA G 223 -2.09 24.27 -34.78
N LEU G 224 -1.50 23.27 -34.15
CA LEU G 224 -0.08 23.29 -33.81
C LEU G 224 0.77 23.31 -35.08
N GLU G 225 0.33 22.57 -36.09
CA GLU G 225 1.01 22.57 -37.39
C GLU G 225 1.00 23.96 -38.03
N LEU G 226 -0.17 24.61 -38.01
CA LEU G 226 -0.32 25.96 -38.54
C LEU G 226 0.60 26.96 -37.86
N VAL G 227 0.64 26.91 -36.53
CA VAL G 227 1.45 27.84 -35.76
C VAL G 227 2.93 27.61 -36.07
N LYS G 228 3.33 26.34 -36.09
N LYS G 228 3.35 26.35 -36.10
CA LYS G 228 4.71 25.95 -36.42
CA LYS G 228 4.75 26.02 -36.40
C LYS G 228 5.11 26.48 -37.79
C LYS G 228 5.12 26.51 -37.81
N GLU G 229 4.23 26.28 -38.77
CA GLU G 229 4.47 26.73 -40.13
C GLU G 229 4.64 28.25 -40.21
N ALA G 230 3.79 28.98 -39.50
CA ALA G 230 3.87 30.44 -39.48
C ALA G 230 5.18 30.93 -38.85
N ILE G 231 5.59 30.30 -37.77
CA ILE G 231 6.87 30.63 -37.12
C ILE G 231 8.05 30.41 -38.06
N ASP G 232 8.05 29.29 -38.77
CA ASP G 232 9.16 28.95 -39.67
C ASP G 232 9.18 29.91 -40.85
N LYS G 233 8.03 30.12 -41.47
CA LYS G 233 7.94 31.00 -42.62
C LYS G 233 8.33 32.43 -42.28
N ALA G 234 8.10 32.85 -41.04
CA ALA G 234 8.51 34.19 -40.60
C ALA G 234 10.00 34.26 -40.32
N GLY G 235 10.66 33.10 -40.23
CA GLY G 235 12.09 33.04 -40.03
C GLY G 235 12.54 32.97 -38.58
N TYR G 236 11.69 32.48 -37.69
CA TYR G 236 11.99 32.59 -36.26
C TYR G 236 11.95 31.27 -35.50
N THR G 237 12.17 30.16 -36.20
CA THR G 237 12.15 28.82 -35.60
C THR G 237 13.03 28.70 -34.37
N GLU G 238 14.13 29.45 -34.35
CA GLU G 238 15.08 29.38 -33.24
C GLU G 238 14.62 30.16 -32.01
N LYS G 239 13.65 31.06 -32.20
CA LYS G 239 13.40 32.12 -31.20
C LYS G 239 11.98 32.15 -30.60
N ILE G 240 11.09 31.30 -31.10
CA ILE G 240 9.70 31.30 -30.67
C ILE G 240 9.23 29.88 -30.36
N VAL G 241 8.64 29.70 -29.18
CA VAL G 241 8.06 28.41 -28.81
C VAL G 241 6.54 28.54 -28.61
N ILE G 242 5.88 27.41 -28.33
CA ILE G 242 4.41 27.35 -28.30
C ILE G 242 3.85 27.09 -26.90
N GLY G 243 2.73 27.73 -26.57
CA GLY G 243 2.01 27.47 -25.33
C GLY G 243 0.55 27.15 -25.66
N MET G 244 -0.11 26.41 -24.78
CA MET G 244 -1.53 26.06 -24.98
C MET G 244 -2.37 26.33 -23.75
N ASP G 245 -3.58 26.84 -23.96
CA ASP G 245 -4.59 26.83 -22.91
C ASP G 245 -5.66 25.86 -23.39
N VAL G 246 -5.68 24.67 -22.80
CA VAL G 246 -6.66 23.68 -23.18
C VAL G 246 -8.05 24.10 -22.68
N ALA G 247 -8.12 24.66 -21.48
CA ALA G 247 -9.40 24.94 -20.78
C ALA G 247 -10.30 23.70 -20.73
N ALA G 248 -9.76 22.61 -20.20
CA ALA G 248 -10.41 21.32 -20.31
C ALA G 248 -11.70 21.21 -19.48
N SER G 249 -11.89 22.12 -18.52
CA SER G 249 -13.12 22.15 -17.75
C SER G 249 -14.31 22.44 -18.67
N GLU G 250 -14.06 23.04 -19.83
CA GLU G 250 -15.14 23.33 -20.77
C GLU G 250 -15.63 22.09 -21.52
N PHE G 251 -14.80 21.06 -21.66
CA PHE G 251 -15.26 19.86 -22.38
C PHE G 251 -15.20 18.59 -21.52
N TYR G 252 -15.18 18.81 -20.20
CA TYR G 252 -15.32 17.73 -19.24
C TYR G 252 -16.78 17.23 -19.17
N ARG G 253 -16.98 15.93 -19.32
CA ARG G 253 -18.32 15.33 -19.29
C ARG G 253 -18.32 14.05 -18.46
N ASP G 254 -18.96 14.09 -17.29
CA ASP G 254 -19.13 12.91 -16.41
C ASP G 254 -17.88 12.06 -16.17
N GLY G 255 -16.75 12.71 -15.93
CA GLY G 255 -15.53 11.99 -15.63
C GLY G 255 -14.64 11.70 -16.84
N LYS G 256 -15.09 12.13 -18.02
CA LYS G 256 -14.32 11.95 -19.23
C LYS G 256 -14.26 13.26 -20.01
N TYR G 257 -13.59 13.24 -21.15
CA TYR G 257 -13.35 14.46 -21.90
C TYR G 257 -13.81 14.28 -23.34
N ASP G 258 -14.47 15.33 -23.84
CA ASP G 258 -15.09 15.32 -25.17
C ASP G 258 -14.38 16.29 -26.09
N LEU G 259 -13.49 15.78 -26.94
CA LEU G 259 -12.72 16.62 -27.84
C LEU G 259 -13.53 17.07 -29.07
N ASP G 260 -14.80 16.68 -29.12
CA ASP G 260 -15.70 17.19 -30.16
C ASP G 260 -17.02 17.64 -29.55
N PHE G 261 -16.91 18.44 -28.48
CA PHE G 261 -18.07 18.79 -27.68
C PHE G 261 -18.98 19.83 -28.33
N LYS G 262 -18.55 20.40 -29.46
CA LYS G 262 -19.40 21.32 -30.19
C LYS G 262 -20.08 20.62 -31.37
N SER G 263 -19.99 19.29 -31.39
CA SER G 263 -20.76 18.47 -32.31
C SER G 263 -21.87 17.80 -31.50
N PRO G 264 -22.84 17.14 -32.18
CA PRO G 264 -23.90 16.43 -31.45
C PRO G 264 -23.36 15.48 -30.38
N THR G 265 -23.82 15.64 -29.14
CA THR G 265 -23.26 14.92 -28.00
C THR G 265 -23.32 13.40 -28.17
N ASP G 266 -22.19 12.75 -27.97
CA ASP G 266 -22.06 11.31 -28.19
C ASP G 266 -21.05 10.72 -27.22
N PRO G 267 -21.53 10.15 -26.10
CA PRO G 267 -20.65 9.73 -25.00
C PRO G 267 -19.63 8.67 -25.40
N SER G 268 -19.84 8.02 -26.53
CA SER G 268 -18.94 6.95 -26.97
C SER G 268 -17.60 7.52 -27.48
N ARG G 269 -17.57 8.79 -27.83
CA ARG G 269 -16.35 9.41 -28.33
C ARG G 269 -15.53 10.04 -27.19
N TYR G 270 -16.04 10.00 -25.97
CA TYR G 270 -15.35 10.61 -24.84
C TYR G 270 -14.06 9.84 -24.50
N ILE G 271 -13.06 10.54 -24.01
CA ILE G 271 -11.82 9.88 -23.61
C ILE G 271 -11.43 10.14 -22.15
N THR G 272 -10.55 9.30 -21.63
CA THR G 272 -10.08 9.45 -20.25
C THR G 272 -8.97 10.49 -20.10
N GLY G 273 -8.70 10.88 -18.86
CA GLY G 273 -7.61 11.79 -18.55
C GLY G 273 -6.27 11.20 -18.95
N ASP G 274 -6.17 9.87 -18.89
CA ASP G 274 -4.97 9.19 -19.34
C ASP G 274 -4.84 9.32 -20.85
N GLN G 275 -5.92 9.08 -21.57
CA GLN G 275 -5.90 9.18 -23.02
C GLN G 275 -5.59 10.62 -23.45
N LEU G 276 -6.14 11.59 -22.73
CA LEU G 276 -5.90 13.01 -23.01
C LEU G 276 -4.43 13.37 -22.75
N GLY G 277 -3.90 12.94 -21.62
CA GLY G 277 -2.50 13.12 -21.29
C GLY G 277 -1.56 12.58 -22.36
N ALA G 278 -1.87 11.42 -22.92
CA ALA G 278 -0.98 10.80 -23.91
C ALA G 278 -0.96 11.62 -25.20
N LEU G 279 -2.10 12.21 -25.53
CA LEU G 279 -2.20 13.12 -26.65
C LEU G 279 -1.28 14.33 -26.44
N TYR G 280 -1.26 14.88 -25.23
CA TYR G 280 -0.33 15.96 -24.89
C TYR G 280 1.14 15.52 -25.02
N GLN G 281 1.43 14.27 -24.68
CA GLN G 281 2.78 13.76 -24.79
C GLN G 281 3.21 13.77 -26.25
N ASP G 282 2.30 13.37 -27.14
CA ASP G 282 2.52 13.48 -28.58
C ASP G 282 2.86 14.91 -28.97
N PHE G 283 2.06 15.87 -28.50
CA PHE G 283 2.23 17.27 -28.88
C PHE G 283 3.62 17.75 -28.49
N VAL G 284 4.00 17.44 -27.26
CA VAL G 284 5.25 17.92 -26.70
C VAL G 284 6.43 17.30 -27.46
N ARG G 285 6.25 16.07 -27.92
CA ARG G 285 7.28 15.36 -28.67
C ARG G 285 7.43 15.93 -30.09
N ASP G 286 6.32 16.26 -30.74
CA ASP G 286 6.32 16.65 -32.16
C ASP G 286 6.46 18.16 -32.41
N TYR G 287 6.13 18.96 -31.41
CA TYR G 287 6.12 20.41 -31.59
C TYR G 287 6.81 21.06 -30.40
N PRO G 288 7.30 22.30 -30.58
CA PRO G 288 7.95 23.04 -29.51
C PRO G 288 6.98 23.62 -28.47
N VAL G 289 6.11 22.77 -27.94
CA VAL G 289 5.18 23.14 -26.88
C VAL G 289 5.91 23.10 -25.54
N VAL G 290 5.97 24.25 -24.87
CA VAL G 290 6.72 24.33 -23.62
C VAL G 290 5.83 24.59 -22.41
N SER G 291 4.54 24.80 -22.65
CA SER G 291 3.61 25.16 -21.57
C SER G 291 2.20 24.72 -21.94
N ILE G 292 1.51 24.09 -20.99
CA ILE G 292 0.11 23.74 -21.17
C ILE G 292 -0.71 24.16 -19.94
N GLU G 293 -1.79 24.90 -20.18
CA GLU G 293 -2.65 25.44 -19.14
C GLU G 293 -4.02 24.73 -19.11
N ASP G 294 -4.52 24.51 -17.90
CA ASP G 294 -5.75 23.73 -17.67
C ASP G 294 -5.89 22.48 -18.54
N PRO G 295 -4.88 21.58 -18.50
CA PRO G 295 -4.98 20.37 -19.32
C PRO G 295 -6.09 19.42 -18.84
N PHE G 296 -6.54 19.60 -17.61
CA PHE G 296 -7.63 18.77 -17.09
C PHE G 296 -8.64 19.63 -16.33
N ASP G 297 -9.73 19.00 -15.93
CA ASP G 297 -10.83 19.72 -15.30
C ASP G 297 -10.41 20.30 -13.95
N GLN G 298 -11.10 21.35 -13.54
CA GLN G 298 -10.80 22.10 -12.33
C GLN G 298 -10.90 21.30 -11.05
N ASP G 299 -11.55 20.15 -11.11
CA ASP G 299 -11.63 19.22 -9.97
C ASP G 299 -10.86 17.90 -10.17
N ASP G 300 -10.32 17.67 -11.37
CA ASP G 300 -9.68 16.39 -11.70
C ASP G 300 -8.23 16.35 -11.19
N TRP G 301 -8.08 16.46 -9.88
CA TRP G 301 -6.77 16.60 -9.25
C TRP G 301 -5.82 15.45 -9.59
N ALA G 302 -6.36 14.24 -9.68
CA ALA G 302 -5.52 13.08 -9.98
C ALA G 302 -4.84 13.19 -11.34
N ALA G 303 -5.57 13.70 -12.32
CA ALA G 303 -5.05 13.76 -13.68
C ALA G 303 -3.94 14.80 -13.80
N TRP G 304 -4.15 15.94 -13.12
CA TRP G 304 -3.14 16.98 -13.02
C TRP G 304 -1.84 16.46 -12.42
N SER G 305 -1.96 15.84 -11.24
CA SER G 305 -0.79 15.38 -10.51
C SER G 305 0.00 14.37 -11.33
N LYS G 306 -0.69 13.38 -11.86
CA LYS G 306 -0.07 12.33 -12.65
C LYS G 306 0.68 12.90 -13.85
N PHE G 307 0.03 13.82 -14.58
CA PHE G 307 0.63 14.41 -15.76
C PHE G 307 1.86 15.28 -15.45
N THR G 308 1.76 16.09 -14.41
CA THR G 308 2.87 16.98 -14.03
C THR G 308 4.11 16.19 -13.63
N ALA G 309 3.90 15.04 -12.98
CA ALA G 309 5.01 14.17 -12.58
C ALA G 309 5.66 13.42 -13.74
N ASN G 310 5.03 13.45 -14.92
CA ASN G 310 5.57 12.70 -16.05
C ASN G 310 6.03 13.57 -17.20
N VAL G 311 6.13 14.88 -16.98
CA VAL G 311 6.63 15.77 -18.02
C VAL G 311 7.57 16.83 -17.47
N GLY G 312 8.24 17.51 -18.37
CA GLY G 312 9.19 18.54 -17.99
C GLY G 312 8.74 19.95 -18.38
N ILE G 313 7.58 20.06 -19.00
CA ILE G 313 7.11 21.37 -19.45
C ILE G 313 6.41 22.15 -18.33
N GLN G 314 6.08 23.41 -18.59
CA GLN G 314 5.32 24.19 -17.64
C GLN G 314 3.85 23.75 -17.64
N ILE G 315 3.30 23.53 -16.45
CA ILE G 315 1.88 23.17 -16.28
C ILE G 315 1.15 24.28 -15.53
N VAL G 316 0.17 24.90 -16.18
CA VAL G 316 -0.43 26.12 -15.64
C VAL G 316 -1.86 25.91 -15.10
N GLY G 317 -2.08 26.27 -13.85
CA GLY G 317 -3.40 26.26 -13.26
C GLY G 317 -4.12 27.57 -13.50
N ASP G 318 -5.28 27.50 -14.14
CA ASP G 318 -6.10 28.70 -14.31
C ASP G 318 -7.43 28.48 -13.57
N ASP G 319 -8.33 27.69 -14.15
CA ASP G 319 -9.57 27.35 -13.44
C ASP G 319 -9.29 26.44 -12.24
N LEU G 320 -8.19 25.70 -12.30
CA LEU G 320 -7.78 24.86 -11.18
C LEU G 320 -7.58 25.67 -9.90
N THR G 321 -6.90 26.81 -10.02
CA THR G 321 -6.39 27.52 -8.85
C THR G 321 -7.13 28.82 -8.58
N VAL G 322 -7.78 29.35 -9.61
CA VAL G 322 -8.52 30.62 -9.61
C VAL G 322 -7.91 31.73 -8.73
N THR G 323 -6.60 31.94 -8.88
CA THR G 323 -5.83 32.97 -8.15
C THR G 323 -6.24 33.00 -6.66
N ASN G 324 -6.46 31.82 -6.10
CA ASN G 324 -6.98 31.68 -4.74
C ASN G 324 -6.00 30.92 -3.84
N PRO G 325 -5.43 31.60 -2.83
CA PRO G 325 -4.43 31.03 -1.92
C PRO G 325 -4.81 29.65 -1.36
N LYS G 326 -6.10 29.44 -1.07
CA LYS G 326 -6.58 28.16 -0.51
C LYS G 326 -6.52 27.01 -1.53
N ARG G 327 -6.88 27.28 -2.77
CA ARG G 327 -6.76 26.26 -3.81
C ARG G 327 -5.30 26.12 -4.28
N ILE G 328 -4.55 27.21 -4.23
CA ILE G 328 -3.12 27.13 -4.56
C ILE G 328 -2.40 26.24 -3.55
N GLU G 329 -2.68 26.47 -2.27
CA GLU G 329 -2.13 25.65 -1.20
C GLU G 329 -2.32 24.16 -1.48
N ARG G 330 -3.52 23.80 -1.91
CA ARG G 330 -3.81 22.41 -2.24
C ARG G 330 -3.02 21.93 -3.44
N ALA G 331 -2.97 22.76 -4.49
CA ALA G 331 -2.21 22.41 -5.69
C ALA G 331 -0.72 22.21 -5.38
N VAL G 332 -0.19 23.02 -4.47
CA VAL G 332 1.21 22.89 -4.07
C VAL G 332 1.46 21.56 -3.39
N GLU G 333 0.58 21.22 -2.44
CA GLU G 333 0.71 19.98 -1.69
C GLU G 333 0.62 18.76 -2.60
N GLU G 334 -0.27 18.82 -3.59
CA GLU G 334 -0.54 17.67 -4.45
C GLU G 334 0.33 17.67 -5.70
N LYS G 335 1.24 18.65 -5.78
CA LYS G 335 2.07 18.86 -6.97
C LYS G 335 1.25 18.78 -8.26
N ALA G 336 0.10 19.48 -8.26
CA ALA G 336 -0.84 19.42 -9.38
C ALA G 336 -0.33 20.19 -10.59
N CYS G 337 0.46 21.22 -10.35
CA CYS G 337 0.99 22.04 -11.43
C CYS G 337 2.24 22.77 -10.96
N ASN G 338 2.85 23.55 -11.83
CA ASN G 338 4.07 24.26 -11.46
C ASN G 338 4.05 25.71 -11.93
N CYS G 339 2.86 26.22 -12.24
CA CYS G 339 2.71 27.62 -12.62
C CYS G 339 1.31 28.10 -12.31
N LEU G 340 1.23 29.35 -11.87
CA LEU G 340 -0.03 29.98 -11.54
C LEU G 340 -0.42 31.02 -12.59
N LEU G 341 -1.64 30.91 -13.13
CA LEU G 341 -2.14 31.98 -13.97
C LEU G 341 -2.78 33.03 -13.06
N LEU G 342 -2.28 34.26 -13.12
CA LEU G 342 -2.72 35.30 -12.18
C LEU G 342 -3.76 36.25 -12.75
N LYS G 343 -5.00 36.11 -12.26
CA LYS G 343 -6.13 36.93 -12.68
C LYS G 343 -6.73 37.65 -11.48
N VAL G 344 -6.52 38.96 -11.40
CA VAL G 344 -6.98 39.72 -10.24
C VAL G 344 -8.48 39.59 -9.98
N ASN G 345 -9.28 39.43 -11.03
CA ASN G 345 -10.72 39.41 -10.82
C ASN G 345 -11.24 38.00 -10.45
N GLN G 346 -10.35 37.00 -10.49
CA GLN G 346 -10.71 35.64 -10.03
C GLN G 346 -10.81 35.58 -8.51
N ILE G 347 -10.09 36.45 -7.83
CA ILE G 347 -10.09 36.48 -6.38
C ILE G 347 -10.72 37.79 -5.89
N GLY G 348 -10.52 38.89 -6.63
CA GLY G 348 -11.29 40.10 -6.39
C GLY G 348 -10.65 41.26 -5.63
N SER G 349 -9.35 41.15 -5.32
CA SER G 349 -8.62 42.29 -4.73
C SER G 349 -7.13 42.23 -5.04
N VAL G 350 -6.49 43.39 -5.05
CA VAL G 350 -5.06 43.48 -5.34
C VAL G 350 -4.23 42.76 -4.26
N THR G 351 -4.65 42.90 -3.00
CA THR G 351 -3.89 42.30 -1.89
C THR G 351 -3.88 40.78 -1.99
N GLU G 352 -5.05 40.19 -2.23
CA GLU G 352 -5.14 38.74 -2.34
C GLU G 352 -4.38 38.19 -3.55
N ALA G 353 -4.46 38.91 -4.67
CA ALA G 353 -3.73 38.49 -5.87
C ALA G 353 -2.24 38.49 -5.61
N ILE G 354 -1.71 39.55 -4.97
CA ILE G 354 -0.30 39.58 -4.62
C ILE G 354 0.05 38.43 -3.66
N GLN G 355 -0.82 38.15 -2.68
CA GLN G 355 -0.64 36.99 -1.82
C GLN G 355 -0.56 35.69 -2.60
N ALA G 356 -1.48 35.53 -3.55
CA ALA G 356 -1.50 34.34 -4.36
C ALA G 356 -0.19 34.20 -5.16
N CYS G 357 0.32 35.32 -5.66
CA CYS G 357 1.56 35.29 -6.44
C CYS G 357 2.75 34.88 -5.57
N LYS G 358 2.89 35.52 -4.41
CA LYS G 358 3.99 35.21 -3.51
CA LYS G 358 3.99 35.21 -3.52
C LYS G 358 3.93 33.78 -3.01
N LEU G 359 2.73 33.24 -2.86
CA LEU G 359 2.60 31.86 -2.41
C LEU G 359 3.09 30.89 -3.48
N ALA G 360 2.70 31.14 -4.73
CA ALA G 360 3.20 30.33 -5.85
C ALA G 360 4.73 30.42 -5.95
N GLN G 361 5.27 31.64 -5.93
CA GLN G 361 6.71 31.85 -6.09
C GLN G 361 7.54 31.25 -4.96
N GLU G 362 7.07 31.42 -3.73
CA GLU G 362 7.71 30.77 -2.58
C GLU G 362 7.82 29.25 -2.69
N ASN G 363 6.92 28.64 -3.45
CA ASN G 363 6.94 27.18 -3.59
C ASN G 363 7.54 26.71 -4.91
N GLY G 364 8.30 27.58 -5.55
CA GLY G 364 9.02 27.21 -6.75
C GLY G 364 8.20 27.20 -8.03
N TRP G 365 6.99 27.76 -7.97
CA TRP G 365 6.17 27.89 -9.16
C TRP G 365 6.54 29.10 -10.00
N GLY G 366 6.31 29.00 -11.31
CA GLY G 366 6.21 30.17 -12.14
C GLY G 366 4.86 30.87 -11.94
N VAL G 367 4.76 32.08 -12.47
CA VAL G 367 3.50 32.83 -12.45
C VAL G 367 3.33 33.52 -13.81
N MET G 368 2.17 33.33 -14.44
CA MET G 368 1.84 34.04 -15.68
C MET G 368 0.66 35.00 -15.46
N VAL G 369 0.90 36.32 -15.54
CA VAL G 369 -0.18 37.29 -15.41
C VAL G 369 -1.07 37.20 -16.65
N SER G 370 -2.38 37.44 -16.50
CA SER G 370 -3.35 37.15 -17.57
C SER G 370 -4.50 38.13 -17.69
N HIS G 371 -4.89 38.41 -18.93
CA HIS G 371 -6.14 39.11 -19.23
C HIS G 371 -7.35 38.20 -18.97
N ARG G 372 -8.56 38.77 -19.09
CA ARG G 372 -9.76 37.98 -19.31
C ARG G 372 -10.21 38.17 -20.76
N SER G 373 -11.14 37.36 -21.22
CA SER G 373 -11.68 37.51 -22.56
C SER G 373 -12.38 38.86 -22.73
N GLY G 374 -13.14 39.26 -21.72
CA GLY G 374 -13.75 40.58 -21.73
C GLY G 374 -12.80 41.57 -21.08
N GLU G 375 -12.09 42.36 -21.89
CA GLU G 375 -11.11 43.30 -21.35
C GLU G 375 -11.53 44.74 -21.57
N THR G 376 -10.72 45.67 -21.08
CA THR G 376 -10.99 47.08 -21.30
C THR G 376 -9.70 47.78 -21.71
N GLU G 377 -9.80 49.09 -21.85
CA GLU G 377 -8.64 49.94 -22.17
C GLU G 377 -7.69 50.09 -20.98
N ASP G 378 -8.03 49.47 -19.86
CA ASP G 378 -7.23 49.46 -18.64
C ASP G 378 -5.89 48.73 -18.86
N THR G 379 -4.79 49.23 -18.30
CA THR G 379 -3.49 48.57 -18.47
C THR G 379 -2.81 48.13 -17.17
N PHE G 380 -3.59 48.00 -16.10
CA PHE G 380 -3.05 47.64 -14.78
C PHE G 380 -2.15 46.39 -14.81
N ILE G 381 -2.52 45.36 -15.55
CA ILE G 381 -1.77 44.10 -15.45
C ILE G 381 -0.38 44.19 -16.09
N ALA G 382 -0.15 45.23 -16.90
CA ALA G 382 1.19 45.49 -17.43
C ALA G 382 2.15 45.87 -16.31
N ASP G 383 1.75 46.82 -15.49
CA ASP G 383 2.53 47.21 -14.33
C ASP G 383 2.58 46.06 -13.30
N LEU G 384 1.47 45.33 -13.18
CA LEU G 384 1.40 44.18 -12.28
C LEU G 384 2.47 43.12 -12.59
N VAL G 385 2.59 42.70 -13.85
CA VAL G 385 3.53 41.63 -14.19
C VAL G 385 5.01 42.04 -14.00
N VAL G 386 5.30 43.32 -14.18
CA VAL G 386 6.66 43.82 -13.99
C VAL G 386 7.01 43.92 -12.50
N GLY G 387 6.17 44.54 -11.69
CA GLY G 387 6.40 44.67 -10.26
C GLY G 387 6.42 43.34 -9.51
N LEU G 388 5.71 42.34 -10.03
CA LEU G 388 5.72 41.02 -9.42
C LEU G 388 6.84 40.15 -9.99
N CYS G 389 7.49 40.66 -11.03
CA CYS G 389 8.68 40.02 -11.64
C CYS G 389 8.42 38.58 -12.06
N THR G 390 7.25 38.30 -12.63
CA THR G 390 6.91 36.91 -12.90
C THR G 390 7.54 36.40 -14.20
N GLY G 391 7.90 37.32 -15.11
CA GLY G 391 8.58 36.91 -16.32
C GLY G 391 7.72 36.40 -17.48
N GLN G 392 6.40 36.37 -17.32
CA GLN G 392 5.52 35.96 -18.41
C GLN G 392 4.12 36.55 -18.28
N ILE G 393 3.58 37.02 -19.40
CA ILE G 393 2.22 37.54 -19.41
C ILE G 393 1.48 37.06 -20.64
N LYS G 394 0.20 36.74 -20.51
CA LYS G 394 -0.60 36.57 -21.72
C LYS G 394 -1.79 37.53 -21.70
N THR G 395 -1.88 38.34 -22.74
CA THR G 395 -2.95 39.32 -22.76
C THR G 395 -3.38 39.59 -24.22
N GLY G 396 -3.41 38.54 -25.02
CA GLY G 396 -4.02 38.61 -26.33
C GLY G 396 -3.09 38.40 -27.52
N ALA G 397 -3.69 38.19 -28.68
CA ALA G 397 -2.97 38.34 -29.93
C ALA G 397 -2.45 39.76 -30.01
N PRO G 398 -1.49 40.03 -30.89
CA PRO G 398 -1.13 41.43 -31.10
C PRO G 398 -2.14 42.12 -32.03
N CYS G 399 -3.39 42.20 -31.57
CA CYS G 399 -4.51 42.67 -32.37
C CYS G 399 -5.67 42.98 -31.42
N ARG G 400 -6.40 44.06 -31.68
CA ARG G 400 -7.44 44.62 -30.80
C ARG G 400 -6.80 45.40 -29.64
N SER G 401 -7.15 46.66 -29.46
CA SER G 401 -6.38 47.48 -28.53
C SER G 401 -6.63 47.21 -27.04
N GLU G 402 -7.66 46.46 -26.69
CA GLU G 402 -7.76 46.03 -25.30
C GLU G 402 -6.61 45.08 -24.99
N ARG G 403 -5.99 44.56 -26.03
CA ARG G 403 -4.80 43.71 -25.87
C ARG G 403 -3.54 44.56 -26.03
N LEU G 404 -3.44 45.29 -27.13
CA LEU G 404 -2.23 46.08 -27.39
C LEU G 404 -1.99 47.16 -26.32
N ALA G 405 -3.04 47.64 -25.67
CA ALA G 405 -2.83 48.64 -24.60
C ALA G 405 -1.87 48.11 -23.53
N LYS G 406 -1.95 46.82 -23.23
CA LYS G 406 -1.08 46.22 -22.23
C LYS G 406 0.33 46.08 -22.80
N TYR G 407 0.41 45.55 -24.02
CA TYR G 407 1.71 45.33 -24.66
C TYR G 407 2.42 46.66 -24.92
N ASN G 408 1.66 47.66 -25.36
CA ASN G 408 2.23 48.99 -25.54
C ASN G 408 2.78 49.55 -24.22
N GLN G 409 2.04 49.35 -23.13
CA GLN G 409 2.44 49.87 -21.83
C GLN G 409 3.73 49.17 -21.35
N LEU G 410 3.84 47.87 -21.59
CA LEU G 410 5.07 47.14 -21.28
C LEU G 410 6.28 47.66 -22.07
N MET G 411 6.05 48.09 -23.31
CA MET G 411 7.15 48.71 -24.06
C MET G 411 7.53 50.05 -23.40
N ARG G 412 6.54 50.79 -22.89
CA ARG G 412 6.84 52.07 -22.22
C ARG G 412 7.66 51.84 -20.94
N ILE G 413 7.30 50.80 -20.20
CA ILE G 413 8.00 50.47 -18.97
C ILE G 413 9.45 50.05 -19.26
N GLU G 414 9.64 49.22 -20.28
CA GLU G 414 10.99 48.82 -20.69
C GLU G 414 11.87 50.04 -21.00
N GLU G 415 11.32 50.94 -21.81
CA GLU G 415 12.00 52.20 -22.14
C GLU G 415 12.33 52.99 -20.86
N GLU G 416 11.36 53.10 -19.96
CA GLU G 416 11.55 53.86 -18.72
C GLU G 416 12.65 53.29 -17.82
N LEU G 417 12.76 51.96 -17.78
CA LEU G 417 13.76 51.28 -16.95
C LEU G 417 15.18 51.44 -17.50
N GLY G 418 15.31 51.81 -18.77
CA GLY G 418 16.61 52.08 -19.37
C GLY G 418 17.56 50.89 -19.32
N ASP G 419 18.79 51.13 -18.88
CA ASP G 419 19.81 50.08 -18.83
C ASP G 419 19.52 49.03 -17.75
N GLU G 420 18.61 49.37 -16.84
CA GLU G 420 18.21 48.51 -15.74
C GLU G 420 17.18 47.46 -16.19
N ALA G 421 16.67 47.63 -17.42
CA ALA G 421 15.67 46.69 -17.93
C ALA G 421 16.29 45.34 -18.30
N ARG G 422 15.74 44.28 -17.70
CA ARG G 422 16.08 42.91 -18.08
C ARG G 422 14.87 42.19 -18.66
N PHE G 423 15.10 41.39 -19.69
CA PHE G 423 14.04 40.64 -20.36
C PHE G 423 14.15 39.17 -19.99
N ALA G 424 13.05 38.58 -19.52
CA ALA G 424 13.09 37.22 -18.98
C ALA G 424 13.68 36.23 -19.98
N GLY G 425 13.30 36.35 -21.24
CA GLY G 425 13.81 35.48 -22.30
C GLY G 425 13.62 33.98 -22.06
N HIS G 426 14.73 33.23 -22.16
CA HIS G 426 14.67 31.77 -22.00
C HIS G 426 14.43 31.40 -20.54
N ASN G 427 14.57 32.37 -19.65
CA ASN G 427 14.24 32.14 -18.24
C ASN G 427 12.82 32.56 -17.84
N PHE G 428 11.85 32.47 -18.74
CA PHE G 428 10.51 32.98 -18.40
C PHE G 428 9.85 32.21 -17.27
N ARG G 429 10.09 30.91 -17.17
CA ARG G 429 9.51 30.11 -16.09
C ARG G 429 10.14 30.46 -14.75
N ASN G 430 11.42 30.80 -14.80
CA ASN G 430 12.26 30.91 -13.62
C ASN G 430 13.10 32.19 -13.61
N PRO G 431 12.44 33.37 -13.64
CA PRO G 431 13.15 34.63 -13.88
C PRO G 431 14.06 35.14 -12.74
N SER G 432 13.90 34.62 -11.53
CA SER G 432 14.66 35.11 -10.37
C SER G 432 16.17 34.89 -10.49
N VAL G 433 16.59 34.04 -11.43
CA VAL G 433 18.02 33.78 -11.65
C VAL G 433 18.75 34.95 -12.31
N LEU G 434 18.01 35.99 -12.70
CA LEU G 434 18.61 37.11 -13.42
C LEU G 434 19.04 38.24 -12.49
N SER H 2 7.22 76.87 -22.36
CA SER H 2 6.07 76.12 -21.82
C SER H 2 6.25 74.60 -22.02
N ILE H 3 6.60 74.19 -23.24
CA ILE H 3 6.93 72.79 -23.50
C ILE H 3 8.33 72.49 -22.95
N GLU H 4 8.41 71.53 -22.05
CA GLU H 4 9.67 71.16 -21.41
C GLU H 4 10.44 70.09 -22.15
N LYS H 5 9.71 69.13 -22.70
CA LYS H 5 10.32 67.97 -23.37
C LYS H 5 9.24 67.25 -24.18
N ILE H 6 9.65 66.68 -25.30
CA ILE H 6 8.78 65.88 -26.14
C ILE H 6 9.50 64.59 -26.45
N TRP H 7 8.82 63.46 -26.28
CA TRP H 7 9.43 62.18 -26.60
C TRP H 7 8.45 61.28 -27.32
N ALA H 8 8.82 60.89 -28.54
CA ALA H 8 7.96 60.04 -29.36
C ALA H 8 8.45 58.60 -29.36
N ARG H 9 7.55 57.66 -29.64
CA ARG H 9 7.91 56.25 -29.70
C ARG H 9 7.04 55.51 -30.68
N GLU H 10 7.48 54.33 -31.07
CA GLU H 10 6.68 53.40 -31.85
C GLU H 10 5.83 52.49 -30.92
N ILE H 11 4.51 52.45 -31.13
CA ILE H 11 3.61 51.50 -30.47
C ILE H 11 2.86 50.71 -31.54
N LEU H 12 2.11 49.69 -31.14
CA LEU H 12 1.28 48.97 -32.12
C LEU H 12 -0.18 49.42 -32.09
N ASP H 13 -0.76 49.63 -33.27
CA ASP H 13 -2.17 49.97 -33.39
C ASP H 13 -3.04 48.71 -33.34
N SER H 14 -4.34 48.89 -33.51
CA SER H 14 -5.33 47.84 -33.25
C SER H 14 -5.25 46.69 -34.23
N ARG H 15 -4.56 46.91 -35.34
CA ARG H 15 -4.35 45.87 -36.33
C ARG H 15 -3.00 45.19 -36.13
N GLY H 16 -2.23 45.70 -35.17
CA GLY H 16 -0.90 45.17 -34.92
C GLY H 16 0.19 45.74 -35.82
N ASN H 17 -0.03 46.93 -36.36
CA ASN H 17 0.99 47.62 -37.17
C ASN H 17 1.56 48.79 -36.41
N PRO H 18 2.84 49.11 -36.63
CA PRO H 18 3.41 50.23 -35.88
C PRO H 18 2.68 51.55 -36.14
N THR H 19 2.62 52.40 -35.13
CA THR H 19 2.22 53.79 -35.34
C THR H 19 2.90 54.67 -34.32
N VAL H 20 2.69 55.97 -34.47
CA VAL H 20 3.37 56.99 -33.68
C VAL H 20 2.66 57.30 -32.36
N GLU H 21 3.41 57.34 -31.27
CA GLU H 21 2.89 57.89 -30.03
C GLU H 21 3.79 58.99 -29.50
N VAL H 22 3.19 60.04 -28.95
CA VAL H 22 3.93 61.19 -28.46
C VAL H 22 3.66 61.51 -26.98
N ASP H 23 4.73 61.60 -26.19
CA ASP H 23 4.67 62.10 -24.82
C ASP H 23 5.13 63.57 -24.79
N LEU H 24 4.29 64.47 -24.29
CA LEU H 24 4.66 65.88 -24.17
C LEU H 24 4.65 66.34 -22.70
N TYR H 25 5.73 66.97 -22.26
CA TYR H 25 5.85 67.38 -20.87
C TYR H 25 5.76 68.89 -20.69
N THR H 26 4.93 69.30 -19.73
CA THR H 26 4.90 70.68 -19.24
C THR H 26 5.10 70.61 -17.74
N ALA H 27 5.09 71.76 -17.08
CA ALA H 27 5.10 71.80 -15.62
C ALA H 27 3.89 71.07 -15.01
N LYS H 28 2.81 70.92 -15.78
CA LYS H 28 1.65 70.19 -15.26
C LYS H 28 1.72 68.67 -15.47
N GLY H 29 2.77 68.19 -16.12
CA GLY H 29 2.92 66.75 -16.25
C GLY H 29 3.00 66.22 -17.67
N LEU H 30 2.63 64.95 -17.82
CA LEU H 30 2.78 64.23 -19.07
C LEU H 30 1.47 64.14 -19.83
N PHE H 31 1.53 64.46 -21.12
CA PHE H 31 0.35 64.43 -21.96
C PHE H 31 0.63 63.58 -23.17
N ARG H 32 -0.17 62.52 -23.35
CA ARG H 32 0.13 61.48 -24.33
C ARG H 32 -0.94 61.39 -25.41
N ALA H 33 -0.51 61.23 -26.65
CA ALA H 33 -1.42 61.04 -27.78
C ALA H 33 -0.85 60.03 -28.76
N ALA H 34 -1.72 59.39 -29.53
CA ALA H 34 -1.28 58.45 -30.56
C ALA H 34 -2.01 58.68 -31.88
N VAL H 35 -1.40 58.21 -32.96
CA VAL H 35 -1.88 58.50 -34.31
C VAL H 35 -2.54 57.27 -34.94
N PRO H 36 -3.74 57.44 -35.50
CA PRO H 36 -4.41 56.32 -36.15
C PRO H 36 -3.90 56.14 -37.58
N SER H 37 -4.36 55.11 -38.29
CA SER H 37 -3.90 54.84 -39.65
C SER H 37 -5.00 54.21 -40.51
N GLY H 38 -5.25 54.78 -41.68
CA GLY H 38 -6.32 54.30 -42.56
C GLY H 38 -6.03 52.98 -43.25
N ALA H 39 -7.08 52.25 -43.62
CA ALA H 39 -6.94 51.02 -44.39
C ALA H 39 -7.35 51.20 -45.86
N SER H 40 -8.33 52.07 -46.10
CA SER H 40 -8.69 52.44 -47.47
C SER H 40 -8.48 53.95 -47.60
N THR H 41 -7.23 54.34 -47.80
CA THR H 41 -6.86 55.74 -47.76
C THR H 41 -7.11 56.41 -49.11
N GLY H 42 -7.60 57.63 -49.07
CA GLY H 42 -7.78 58.37 -50.30
C GLY H 42 -6.42 58.84 -50.78
N ILE H 43 -6.26 58.98 -52.09
CA ILE H 43 -4.97 59.37 -52.67
C ILE H 43 -4.58 60.81 -52.35
N TYR H 44 -5.53 61.62 -51.88
CA TYR H 44 -5.24 63.00 -51.54
C TYR H 44 -4.97 63.22 -50.03
N GLU H 45 -4.90 62.14 -49.26
CA GLU H 45 -4.58 62.27 -47.84
C GLU H 45 -3.13 62.73 -47.67
N ALA H 46 -2.86 63.52 -46.64
CA ALA H 46 -1.49 63.88 -46.29
C ALA H 46 -0.66 62.61 -46.07
N LEU H 47 0.65 62.73 -46.29
CA LEU H 47 1.55 61.58 -46.31
C LEU H 47 1.70 60.91 -44.95
N GLU H 48 1.40 59.62 -44.91
CA GLU H 48 1.76 58.79 -43.78
C GLU H 48 3.17 58.21 -43.99
N LEU H 49 4.13 58.65 -43.18
CA LEU H 49 5.52 58.21 -43.39
C LEU H 49 5.82 56.85 -42.76
N ARG H 50 6.17 55.90 -43.62
CA ARG H 50 6.57 54.56 -43.24
C ARG H 50 8.05 54.39 -43.55
N ASP H 51 8.70 53.46 -42.86
CA ASP H 51 10.14 53.26 -43.02
C ASP H 51 10.51 52.51 -44.29
N GLY H 52 9.68 51.53 -44.66
CA GLY H 52 9.93 50.74 -45.86
C GLY H 52 11.09 49.77 -45.70
N ASP H 53 11.48 49.51 -44.45
CA ASP H 53 12.48 48.49 -44.14
C ASP H 53 11.81 47.12 -44.08
N LYS H 54 11.99 46.33 -45.14
CA LYS H 54 11.30 45.05 -45.30
C LYS H 54 11.69 44.00 -44.25
N GLN H 55 12.73 44.31 -43.47
CA GLN H 55 13.16 43.44 -42.38
C GLN H 55 12.38 43.68 -41.07
N ARG H 56 11.79 44.87 -40.93
CA ARG H 56 10.98 45.21 -39.75
C ARG H 56 9.52 45.43 -40.13
N TYR H 57 8.62 44.61 -39.57
CA TYR H 57 7.19 44.85 -39.71
C TYR H 57 6.79 44.96 -41.18
N LEU H 58 7.47 44.20 -42.03
CA LEU H 58 7.18 44.17 -43.47
C LEU H 58 7.14 45.57 -44.07
N GLY H 59 8.07 46.42 -43.66
CA GLY H 59 8.16 47.77 -44.18
C GLY H 59 7.28 48.82 -43.53
N LYS H 60 6.57 48.48 -42.45
CA LYS H 60 5.60 49.42 -41.89
C LYS H 60 6.08 50.14 -40.64
N GLY H 61 7.35 50.02 -40.30
CA GLY H 61 7.90 50.75 -39.16
C GLY H 61 7.70 52.25 -39.28
N VAL H 62 7.68 52.96 -38.16
CA VAL H 62 7.57 54.42 -38.18
C VAL H 62 8.73 55.06 -37.41
N LEU H 63 9.88 54.41 -37.44
CA LEU H 63 11.08 54.94 -36.79
C LEU H 63 11.52 56.28 -37.36
N LYS H 64 11.30 56.51 -38.65
CA LYS H 64 11.71 57.79 -39.26
C LYS H 64 10.84 58.96 -38.78
N ALA H 65 9.53 58.75 -38.73
CA ALA H 65 8.62 59.77 -38.20
C ALA H 65 8.93 60.06 -36.72
N VAL H 66 9.12 59.01 -35.94
CA VAL H 66 9.51 59.14 -34.55
C VAL H 66 10.79 59.98 -34.39
N ASP H 67 11.78 59.73 -35.24
CA ASP H 67 13.04 60.50 -35.20
C ASP H 67 12.84 61.99 -35.56
N HIS H 68 11.98 62.28 -36.55
CA HIS H 68 11.68 63.68 -36.92
C HIS H 68 11.12 64.44 -35.72
N ILE H 69 10.24 63.78 -34.98
CA ILE H 69 9.65 64.37 -33.77
C ILE H 69 10.71 64.61 -32.68
N ASN H 70 11.44 63.56 -32.32
CA ASN H 70 12.38 63.66 -31.23
C ASN H 70 13.58 64.58 -31.50
N SER H 71 14.13 64.54 -32.71
CA SER H 71 15.36 65.27 -33.03
C SER H 71 15.14 66.65 -33.66
N THR H 72 13.98 66.90 -34.27
CA THR H 72 13.82 68.14 -35.04
C THR H 72 12.59 68.97 -34.62
N ILE H 73 11.44 68.33 -34.48
CA ILE H 73 10.24 69.06 -34.09
C ILE H 73 10.32 69.49 -32.63
N ALA H 74 10.81 68.61 -31.77
CA ALA H 74 10.86 68.92 -30.34
C ALA H 74 11.66 70.19 -30.02
N PRO H 75 12.94 70.29 -30.46
CA PRO H 75 13.64 71.53 -30.10
C PRO H 75 12.99 72.77 -30.70
N ALA H 76 12.46 72.64 -31.91
CA ALA H 76 11.75 73.76 -32.55
C ALA H 76 10.62 74.31 -31.69
N LEU H 77 9.84 73.44 -31.06
CA LEU H 77 8.69 73.89 -30.29
C LEU H 77 9.08 74.31 -28.89
N ILE H 78 10.04 73.61 -28.30
CA ILE H 78 10.58 74.00 -27.00
C ILE H 78 11.20 75.40 -27.13
N SER H 79 11.88 75.62 -28.25
CA SER H 79 12.59 76.88 -28.48
C SER H 79 11.66 78.05 -28.79
N SER H 80 10.45 77.74 -29.25
CA SER H 80 9.46 78.76 -29.56
C SER H 80 9.06 79.54 -28.32
N GLY H 81 9.21 78.91 -27.15
CA GLY H 81 8.76 79.51 -25.90
C GLY H 81 7.25 79.69 -25.81
N LEU H 82 6.53 79.42 -26.90
CA LEU H 82 5.07 79.50 -26.95
C LEU H 82 4.41 78.63 -25.87
N SER H 83 3.28 79.10 -25.34
CA SER H 83 2.49 78.30 -24.40
C SER H 83 1.75 77.17 -25.13
N VAL H 84 1.58 76.04 -24.47
CA VAL H 84 0.81 74.94 -25.05
C VAL H 84 -0.65 75.31 -25.35
N VAL H 85 -1.15 76.40 -24.78
CA VAL H 85 -2.53 76.82 -25.08
C VAL H 85 -2.66 77.39 -26.48
N GLU H 86 -1.52 77.80 -27.06
CA GLU H 86 -1.47 78.40 -28.39
C GLU H 86 -1.42 77.33 -29.46
N GLN H 87 -2.54 76.65 -29.69
CA GLN H 87 -2.61 75.54 -30.62
C GLN H 87 -2.24 75.97 -32.03
N GLU H 88 -2.88 77.02 -32.50
CA GLU H 88 -2.72 77.46 -33.88
C GLU H 88 -1.28 77.88 -34.16
N LYS H 89 -0.67 78.63 -33.25
CA LYS H 89 0.70 79.08 -33.44
C LYS H 89 1.68 77.91 -33.43
N LEU H 90 1.47 76.94 -32.54
CA LEU H 90 2.37 75.78 -32.50
C LEU H 90 2.19 74.90 -33.74
N ASP H 91 0.94 74.70 -34.18
CA ASP H 91 0.69 73.94 -35.42
C ASP H 91 1.35 74.61 -36.64
N ASN H 92 1.12 75.92 -36.80
CA ASN H 92 1.67 76.66 -37.93
C ASN H 92 3.18 76.58 -37.97
N LEU H 93 3.79 76.57 -36.79
CA LEU H 93 5.22 76.39 -36.68
C LEU H 93 5.64 75.06 -37.31
N MET H 94 4.94 73.98 -36.96
CA MET H 94 5.28 72.67 -37.50
C MET H 94 5.03 72.58 -39.02
N LEU H 95 3.92 73.18 -39.48
CA LEU H 95 3.62 73.21 -40.91
C LEU H 95 4.72 73.93 -41.70
N GLU H 96 5.18 75.06 -41.17
CA GLU H 96 6.26 75.82 -41.80
C GLU H 96 7.57 75.05 -41.81
N LEU H 97 7.89 74.38 -40.71
CA LEU H 97 9.13 73.63 -40.60
C LEU H 97 9.13 72.43 -41.54
N ASP H 98 7.98 71.78 -41.72
CA ASP H 98 7.89 70.69 -42.69
C ASP H 98 7.99 71.26 -44.12
N GLY H 99 7.24 72.32 -44.39
CA GLY H 99 7.41 73.09 -45.61
C GLY H 99 6.85 72.52 -46.90
N THR H 100 6.17 71.37 -46.82
CA THR H 100 5.61 70.74 -48.01
C THR H 100 4.08 70.74 -47.97
N GLU H 101 3.44 70.65 -49.13
CA GLU H 101 1.99 70.66 -49.20
C GLU H 101 1.33 69.49 -48.45
N ASN H 102 1.82 68.29 -48.68
CA ASN H 102 1.21 67.09 -48.12
C ASN H 102 1.98 66.50 -46.93
N LYS H 103 2.75 67.35 -46.25
CA LYS H 103 3.55 66.94 -45.09
C LYS H 103 4.48 65.77 -45.40
N SER H 104 5.09 65.78 -46.58
CA SER H 104 5.92 64.64 -47.01
C SER H 104 7.35 64.68 -46.48
N LYS H 105 7.75 65.74 -45.78
CA LYS H 105 9.08 65.73 -45.14
C LYS H 105 9.09 65.00 -43.79
N PHE H 106 8.25 65.43 -42.85
CA PHE H 106 8.19 64.77 -41.54
C PHE H 106 7.20 63.61 -41.51
N GLY H 107 6.20 63.64 -42.38
CA GLY H 107 5.07 62.74 -42.28
C GLY H 107 3.92 63.45 -41.56
N ALA H 108 2.71 63.26 -42.07
CA ALA H 108 1.53 63.76 -41.38
C ALA H 108 1.39 63.06 -40.02
N ASN H 109 1.84 61.81 -39.93
CA ASN H 109 1.78 61.10 -38.66
C ASN H 109 2.75 61.68 -37.62
N ALA H 110 3.88 62.23 -38.06
CA ALA H 110 4.80 62.86 -37.12
C ALA H 110 4.18 64.12 -36.56
N ILE H 111 3.63 64.94 -37.43
CA ILE H 111 3.14 66.25 -37.04
C ILE H 111 1.85 66.15 -36.21
N LEU H 112 0.94 65.26 -36.61
CA LEU H 112 -0.32 65.10 -35.87
C LEU H 112 -0.09 64.58 -34.44
N GLY H 113 0.87 63.67 -34.28
CA GLY H 113 1.18 63.15 -32.96
C GLY H 113 1.47 64.27 -31.99
N VAL H 114 2.34 65.19 -32.40
CA VAL H 114 2.72 66.32 -31.56
C VAL H 114 1.52 67.26 -31.37
N SER H 115 0.79 67.52 -32.45
CA SER H 115 -0.41 68.35 -32.45
C SER H 115 -1.45 67.91 -31.42
N LEU H 116 -1.74 66.62 -31.38
CA LEU H 116 -2.71 66.09 -30.43
C LEU H 116 -2.23 66.24 -28.99
N ALA H 117 -0.97 65.90 -28.76
CA ALA H 117 -0.36 66.04 -27.44
C ALA H 117 -0.39 67.47 -26.93
N VAL H 118 -0.07 68.42 -27.82
CA VAL H 118 -0.09 69.84 -27.49
C VAL H 118 -1.47 70.27 -27.03
N CYS H 119 -2.51 69.81 -27.74
CA CYS H 119 -3.89 70.17 -27.42
C CYS H 119 -4.31 69.64 -26.03
N LYS H 120 -3.83 68.44 -25.69
CA LYS H 120 -4.14 67.85 -24.39
C LYS H 120 -3.41 68.63 -23.32
N ALA H 121 -2.16 68.97 -23.58
CA ALA H 121 -1.39 69.77 -22.65
C ALA H 121 -2.04 71.12 -22.47
N GLY H 122 -2.55 71.67 -23.57
CA GLY H 122 -3.18 72.97 -23.56
C GLY H 122 -4.45 73.01 -22.74
N ALA H 123 -5.28 71.97 -22.87
CA ALA H 123 -6.50 71.88 -22.08
C ALA H 123 -6.18 71.92 -20.59
N ALA H 124 -5.22 71.10 -20.17
CA ALA H 124 -4.79 71.06 -18.76
C ALA H 124 -4.22 72.38 -18.29
N GLU H 125 -3.49 73.07 -19.17
CA GLU H 125 -2.93 74.37 -18.84
C GLU H 125 -4.05 75.39 -18.55
N ARG H 126 -5.16 75.27 -19.26
CA ARG H 126 -6.33 76.12 -19.05
C ARG H 126 -7.21 75.62 -17.92
N GLU H 127 -6.81 74.47 -17.35
CA GLU H 127 -7.61 73.73 -16.39
C GLU H 127 -9.05 73.55 -16.89
N LEU H 128 -9.15 73.10 -18.14
CA LEU H 128 -10.42 72.77 -18.78
C LEU H 128 -10.43 71.31 -19.22
N PRO H 129 -11.62 70.70 -19.25
CA PRO H 129 -11.69 69.42 -19.94
C PRO H 129 -11.36 69.62 -21.41
N LEU H 130 -10.77 68.61 -22.04
CA LEU H 130 -10.33 68.71 -23.41
C LEU H 130 -11.45 69.21 -24.34
N TYR H 131 -12.65 68.64 -24.21
CA TYR H 131 -13.75 69.04 -25.10
C TYR H 131 -14.08 70.54 -24.98
N ARG H 132 -13.93 71.11 -23.78
CA ARG H 132 -14.16 72.55 -23.60
C ARG H 132 -13.01 73.41 -24.16
N HIS H 133 -11.77 72.94 -24.04
CA HIS H 133 -10.62 73.62 -24.66
C HIS H 133 -10.81 73.62 -26.18
N ILE H 134 -11.21 72.48 -26.71
CA ILE H 134 -11.41 72.34 -28.14
C ILE H 134 -12.56 73.23 -28.63
N ALA H 135 -13.64 73.28 -27.86
CA ALA H 135 -14.75 74.21 -28.13
C ALA H 135 -14.25 75.65 -28.25
N GLN H 136 -13.39 76.06 -27.32
CA GLN H 136 -12.89 77.43 -27.32
C GLN H 136 -11.92 77.69 -28.47
N LEU H 137 -11.14 76.68 -28.84
CA LEU H 137 -10.30 76.77 -30.04
C LEU H 137 -11.15 76.99 -31.29
N ALA H 138 -12.34 76.39 -31.31
CA ALA H 138 -13.20 76.45 -32.50
C ALA H 138 -14.18 77.60 -32.44
N GLY H 139 -14.17 78.34 -31.33
CA GLY H 139 -15.10 79.43 -31.14
C GLY H 139 -16.53 79.03 -30.81
N ASN H 140 -16.71 77.84 -30.25
CA ASN H 140 -18.05 77.36 -29.89
C ASN H 140 -18.38 77.61 -28.43
N SER H 141 -19.63 77.95 -28.16
CA SER H 141 -20.09 78.17 -26.79
C SER H 141 -20.80 76.95 -26.26
N ASP H 142 -21.64 76.36 -27.11
CA ASP H 142 -22.49 75.26 -26.67
C ASP H 142 -21.82 73.93 -27.00
N LEU H 143 -22.34 72.85 -26.43
CA LEU H 143 -21.82 71.51 -26.69
C LEU H 143 -22.99 70.58 -26.95
N ILE H 144 -22.73 69.49 -27.66
CA ILE H 144 -23.75 68.47 -27.84
C ILE H 144 -23.13 67.07 -27.89
N LEU H 145 -23.84 66.11 -27.31
CA LEU H 145 -23.46 64.71 -27.45
C LEU H 145 -23.92 64.22 -28.81
N PRO H 146 -23.04 63.52 -29.54
CA PRO H 146 -23.32 63.04 -30.90
C PRO H 146 -24.18 61.78 -30.95
N VAL H 147 -24.87 61.56 -32.05
CA VAL H 147 -25.42 60.24 -32.35
C VAL H 147 -24.25 59.37 -32.79
N PRO H 148 -24.08 58.19 -32.16
CA PRO H 148 -22.99 57.31 -32.63
C PRO H 148 -23.45 56.49 -33.85
N ALA H 149 -22.54 56.24 -34.79
CA ALA H 149 -22.86 55.43 -35.96
C ALA H 149 -22.01 54.15 -35.90
N PHE H 150 -22.69 53.02 -35.69
CA PHE H 150 -22.02 51.75 -35.42
C PHE H 150 -21.90 50.89 -36.67
N ASN H 151 -20.68 50.64 -37.13
CA ASN H 151 -20.43 49.77 -38.29
C ASN H 151 -20.63 48.31 -37.92
N VAL H 152 -21.77 47.72 -38.27
CA VAL H 152 -22.09 46.35 -37.80
C VAL H 152 -22.03 45.27 -38.88
N ILE H 153 -22.06 45.66 -40.15
CA ILE H 153 -21.91 44.71 -41.25
C ILE H 153 -20.83 45.26 -42.17
N ASN H 154 -19.84 44.44 -42.53
CA ASN H 154 -18.71 44.92 -43.30
C ASN H 154 -18.60 44.28 -44.67
N GLY H 155 -18.21 45.09 -45.65
CA GLY H 155 -17.81 44.58 -46.94
C GLY H 155 -16.56 45.35 -47.33
N GLY H 156 -16.31 45.46 -48.64
CA GLY H 156 -15.18 46.27 -49.10
C GLY H 156 -13.86 45.53 -49.23
N SER H 157 -12.78 46.28 -49.44
CA SER H 157 -11.51 45.70 -49.85
C SER H 157 -10.71 45.04 -48.71
N HIS H 158 -11.19 45.17 -47.48
CA HIS H 158 -10.52 44.53 -46.34
C HIS H 158 -11.42 43.58 -45.60
N ALA H 159 -12.48 43.14 -46.28
CA ALA H 159 -13.34 42.10 -45.77
C ALA H 159 -13.15 40.87 -46.64
N GLY H 160 -13.29 39.68 -46.06
CA GLY H 160 -13.10 38.45 -46.80
C GLY H 160 -14.35 37.90 -47.46
N ASN H 161 -15.39 38.71 -47.55
CA ASN H 161 -16.58 38.31 -48.29
C ASN H 161 -16.58 38.95 -49.69
N LYS H 162 -17.64 38.76 -50.46
CA LYS H 162 -17.72 39.34 -51.80
C LYS H 162 -18.41 40.70 -51.80
N LEU H 163 -19.07 41.04 -50.69
CA LEU H 163 -19.78 42.31 -50.53
C LEU H 163 -18.89 43.51 -50.87
N ALA H 164 -19.31 44.33 -51.83
CA ALA H 164 -18.45 45.41 -52.34
C ALA H 164 -18.48 46.66 -51.47
N MET H 165 -19.65 47.01 -50.96
CA MET H 165 -19.77 48.26 -50.21
C MET H 165 -19.21 48.07 -48.80
N GLN H 166 -18.54 49.09 -48.29
CA GLN H 166 -17.62 48.89 -47.17
C GLN H 166 -18.30 48.73 -45.80
N GLU H 167 -19.26 49.60 -45.48
CA GLU H 167 -19.82 49.67 -44.12
C GLU H 167 -21.33 49.86 -44.09
N PHE H 168 -22.00 49.10 -43.22
CA PHE H 168 -23.42 49.28 -42.97
C PHE H 168 -23.60 49.59 -41.50
N MET H 169 -24.06 50.80 -41.20
CA MET H 169 -24.05 51.32 -39.84
C MET H 169 -25.45 51.52 -39.26
N ILE H 170 -25.55 51.50 -37.93
CA ILE H 170 -26.81 51.82 -37.26
C ILE H 170 -26.63 53.05 -36.40
N LEU H 171 -27.63 53.92 -36.46
CA LEU H 171 -27.62 55.20 -35.76
C LEU H 171 -28.84 55.30 -34.84
N PRO H 172 -28.64 55.26 -33.53
CA PRO H 172 -29.78 55.31 -32.62
C PRO H 172 -30.30 56.74 -32.43
N VAL H 173 -30.79 57.35 -33.51
CA VAL H 173 -31.28 58.73 -33.46
C VAL H 173 -32.42 58.93 -32.46
N GLY H 174 -33.14 57.87 -32.15
CA GLY H 174 -34.28 57.96 -31.25
C GLY H 174 -33.98 57.76 -29.78
N ALA H 175 -32.70 57.63 -29.42
CA ALA H 175 -32.35 57.37 -28.02
C ALA H 175 -32.60 58.59 -27.14
N GLU H 176 -32.73 58.36 -25.84
CA GLU H 176 -32.94 59.44 -24.88
C GLU H 176 -31.68 60.23 -24.54
N SER H 177 -30.53 59.59 -24.72
CA SER H 177 -29.25 60.18 -24.28
C SER H 177 -28.12 59.44 -24.96
N PHE H 178 -26.89 59.94 -24.81
CA PHE H 178 -25.79 59.18 -25.40
C PHE H 178 -25.66 57.83 -24.70
N ARG H 179 -25.71 57.83 -23.38
CA ARG H 179 -25.69 56.58 -22.62
C ARG H 179 -26.76 55.60 -23.10
N ASP H 180 -27.97 56.10 -23.35
CA ASP H 180 -29.07 55.26 -23.87
C ASP H 180 -28.77 54.79 -25.28
N ALA H 181 -28.13 55.65 -26.10
CA ALA H 181 -27.75 55.28 -27.45
C ALA H 181 -26.79 54.10 -27.43
N MET H 182 -25.91 54.06 -26.42
CA MET H 182 -24.94 52.98 -26.34
C MET H 182 -25.66 51.66 -26.07
N ARG H 183 -26.73 51.73 -25.28
CA ARG H 183 -27.46 50.52 -24.96
C ARG H 183 -28.18 49.96 -26.18
N LEU H 184 -28.87 50.85 -26.90
CA LEU H 184 -29.56 50.48 -28.14
C LEU H 184 -28.57 49.87 -29.15
N GLY H 185 -27.40 50.50 -29.29
CA GLY H 185 -26.39 50.01 -30.21
C GLY H 185 -25.88 48.62 -29.86
N ALA H 186 -25.53 48.43 -28.59
CA ALA H 186 -25.03 47.13 -28.14
C ALA H 186 -26.08 46.03 -28.25
N GLU H 187 -27.34 46.34 -27.96
CA GLU H 187 -28.38 45.32 -27.98
C GLU H 187 -28.70 44.89 -29.42
N VAL H 188 -28.67 45.82 -30.36
CA VAL H 188 -28.90 45.45 -31.76
C VAL H 188 -27.69 44.64 -32.28
N TYR H 189 -26.49 45.02 -31.86
CA TYR H 189 -25.27 44.30 -32.24
C TYR H 189 -25.28 42.83 -31.77
N HIS H 190 -25.66 42.62 -30.52
CA HIS H 190 -25.72 41.26 -30.00
C HIS H 190 -26.86 40.48 -30.63
N THR H 191 -27.98 41.14 -30.90
CA THR H 191 -29.09 40.54 -31.62
C THR H 191 -28.69 40.13 -33.04
N LEU H 192 -27.98 41.03 -33.72
CA LEU H 192 -27.46 40.74 -35.05
C LEU H 192 -26.49 39.57 -35.06
N LYS H 193 -25.65 39.47 -34.03
CA LYS H 193 -24.76 38.32 -33.92
C LYS H 193 -25.58 37.03 -33.89
N GLY H 194 -26.66 37.04 -33.11
CA GLY H 194 -27.55 35.90 -33.02
C GLY H 194 -28.21 35.59 -34.36
N VAL H 195 -28.65 36.63 -35.06
CA VAL H 195 -29.25 36.48 -36.38
C VAL H 195 -28.26 35.86 -37.39
N ILE H 196 -27.02 36.36 -37.40
CA ILE H 196 -26.00 35.88 -38.32
C ILE H 196 -25.61 34.43 -38.04
N LYS H 197 -25.47 34.10 -36.76
CA LYS H 197 -25.17 32.75 -36.36
C LYS H 197 -26.21 31.77 -36.91
N ASP H 198 -27.47 32.19 -36.91
CA ASP H 198 -28.56 31.34 -37.38
C ASP H 198 -28.63 31.23 -38.90
N LYS H 199 -28.43 32.34 -39.59
CA LYS H 199 -28.60 32.35 -41.04
C LYS H 199 -27.34 31.93 -41.82
N TYR H 200 -26.16 32.18 -41.26
CA TYR H 200 -24.92 31.93 -41.98
C TYR H 200 -24.00 30.94 -41.28
N GLY H 201 -24.38 30.51 -40.08
CA GLY H 201 -23.61 29.51 -39.36
C GLY H 201 -22.79 30.01 -38.18
N LYS H 202 -22.35 29.07 -37.35
CA LYS H 202 -21.61 29.38 -36.13
C LYS H 202 -20.20 29.96 -36.39
N ASP H 203 -19.64 29.68 -37.56
CA ASP H 203 -18.31 30.19 -37.88
C ASP H 203 -18.35 31.57 -38.54
N ALA H 204 -19.53 32.19 -38.57
CA ALA H 204 -19.72 33.42 -39.33
C ALA H 204 -19.71 34.70 -38.49
N THR H 205 -19.38 34.61 -37.21
CA THR H 205 -19.56 35.75 -36.31
C THR H 205 -18.25 36.33 -35.74
N ASN H 206 -17.12 36.04 -36.40
CA ASN H 206 -15.87 36.69 -36.05
C ASN H 206 -15.84 38.09 -36.63
N VAL H 207 -15.05 38.97 -36.03
CA VAL H 207 -15.18 40.38 -36.34
C VAL H 207 -14.07 40.89 -37.25
N GLY H 208 -14.37 41.91 -38.04
CA GLY H 208 -13.38 42.57 -38.87
C GLY H 208 -12.60 43.58 -38.04
N ASP H 209 -11.87 44.46 -38.73
CA ASP H 209 -10.96 45.39 -38.07
C ASP H 209 -11.66 46.34 -37.10
N GLU H 210 -12.90 46.72 -37.41
CA GLU H 210 -13.61 47.67 -36.55
C GLU H 210 -14.74 47.05 -35.74
N GLY H 211 -14.76 45.72 -35.62
CA GLY H 211 -15.71 45.07 -34.74
C GLY H 211 -16.99 44.58 -35.39
N GLY H 212 -17.16 44.85 -36.68
CA GLY H 212 -18.36 44.43 -37.38
C GLY H 212 -18.28 43.00 -37.86
N PHE H 213 -19.40 42.45 -38.30
CA PHE H 213 -19.44 41.09 -38.86
C PHE H 213 -19.33 41.14 -40.38
N ALA H 214 -18.80 40.08 -40.97
CA ALA H 214 -18.61 40.04 -42.41
C ALA H 214 -19.12 38.71 -42.97
N PRO H 215 -20.44 38.51 -42.96
CA PRO H 215 -21.00 37.25 -43.44
C PRO H 215 -20.86 37.16 -44.95
N ASN H 216 -20.82 35.94 -45.50
CA ASN H 216 -20.59 35.76 -46.92
C ASN H 216 -21.82 36.08 -47.75
N ILE H 217 -21.94 37.34 -48.16
CA ILE H 217 -23.01 37.77 -49.07
C ILE H 217 -22.43 38.65 -50.18
N LEU H 218 -23.20 38.89 -51.23
CA LEU H 218 -22.75 39.73 -52.34
C LEU H 218 -23.69 40.90 -52.59
N GLU H 219 -24.98 40.67 -52.40
CA GLU H 219 -25.96 41.74 -52.62
C GLU H 219 -25.95 42.71 -51.45
N ASN H 220 -25.75 43.99 -51.77
CA ASN H 220 -25.70 45.01 -50.75
C ASN H 220 -27.09 45.21 -50.10
N SER H 221 -28.15 44.93 -50.88
CA SER H 221 -29.50 45.01 -50.35
C SER H 221 -29.72 43.92 -49.28
N GLU H 222 -29.00 42.82 -49.40
CA GLU H 222 -29.06 41.75 -48.42
C GLU H 222 -28.46 42.21 -47.09
N ALA H 223 -27.39 42.99 -47.16
CA ALA H 223 -26.76 43.51 -45.96
C ALA H 223 -27.71 44.46 -45.23
N LEU H 224 -28.40 45.30 -46.00
CA LEU H 224 -29.38 46.24 -45.47
C LEU H 224 -30.56 45.53 -44.80
N GLU H 225 -30.99 44.43 -45.42
CA GLU H 225 -32.09 43.62 -44.92
C GLU H 225 -31.70 42.99 -43.59
N LEU H 226 -30.47 42.53 -43.53
CA LEU H 226 -29.90 41.97 -42.31
C LEU H 226 -29.94 42.97 -41.17
N VAL H 227 -29.44 44.17 -41.44
CA VAL H 227 -29.42 45.20 -40.42
C VAL H 227 -30.84 45.57 -39.96
N LYS H 228 -31.73 45.78 -40.91
CA LYS H 228 -33.13 46.07 -40.60
C LYS H 228 -33.76 44.97 -39.73
N GLU H 229 -33.44 43.72 -40.04
CA GLU H 229 -33.98 42.59 -39.28
C GLU H 229 -33.50 42.61 -37.81
N ALA H 230 -32.22 42.91 -37.60
CA ALA H 230 -31.69 42.99 -36.24
C ALA H 230 -32.31 44.14 -35.47
N ILE H 231 -32.50 45.28 -36.12
CA ILE H 231 -33.15 46.42 -35.49
C ILE H 231 -34.58 46.04 -35.05
N ASP H 232 -35.29 45.36 -35.93
CA ASP H 232 -36.69 45.04 -35.66
C ASP H 232 -36.77 43.95 -34.58
N LYS H 233 -35.90 42.95 -34.63
CA LYS H 233 -35.90 41.92 -33.57
C LYS H 233 -35.51 42.47 -32.20
N ALA H 234 -34.66 43.49 -32.17
CA ALA H 234 -34.28 44.09 -30.89
C ALA H 234 -35.41 44.98 -30.36
N GLY H 235 -36.38 45.27 -31.22
CA GLY H 235 -37.54 46.04 -30.82
C GLY H 235 -37.41 47.55 -30.96
N TYR H 236 -36.47 47.99 -31.80
CA TYR H 236 -36.18 49.41 -31.89
C TYR H 236 -36.44 50.01 -33.27
N THR H 237 -37.41 49.50 -33.99
CA THR H 237 -37.65 49.96 -35.36
C THR H 237 -37.83 51.47 -35.49
N GLU H 238 -38.54 52.10 -34.56
CA GLU H 238 -38.78 53.54 -34.74
C GLU H 238 -37.62 54.41 -34.24
N LYS H 239 -36.56 53.80 -33.69
CA LYS H 239 -35.56 54.59 -32.98
C LYS H 239 -34.16 54.53 -33.58
N ILE H 240 -33.95 53.61 -34.52
CA ILE H 240 -32.63 53.42 -35.11
C ILE H 240 -32.72 53.44 -36.63
N VAL H 241 -31.87 54.24 -37.27
CA VAL H 241 -31.82 54.28 -38.73
C VAL H 241 -30.46 53.77 -39.23
N ILE H 242 -30.26 53.82 -40.54
CA ILE H 242 -29.11 53.18 -41.16
C ILE H 242 -28.21 54.17 -41.92
N GLY H 243 -26.90 53.97 -41.79
CA GLY H 243 -25.92 54.72 -42.57
C GLY H 243 -25.06 53.78 -43.42
N MET H 244 -24.45 54.31 -44.47
CA MET H 244 -23.56 53.50 -45.31
C MET H 244 -22.27 54.24 -45.62
N ASP H 245 -21.15 53.51 -45.63
CA ASP H 245 -19.94 54.00 -46.27
C ASP H 245 -19.67 53.05 -47.41
N VAL H 246 -19.90 53.54 -48.62
CA VAL H 246 -19.72 52.73 -49.81
C VAL H 246 -18.23 52.53 -50.10
N ALA H 247 -17.46 53.60 -49.90
CA ALA H 247 -16.04 53.65 -50.24
C ALA H 247 -15.84 53.33 -51.73
N ALA H 248 -16.57 54.03 -52.58
CA ALA H 248 -16.62 53.70 -54.01
C ALA H 248 -15.28 53.82 -54.73
N SER H 249 -14.34 54.58 -54.19
CA SER H 249 -13.00 54.68 -54.83
C SER H 249 -12.31 53.32 -54.84
N GLU H 250 -12.72 52.44 -53.94
CA GLU H 250 -12.09 51.13 -53.82
C GLU H 250 -12.49 50.17 -54.94
N PHE H 251 -13.64 50.40 -55.58
CA PHE H 251 -14.04 49.52 -56.69
C PHE H 251 -14.26 50.30 -58.00
N TYR H 252 -13.64 51.48 -58.06
CA TYR H 252 -13.66 52.30 -59.25
C TYR H 252 -12.67 51.73 -60.27
N ARG H 253 -13.17 51.37 -61.45
CA ARG H 253 -12.35 50.75 -62.50
C ARG H 253 -12.67 51.36 -63.85
N ASP H 254 -11.71 52.05 -64.44
CA ASP H 254 -11.83 52.53 -65.82
C ASP H 254 -13.10 53.32 -66.06
N GLY H 255 -13.30 54.36 -65.26
CA GLY H 255 -14.48 55.21 -65.39
C GLY H 255 -15.77 54.56 -64.93
N LYS H 256 -15.71 53.27 -64.59
CA LYS H 256 -16.89 52.53 -64.15
C LYS H 256 -16.74 52.06 -62.72
N TYR H 257 -17.72 51.28 -62.26
CA TYR H 257 -17.78 50.80 -60.88
C TYR H 257 -18.07 49.30 -60.84
N ASP H 258 -17.26 48.57 -60.10
CA ASP H 258 -17.33 47.11 -60.06
C ASP H 258 -17.89 46.59 -58.72
N LEU H 259 -19.17 46.26 -58.68
CA LEU H 259 -19.77 45.77 -57.45
C LEU H 259 -19.46 44.30 -57.16
N ASP H 260 -18.52 43.72 -57.90
CA ASP H 260 -18.05 42.37 -57.61
C ASP H 260 -16.52 42.34 -57.78
N PHE H 261 -15.86 43.39 -57.29
CA PHE H 261 -14.45 43.58 -57.57
C PHE H 261 -13.53 42.58 -56.84
N LYS H 262 -14.07 41.82 -55.91
CA LYS H 262 -13.24 40.81 -55.25
C LYS H 262 -13.42 39.43 -55.89
N SER H 263 -14.17 39.38 -56.99
CA SER H 263 -14.20 38.22 -57.90
C SER H 263 -13.25 38.50 -59.07
N PRO H 264 -12.75 37.44 -59.75
CA PRO H 264 -11.80 37.63 -60.86
C PRO H 264 -12.34 38.61 -61.92
N THR H 265 -11.44 39.47 -62.39
CA THR H 265 -11.79 40.62 -63.21
C THR H 265 -12.62 40.29 -64.44
N ASP H 266 -13.64 41.12 -64.68
CA ASP H 266 -14.53 40.98 -65.83
C ASP H 266 -15.24 42.30 -66.07
N PRO H 267 -14.71 43.12 -66.99
CA PRO H 267 -15.25 44.46 -67.26
C PRO H 267 -16.72 44.49 -67.69
N SER H 268 -17.29 43.33 -68.02
CA SER H 268 -18.66 43.29 -68.50
C SER H 268 -19.69 43.53 -67.39
N ARG H 269 -19.28 43.37 -66.14
CA ARG H 269 -20.21 43.58 -65.02
C ARG H 269 -20.13 45.01 -64.47
N TYR H 270 -19.21 45.83 -65.01
CA TYR H 270 -19.04 47.20 -64.52
C TYR H 270 -20.26 48.06 -64.82
N ILE H 271 -20.60 48.96 -63.91
CA ILE H 271 -21.73 49.86 -64.11
C ILE H 271 -21.30 51.32 -64.03
N THR H 272 -22.12 52.23 -64.56
CA THR H 272 -21.82 53.66 -64.49
C THR H 272 -22.26 54.28 -63.16
N GLY H 273 -21.79 55.49 -62.89
CA GLY H 273 -22.23 56.26 -61.75
C GLY H 273 -23.73 56.49 -61.71
N ASP H 274 -24.34 56.63 -62.88
CA ASP H 274 -25.78 56.82 -62.98
C ASP H 274 -26.54 55.58 -62.52
N GLN H 275 -26.11 54.41 -62.98
CA GLN H 275 -26.73 53.16 -62.54
C GLN H 275 -26.56 52.96 -61.04
N LEU H 276 -25.36 53.28 -60.56
CA LEU H 276 -25.04 53.18 -59.14
C LEU H 276 -25.96 54.08 -58.34
N GLY H 277 -26.23 55.27 -58.86
CA GLY H 277 -27.12 56.23 -58.23
C GLY H 277 -28.54 55.72 -58.15
N ALA H 278 -29.00 55.01 -59.18
CA ALA H 278 -30.35 54.47 -59.17
C ALA H 278 -30.47 53.35 -58.15
N LEU H 279 -29.37 52.62 -57.95
CA LEU H 279 -29.33 51.59 -56.92
C LEU H 279 -29.46 52.23 -55.52
N TYR H 280 -28.76 53.35 -55.30
CA TYR H 280 -28.86 54.08 -54.03
C TYR H 280 -30.27 54.61 -53.77
N GLN H 281 -30.94 55.12 -54.82
CA GLN H 281 -32.31 55.61 -54.68
C GLN H 281 -33.23 54.47 -54.20
N ASP H 282 -33.01 53.26 -54.70
CA ASP H 282 -33.76 52.11 -54.22
C ASP H 282 -33.56 51.88 -52.73
N PHE H 283 -32.30 51.88 -52.29
CA PHE H 283 -31.99 51.69 -50.88
C PHE H 283 -32.70 52.73 -50.01
N VAL H 284 -32.66 53.99 -50.43
CA VAL H 284 -33.25 55.08 -49.64
C VAL H 284 -34.77 54.95 -49.59
N ARG H 285 -35.36 54.39 -50.65
CA ARG H 285 -36.79 54.11 -50.69
C ARG H 285 -37.18 52.89 -49.85
N ASP H 286 -36.37 51.83 -49.88
CA ASP H 286 -36.77 50.56 -49.31
C ASP H 286 -36.29 50.32 -47.88
N TYR H 287 -35.38 51.16 -47.41
CA TYR H 287 -34.79 51.00 -46.08
C TYR H 287 -34.62 52.37 -45.41
N PRO H 288 -34.51 52.40 -44.08
CA PRO H 288 -34.30 53.67 -43.36
C PRO H 288 -32.85 54.18 -43.45
N VAL H 289 -32.40 54.37 -44.68
CA VAL H 289 -31.07 54.88 -44.95
C VAL H 289 -31.07 56.40 -44.99
N VAL H 290 -30.42 57.03 -44.01
CA VAL H 290 -30.41 58.47 -43.90
C VAL H 290 -29.06 59.12 -44.27
N SER H 291 -28.05 58.31 -44.56
CA SER H 291 -26.71 58.82 -44.83
C SER H 291 -25.92 57.84 -45.70
N ILE H 292 -25.27 58.38 -46.75
CA ILE H 292 -24.42 57.57 -47.61
C ILE H 292 -23.07 58.27 -47.84
N GLU H 293 -21.99 57.59 -47.45
CA GLU H 293 -20.65 58.13 -47.49
C GLU H 293 -19.88 57.59 -48.69
N ASP H 294 -19.09 58.46 -49.34
CA ASP H 294 -18.33 58.12 -50.56
C ASP H 294 -19.12 57.25 -51.56
N PRO H 295 -20.31 57.72 -52.01
CA PRO H 295 -21.07 56.95 -52.99
C PRO H 295 -20.38 56.84 -54.35
N PHE H 296 -19.48 57.77 -54.66
CA PHE H 296 -18.70 57.72 -55.91
C PHE H 296 -17.21 57.91 -55.66
N ASP H 297 -16.42 57.72 -56.71
CA ASP H 297 -14.96 57.85 -56.63
C ASP H 297 -14.52 59.24 -56.21
N GLN H 298 -13.31 59.31 -55.63
CA GLN H 298 -12.72 60.54 -55.11
C GLN H 298 -12.46 61.61 -56.17
N ASP H 299 -12.48 61.21 -57.45
CA ASP H 299 -12.27 62.15 -58.55
C ASP H 299 -13.52 62.35 -59.41
N ASP H 300 -14.58 61.60 -59.14
CA ASP H 300 -15.74 61.59 -60.02
C ASP H 300 -16.76 62.67 -59.61
N TRP H 301 -16.34 63.92 -59.71
CA TRP H 301 -17.09 65.06 -59.17
C TRP H 301 -18.50 65.23 -59.74
N ALA H 302 -18.65 64.95 -61.03
CA ALA H 302 -19.93 65.11 -61.71
C ALA H 302 -20.99 64.19 -61.11
N ALA H 303 -20.64 62.93 -60.86
CA ALA H 303 -21.57 61.95 -60.31
C ALA H 303 -22.04 62.32 -58.90
N TRP H 304 -21.11 62.79 -58.08
CA TRP H 304 -21.41 63.33 -56.75
C TRP H 304 -22.46 64.45 -56.85
N SER H 305 -22.15 65.47 -57.65
CA SER H 305 -23.00 66.65 -57.75
C SER H 305 -24.39 66.28 -58.25
N LYS H 306 -24.43 65.35 -59.21
CA LYS H 306 -25.71 64.94 -59.81
C LYS H 306 -26.59 64.22 -58.79
N PHE H 307 -25.96 63.34 -58.02
CA PHE H 307 -26.68 62.54 -57.07
C PHE H 307 -27.18 63.38 -55.89
N THR H 308 -26.32 64.23 -55.37
CA THR H 308 -26.64 65.03 -54.21
C THR H 308 -27.83 65.96 -54.51
N ALA H 309 -27.89 66.45 -55.74
CA ALA H 309 -28.98 67.33 -56.18
C ALA H 309 -30.31 66.58 -56.29
N ASN H 310 -30.26 65.26 -56.35
CA ASN H 310 -31.46 64.42 -56.51
C ASN H 310 -31.87 63.55 -55.32
N VAL H 311 -31.26 63.73 -54.15
CA VAL H 311 -31.73 63.04 -52.93
C VAL H 311 -31.85 64.02 -51.76
N GLY H 312 -32.56 63.61 -50.71
CA GLY H 312 -32.82 64.49 -49.59
C GLY H 312 -32.04 64.11 -48.34
N ILE H 313 -31.33 62.99 -48.41
CA ILE H 313 -30.56 62.45 -47.28
C ILE H 313 -29.15 63.03 -47.14
N GLN H 314 -28.42 62.58 -46.14
CA GLN H 314 -27.06 63.04 -45.92
C GLN H 314 -26.09 62.37 -46.90
N ILE H 315 -25.25 63.17 -47.56
CA ILE H 315 -24.21 62.64 -48.45
C ILE H 315 -22.82 63.04 -47.95
N VAL H 316 -22.01 62.06 -47.58
CA VAL H 316 -20.77 62.33 -46.85
C VAL H 316 -19.50 62.20 -47.69
N GLY H 317 -18.69 63.25 -47.70
CA GLY H 317 -17.36 63.18 -48.29
C GLY H 317 -16.30 62.63 -47.33
N ASP H 318 -15.60 61.58 -47.75
CA ASP H 318 -14.51 61.03 -46.96
C ASP H 318 -13.25 61.12 -47.81
N ASP H 319 -13.07 60.18 -48.73
CA ASP H 319 -11.95 60.21 -49.67
C ASP H 319 -12.06 61.38 -50.64
N LEU H 320 -13.28 61.79 -50.95
CA LEU H 320 -13.49 62.97 -51.79
C LEU H 320 -12.86 64.20 -51.18
N THR H 321 -13.04 64.37 -49.87
CA THR H 321 -12.70 65.63 -49.22
C THR H 321 -11.41 65.56 -48.39
N VAL H 322 -11.06 64.37 -47.91
CA VAL H 322 -9.88 64.13 -47.04
C VAL H 322 -9.55 65.27 -46.05
N THR H 323 -10.58 65.71 -45.33
CA THR H 323 -10.49 66.70 -44.25
C THR H 323 -9.59 67.90 -44.67
N ASN H 324 -9.67 68.24 -45.94
CA ASN H 324 -8.76 69.23 -46.56
C ASN H 324 -9.52 70.46 -47.03
N PRO H 325 -9.34 71.61 -46.34
CA PRO H 325 -10.09 72.84 -46.68
C PRO H 325 -10.08 73.16 -48.18
N LYS H 326 -9.00 72.83 -48.90
CA LYS H 326 -8.95 73.11 -50.33
C LYS H 326 -9.92 72.24 -51.11
N ARG H 327 -9.99 70.96 -50.75
CA ARG H 327 -10.90 70.08 -51.46
C ARG H 327 -12.32 70.30 -50.99
N ILE H 328 -12.48 70.70 -49.73
CA ILE H 328 -13.81 71.05 -49.22
C ILE H 328 -14.37 72.28 -49.96
N GLU H 329 -13.52 73.27 -50.20
CA GLU H 329 -13.96 74.48 -50.90
C GLU H 329 -14.56 74.14 -52.24
N ARG H 330 -13.90 73.23 -52.95
CA ARG H 330 -14.36 72.82 -54.27
C ARG H 330 -15.66 72.03 -54.18
N ALA H 331 -15.81 71.21 -53.14
CA ALA H 331 -17.02 70.42 -52.98
C ALA H 331 -18.21 71.33 -52.70
N VAL H 332 -17.95 72.41 -51.96
CA VAL H 332 -18.98 73.37 -51.61
C VAL H 332 -19.46 74.08 -52.86
N GLU H 333 -18.51 74.60 -53.65
CA GLU H 333 -18.82 75.24 -54.91
C GLU H 333 -19.62 74.34 -55.84
N GLU H 334 -19.22 73.07 -55.93
CA GLU H 334 -19.89 72.15 -56.84
C GLU H 334 -21.08 71.42 -56.21
N LYS H 335 -21.37 71.72 -54.94
CA LYS H 335 -22.40 70.99 -54.19
C LYS H 335 -22.26 69.49 -54.37
N ALA H 336 -21.04 68.98 -54.16
CA ALA H 336 -20.76 67.57 -54.38
C ALA H 336 -21.34 66.68 -53.27
N CYS H 337 -21.49 67.25 -52.08
CA CYS H 337 -21.97 66.49 -50.91
C CYS H 337 -22.49 67.49 -49.90
N ASN H 338 -23.07 67.03 -48.79
CA ASN H 338 -23.54 67.96 -47.76
C ASN H 338 -23.06 67.61 -46.35
N CYS H 339 -22.05 66.76 -46.26
CA CYS H 339 -21.46 66.42 -44.97
C CYS H 339 -19.97 66.07 -45.10
N LEU H 340 -19.18 66.55 -44.15
CA LEU H 340 -17.75 66.26 -44.10
C LEU H 340 -17.48 65.16 -43.10
N LEU H 341 -16.75 64.11 -43.52
CA LEU H 341 -16.19 63.17 -42.57
C LEU H 341 -14.84 63.70 -42.07
N LEU H 342 -14.71 63.85 -40.75
CA LEU H 342 -13.56 64.54 -40.18
C LEU H 342 -12.55 63.58 -39.59
N LYS H 343 -11.43 63.43 -40.29
CA LYS H 343 -10.33 62.58 -39.88
C LYS H 343 -9.06 63.40 -39.73
N VAL H 344 -8.64 63.64 -38.49
CA VAL H 344 -7.50 64.52 -38.23
C VAL H 344 -6.23 64.07 -38.93
N ASN H 345 -6.03 62.76 -39.16
CA ASN H 345 -4.77 62.31 -39.77
C ASN H 345 -4.82 62.35 -41.29
N GLN H 346 -5.97 62.71 -41.86
CA GLN H 346 -6.08 62.93 -43.30
C GLN H 346 -5.42 64.24 -43.68
N ILE H 347 -5.34 65.17 -42.73
CA ILE H 347 -4.86 66.50 -43.02
C ILE H 347 -3.61 66.76 -42.16
N GLY H 348 -3.55 66.17 -40.97
CA GLY H 348 -2.31 66.15 -40.23
C GLY H 348 -2.12 67.11 -39.06
N SER H 349 -3.16 67.87 -38.72
CA SER H 349 -3.05 68.72 -37.54
C SER H 349 -4.42 69.07 -36.98
N VAL H 350 -4.46 69.42 -35.70
CA VAL H 350 -5.71 69.77 -35.05
C VAL H 350 -6.27 71.07 -35.61
N THR H 351 -5.40 72.06 -35.77
CA THR H 351 -5.79 73.36 -36.30
C THR H 351 -6.43 73.24 -37.69
N GLU H 352 -5.83 72.46 -38.58
CA GLU H 352 -6.37 72.29 -39.92
C GLU H 352 -7.68 71.50 -39.91
N ALA H 353 -7.78 70.53 -39.02
CA ALA H 353 -9.01 69.76 -38.91
C ALA H 353 -10.14 70.66 -38.39
N ILE H 354 -9.83 71.54 -37.44
CA ILE H 354 -10.83 72.50 -36.93
C ILE H 354 -11.24 73.51 -38.01
N GLN H 355 -10.27 73.97 -38.79
CA GLN H 355 -10.53 74.79 -39.97
C GLN H 355 -11.51 74.11 -40.91
N ALA H 356 -11.25 72.85 -41.19
CA ALA H 356 -12.08 72.10 -42.12
C ALA H 356 -13.51 71.97 -41.60
N CYS H 357 -13.64 71.74 -40.29
CA CYS H 357 -14.96 71.62 -39.68
C CYS H 357 -15.76 72.92 -39.78
N LYS H 358 -15.13 74.02 -39.41
CA LYS H 358 -15.75 75.34 -39.47
C LYS H 358 -16.20 75.66 -40.88
N LEU H 359 -15.39 75.30 -41.85
CA LEU H 359 -15.70 75.57 -43.26
C LEU H 359 -16.94 74.82 -43.71
N ALA H 360 -17.00 73.53 -43.39
CA ALA H 360 -18.19 72.73 -43.68
C ALA H 360 -19.44 73.33 -43.00
N GLN H 361 -19.33 73.62 -41.70
CA GLN H 361 -20.47 74.11 -40.92
C GLN H 361 -20.98 75.48 -41.39
N GLU H 362 -20.05 76.37 -41.72
CA GLU H 362 -20.39 77.69 -42.26
C GLU H 362 -21.21 77.58 -43.53
N ASN H 363 -21.06 76.48 -44.25
CA ASN H 363 -21.79 76.28 -45.49
C ASN H 363 -22.97 75.31 -45.35
N GLY H 364 -23.40 75.08 -44.11
CA GLY H 364 -24.59 74.32 -43.86
C GLY H 364 -24.43 72.82 -43.98
N TRP H 365 -23.20 72.36 -44.11
CA TRP H 365 -22.89 70.93 -44.09
C TRP H 365 -23.03 70.35 -42.68
N GLY H 366 -23.30 69.05 -42.60
CA GLY H 366 -23.09 68.33 -41.37
C GLY H 366 -21.61 67.98 -41.31
N VAL H 367 -21.15 67.54 -40.14
CA VAL H 367 -19.81 67.03 -39.98
C VAL H 367 -19.90 65.78 -39.12
N MET H 368 -19.30 64.68 -39.59
CA MET H 368 -19.25 63.45 -38.81
C MET H 368 -17.79 63.17 -38.48
N VAL H 369 -17.45 63.18 -37.20
CA VAL H 369 -16.09 62.84 -36.77
C VAL H 369 -15.89 61.33 -36.94
N SER H 370 -14.67 60.89 -37.28
CA SER H 370 -14.44 59.48 -37.65
C SER H 370 -13.12 58.91 -37.13
N HIS H 371 -13.14 57.63 -36.79
CA HIS H 371 -11.95 56.84 -36.56
C HIS H 371 -11.25 56.47 -37.88
N ARG H 372 -10.13 55.77 -37.77
CA ARG H 372 -9.55 55.09 -38.92
C ARG H 372 -9.65 53.61 -38.61
N SER H 373 -9.37 52.77 -39.60
CA SER H 373 -9.38 51.35 -39.37
C SER H 373 -8.28 50.94 -38.37
N GLY H 374 -7.10 51.52 -38.50
CA GLY H 374 -6.05 51.30 -37.53
C GLY H 374 -6.20 52.32 -36.42
N GLU H 375 -6.69 51.89 -35.26
CA GLU H 375 -6.88 52.80 -34.15
C GLU H 375 -5.97 52.44 -32.99
N THR H 376 -6.03 53.24 -31.94
CA THR H 376 -5.29 52.99 -30.71
C THR H 376 -6.22 53.19 -29.52
N GLU H 377 -5.67 53.05 -28.32
CA GLU H 377 -6.38 53.29 -27.07
C GLU H 377 -6.65 54.79 -26.81
N ASP H 378 -6.14 55.65 -27.70
CA ASP H 378 -6.35 57.11 -27.63
C ASP H 378 -7.85 57.48 -27.76
N THR H 379 -8.30 58.48 -27.02
CA THR H 379 -9.72 58.84 -27.06
C THR H 379 -9.94 60.30 -27.45
N PHE H 380 -8.92 60.91 -28.06
CA PHE H 380 -9.02 62.29 -28.50
C PHE H 380 -10.32 62.64 -29.25
N ILE H 381 -10.71 61.81 -30.20
CA ILE H 381 -11.83 62.21 -31.07
C ILE H 381 -13.19 62.23 -30.34
N ALA H 382 -13.27 61.61 -29.16
CA ALA H 382 -14.49 61.71 -28.37
C ALA H 382 -14.66 63.15 -27.86
N ASP H 383 -13.59 63.70 -27.31
CA ASP H 383 -13.61 65.10 -26.90
C ASP H 383 -13.78 66.03 -28.09
N LEU H 384 -13.13 65.70 -29.22
CA LEU H 384 -13.20 66.52 -30.42
C LEU H 384 -14.65 66.69 -30.92
N VAL H 385 -15.39 65.59 -31.04
CA VAL H 385 -16.76 65.68 -31.59
C VAL H 385 -17.69 66.46 -30.66
N VAL H 386 -17.46 66.40 -29.36
CA VAL H 386 -18.29 67.17 -28.43
C VAL H 386 -17.93 68.65 -28.53
N GLY H 387 -16.63 68.94 -28.54
CA GLY H 387 -16.14 70.31 -28.64
C GLY H 387 -16.49 71.04 -29.94
N LEU H 388 -16.54 70.29 -31.04
CA LEU H 388 -16.91 70.86 -32.33
C LEU H 388 -18.43 70.82 -32.54
N CYS H 389 -19.15 70.25 -31.58
CA CYS H 389 -20.62 70.19 -31.66
CA CYS H 389 -20.61 70.19 -31.64
C CYS H 389 -21.14 69.67 -32.98
N THR H 390 -20.58 68.57 -33.48
CA THR H 390 -21.02 68.13 -34.81
C THR H 390 -22.25 67.23 -34.78
N GLY H 391 -22.54 66.63 -33.63
CA GLY H 391 -23.74 65.83 -33.49
C GLY H 391 -23.71 64.42 -34.04
N GLN H 392 -22.56 63.99 -34.56
CA GLN H 392 -22.44 62.63 -35.09
C GLN H 392 -20.99 62.14 -35.17
N ILE H 393 -20.77 60.92 -34.71
CA ILE H 393 -19.44 60.30 -34.71
C ILE H 393 -19.52 58.84 -35.15
N LYS H 394 -18.60 58.39 -36.00
CA LYS H 394 -18.53 56.96 -36.26
C LYS H 394 -17.16 56.47 -35.80
N THR H 395 -17.15 55.54 -34.86
CA THR H 395 -15.86 55.07 -34.35
C THR H 395 -15.92 53.59 -33.98
N GLY H 396 -16.67 52.83 -34.80
CA GLY H 396 -16.62 51.37 -34.78
C GLY H 396 -17.88 50.72 -34.29
N ALA H 397 -17.93 49.39 -34.42
CA ALA H 397 -18.96 48.61 -33.75
C ALA H 397 -18.78 48.77 -32.24
N PRO H 398 -19.80 48.41 -31.45
CA PRO H 398 -19.61 48.44 -29.99
C PRO H 398 -18.82 47.21 -29.50
N CYS H 399 -17.65 47.01 -30.11
CA CYS H 399 -16.85 45.82 -29.91
C CYS H 399 -15.40 46.15 -30.30
N ARG H 400 -14.43 45.64 -29.53
CA ARG H 400 -12.98 45.97 -29.59
C ARG H 400 -12.73 47.31 -28.91
N SER H 401 -11.82 47.35 -27.94
CA SER H 401 -11.73 48.52 -27.08
C SER H 401 -11.08 49.74 -27.73
N GLU H 402 -10.49 49.59 -28.91
CA GLU H 402 -10.04 50.80 -29.60
C GLU H 402 -11.28 51.57 -30.09
N ARG H 403 -12.43 50.89 -30.17
CA ARG H 403 -13.70 51.55 -30.47
C ARG H 403 -14.40 51.96 -29.17
N LEU H 404 -14.58 51.02 -28.25
CA LEU H 404 -15.26 51.31 -26.99
C LEU H 404 -14.59 52.37 -26.15
N ALA H 405 -13.28 52.53 -26.30
CA ALA H 405 -12.58 53.55 -25.53
C ALA H 405 -13.17 54.92 -25.82
N LYS H 406 -13.49 55.16 -27.10
CA LYS H 406 -14.13 56.40 -27.51
C LYS H 406 -15.57 56.51 -26.98
N TYR H 407 -16.36 55.47 -27.15
CA TYR H 407 -17.75 55.49 -26.70
C TYR H 407 -17.83 55.63 -25.18
N ASN H 408 -16.96 54.94 -24.45
CA ASN H 408 -16.90 55.07 -23.00
C ASN H 408 -16.59 56.50 -22.59
N GLN H 409 -15.64 57.12 -23.28
CA GLN H 409 -15.29 58.52 -23.00
C GLN H 409 -16.49 59.45 -23.25
N LEU H 410 -17.25 59.20 -24.30
CA LEU H 410 -18.43 60.02 -24.56
C LEU H 410 -19.49 59.85 -23.45
N MET H 411 -19.60 58.65 -22.89
CA MET H 411 -20.49 58.48 -21.73
C MET H 411 -19.98 59.26 -20.51
N ARG H 412 -18.67 59.25 -20.30
CA ARG H 412 -18.08 60.01 -19.19
C ARG H 412 -18.27 61.51 -19.39
N ILE H 413 -18.17 61.97 -20.63
CA ILE H 413 -18.38 63.37 -20.93
C ILE H 413 -19.84 63.77 -20.68
N GLU H 414 -20.78 62.92 -21.10
CA GLU H 414 -22.21 63.18 -20.87
C GLU H 414 -22.49 63.33 -19.38
N GLU H 415 -21.91 62.43 -18.60
CA GLU H 415 -22.04 62.42 -17.14
C GLU H 415 -21.54 63.73 -16.52
N GLU H 416 -20.35 64.15 -16.93
CA GLU H 416 -19.73 65.34 -16.39
C GLU H 416 -20.52 66.61 -16.75
N LEU H 417 -21.18 66.60 -17.90
CA LEU H 417 -21.93 67.76 -18.34
C LEU H 417 -23.22 67.93 -17.55
N GLY H 418 -23.62 66.87 -16.84
CA GLY H 418 -24.80 66.92 -15.98
C GLY H 418 -26.04 67.35 -16.71
N ASP H 419 -26.73 68.34 -16.14
CA ASP H 419 -27.98 68.87 -16.71
C ASP H 419 -27.75 69.54 -18.06
N GLU H 420 -26.53 70.03 -18.26
CA GLU H 420 -26.14 70.71 -19.47
C GLU H 420 -26.01 69.75 -20.66
N ALA H 421 -26.06 68.45 -20.39
CA ALA H 421 -25.94 67.46 -21.46
C ALA H 421 -27.17 67.47 -22.39
N ARG H 422 -26.92 67.69 -23.68
CA ARG H 422 -27.93 67.58 -24.74
C ARG H 422 -27.50 66.56 -25.80
N PHE H 423 -28.43 65.74 -26.26
CA PHE H 423 -28.18 64.69 -27.23
C PHE H 423 -28.71 65.13 -28.60
N ALA H 424 -27.91 64.94 -29.66
CA ALA H 424 -28.28 65.47 -30.98
C ALA H 424 -29.53 64.82 -31.57
N GLY H 425 -29.67 63.52 -31.33
CA GLY H 425 -30.86 62.79 -31.75
C GLY H 425 -31.17 62.85 -33.24
N HIS H 426 -32.41 63.22 -33.56
CA HIS H 426 -32.81 63.33 -34.96
C HIS H 426 -32.23 64.56 -35.65
N ASN H 427 -31.56 65.41 -34.90
CA ASN H 427 -30.89 66.56 -35.51
C ASN H 427 -29.39 66.35 -35.63
N PHE H 428 -28.98 65.10 -35.87
CA PHE H 428 -27.56 64.79 -35.98
C PHE H 428 -26.90 65.57 -37.13
N ARG H 429 -27.65 65.84 -38.20
CA ARG H 429 -27.10 66.62 -39.32
C ARG H 429 -26.92 68.11 -38.99
N ASN H 430 -27.85 68.66 -38.21
CA ASN H 430 -27.91 70.09 -37.91
C ASN H 430 -28.19 70.34 -36.42
N PRO H 431 -27.22 70.03 -35.56
CA PRO H 431 -27.51 70.15 -34.13
C PRO H 431 -27.57 71.59 -33.62
N SER H 432 -27.12 72.55 -34.40
CA SER H 432 -27.12 73.94 -33.95
C SER H 432 -28.54 74.51 -33.77
N VAL H 433 -29.56 73.83 -34.30
CA VAL H 433 -30.93 74.28 -34.07
C VAL H 433 -31.44 73.95 -32.66
N LEU H 434 -30.61 73.28 -31.87
CA LEU H 434 -31.03 72.84 -30.54
C LEU H 434 -30.52 73.77 -29.45
MG MG I . 23.72 -42.91 40.92
MG MG J . 24.23 -46.97 41.86
C01 5TX K . 21.23 -46.95 38.77
C02 5TX K . 20.27 -45.71 38.83
C03 5TX K . 21.04 -44.63 39.58
C04 5TX K . 22.06 -45.32 40.27
P05 5TX K . 21.98 -43.40 38.36
O06 5TX K . 22.81 -42.47 39.21
O07 5TX K . 22.84 -44.38 37.59
O08 5TX K . 20.89 -42.83 37.51
C09 5TX K . 20.13 -43.76 40.42
O10 5TX K . 22.90 -44.97 41.14
N12 5TX K . 22.22 -46.63 39.80
O13 5TX K . 20.51 -48.08 39.28
O11 5TX K . 23.15 -47.56 40.20
MG MG L . -10.41 -46.83 29.07
MG MG M . -10.43 -43.02 27.16
C01 5TX N . -6.25 -44.20 27.25
C02 5TX N . -5.85 -45.00 28.50
C03 5TX N . -7.10 -45.64 29.01
C04 5TX N . -8.17 -44.91 28.45
P05 5TX N . -7.28 -47.44 28.36
O06 5TX N . -8.63 -47.83 28.88
O07 5TX N . -6.12 -48.21 28.92
O08 5TX N . -7.33 -47.21 26.88
C09 5TX N . -7.12 -45.75 30.51
O10 5TX N . -9.41 -44.89 28.64
N12 5TX N . -7.73 -44.11 27.41
O13 5TX N . -5.77 -42.85 27.47
O11 5TX N . -8.47 -43.31 26.59
MG MG O . -20.06 -1.14 19.83
MG MG P . -20.45 2.92 19.13
C1 PGE Q . -24.41 5.15 -18.20
O1 PGE Q . -23.08 5.22 -18.73
C2 PGE Q . -25.01 6.53 -18.14
O2 PGE Q . -26.05 6.56 -17.18
C3 PGE Q . -26.53 7.85 -16.86
C4 PGE Q . -26.65 7.99 -15.35
O4 PGE Q . -25.34 11.50 -14.02
C6 PGE Q . -26.56 11.11 -13.37
C5 PGE Q . -26.76 9.63 -13.63
O3 PGE Q . -26.51 9.36 -15.00
C01 5TX R . -23.34 -0.88 16.97
C02 5TX R . -24.22 0.39 17.11
C03 5TX R . -23.37 1.39 17.85
C04 5TX R . -22.36 0.65 18.47
P05 5TX R . -22.45 2.61 16.64
O06 5TX R . -21.58 3.46 17.55
O07 5TX R . -21.62 1.66 15.80
O08 5TX R . -23.47 3.29 15.81
C09 5TX R . -24.17 2.30 18.76
O10 5TX R . -21.47 0.94 19.32
N12 5TX R . -22.29 -0.65 17.96
O13 5TX R . -24.12 -1.99 17.46
O11 5TX R . -21.42 -1.64 18.30
MG MG S . -55.36 4.59 7.21
MG MG T . -55.34 0.71 8.91
C1 PGE U . -32.30 -20.72 -11.52
O1 PGE U . -32.28 -19.65 -12.45
C2 PGE U . -31.80 -20.21 -10.18
O2 PGE U . -32.88 -19.63 -9.48
C3 PGE U . -32.63 -19.43 -8.10
C4 PGE U . -33.89 -19.74 -7.32
O4 PGE U . -35.75 -23.57 -7.22
C6 PGE U . -34.95 -23.08 -6.14
C5 PGE U . -34.89 -21.57 -6.20
O3 PGE U . -34.04 -21.15 -7.24
C01 5TX V . -51.23 3.35 7.01
C02 5TX V . -50.76 2.47 8.18
C03 5TX V . -52.02 1.83 8.76
C04 5TX V . -53.10 2.60 8.29
P05 5TX V . -52.27 0.01 8.05
O06 5TX V . -53.60 -0.42 8.63
O07 5TX V . -51.10 -0.83 8.51
O08 5TX V . -52.41 0.32 6.58
C09 5TX V . -51.92 1.66 10.26
O10 5TX V . -54.35 2.63 8.54
N12 5TX V . -52.69 3.44 7.24
O13 5TX V . -50.75 4.66 7.32
O11 5TX V . -53.45 4.31 6.52
MG MG W . 37.80 -17.18 1.89
MG MG X . 33.56 -16.50 1.99
C1 PGE Y . 28.40 19.80 11.09
O1 PGE Y . 29.22 19.22 12.10
C2 PGE Y . 28.46 18.95 9.83
O2 PGE Y . 27.42 18.00 9.87
C3 PGE Y . 27.13 17.40 8.61
C4 PGE Y . 26.31 16.14 8.84
O4 PGE Y . 22.25 15.72 11.12
C6 PGE Y . 23.66 15.85 11.00
C5 PGE Y . 24.14 15.48 9.60
O3 PGE Y . 24.98 16.52 9.13
C01 5TX Z . 37.24 -13.34 0.09
C02 5TX Z . 35.93 -13.19 -0.71
C03 5TX Z . 34.99 -14.23 -0.18
C04 5TX Z . 35.81 -15.17 0.50
P05 5TX Z . 33.78 -13.48 1.15
O06 5TX Z . 33.00 -14.66 1.72
O07 5TX Z . 34.77 -12.90 2.12
O08 5TX Z . 33.04 -12.43 0.42
C09 5TX Z . 34.10 -14.80 -1.25
O10 5TX Z . 35.60 -16.31 0.99
N12 5TX Z . 37.09 -14.67 0.69
O13 5TX Z . 38.28 -13.50 -0.90
O11 5TX Z . 38.15 -15.28 1.34
MG MG AA . 30.47 6.99 -26.08
MG MG BA . 34.30 5.51 -26.80
C1 PGE CA . 54.70 18.76 1.73
O1 PGE CA . 54.91 20.13 1.39
C2 PGE CA . 55.87 17.92 1.24
O2 PGE CA . 55.65 16.53 1.46
C3 PGE CA . 55.21 15.82 0.31
C4 PGE CA . 56.09 14.60 0.06
O4 PGE CA . 58.52 12.44 -3.01
C6 PGE CA . 57.23 12.50 -2.42
C5 PGE CA . 56.96 13.95 -2.05
O3 PGE CA . 55.82 14.03 -1.21
C01 5TX DA . 31.73 5.82 -22.23
C02 5TX DA . 32.68 4.56 -22.19
C03 5TX DA . 33.27 4.43 -23.61
C04 5TX DA . 32.46 5.24 -24.42
P05 5TX DA . 35.06 5.20 -23.76
O06 5TX DA . 35.44 5.16 -25.22
O07 5TX DA . 35.90 4.45 -22.78
O08 5TX DA . 34.74 6.60 -23.27
C09 5TX DA . 33.46 2.98 -24.06
O10 5TX DA . 32.42 5.42 -25.67
N12 5TX DA . 31.60 6.07 -23.65
O13 5TX DA . 30.42 5.40 -21.85
O11 5TX DA . 30.71 7.00 -24.08
MG MG EA . -7.34 29.82 -19.25
MG MG FA . -11.53 30.66 -18.92
C1 PGE GA . -20.46 62.83 -8.36
O1 PGE GA . -21.47 61.89 -8.00
C2 PGE GA . -19.56 62.23 -9.43
O2 PGE GA . -18.42 63.06 -9.54
C3 PGE GA . -17.49 62.71 -10.54
C4 PGE GA . -16.43 63.79 -10.62
O4 PGE GA . -14.27 65.69 -7.14
C6 PGE GA . -15.42 66.05 -7.89
C5 PGE GA . -15.36 65.43 -9.28
O3 PGE GA . -16.15 64.27 -9.32
C01 5TX HA . -7.78 33.79 -20.86
C02 5TX HA . -9.12 34.03 -21.60
C03 5TX HA . -10.11 33.00 -21.05
C04 5TX HA . -9.33 32.00 -20.45
P05 5TX HA . -11.27 33.77 -19.66
O06 5TX HA . -12.11 34.85 -20.28
O07 5TX HA . -10.20 34.16 -18.66
O08 5TX HA . -12.03 32.54 -19.19
C09 5TX HA . -11.05 32.50 -22.11
O10 5TX HA . -9.58 30.86 -19.98
N12 5TX HA . -7.99 32.45 -20.28
O13 5TX HA . -6.81 33.62 -21.87
O11 5TX HA . -6.95 31.77 -19.70
MG MG IA . -14.93 56.10 -45.38
MG MG JA . -11.17 54.52 -46.35
C1 PGE KA . 14.27 59.66 -23.65
O1 PGE KA . 15.58 59.52 -23.12
C2 PGE KA . 13.25 59.30 -22.59
O2 PGE KA . 12.61 60.49 -22.16
C3 PGE KA . 11.52 60.26 -21.30
C4 PGE KA . 11.90 60.63 -19.87
O4 PGE KA . 11.10 64.62 -18.06
C6 PGE KA . 11.87 63.46 -17.75
C5 PGE KA . 11.17 62.20 -18.23
O3 PGE KA . 11.49 61.95 -19.59
C01 5TX LA . -13.43 54.51 -41.63
C02 5TX LA . -12.61 53.19 -41.77
C03 5TX LA . -12.06 53.21 -43.17
C04 5TX LA . -12.91 54.07 -43.89
P05 5TX LA . -10.31 54.03 -43.24
O06 5TX LA . -10.01 54.03 -44.72
O07 5TX LA . -9.38 53.20 -42.39
O08 5TX LA . -10.62 55.41 -42.76
C09 5TX LA . -11.84 51.82 -43.75
O10 5TX LA . -13.05 54.34 -45.12
N12 5TX LA . -13.69 54.87 -43.02
O13 5TX LA . -14.72 54.14 -41.12
O11 5TX LA . -14.59 55.84 -43.32
#